data_3JA6
#
_entry.id   3JA6
#
_cell.length_a   1.000
_cell.length_b   1.000
_cell.length_c   1.000
_cell.angle_alpha   90.00
_cell.angle_beta   90.00
_cell.angle_gamma   90.00
#
_symmetry.space_group_name_H-M   'P 1'
#
loop_
_entity.id
_entity.type
_entity.pdbx_description
1 polymer 'Chemotaxis protein CheW'
2 polymer 'Chemotaxis protein CheA'
3 polymer 'Methyl-accepting chemotaxis protein 2'
4 polymer 'Methyl-accepting chemotaxis protein 2'
#
loop_
_entity_poly.entity_id
_entity_poly.type
_entity_poly.pdbx_seq_one_letter_code
_entity_poly.pdbx_strand_id
1 'polypeptide(L)'
;KEFEVLSFEIDEQALAFDVDNIEMVIEKSDITPVPKSRHFVEGVINLRGRIIPVVNLAKILGISFDEQKMKSIIVARTKD
VEVGFLVDRVLGVLRITENQLDLTNVSDKFGKKSKGLVKTDGRLIIYLDIDKIIEEITV
;
A,B,D,F
2 'polypeptide(L)'
;SQTVRVDIEKLDNLMDLMGELVIARSRILETLKKYNIKELDESLSHLSRITLDLQNVVMKIRMVPISFVFNRFPRMVRDL
AKKMNKEVNFIMRGEDTELDRTFVEEIGEPLLHLLRNAIDHGIEPKEERIAKGKPPIGTLILSARHEGNNVVIEVEDDGR
GIDKEKIIRKAIEKGLIDESKAATLSDQEILNFLFVPGFSTKEKVSEVSGRGVGMDVVKNVVESLNGSMGIESEKDKGTK
VTIRLPLTLAIIQALLVKVNNLVYAIPIANIDTILSISKEDIQRVQDRDVIVIRGEVIPVYRLWEVLQIEHKEELEEMEA
VIVRVGNRKYGIVVDDLLGQDDIVIKSLGKVFSEVKEFSGAAILGDGSIALIINVSGIV
;
C,E
3 'polypeptide(L)'
;GSHMKDVQTETFSVAESIEEISKANEEITNQLLGISKEMDNISTRIESISASVQETTAGSEEISSATKNIADSAQQAASF
ADQSTQLAKEAGDALKKVIEVTRMISNSAKDVERVVESFQKGAEEITSFVETINAIAEQTNLLALNAAIEAARAGEAGRG
FAVVADEIRKLAEESQQASENVRRVVNEIRSIAEDAGKVSSEITARVEEGTKLADEADEKLNSIVGAVERINEMLQNIAA
AIEEQTAAVDEITTAMTENAKNAEEITNSVKEVNARLQEISASTEEVTSRVQTIRENVQMLKEIVARYK
;
G,I,K,M,O,Q
4 'polypeptide(L)'
;SHMKDVQTETFSVAESIEEISKANEEITNQLLGISKEMDNISTRIESISASVQETTAGSEEISSATKNIADSAQQAASFA
DQSTQLAKEAGDALKKVIEVTRMISNSAKDVERVVESFQKGAEEITSFVETINAIAEQTNLLALNAAIEAARAGEAGRGF
AVVADEIRKLAEESQQASENVRRVVNEIRSIAEDAGKVSSEITARVEEGTKLADEADEKLNSIVGAVERINEMLQNIAAA
IEEQNAAVDEITTAMTENAKNAEEITNSVKEVNARLQEISASTEEVTSRVQTIRENVQMLKEIVARY
;
H,J,L,N,P,R
#
# COMPACT_ATOMS: atom_id res chain seq x y z
N LYS A 1 -24.27 -15.19 99.37
CA LYS A 1 -23.57 -16.25 98.59
C LYS A 1 -24.41 -16.80 97.44
N GLU A 2 -23.76 -17.12 96.30
CA GLU A 2 -24.38 -17.81 95.19
C GLU A 2 -23.96 -19.28 95.14
N PHE A 3 -24.96 -20.17 95.11
CA PHE A 3 -24.83 -21.61 94.99
C PHE A 3 -24.83 -22.02 93.52
N GLU A 4 -23.96 -22.96 93.10
CA GLU A 4 -23.84 -23.33 91.70
C GLU A 4 -24.46 -24.71 91.50
N VAL A 5 -25.55 -24.78 90.72
CA VAL A 5 -26.38 -25.98 90.64
C VAL A 5 -26.46 -26.46 89.20
N LEU A 6 -26.82 -27.74 89.00
CA LEU A 6 -26.99 -28.32 87.68
C LEU A 6 -28.45 -28.23 87.26
N SER A 7 -28.73 -27.45 86.20
CA SER A 7 -30.05 -27.12 85.70
C SER A 7 -30.54 -28.09 84.64
N PHE A 8 -31.81 -28.55 84.75
CA PHE A 8 -32.40 -29.54 83.88
C PHE A 8 -33.91 -29.58 84.08
N GLU A 9 -34.64 -30.06 83.06
CA GLU A 9 -36.09 -30.09 83.07
C GLU A 9 -36.66 -31.51 83.05
N ILE A 10 -37.94 -31.66 83.42
CA ILE A 10 -38.74 -32.82 83.08
C ILE A 10 -40.13 -32.27 82.80
N ASP A 11 -40.73 -32.60 81.65
CA ASP A 11 -41.99 -32.12 81.11
C ASP A 11 -42.55 -30.80 81.66
N GLU A 12 -41.95 -29.65 81.26
CA GLU A 12 -42.36 -28.31 81.67
C GLU A 12 -42.26 -28.00 83.17
N GLN A 13 -41.39 -28.73 83.91
CA GLN A 13 -41.07 -28.50 85.31
C GLN A 13 -39.56 -28.42 85.48
N ALA A 14 -39.04 -27.29 85.99
CA ALA A 14 -37.62 -27.08 86.21
C ALA A 14 -37.12 -27.68 87.52
N LEU A 15 -35.91 -28.25 87.49
CA LEU A 15 -35.31 -28.92 88.64
C LEU A 15 -33.83 -28.59 88.68
N ALA A 16 -33.16 -28.86 89.81
CA ALA A 16 -31.74 -28.61 89.94
C ALA A 16 -31.19 -29.09 91.28
N PHE A 17 -29.93 -29.59 91.26
CA PHE A 17 -29.22 -30.05 92.44
C PHE A 17 -27.77 -29.56 92.45
N ASP A 18 -27.14 -29.56 93.64
CA ASP A 18 -25.76 -29.14 93.86
C ASP A 18 -24.74 -30.17 93.39
N VAL A 19 -24.48 -30.25 92.06
CA VAL A 19 -23.61 -31.07 91.22
C VAL A 19 -22.87 -32.32 91.77
N ASP A 20 -22.23 -32.20 92.94
CA ASP A 20 -21.42 -33.09 93.77
C ASP A 20 -21.48 -34.63 93.60
N ASN A 21 -22.64 -35.22 93.24
CA ASN A 21 -22.83 -36.65 93.07
C ASN A 21 -23.20 -37.07 91.63
N ILE A 22 -22.54 -36.53 90.59
CA ILE A 22 -22.94 -36.75 89.19
C ILE A 22 -21.83 -37.32 88.33
N GLU A 23 -22.16 -38.27 87.44
CA GLU A 23 -21.19 -38.95 86.59
C GLU A 23 -21.24 -38.46 85.15
N MET A 24 -22.44 -38.38 84.52
CA MET A 24 -22.58 -37.98 83.12
C MET A 24 -24.05 -37.92 82.75
N VAL A 25 -24.38 -37.79 81.45
CA VAL A 25 -25.72 -37.83 80.89
C VAL A 25 -25.66 -38.63 79.59
N ILE A 26 -26.65 -39.53 79.37
CA ILE A 26 -26.69 -40.34 78.16
C ILE A 26 -28.12 -40.37 77.64
N GLU A 27 -28.30 -40.85 76.40
CA GLU A 27 -29.58 -40.93 75.72
C GLU A 27 -30.23 -42.31 75.77
N LYS A 28 -31.55 -42.39 76.02
CA LYS A 28 -32.30 -43.63 75.98
C LYS A 28 -32.41 -44.26 74.60
N SER A 29 -31.92 -45.51 74.45
CA SER A 29 -32.27 -46.39 73.33
C SER A 29 -33.38 -47.30 73.77
N ASP A 30 -33.16 -48.10 74.84
CA ASP A 30 -34.16 -48.93 75.47
C ASP A 30 -33.82 -49.09 76.95
N ILE A 31 -34.84 -49.26 77.81
CA ILE A 31 -34.66 -49.53 79.24
C ILE A 31 -35.42 -50.79 79.60
N THR A 32 -34.70 -51.86 80.01
CA THR A 32 -35.25 -53.18 80.35
C THR A 32 -36.25 -53.13 81.50
N PRO A 33 -37.51 -53.54 81.40
CA PRO A 33 -38.45 -53.59 82.51
C PRO A 33 -38.14 -54.67 83.55
N VAL A 34 -38.21 -54.34 84.85
CA VAL A 34 -37.98 -55.30 85.93
C VAL A 34 -39.32 -55.68 86.56
N PRO A 35 -39.79 -56.94 86.47
CA PRO A 35 -41.00 -57.41 87.15
C PRO A 35 -41.03 -57.15 88.66
N LYS A 36 -42.18 -56.67 89.19
CA LYS A 36 -42.47 -56.50 90.60
C LYS A 36 -41.79 -55.29 91.25
N SER A 37 -41.05 -54.49 90.46
CA SER A 37 -40.29 -53.34 90.91
C SER A 37 -41.13 -52.20 91.50
N ARG A 38 -40.52 -51.32 92.30
CA ARG A 38 -41.12 -50.13 92.87
C ARG A 38 -41.74 -49.19 91.82
N HIS A 39 -42.82 -48.48 92.17
CA HIS A 39 -43.65 -47.77 91.21
C HIS A 39 -42.98 -46.58 90.55
N PHE A 40 -41.99 -45.96 91.20
CA PHE A 40 -41.26 -44.81 90.70
C PHE A 40 -40.00 -45.15 89.90
N VAL A 41 -39.88 -46.40 89.40
CA VAL A 41 -38.69 -46.87 88.73
C VAL A 41 -39.08 -47.35 87.33
N GLU A 42 -38.22 -47.08 86.33
CA GLU A 42 -38.43 -47.50 84.95
C GLU A 42 -37.86 -48.88 84.73
N GLY A 43 -36.61 -49.14 85.16
CA GLY A 43 -36.02 -50.44 84.98
C GLY A 43 -34.53 -50.40 85.08
N VAL A 44 -33.81 -51.17 84.25
CA VAL A 44 -32.37 -51.34 84.32
C VAL A 44 -31.75 -51.27 82.93
N ILE A 45 -30.51 -50.77 82.85
CA ILE A 45 -29.75 -50.72 81.61
C ILE A 45 -28.39 -51.33 81.85
N ASN A 46 -27.73 -51.82 80.78
CA ASN A 46 -26.36 -52.28 80.87
C ASN A 46 -25.47 -51.08 80.51
N LEU A 47 -24.74 -50.55 81.51
CA LEU A 47 -23.83 -49.43 81.31
C LEU A 47 -22.48 -49.75 81.90
N ARG A 48 -21.40 -49.69 81.09
CA ARG A 48 -20.01 -49.88 81.52
C ARG A 48 -19.78 -51.23 82.22
N GLY A 49 -20.45 -52.27 81.70
CA GLY A 49 -20.43 -53.63 82.22
C GLY A 49 -21.29 -53.87 83.43
N ARG A 50 -22.00 -52.84 83.95
CA ARG A 50 -22.80 -52.96 85.16
C ARG A 50 -24.27 -52.80 84.85
N ILE A 51 -25.13 -53.35 85.73
CA ILE A 51 -26.57 -53.26 85.58
C ILE A 51 -27.04 -52.08 86.41
N ILE A 52 -27.33 -50.93 85.75
CA ILE A 52 -27.57 -49.68 86.45
C ILE A 52 -29.08 -49.45 86.51
N PRO A 53 -29.70 -49.17 87.66
CA PRO A 53 -31.12 -48.89 87.72
C PRO A 53 -31.45 -47.50 87.17
N VAL A 54 -32.53 -47.41 86.39
CA VAL A 54 -33.05 -46.19 85.81
C VAL A 54 -34.33 -45.78 86.53
N VAL A 55 -34.24 -44.79 87.45
CA VAL A 55 -35.36 -44.33 88.24
C VAL A 55 -36.12 -43.29 87.39
N ASN A 56 -37.42 -43.05 87.68
CA ASN A 56 -38.20 -42.06 86.95
C ASN A 56 -38.63 -40.96 87.90
N LEU A 57 -37.77 -39.94 88.04
CA LEU A 57 -37.87 -38.74 88.87
C LEU A 57 -39.27 -38.15 89.05
N ALA A 58 -39.99 -37.86 87.94
CA ALA A 58 -41.33 -37.32 87.94
C ALA A 58 -42.38 -38.16 88.66
N LYS A 59 -42.19 -39.49 88.75
CA LYS A 59 -43.04 -40.38 89.52
C LYS A 59 -42.73 -40.38 91.02
N ILE A 60 -41.64 -39.69 91.45
CA ILE A 60 -41.35 -39.43 92.86
C ILE A 60 -41.95 -38.09 93.23
N LEU A 61 -41.84 -37.09 92.32
CA LEU A 61 -42.46 -35.78 92.47
C LEU A 61 -43.98 -35.79 92.49
N GLY A 62 -44.62 -36.53 91.57
CA GLY A 62 -46.09 -36.59 91.50
C GLY A 62 -46.75 -35.62 90.55
N ILE A 63 -46.14 -35.39 89.37
CA ILE A 63 -46.63 -34.42 88.40
C ILE A 63 -46.69 -35.08 87.03
N SER A 64 -47.42 -34.49 86.07
CA SER A 64 -47.59 -34.97 84.70
C SER A 64 -46.32 -35.12 83.88
N PHE A 65 -46.30 -36.11 82.97
CA PHE A 65 -45.21 -36.34 82.06
C PHE A 65 -45.64 -37.13 80.84
N ASP A 66 -44.74 -37.21 79.83
CA ASP A 66 -44.88 -38.00 78.64
C ASP A 66 -43.67 -38.93 78.53
N GLU A 67 -43.88 -40.27 78.60
CA GLU A 67 -42.80 -41.26 78.62
C GLU A 67 -41.93 -41.26 77.37
N GLN A 68 -42.51 -41.15 76.16
CA GLN A 68 -41.73 -41.07 74.93
C GLN A 68 -40.88 -39.81 74.85
N LYS A 69 -41.40 -38.67 75.33
CA LYS A 69 -40.72 -37.39 75.32
C LYS A 69 -39.43 -37.38 76.14
N MET A 70 -39.43 -37.97 77.35
CA MET A 70 -38.25 -38.07 78.18
C MET A 70 -37.25 -39.10 77.66
N LYS A 71 -35.99 -38.69 77.41
CA LYS A 71 -35.03 -39.58 76.78
C LYS A 71 -33.60 -39.27 77.20
N SER A 72 -33.38 -38.52 78.28
CA SER A 72 -32.04 -38.20 78.75
C SER A 72 -31.90 -38.76 80.13
N ILE A 73 -30.90 -39.64 80.34
CA ILE A 73 -30.70 -40.31 81.60
C ILE A 73 -29.53 -39.64 82.28
N ILE A 74 -29.74 -39.09 83.48
CA ILE A 74 -28.67 -38.42 84.21
C ILE A 74 -28.19 -39.42 85.23
N VAL A 75 -26.93 -39.90 85.06
CA VAL A 75 -26.37 -40.92 85.91
C VAL A 75 -25.69 -40.26 87.08
N ALA A 76 -26.09 -40.63 88.31
CA ALA A 76 -25.49 -40.10 89.50
C ALA A 76 -24.60 -41.16 90.13
N ARG A 77 -23.94 -40.79 91.23
CA ARG A 77 -23.11 -41.70 91.99
C ARG A 77 -22.86 -41.11 93.35
N THR A 78 -23.46 -41.65 94.42
CA THR A 78 -23.19 -41.18 95.79
C THR A 78 -21.74 -41.37 96.20
N LYS A 79 -21.25 -42.60 95.99
CA LYS A 79 -19.86 -42.99 96.03
C LYS A 79 -19.80 -44.47 95.68
N ASP A 80 -20.66 -45.29 96.30
CA ASP A 80 -20.67 -46.73 96.08
C ASP A 80 -21.86 -47.18 95.24
N VAL A 81 -23.02 -46.51 95.35
CA VAL A 81 -24.16 -46.77 94.49
C VAL A 81 -24.12 -45.86 93.27
N GLU A 82 -24.38 -46.42 92.07
CA GLU A 82 -24.41 -45.68 90.83
C GLU A 82 -25.78 -45.88 90.17
N VAL A 83 -26.50 -44.78 89.89
CA VAL A 83 -27.93 -44.81 89.60
C VAL A 83 -28.30 -43.82 88.52
N GLY A 84 -29.19 -44.18 87.56
CA GLY A 84 -29.63 -43.27 86.50
C GLY A 84 -30.98 -42.67 86.79
N PHE A 85 -31.18 -41.40 86.41
CA PHE A 85 -32.45 -40.71 86.54
C PHE A 85 -32.93 -40.26 85.17
N LEU A 86 -34.05 -40.82 84.66
CA LEU A 86 -34.60 -40.48 83.36
C LEU A 86 -35.37 -39.16 83.37
N VAL A 87 -34.98 -38.17 82.54
CA VAL A 87 -35.60 -36.85 82.52
C VAL A 87 -35.65 -36.31 81.07
N ASP A 88 -35.93 -35.00 80.90
CA ASP A 88 -35.91 -34.30 79.62
C ASP A 88 -34.57 -33.55 79.49
N ARG A 89 -34.53 -32.43 78.72
CA ARG A 89 -33.33 -31.62 78.53
C ARG A 89 -32.49 -31.27 79.78
N VAL A 90 -31.21 -30.97 79.54
CA VAL A 90 -30.29 -30.47 80.55
C VAL A 90 -29.72 -29.16 80.01
N LEU A 91 -29.36 -28.22 80.91
CA LEU A 91 -28.76 -26.95 80.55
C LEU A 91 -27.27 -27.01 80.84
N GLY A 92 -26.92 -27.11 82.14
CA GLY A 92 -25.55 -27.01 82.61
C GLY A 92 -25.53 -26.32 83.94
N VAL A 93 -24.42 -25.62 84.26
CA VAL A 93 -24.29 -24.86 85.50
C VAL A 93 -25.17 -23.62 85.52
N LEU A 94 -25.85 -23.36 86.65
CA LEU A 94 -26.58 -22.13 86.90
C LEU A 94 -26.32 -21.63 88.31
N ARG A 95 -25.89 -20.36 88.46
CA ARG A 95 -25.79 -19.69 89.74
C ARG A 95 -27.13 -19.26 90.32
N ILE A 96 -27.54 -19.81 91.48
CA ILE A 96 -28.73 -19.34 92.18
C ILE A 96 -28.27 -18.57 93.41
N THR A 97 -29.06 -17.59 93.91
CA THR A 97 -28.67 -16.82 95.11
C THR A 97 -29.52 -17.17 96.32
N GLU A 98 -28.92 -17.02 97.53
CA GLU A 98 -29.57 -17.26 98.81
C GLU A 98 -30.81 -16.42 99.05
N ASN A 99 -30.84 -15.16 98.57
CA ASN A 99 -31.92 -14.20 98.79
C ASN A 99 -33.21 -14.65 98.13
N GLN A 100 -33.09 -15.31 96.96
CA GLN A 100 -34.19 -15.81 96.18
C GLN A 100 -34.54 -17.25 96.53
N LEU A 101 -33.92 -17.83 97.58
CA LEU A 101 -34.18 -19.20 97.99
C LEU A 101 -35.13 -19.27 99.19
N ASP A 102 -36.13 -20.17 99.11
CA ASP A 102 -37.07 -20.44 100.17
C ASP A 102 -36.58 -21.70 100.87
N LEU A 103 -36.44 -21.63 102.21
CA LEU A 103 -35.98 -22.74 103.02
C LEU A 103 -37.11 -23.33 103.85
N THR A 104 -38.37 -22.87 103.67
CA THR A 104 -39.49 -23.34 104.47
C THR A 104 -40.52 -24.08 103.63
N ASN A 105 -41.09 -25.15 104.21
CA ASN A 105 -42.27 -25.83 103.69
C ASN A 105 -42.93 -26.33 104.96
N VAL A 106 -44.27 -26.28 105.06
CA VAL A 106 -44.98 -26.67 106.28
C VAL A 106 -45.20 -28.17 106.38
N SER A 107 -45.70 -28.83 105.32
CA SER A 107 -46.01 -30.27 105.41
C SER A 107 -46.16 -31.02 104.10
N ASP A 108 -45.90 -30.40 102.93
CA ASP A 108 -46.13 -31.08 101.66
C ASP A 108 -45.23 -32.30 101.41
N LYS A 109 -45.78 -33.37 100.81
CA LYS A 109 -45.10 -34.64 100.61
C LYS A 109 -43.86 -34.54 99.72
N PHE A 110 -43.90 -33.70 98.66
CA PHE A 110 -42.77 -33.49 97.77
C PHE A 110 -41.64 -32.69 98.43
N GLY A 111 -41.96 -31.95 99.52
CA GLY A 111 -41.05 -31.03 100.18
C GLY A 111 -40.00 -31.73 101.01
N LYS A 112 -40.21 -33.03 101.29
CA LYS A 112 -39.25 -33.90 101.94
C LYS A 112 -38.01 -34.17 101.10
N LYS A 113 -38.17 -34.30 99.76
CA LYS A 113 -37.08 -34.57 98.84
C LYS A 113 -36.59 -33.28 98.19
N SER A 114 -37.15 -32.13 98.64
CA SER A 114 -36.73 -30.82 98.18
C SER A 114 -35.85 -30.20 99.23
N LYS A 115 -34.67 -29.69 98.83
CA LYS A 115 -33.74 -29.00 99.72
C LYS A 115 -34.23 -27.59 100.02
N GLY A 116 -35.09 -27.07 99.12
CA GLY A 116 -35.78 -25.80 99.24
C GLY A 116 -36.45 -25.51 97.93
N LEU A 117 -36.85 -24.25 97.70
CA LEU A 117 -37.50 -23.86 96.46
C LEU A 117 -37.03 -22.49 96.03
N VAL A 118 -36.49 -22.35 94.80
CA VAL A 118 -35.99 -21.07 94.34
C VAL A 118 -37.15 -20.24 93.80
N LYS A 119 -37.27 -18.97 94.23
CA LYS A 119 -38.36 -18.09 93.89
C LYS A 119 -38.26 -17.52 92.47
N THR A 120 -38.34 -18.40 91.46
CA THR A 120 -38.14 -18.06 90.06
C THR A 120 -39.45 -17.77 89.37
N ASP A 121 -39.38 -17.08 88.22
CA ASP A 121 -40.52 -16.66 87.45
C ASP A 121 -40.25 -17.03 86.00
N GLY A 122 -41.26 -17.58 85.30
CA GLY A 122 -41.14 -18.07 83.92
C GLY A 122 -40.69 -19.51 83.86
N ARG A 123 -40.26 -20.03 85.02
CA ARG A 123 -39.90 -21.40 85.28
C ARG A 123 -40.01 -21.55 86.78
N LEU A 124 -40.06 -22.77 87.32
CA LEU A 124 -40.19 -23.01 88.74
C LEU A 124 -39.08 -23.96 89.15
N ILE A 125 -37.89 -23.43 89.50
CA ILE A 125 -36.74 -24.26 89.84
C ILE A 125 -36.83 -24.85 91.24
N ILE A 126 -37.13 -26.16 91.34
CA ILE A 126 -37.19 -26.79 92.65
C ILE A 126 -35.81 -27.34 92.97
N TYR A 127 -35.30 -27.00 94.17
CA TYR A 127 -33.97 -27.37 94.60
C TYR A 127 -34.06 -28.76 95.19
N LEU A 128 -33.39 -29.76 94.59
CA LEU A 128 -33.48 -31.14 95.04
C LEU A 128 -32.37 -31.53 96.00
N ASP A 129 -32.52 -32.70 96.63
CA ASP A 129 -31.49 -33.31 97.43
C ASP A 129 -31.34 -34.79 97.02
N ILE A 130 -30.29 -35.12 96.22
CA ILE A 130 -29.90 -36.46 95.73
C ILE A 130 -30.01 -37.53 96.81
N ASP A 131 -29.51 -37.17 98.01
CA ASP A 131 -29.50 -37.90 99.24
C ASP A 131 -30.88 -38.47 99.60
N LYS A 132 -31.88 -37.60 99.85
CA LYS A 132 -33.23 -38.02 100.17
C LYS A 132 -33.95 -38.74 99.04
N ILE A 133 -33.56 -38.50 97.77
CA ILE A 133 -34.11 -39.22 96.63
C ILE A 133 -33.56 -40.63 96.52
N ILE A 134 -32.25 -40.86 96.77
CA ILE A 134 -31.69 -42.21 96.79
C ILE A 134 -32.11 -42.98 98.04
N GLU A 135 -32.25 -42.29 99.19
CA GLU A 135 -32.81 -42.83 100.42
C GLU A 135 -34.23 -43.40 100.30
N GLU A 136 -34.99 -42.95 99.28
CA GLU A 136 -36.30 -43.46 98.97
C GLU A 136 -36.24 -44.79 98.22
N ILE A 137 -35.29 -44.97 97.27
CA ILE A 137 -35.09 -46.22 96.56
C ILE A 137 -34.61 -47.37 97.44
N THR A 138 -33.93 -47.08 98.58
CA THR A 138 -33.48 -48.04 99.58
C THR A 138 -34.59 -48.93 100.14
N VAL A 139 -35.76 -48.34 100.45
CA VAL A 139 -36.85 -48.99 101.18
C VAL A 139 -37.76 -49.83 100.26
N LYS B 1 90.50 4.19 53.87
CA LYS B 1 89.81 5.49 54.05
C LYS B 1 89.30 6.11 52.76
N GLU B 2 88.01 6.53 52.73
CA GLU B 2 87.41 7.23 51.61
C GLU B 2 87.17 8.68 51.99
N PHE B 3 87.82 9.60 51.27
CA PHE B 3 87.79 11.04 51.45
C PHE B 3 86.66 11.65 50.63
N GLU B 4 85.91 12.63 51.18
CA GLU B 4 84.76 13.17 50.48
C GLU B 4 85.10 14.57 49.99
N VAL B 5 85.15 14.75 48.65
CA VAL B 5 85.68 15.93 48.01
C VAL B 5 84.68 16.56 47.07
N LEU B 6 84.82 17.87 46.82
CA LEU B 6 84.01 18.62 45.86
C LEU B 6 84.71 18.67 44.52
N SER B 7 84.13 18.04 43.48
CA SER B 7 84.71 17.87 42.16
C SER B 7 84.30 18.99 41.20
N PHE B 8 85.26 19.55 40.44
CA PHE B 8 85.07 20.68 39.56
C PHE B 8 86.27 20.81 38.62
N GLU B 9 86.08 21.46 37.46
CA GLU B 9 87.13 21.58 36.46
C GLU B 9 87.59 23.01 36.21
N ILE B 10 88.78 23.19 35.60
CA ILE B 10 89.18 24.46 34.99
C ILE B 10 89.77 24.15 33.63
N ASP B 11 89.09 24.58 32.53
CA ASP B 11 89.48 24.40 31.14
C ASP B 11 90.20 23.08 30.79
N GLU B 12 89.48 21.94 30.96
CA GLU B 12 89.90 20.56 30.76
C GLU B 12 90.66 19.94 31.92
N GLN B 13 91.25 20.74 32.83
CA GLN B 13 92.00 20.25 33.98
C GLN B 13 91.14 20.03 35.20
N ALA B 14 91.09 18.78 35.70
CA ALA B 14 90.23 18.37 36.79
C ALA B 14 90.86 18.71 38.13
N LEU B 15 90.03 19.16 39.09
CA LEU B 15 90.46 19.59 40.41
C LEU B 15 89.45 19.10 41.43
N ALA B 16 89.80 19.15 42.73
CA ALA B 16 88.91 18.79 43.82
C ALA B 16 89.58 19.04 45.17
N PHE B 17 88.78 19.45 46.17
CA PHE B 17 89.25 19.65 47.53
C PHE B 17 88.25 19.06 48.51
N ASP B 18 88.67 18.76 49.76
CA ASP B 18 87.82 18.13 50.74
C ASP B 18 86.95 19.11 51.52
N VAL B 19 85.74 19.36 50.99
CA VAL B 19 84.61 20.19 51.40
C VAL B 19 84.64 21.21 52.55
N ASP B 20 85.15 20.87 53.76
CA ASP B 20 85.18 21.60 55.01
C ASP B 20 85.08 23.14 55.11
N ASN B 21 85.59 23.92 54.13
CA ASN B 21 85.56 25.37 54.16
C ASN B 21 84.76 25.93 52.98
N ILE B 22 83.63 25.33 52.61
CA ILE B 22 82.86 25.70 51.43
C ILE B 22 81.43 25.98 51.83
N GLU B 23 80.83 27.03 51.25
CA GLU B 23 79.46 27.45 51.52
C GLU B 23 78.53 27.06 50.39
N MET B 24 78.89 27.32 49.11
CA MET B 24 77.97 27.10 48.01
C MET B 24 78.66 27.36 46.68
N VAL B 25 77.88 27.41 45.58
CA VAL B 25 78.35 27.71 44.24
C VAL B 25 77.33 28.59 43.54
N ILE B 26 77.79 29.61 42.79
CA ILE B 26 76.91 30.49 42.04
C ILE B 26 77.51 30.72 40.66
N GLU B 27 76.71 31.31 39.74
CA GLU B 27 77.15 31.75 38.44
C GLU B 27 77.46 33.23 38.45
N LYS B 28 78.58 33.65 37.82
CA LYS B 28 78.95 35.06 37.76
C LYS B 28 77.93 35.91 37.01
N SER B 29 77.72 37.15 37.45
CA SER B 29 76.89 38.13 36.78
C SER B 29 77.73 39.36 36.48
N ASP B 30 77.84 40.30 37.43
CA ASP B 30 78.65 41.48 37.33
C ASP B 30 79.57 41.50 38.55
N ILE B 31 80.89 41.48 38.32
CA ILE B 31 81.87 41.46 39.39
C ILE B 31 82.41 42.87 39.50
N THR B 32 82.17 43.54 40.66
CA THR B 32 82.49 44.95 40.91
C THR B 32 83.98 45.26 40.77
N PRO B 33 84.42 46.16 39.89
CA PRO B 33 85.83 46.54 39.82
C PRO B 33 86.27 47.34 41.02
N VAL B 34 87.43 46.99 41.60
CA VAL B 34 87.98 47.65 42.78
C VAL B 34 89.41 48.07 42.44
N PRO B 35 89.95 49.17 42.94
CA PRO B 35 91.28 49.63 42.56
C PRO B 35 92.44 48.82 43.15
N LYS B 36 93.53 48.75 42.35
CA LYS B 36 94.82 48.13 42.62
C LYS B 36 94.85 46.72 43.19
N SER B 37 94.11 45.77 42.60
CA SER B 37 94.02 44.37 43.03
C SER B 37 95.29 43.53 42.94
N ARG B 38 95.49 42.61 43.91
CA ARG B 38 96.47 41.54 43.91
C ARG B 38 96.42 40.59 42.71
N HIS B 39 97.54 39.91 42.41
CA HIS B 39 97.81 39.20 41.15
C HIS B 39 97.17 37.83 41.02
N PHE B 40 95.98 37.69 41.58
CA PHE B 40 95.19 36.48 41.60
C PHE B 40 93.73 36.83 41.83
N VAL B 41 93.35 38.12 41.69
CA VAL B 41 92.00 38.58 42.01
C VAL B 41 91.39 39.23 40.78
N GLU B 42 90.08 38.99 40.57
CA GLU B 42 89.24 39.61 39.57
C GLU B 42 88.61 40.88 40.11
N GLY B 43 88.04 40.81 41.34
CA GLY B 43 87.39 41.94 41.99
C GLY B 43 86.49 41.47 43.10
N VAL B 44 85.32 42.10 43.32
CA VAL B 44 84.48 41.82 44.50
C VAL B 44 83.01 41.71 44.16
N ILE B 45 82.26 40.90 44.94
CA ILE B 45 80.81 40.83 44.80
C ILE B 45 80.21 41.01 46.19
N ASN B 46 78.93 41.46 46.25
CA ASN B 46 78.21 41.59 47.49
C ASN B 46 77.39 40.32 47.72
N LEU B 47 77.75 39.52 48.74
CA LEU B 47 77.07 38.26 49.03
C LEU B 47 76.71 38.22 50.49
N ARG B 48 75.40 38.03 50.83
CA ARG B 48 74.88 37.96 52.20
C ARG B 48 75.17 39.22 53.01
N GLY B 49 75.22 40.37 52.33
CA GLY B 49 75.53 41.66 52.90
C GLY B 49 77.01 41.92 53.08
N ARG B 50 77.88 41.00 52.64
CA ARG B 50 79.31 41.08 52.88
C ARG B 50 80.02 41.28 51.55
N ILE B 51 81.24 41.87 51.58
CA ILE B 51 82.04 42.10 50.40
C ILE B 51 83.01 40.94 50.25
N ILE B 52 82.72 40.03 49.31
CA ILE B 52 83.51 38.82 49.11
C ILE B 52 84.45 39.05 47.93
N PRO B 53 85.76 38.82 48.03
CA PRO B 53 86.65 38.85 46.88
C PRO B 53 86.48 37.67 45.96
N VAL B 54 86.52 37.91 44.65
CA VAL B 54 86.40 36.86 43.64
C VAL B 54 87.79 36.62 43.09
N VAL B 55 88.41 35.54 43.60
CA VAL B 55 89.76 35.12 43.30
C VAL B 55 89.75 34.32 42.00
N ASN B 56 90.91 34.27 41.31
CA ASN B 56 91.13 33.51 40.10
C ASN B 56 92.06 32.36 40.44
N LEU B 57 91.49 31.24 40.93
CA LEU B 57 92.13 29.99 41.34
C LEU B 57 93.35 29.58 40.53
N ALA B 58 93.21 29.49 39.19
CA ALA B 58 94.26 29.15 38.26
C ALA B 58 95.53 30.01 38.31
N LYS B 59 95.44 31.28 38.76
CA LYS B 59 96.61 32.15 38.99
C LYS B 59 97.32 31.86 40.31
N ILE B 60 96.78 30.95 41.15
CA ILE B 60 97.44 30.46 42.34
C ILE B 60 98.02 29.07 42.06
N LEU B 61 97.59 28.41 40.96
CA LEU B 61 97.99 27.05 40.64
C LEU B 61 98.87 26.92 39.39
N GLY B 62 98.95 27.95 38.51
CA GLY B 62 99.85 27.93 37.36
C GLY B 62 99.30 27.24 36.14
N ILE B 63 97.97 27.11 36.02
CA ILE B 63 97.31 26.36 34.95
C ILE B 63 96.57 27.28 34.00
N SER B 64 96.16 26.76 32.81
CA SER B 64 95.37 27.48 31.83
C SER B 64 93.95 27.83 32.28
N PHE B 65 93.41 28.96 31.79
CA PHE B 65 92.05 29.38 32.09
C PHE B 65 91.54 30.24 30.94
N ASP B 66 90.22 30.25 30.67
CA ASP B 66 89.65 31.12 29.67
C ASP B 66 88.57 31.99 30.34
N GLU B 67 88.77 33.32 30.39
CA GLU B 67 87.96 34.25 31.15
C GLU B 67 86.51 34.32 30.72
N GLN B 68 86.24 34.26 29.40
CA GLN B 68 84.89 34.18 28.86
C GLN B 68 84.14 32.92 29.29
N LYS B 69 84.83 31.76 29.28
CA LYS B 69 84.29 30.44 29.53
C LYS B 69 84.09 30.13 31.00
N MET B 70 85.02 30.57 31.88
CA MET B 70 84.84 30.52 33.32
C MET B 70 83.67 31.36 33.81
N LYS B 71 82.76 30.72 34.57
CA LYS B 71 81.52 31.36 34.96
C LYS B 71 80.94 30.79 36.23
N SER B 72 81.71 30.01 37.02
CA SER B 72 81.20 29.40 38.24
C SER B 72 82.01 29.91 39.39
N ILE B 73 81.38 30.53 40.40
CA ILE B 73 82.10 31.04 41.56
C ILE B 73 81.85 30.10 42.73
N ILE B 74 82.91 29.48 43.29
CA ILE B 74 82.76 28.58 44.43
C ILE B 74 83.15 29.36 45.66
N VAL B 75 82.18 29.63 46.56
CA VAL B 75 82.36 30.50 47.70
C VAL B 75 82.87 29.74 48.92
N ALA B 76 84.01 30.18 49.49
CA ALA B 76 84.58 29.56 50.65
C ALA B 76 84.39 30.37 51.93
N ARG B 77 84.90 29.85 53.04
CA ARG B 77 84.80 30.47 54.35
C ARG B 77 85.85 29.87 55.25
N THR B 78 86.92 30.64 55.56
CA THR B 78 87.97 30.22 56.48
C THR B 78 88.05 31.23 57.60
N LYS B 79 88.84 30.95 58.65
CA LYS B 79 88.98 31.83 59.79
C LYS B 79 89.76 33.09 59.39
N ASP B 80 90.82 32.91 58.56
CA ASP B 80 91.64 34.00 58.07
C ASP B 80 90.94 34.92 57.07
N VAL B 81 90.13 34.37 56.13
CA VAL B 81 89.46 35.17 55.10
C VAL B 81 88.28 34.41 54.47
N GLU B 82 87.38 35.12 53.74
CA GLU B 82 86.23 34.55 53.07
C GLU B 82 86.40 34.94 51.61
N VAL B 83 86.43 33.95 50.71
CA VAL B 83 86.85 34.14 49.32
C VAL B 83 86.03 33.32 48.36
N GLY B 84 85.68 33.90 47.20
CA GLY B 84 84.99 33.18 46.14
C GLY B 84 86.02 32.80 45.11
N PHE B 85 85.89 31.63 44.48
CA PHE B 85 86.86 31.14 43.51
C PHE B 85 86.19 30.94 42.17
N LEU B 86 86.58 31.74 41.16
CA LEU B 86 86.06 31.67 39.81
C LEU B 86 86.67 30.51 39.02
N VAL B 87 85.85 29.57 38.51
CA VAL B 87 86.32 28.40 37.79
C VAL B 87 85.36 28.06 36.64
N ASP B 88 85.50 26.85 36.03
CA ASP B 88 84.68 26.35 34.96
C ASP B 88 83.54 25.48 35.51
N ARG B 89 83.04 24.47 34.77
CA ARG B 89 82.03 23.54 35.28
C ARG B 89 82.24 22.94 36.67
N VAL B 90 81.14 22.51 37.33
CA VAL B 90 81.22 21.85 38.62
C VAL B 90 80.51 20.52 38.54
N LEU B 91 80.92 19.53 39.36
CA LEU B 91 80.23 18.26 39.41
C LEU B 91 79.42 18.17 40.69
N GLY B 92 80.09 18.11 41.86
CA GLY B 92 79.45 17.95 43.16
C GLY B 92 80.27 17.08 44.05
N VAL B 93 79.64 16.36 45.00
CA VAL B 93 80.34 15.51 45.95
C VAL B 93 80.84 14.19 45.34
N LEU B 94 82.08 13.82 45.67
CA LEU B 94 82.77 12.67 45.10
C LEU B 94 83.55 11.98 46.21
N ARG B 95 83.33 10.67 46.42
CA ARG B 95 84.21 9.82 47.20
C ARG B 95 85.50 9.47 46.45
N ILE B 96 86.68 9.89 46.94
CA ILE B 96 87.96 9.40 46.43
C ILE B 96 88.56 8.49 47.48
N THR B 97 89.38 7.51 47.10
CA THR B 97 89.84 6.49 48.06
C THR B 97 91.36 6.38 48.10
N GLU B 98 91.92 5.98 49.25
CA GLU B 98 93.35 5.91 49.50
C GLU B 98 94.09 4.98 48.52
N ASN B 99 93.41 3.89 48.09
CA ASN B 99 93.88 2.91 47.14
C ASN B 99 94.14 3.50 45.75
N GLN B 100 93.42 4.58 45.40
CA GLN B 100 93.51 5.26 44.11
C GLN B 100 94.35 6.52 44.17
N LEU B 101 94.93 6.88 45.32
CA LEU B 101 95.65 8.12 45.47
C LEU B 101 97.12 7.95 45.14
N ASP B 102 97.64 8.73 44.18
CA ASP B 102 99.04 8.82 43.83
C ASP B 102 99.43 10.29 44.03
N LEU B 103 100.68 10.68 43.69
CA LEU B 103 101.22 12.00 43.96
C LEU B 103 101.64 12.65 42.65
N THR B 104 101.28 13.94 42.41
CA THR B 104 101.54 14.62 41.14
C THR B 104 103.01 14.75 40.75
N ASN B 105 103.29 14.70 39.44
CA ASN B 105 104.62 14.70 38.87
C ASN B 105 104.85 15.93 37.99
N VAL B 106 103.92 16.90 37.99
CA VAL B 106 104.01 18.10 37.16
C VAL B 106 105.15 19.03 37.54
N SER B 107 105.20 19.50 38.80
CA SER B 107 106.25 20.42 39.23
C SER B 107 106.35 20.46 40.74
N ASP B 108 107.53 20.84 41.26
CA ASP B 108 107.82 21.18 42.66
C ASP B 108 106.77 22.13 43.25
N LYS B 109 106.47 23.22 42.53
CA LYS B 109 105.52 24.25 42.91
C LYS B 109 104.09 23.73 42.96
N PHE B 110 103.70 22.89 41.98
CA PHE B 110 102.38 22.28 41.90
C PHE B 110 102.18 21.26 43.03
N GLY B 111 103.27 20.52 43.37
CA GLY B 111 103.32 19.56 44.47
C GLY B 111 103.17 20.17 45.83
N LYS B 112 103.51 21.47 46.00
CA LYS B 112 103.30 22.19 47.26
C LYS B 112 101.83 22.37 47.61
N LYS B 113 101.00 22.74 46.63
CA LYS B 113 99.60 23.05 46.88
C LYS B 113 98.65 21.88 46.62
N SER B 114 99.15 20.78 46.04
CA SER B 114 98.34 19.59 45.79
C SER B 114 98.66 18.50 46.80
N LYS B 115 97.63 17.91 47.46
CA LYS B 115 97.81 16.74 48.28
C LYS B 115 97.99 15.45 47.48
N GLY B 116 97.55 15.39 46.20
CA GLY B 116 97.75 14.19 45.42
C GLY B 116 97.02 14.17 44.10
N LEU B 117 96.88 12.96 43.54
CA LEU B 117 96.40 12.70 42.21
C LEU B 117 95.52 11.46 42.19
N VAL B 118 94.27 11.59 41.71
CA VAL B 118 93.32 10.50 41.64
C VAL B 118 92.89 10.36 40.18
N LYS B 119 92.83 9.13 39.65
CA LYS B 119 92.62 8.92 38.22
C LYS B 119 91.42 8.03 37.99
N THR B 120 90.37 8.58 37.35
CA THR B 120 89.13 7.86 37.03
C THR B 120 88.86 7.97 35.56
N ASP B 121 88.77 6.83 34.83
CA ASP B 121 88.57 6.73 33.39
C ASP B 121 89.48 7.65 32.56
N GLY B 122 90.79 7.65 32.91
CA GLY B 122 91.80 8.46 32.25
C GLY B 122 91.83 9.93 32.60
N ARG B 123 90.99 10.39 33.54
CA ARG B 123 90.90 11.79 33.92
C ARG B 123 91.66 12.08 35.20
N LEU B 124 92.62 13.03 35.15
CA LEU B 124 93.56 13.31 36.22
C LEU B 124 93.03 14.35 37.18
N ILE B 125 92.31 13.91 38.22
CA ILE B 125 91.70 14.69 39.28
C ILE B 125 92.72 15.14 40.31
N ILE B 126 93.11 16.43 40.35
CA ILE B 126 94.18 16.82 41.27
C ILE B 126 93.55 17.22 42.59
N TYR B 127 94.04 16.62 43.70
CA TYR B 127 93.54 16.87 45.03
C TYR B 127 94.23 18.10 45.61
N LEU B 128 93.51 19.19 45.91
CA LEU B 128 94.13 20.42 46.39
C LEU B 128 94.14 20.54 47.91
N ASP B 129 94.90 21.51 48.45
CA ASP B 129 94.92 21.83 49.87
C ASP B 129 94.54 23.30 50.10
N ILE B 130 93.32 23.55 50.62
CA ILE B 130 92.76 24.86 51.00
C ILE B 130 93.75 25.76 51.74
N ASP B 131 94.48 25.19 52.72
CA ASP B 131 95.50 25.81 53.56
C ASP B 131 96.54 26.55 52.74
N LYS B 132 97.31 25.83 51.90
CA LYS B 132 98.34 26.37 51.05
C LYS B 132 97.82 27.33 49.96
N ILE B 133 96.54 27.21 49.57
CA ILE B 133 95.86 28.16 48.68
C ILE B 133 95.53 29.46 49.40
N ILE B 134 95.11 29.39 50.67
CA ILE B 134 94.85 30.56 51.53
C ILE B 134 96.17 31.22 51.92
N GLU B 135 97.25 30.45 52.09
CA GLU B 135 98.60 30.95 52.31
C GLU B 135 99.13 31.87 51.19
N GLU B 136 98.61 31.78 49.94
CA GLU B 136 98.94 32.76 48.90
C GLU B 136 98.15 34.05 49.04
N ILE B 137 96.85 33.91 49.35
CA ILE B 137 95.90 35.00 49.53
C ILE B 137 96.19 35.88 50.74
N THR B 138 96.85 35.32 51.77
CA THR B 138 97.06 36.00 53.05
C THR B 138 98.50 36.38 53.31
N VAL B 139 99.44 36.02 52.42
CA VAL B 139 100.83 36.39 52.52
C VAL B 139 101.19 37.29 51.31
N SER C 1 43.55 -19.17 93.80
CA SER C 1 42.32 -18.50 93.30
C SER C 1 42.62 -17.13 92.72
N GLN C 2 41.81 -16.65 91.75
CA GLN C 2 42.05 -15.37 91.12
C GLN C 2 40.76 -14.58 91.01
N THR C 3 40.86 -13.24 90.95
CA THR C 3 39.71 -12.34 90.87
C THR C 3 40.24 -11.02 90.30
N VAL C 4 39.36 -10.12 89.80
CA VAL C 4 39.73 -8.91 89.08
C VAL C 4 39.54 -7.67 89.95
N ARG C 5 40.56 -6.78 89.94
CA ARG C 5 40.52 -5.46 90.55
C ARG C 5 40.46 -4.45 89.42
N VAL C 6 39.41 -3.61 89.41
CA VAL C 6 39.20 -2.65 88.35
C VAL C 6 38.44 -1.46 88.92
N ASP C 7 38.71 -0.24 88.43
CA ASP C 7 37.94 0.95 88.77
C ASP C 7 36.52 0.89 88.19
N ILE C 8 35.54 1.39 88.96
CA ILE C 8 34.15 1.52 88.55
C ILE C 8 33.99 2.42 87.34
N GLU C 9 34.82 3.49 87.24
CA GLU C 9 34.86 4.41 86.11
C GLU C 9 35.12 3.75 84.76
N LYS C 10 35.96 2.70 84.75
CA LYS C 10 36.26 1.91 83.57
C LYS C 10 35.06 1.08 83.11
N LEU C 11 34.27 0.52 84.04
CA LEU C 11 33.07 -0.21 83.67
C LEU C 11 31.91 0.73 83.34
N ASP C 12 31.93 1.98 83.83
CA ASP C 12 31.07 3.07 83.41
C ASP C 12 31.34 3.50 81.97
N ASN C 13 32.64 3.56 81.59
CA ASN C 13 33.11 3.77 80.22
C ASN C 13 32.76 2.60 79.33
N LEU C 14 32.84 1.35 79.82
CA LEU C 14 32.42 0.17 79.05
C LEU C 14 30.91 0.17 78.81
N MET C 15 30.10 0.70 79.76
CA MET C 15 28.66 0.93 79.61
C MET C 15 28.37 2.00 78.55
N ASP C 16 29.10 3.14 78.58
CA ASP C 16 29.02 4.21 77.60
C ASP C 16 29.25 3.74 76.15
N LEU C 17 30.35 3.00 75.87
CA LEU C 17 30.63 2.37 74.59
C LEU C 17 29.59 1.33 74.17
N MET C 18 28.98 0.61 75.14
CA MET C 18 27.83 -0.25 74.89
C MET C 18 26.64 0.55 74.34
N GLY C 19 26.38 1.75 74.88
CA GLY C 19 25.35 2.63 74.34
C GLY C 19 25.65 3.23 72.98
N GLU C 20 26.93 3.31 72.57
CA GLU C 20 27.28 3.59 71.18
C GLU C 20 26.91 2.44 70.23
N LEU C 21 27.05 1.18 70.67
CA LEU C 21 26.69 -0.01 69.88
C LEU C 21 25.20 -0.11 69.59
N VAL C 22 24.35 0.45 70.47
CA VAL C 22 22.91 0.55 70.27
C VAL C 22 22.58 1.47 69.10
N ILE C 23 23.28 2.60 68.96
CA ILE C 23 23.13 3.52 67.83
C ILE C 23 23.58 2.86 66.52
N ALA C 24 24.76 2.20 66.50
CA ALA C 24 25.25 1.45 65.37
C ALA C 24 24.32 0.30 64.94
N ARG C 25 23.70 -0.41 65.92
CA ARG C 25 22.64 -1.37 65.70
C ARG C 25 21.45 -0.75 64.97
N SER C 26 21.01 0.45 65.38
CA SER C 26 19.99 1.28 64.73
C SER C 26 20.36 1.82 63.35
N ARG C 27 21.65 1.92 63.00
CA ARG C 27 22.13 2.36 61.69
C ARG C 27 22.16 1.19 60.71
N ILE C 28 22.40 -0.04 61.21
CA ILE C 28 22.35 -1.24 60.39
C ILE C 28 20.88 -1.61 60.14
N LEU C 29 19.98 -1.33 61.10
CA LEU C 29 18.55 -1.48 60.91
C LEU C 29 17.98 -0.53 59.87
N GLU C 30 18.50 0.72 59.77
CA GLU C 30 18.15 1.66 58.71
C GLU C 30 18.51 1.13 57.33
N THR C 31 19.76 0.65 57.15
CA THR C 31 20.16 -0.03 55.92
C THR C 31 19.32 -1.24 55.56
N LEU C 32 18.91 -2.04 56.57
CA LEU C 32 18.03 -3.18 56.40
C LEU C 32 16.64 -2.79 55.92
N LYS C 33 16.10 -1.67 56.41
CA LYS C 33 14.81 -1.15 56.00
C LYS C 33 14.81 -0.66 54.56
N LYS C 34 15.90 -0.03 54.08
CA LYS C 34 16.03 0.29 52.66
C LYS C 34 16.29 -0.93 51.77
N TYR C 35 17.23 -1.82 52.14
CA TYR C 35 17.72 -2.85 51.23
C TYR C 35 17.08 -4.23 51.38
N ASN C 36 16.35 -4.50 52.49
CA ASN C 36 15.58 -5.71 52.78
C ASN C 36 16.18 -7.04 52.34
N ILE C 37 17.22 -7.52 53.06
CA ILE C 37 17.96 -8.72 52.72
C ILE C 37 17.89 -9.69 53.88
N LYS C 38 17.47 -10.96 53.67
CA LYS C 38 17.33 -11.95 54.73
C LYS C 38 18.64 -12.29 55.45
N GLU C 39 19.77 -12.36 54.73
CA GLU C 39 21.14 -12.45 55.25
C GLU C 39 21.44 -11.39 56.31
N LEU C 40 21.14 -10.13 55.99
CA LEU C 40 21.35 -9.02 56.89
C LEU C 40 20.31 -8.95 57.98
N ASP C 41 19.03 -9.30 57.73
CA ASP C 41 18.02 -9.52 58.75
C ASP C 41 18.43 -10.55 59.81
N GLU C 42 19.02 -11.69 59.38
CA GLU C 42 19.63 -12.73 60.20
C GLU C 42 20.85 -12.23 60.98
N SER C 43 21.76 -11.51 60.29
CA SER C 43 22.96 -10.94 60.88
C SER C 43 22.66 -9.90 61.95
N LEU C 44 21.61 -9.08 61.74
CA LEU C 44 21.09 -8.11 62.68
C LEU C 44 20.33 -8.80 63.82
N SER C 45 19.60 -9.89 63.56
CA SER C 45 18.94 -10.70 64.59
C SER C 45 19.95 -11.29 65.56
N HIS C 46 21.08 -11.85 65.06
CA HIS C 46 22.19 -12.28 65.91
C HIS C 46 22.85 -11.11 66.64
N LEU C 47 23.08 -9.95 65.98
CA LEU C 47 23.66 -8.79 66.62
C LEU C 47 22.76 -8.18 67.69
N SER C 48 21.44 -8.13 67.47
CA SER C 48 20.43 -7.70 68.44
C SER C 48 20.44 -8.54 69.71
N ARG C 49 20.49 -9.87 69.57
CA ARG C 49 20.68 -10.83 70.64
C ARG C 49 21.98 -10.66 71.44
N ILE C 50 23.13 -10.54 70.75
CA ILE C 50 24.43 -10.33 71.37
C ILE C 50 24.52 -9.01 72.11
N THR C 51 24.00 -7.92 71.53
CA THR C 51 23.92 -6.61 72.18
C THR C 51 23.05 -6.65 73.42
N LEU C 52 21.89 -7.35 73.39
CA LEU C 52 21.06 -7.53 74.57
C LEU C 52 21.73 -8.37 75.67
N ASP C 53 22.38 -9.50 75.32
CA ASP C 53 23.17 -10.28 76.26
C ASP C 53 24.37 -9.53 76.83
N LEU C 54 25.11 -8.80 75.99
CA LEU C 54 26.25 -7.99 76.39
C LEU C 54 25.87 -6.82 77.27
N GLN C 55 24.80 -6.09 76.98
CA GLN C 55 24.34 -5.00 77.83
C GLN C 55 23.87 -5.45 79.20
N ASN C 56 23.29 -6.66 79.32
CA ASN C 56 23.02 -7.29 80.61
C ASN C 56 24.28 -7.57 81.43
N VAL C 57 25.36 -8.08 80.81
CA VAL C 57 26.59 -8.41 81.52
C VAL C 57 27.35 -7.17 81.99
N VAL C 58 27.45 -6.13 81.16
CA VAL C 58 28.10 -4.87 81.49
C VAL C 58 27.39 -4.17 82.64
N MET C 59 26.05 -3.98 82.53
CA MET C 59 25.22 -3.50 83.62
C MET C 59 25.35 -4.28 84.92
N LYS C 60 25.43 -5.63 84.84
CA LYS C 60 25.61 -6.53 85.96
C LYS C 60 26.95 -6.40 86.65
N ILE C 61 28.08 -6.32 85.90
CA ILE C 61 29.40 -6.14 86.51
C ILE C 61 29.61 -4.74 87.06
N ARG C 62 29.01 -3.71 86.42
CA ARG C 62 29.02 -2.34 86.94
C ARG C 62 28.25 -2.17 88.25
N MET C 63 27.13 -2.90 88.49
CA MET C 63 26.43 -2.80 89.77
C MET C 63 27.26 -3.19 90.99
N VAL C 64 27.11 -2.42 92.07
CA VAL C 64 27.96 -2.47 93.24
C VAL C 64 27.22 -3.26 94.31
N PRO C 65 27.71 -4.34 94.90
CA PRO C 65 27.10 -4.88 96.11
C PRO C 65 27.19 -3.90 97.27
N ILE C 66 26.11 -3.81 98.07
CA ILE C 66 25.98 -2.85 99.15
C ILE C 66 26.76 -3.18 100.41
N SER C 67 27.45 -4.35 100.42
CA SER C 67 28.28 -4.85 101.51
C SER C 67 29.33 -3.92 102.05
N PHE C 68 30.01 -3.13 101.19
CA PHE C 68 30.95 -2.11 101.62
C PHE C 68 30.35 -1.06 102.55
N VAL C 69 29.16 -0.53 102.22
CA VAL C 69 28.39 0.36 103.07
C VAL C 69 27.78 -0.33 104.29
N PHE C 70 27.28 -1.57 104.12
CA PHE C 70 26.67 -2.36 105.18
C PHE C 70 27.62 -2.65 106.33
N ASN C 71 28.88 -3.04 106.01
CA ASN C 71 29.83 -3.41 107.04
C ASN C 71 30.54 -2.17 107.61
N ARG C 72 30.17 -0.96 107.17
CA ARG C 72 30.54 0.28 107.83
C ARG C 72 29.69 0.52 109.08
N PHE C 73 28.46 -0.07 109.13
CA PHE C 73 27.55 0.15 110.24
C PHE C 73 27.85 -0.56 111.57
N PRO C 74 28.19 -1.85 111.72
CA PRO C 74 28.22 -2.51 113.02
C PRO C 74 29.10 -1.87 114.08
N ARG C 75 30.29 -1.37 113.71
CA ARG C 75 31.14 -0.68 114.66
C ARG C 75 30.63 0.69 115.05
N MET C 76 30.08 1.47 114.09
CA MET C 76 29.43 2.75 114.34
C MET C 76 28.24 2.63 115.27
N VAL C 77 27.36 1.66 114.98
CA VAL C 77 26.15 1.33 115.73
C VAL C 77 26.46 0.90 117.16
N ARG C 78 27.47 0.02 117.37
CA ARG C 78 27.87 -0.39 118.71
C ARG C 78 28.37 0.74 119.58
N ASP C 79 29.23 1.64 119.06
CA ASP C 79 29.75 2.79 119.79
C ASP C 79 28.63 3.75 120.21
N LEU C 80 27.71 4.07 119.27
CA LEU C 80 26.49 4.81 119.56
C LEU C 80 25.65 4.19 120.67
N ALA C 81 25.27 2.91 120.53
CA ALA C 81 24.55 2.12 121.52
C ALA C 81 25.15 2.14 122.93
N LYS C 82 26.49 2.10 123.02
CA LYS C 82 27.24 2.17 124.26
C LYS C 82 27.15 3.54 124.90
N LYS C 83 27.39 4.63 124.14
CA LYS C 83 27.24 5.99 124.60
C LYS C 83 25.80 6.33 125.00
N MET C 84 24.80 5.80 124.26
CA MET C 84 23.39 5.91 124.57
C MET C 84 22.94 5.00 125.72
N ASN C 85 23.86 4.18 126.27
CA ASN C 85 23.70 3.31 127.42
C ASN C 85 22.64 2.19 127.24
N LYS C 86 22.68 1.47 126.11
CA LYS C 86 21.72 0.43 125.79
C LYS C 86 22.40 -0.71 125.05
N GLU C 87 21.74 -1.89 124.95
CA GLU C 87 22.29 -3.08 124.33
C GLU C 87 21.38 -3.57 123.23
N VAL C 88 21.89 -3.67 121.99
CA VAL C 88 21.07 -4.11 120.88
C VAL C 88 21.80 -5.27 120.20
N ASN C 89 21.05 -6.23 119.63
CA ASN C 89 21.56 -7.22 118.70
C ASN C 89 21.42 -6.66 117.30
N PHE C 90 22.48 -6.61 116.47
CA PHE C 90 22.33 -6.19 115.09
C PHE C 90 22.26 -7.43 114.20
N ILE C 91 21.21 -7.54 113.38
CA ILE C 91 21.02 -8.65 112.45
C ILE C 91 21.07 -8.09 111.03
N MET C 92 22.04 -8.50 110.21
CA MET C 92 22.24 -7.88 108.90
C MET C 92 22.29 -8.93 107.81
N ARG C 93 21.34 -8.88 106.85
CA ARG C 93 21.12 -9.94 105.89
C ARG C 93 21.05 -9.38 104.49
N GLY C 94 21.36 -10.22 103.47
CA GLY C 94 21.26 -9.84 102.07
C GLY C 94 22.41 -8.94 101.69
N GLU C 95 23.57 -9.21 102.31
CA GLU C 95 24.73 -8.33 102.38
C GLU C 95 25.31 -7.90 101.03
N ASP C 96 25.46 -8.83 100.07
CA ASP C 96 26.01 -8.54 98.76
C ASP C 96 24.92 -8.30 97.71
N THR C 97 23.77 -7.73 98.13
CA THR C 97 22.72 -7.21 97.24
C THR C 97 23.22 -6.05 96.40
N GLU C 98 22.98 -6.10 95.07
CA GLU C 98 23.57 -5.20 94.11
C GLU C 98 22.70 -4.01 93.70
N LEU C 99 23.27 -2.80 93.71
CA LEU C 99 22.61 -1.59 93.25
C LEU C 99 23.61 -0.69 92.53
N ASP C 100 23.12 0.39 91.89
CA ASP C 100 23.95 1.35 91.18
C ASP C 100 25.01 2.05 92.04
N ARG C 101 26.12 2.45 91.37
CA ARG C 101 27.22 3.28 91.86
C ARG C 101 26.73 4.58 92.46
N THR C 102 25.78 5.25 91.77
CA THR C 102 25.21 6.51 92.23
C THR C 102 24.39 6.34 93.50
N PHE C 103 23.59 5.26 93.56
CA PHE C 103 22.72 5.01 94.69
C PHE C 103 23.44 4.53 95.94
N VAL C 104 24.44 3.63 95.82
CA VAL C 104 25.24 3.16 96.95
C VAL C 104 26.01 4.29 97.64
N GLU C 105 26.58 5.22 96.84
CA GLU C 105 27.22 6.41 97.35
C GLU C 105 26.28 7.43 97.99
N GLU C 106 25.12 7.73 97.37
CA GLU C 106 24.18 8.67 97.99
C GLU C 106 23.48 8.16 99.25
N ILE C 107 23.02 6.90 99.27
CA ILE C 107 22.15 6.38 100.34
C ILE C 107 22.84 6.15 101.69
N GLY C 108 24.18 5.92 101.70
CA GLY C 108 24.96 5.54 102.89
C GLY C 108 24.84 6.40 104.12
N GLU C 109 24.99 7.72 103.99
CA GLU C 109 24.79 8.66 105.08
C GLU C 109 23.35 8.82 105.56
N PRO C 110 22.30 9.00 104.74
CA PRO C 110 20.91 8.93 105.19
C PRO C 110 20.51 7.63 105.85
N LEU C 111 21.07 6.47 105.42
CA LEU C 111 20.76 5.21 106.09
C LEU C 111 21.49 5.07 107.42
N LEU C 112 22.72 5.62 107.56
CA LEU C 112 23.39 5.76 108.84
C LEU C 112 22.57 6.56 109.86
N HIS C 113 22.00 7.70 109.42
CA HIS C 113 21.06 8.49 110.19
C HIS C 113 19.78 7.77 110.57
N LEU C 114 19.14 7.05 109.61
CA LEU C 114 18.01 6.17 109.89
C LEU C 114 18.26 5.13 110.99
N LEU C 115 19.41 4.42 110.92
CA LEU C 115 19.89 3.50 111.94
C LEU C 115 20.17 4.18 113.27
N ARG C 116 20.89 5.32 113.26
CA ARG C 116 21.20 6.13 114.43
C ARG C 116 19.94 6.58 115.18
N ASN C 117 18.91 7.05 114.45
CA ASN C 117 17.64 7.41 115.05
C ASN C 117 16.84 6.22 115.59
N ALA C 118 16.89 5.05 114.92
CA ALA C 118 16.26 3.82 115.39
C ALA C 118 16.78 3.31 116.74
N ILE C 119 18.11 3.36 116.98
CA ILE C 119 18.65 3.03 118.30
C ILE C 119 18.34 4.11 119.34
N ASP C 120 18.46 5.41 118.99
CA ASP C 120 18.22 6.50 119.90
C ASP C 120 16.77 6.59 120.41
N HIS C 121 15.78 6.57 119.49
CA HIS C 121 14.37 6.67 119.87
C HIS C 121 13.75 5.32 120.19
N GLY C 122 13.99 4.33 119.32
CA GLY C 122 13.33 3.03 119.33
C GLY C 122 13.78 2.13 120.44
N ILE C 123 15.05 1.71 120.39
CA ILE C 123 15.60 0.74 121.34
C ILE C 123 15.76 1.34 122.73
N GLU C 124 15.01 0.80 123.70
CA GLU C 124 15.06 1.12 125.10
C GLU C 124 16.37 0.73 125.80
N PRO C 125 16.84 1.43 126.82
CA PRO C 125 17.84 0.89 127.74
C PRO C 125 17.30 -0.32 128.51
N LYS C 126 18.21 -1.12 129.12
CA LYS C 126 17.86 -2.35 129.79
C LYS C 126 16.90 -2.17 130.95
N GLU C 127 17.10 -1.15 131.80
CA GLU C 127 16.24 -0.90 132.95
C GLU C 127 14.79 -0.55 132.60
N GLU C 128 14.55 0.20 131.50
CA GLU C 128 13.24 0.43 130.95
C GLU C 128 12.56 -0.83 130.44
N ARG C 129 13.31 -1.72 129.77
CA ARG C 129 12.82 -3.02 129.33
C ARG C 129 12.46 -3.94 130.49
N ILE C 130 13.28 -3.99 131.55
CA ILE C 130 13.01 -4.75 132.76
C ILE C 130 11.77 -4.23 133.51
N ALA C 131 11.53 -2.91 133.49
CA ALA C 131 10.31 -2.31 134.02
C ALA C 131 9.07 -2.67 133.21
N LYS C 132 9.17 -2.76 131.87
CA LYS C 132 8.06 -3.22 131.04
C LYS C 132 8.00 -4.75 130.95
N GLY C 133 8.82 -5.48 131.74
CA GLY C 133 8.89 -6.94 131.74
C GLY C 133 9.32 -7.56 130.43
N LYS C 134 10.06 -6.81 129.60
CA LYS C 134 10.41 -7.11 128.23
C LYS C 134 11.86 -7.62 128.14
N PRO C 135 12.31 -8.38 127.14
CA PRO C 135 13.70 -8.82 127.05
C PRO C 135 14.72 -7.67 126.98
N PRO C 136 15.75 -7.57 127.81
CA PRO C 136 16.65 -6.41 127.87
C PRO C 136 17.45 -6.12 126.61
N ILE C 137 17.86 -7.14 125.82
CA ILE C 137 18.60 -6.91 124.59
C ILE C 137 17.64 -6.63 123.44
N GLY C 138 17.80 -5.45 122.79
CA GLY C 138 17.05 -5.06 121.59
C GLY C 138 17.34 -5.90 120.38
N THR C 139 16.51 -5.79 119.33
CA THR C 139 16.76 -6.47 118.06
C THR C 139 16.54 -5.45 116.98
N LEU C 140 17.60 -5.20 116.17
CA LEU C 140 17.57 -4.32 115.04
C LEU C 140 18.01 -5.09 113.81
N ILE C 141 17.20 -5.06 112.75
CA ILE C 141 17.36 -5.92 111.59
C ILE C 141 17.41 -5.02 110.38
N LEU C 142 18.41 -5.25 109.51
CA LEU C 142 18.66 -4.56 108.28
C LEU C 142 18.76 -5.65 107.23
N SER C 143 17.87 -5.61 106.22
CA SER C 143 17.73 -6.73 105.29
C SER C 143 17.60 -6.19 103.89
N ALA C 144 18.43 -6.62 102.93
CA ALA C 144 18.33 -6.15 101.56
C ALA C 144 18.10 -7.27 100.58
N ARG C 145 17.30 -7.01 99.52
CA ARG C 145 16.92 -8.04 98.57
C ARG C 145 16.41 -7.42 97.27
N HIS C 146 16.18 -8.24 96.22
CA HIS C 146 15.59 -7.80 94.96
C HIS C 146 14.10 -8.08 94.88
N GLU C 147 13.24 -7.11 94.52
CA GLU C 147 11.83 -7.40 94.29
C GLU C 147 11.20 -6.42 93.31
N GLY C 148 10.44 -6.91 92.30
CA GLY C 148 9.66 -6.07 91.41
C GLY C 148 10.42 -5.37 90.31
N ASN C 149 11.69 -5.76 90.07
CA ASN C 149 12.66 -5.15 89.17
C ASN C 149 13.22 -3.90 89.83
N ASN C 150 13.54 -4.02 91.14
CA ASN C 150 13.92 -2.93 92.02
C ASN C 150 14.62 -3.58 93.21
N VAL C 151 15.13 -2.77 94.15
CA VAL C 151 15.89 -3.23 95.30
C VAL C 151 15.12 -2.78 96.53
N VAL C 152 14.95 -3.67 97.51
CA VAL C 152 14.18 -3.45 98.71
C VAL C 152 15.13 -3.55 99.88
N ILE C 153 15.08 -2.58 100.81
CA ILE C 153 15.92 -2.54 101.98
C ILE C 153 15.03 -2.29 103.17
N GLU C 154 14.85 -3.31 104.02
CA GLU C 154 13.99 -3.27 105.18
C GLU C 154 14.83 -2.97 106.42
N VAL C 155 14.34 -2.06 107.27
CA VAL C 155 14.93 -1.70 108.56
C VAL C 155 13.85 -1.78 109.63
N GLU C 156 14.02 -2.62 110.68
CA GLU C 156 13.03 -2.67 111.75
C GLU C 156 13.61 -2.94 113.13
N ASP C 157 12.99 -2.36 114.19
CA ASP C 157 13.39 -2.51 115.57
C ASP C 157 12.28 -3.21 116.38
N ASP C 158 12.58 -3.73 117.59
CA ASP C 158 11.60 -4.27 118.52
C ASP C 158 11.21 -3.26 119.60
N GLY C 159 11.54 -1.96 119.37
CA GLY C 159 11.53 -0.90 120.36
C GLY C 159 10.20 -0.38 120.86
N ARG C 160 10.23 0.89 121.31
CA ARG C 160 9.09 1.62 121.84
C ARG C 160 7.93 1.81 120.85
N GLY C 161 8.23 2.08 119.57
CA GLY C 161 7.24 2.53 118.60
C GLY C 161 6.96 4.00 118.75
N ILE C 162 6.15 4.57 117.84
CA ILE C 162 5.85 6.00 117.82
C ILE C 162 4.39 6.24 118.18
N ASP C 163 4.12 7.22 119.07
CA ASP C 163 2.76 7.65 119.37
C ASP C 163 2.10 8.30 118.15
N LYS C 164 1.10 7.63 117.57
CA LYS C 164 0.43 8.11 116.36
C LYS C 164 -0.47 9.29 116.67
N GLU C 165 -1.03 9.33 117.89
CA GLU C 165 -1.79 10.43 118.43
C GLU C 165 -0.97 11.73 118.56
N LYS C 166 0.31 11.65 118.96
CA LYS C 166 1.21 12.80 118.98
C LYS C 166 1.52 13.37 117.61
N ILE C 167 1.74 12.50 116.60
CA ILE C 167 2.07 12.91 115.23
C ILE C 167 0.90 13.61 114.57
N ILE C 168 -0.31 13.04 114.71
CA ILE C 168 -1.54 13.61 114.18
C ILE C 168 -1.89 14.93 114.85
N ARG C 169 -1.84 15.02 116.20
CA ARG C 169 -2.14 16.26 116.91
C ARG C 169 -1.14 17.38 116.62
N LYS C 170 0.19 17.09 116.58
CA LYS C 170 1.17 18.06 116.11
C LYS C 170 0.97 18.54 114.68
N ALA C 171 0.51 17.69 113.74
CA ALA C 171 0.14 18.12 112.41
C ALA C 171 -1.01 19.15 112.35
N ILE C 172 -2.02 19.04 113.24
CA ILE C 172 -3.06 20.03 113.45
C ILE C 172 -2.48 21.31 114.04
N GLU C 173 -1.60 21.18 115.05
CA GLU C 173 -0.99 22.31 115.73
C GLU C 173 -0.10 23.16 114.82
N LYS C 174 0.59 22.52 113.85
CA LYS C 174 1.43 23.19 112.88
C LYS C 174 0.65 23.54 111.61
N GLY C 175 -0.68 23.27 111.58
CA GLY C 175 -1.59 23.68 110.52
C GLY C 175 -1.39 22.97 109.21
N LEU C 176 -0.88 21.72 109.26
CA LEU C 176 -0.55 20.93 108.09
C LEU C 176 -1.67 20.01 107.64
N ILE C 177 -2.76 19.87 108.42
CA ILE C 177 -3.88 19.03 108.06
C ILE C 177 -5.14 19.61 108.69
N ASP C 178 -6.32 19.33 108.11
CA ASP C 178 -7.61 19.74 108.65
C ASP C 178 -8.13 18.70 109.64
N GLU C 179 -8.97 19.10 110.63
CA GLU C 179 -9.41 18.24 111.73
C GLU C 179 -10.17 16.98 111.29
N SER C 180 -11.08 17.10 110.31
CA SER C 180 -11.81 15.97 109.75
C SER C 180 -10.98 15.12 108.83
N LYS C 181 -10.01 15.71 108.10
CA LYS C 181 -9.04 14.95 107.32
C LYS C 181 -8.12 14.15 108.23
N ALA C 182 -7.64 14.75 109.33
CA ALA C 182 -6.90 14.09 110.39
C ALA C 182 -7.66 12.94 111.03
N ALA C 183 -8.98 13.12 111.27
CA ALA C 183 -9.83 12.13 111.89
C ALA C 183 -10.21 10.99 110.94
N THR C 184 -9.96 11.14 109.63
CA THR C 184 -10.28 10.11 108.64
C THR C 184 -9.04 9.42 108.13
N LEU C 185 -7.85 10.00 108.36
CA LEU C 185 -6.58 9.46 107.88
C LEU C 185 -6.19 8.17 108.61
N SER C 186 -5.58 7.18 107.93
CA SER C 186 -5.19 5.92 108.58
C SER C 186 -3.80 5.96 109.20
N ASP C 187 -3.50 5.01 110.12
CA ASP C 187 -2.29 4.95 110.93
C ASP C 187 -0.98 4.99 110.14
N GLN C 188 -0.92 4.18 109.07
CA GLN C 188 0.19 4.09 108.14
C GLN C 188 0.42 5.38 107.35
N GLU C 189 -0.67 6.13 107.09
CA GLU C 189 -0.62 7.44 106.46
C GLU C 189 -0.21 8.56 107.42
N ILE C 190 -0.60 8.47 108.72
CA ILE C 190 -0.24 9.47 109.74
C ILE C 190 1.26 9.50 109.99
N LEU C 191 1.91 8.32 110.06
CA LEU C 191 3.35 8.22 110.25
C LEU C 191 4.22 8.76 109.10
N ASN C 192 3.62 9.35 108.03
CA ASN C 192 4.36 10.02 106.99
C ASN C 192 4.67 11.47 107.37
N PHE C 193 3.97 12.04 108.38
CA PHE C 193 4.29 13.37 108.89
C PHE C 193 5.56 13.39 109.72
N LEU C 194 6.10 12.23 110.12
CA LEU C 194 7.47 12.08 110.60
C LEU C 194 8.51 12.56 109.58
N PHE C 195 8.19 12.42 108.28
CA PHE C 195 9.06 12.75 107.17
C PHE C 195 8.82 14.16 106.65
N VAL C 196 8.09 15.00 107.40
CA VAL C 196 7.80 16.39 107.07
C VAL C 196 8.62 17.18 108.10
N PRO C 197 9.38 18.23 107.79
CA PRO C 197 10.21 18.97 108.76
C PRO C 197 9.57 19.36 110.08
N GLY C 198 10.29 19.17 111.21
CA GLY C 198 9.88 19.70 112.51
C GLY C 198 9.28 18.72 113.49
N PHE C 199 9.21 17.43 113.17
CA PHE C 199 8.63 16.42 114.04
C PHE C 199 9.70 15.65 114.81
N SER C 200 10.96 16.13 114.72
CA SER C 200 12.09 15.64 115.49
C SER C 200 13.01 16.82 115.68
N THR C 201 13.91 16.78 116.69
CA THR C 201 14.76 17.92 117.03
C THR C 201 16.23 17.68 116.76
N LYS C 202 16.64 16.41 116.66
CA LYS C 202 18.02 15.98 116.61
C LYS C 202 18.84 16.37 115.38
N GLU C 203 20.13 16.67 115.61
CA GLU C 203 21.15 16.93 114.60
C GLU C 203 20.90 18.03 113.57
N LYS C 204 20.70 19.27 114.05
CA LYS C 204 20.82 20.49 113.26
C LYS C 204 19.76 20.64 112.19
N VAL C 205 18.50 20.33 112.55
CA VAL C 205 17.37 20.30 111.65
C VAL C 205 16.52 21.56 111.71
N SER C 206 16.67 22.45 112.71
CA SER C 206 15.91 23.70 112.72
C SER C 206 16.61 24.80 111.92
N GLU C 207 17.90 24.59 111.59
CA GLU C 207 18.74 25.54 110.86
C GLU C 207 18.21 26.02 109.51
N VAL C 208 18.26 27.35 109.28
CA VAL C 208 17.99 27.98 108.00
C VAL C 208 19.08 27.64 106.98
N SER C 209 20.35 27.71 107.41
CA SER C 209 21.51 27.45 106.59
C SER C 209 22.33 26.32 107.16
N GLY C 210 22.85 25.40 106.30
CA GLY C 210 23.70 24.31 106.74
C GLY C 210 23.02 23.19 107.49
N ARG C 211 21.81 22.79 107.07
CA ARG C 211 20.97 21.83 107.75
C ARG C 211 21.52 20.40 107.77
N GLY C 212 21.33 19.68 108.89
CA GLY C 212 21.67 18.26 109.03
C GLY C 212 20.78 17.29 108.29
N VAL C 213 21.05 15.98 108.46
CA VAL C 213 20.26 14.92 107.82
C VAL C 213 19.14 14.53 108.76
N GLY C 214 17.99 15.22 108.65
CA GLY C 214 16.73 14.82 109.30
C GLY C 214 16.06 13.62 108.70
N MET C 215 14.92 13.21 109.28
CA MET C 215 14.12 12.09 108.79
C MET C 215 13.37 12.47 107.53
N ASP C 216 13.11 13.78 107.35
CA ASP C 216 12.59 14.35 106.12
C ASP C 216 13.54 14.14 104.93
N VAL C 217 14.84 14.39 105.16
CA VAL C 217 15.95 14.15 104.25
C VAL C 217 15.99 12.71 103.76
N VAL C 218 15.88 11.71 104.65
CA VAL C 218 15.88 10.29 104.29
C VAL C 218 14.77 9.92 103.30
N LYS C 219 13.54 10.44 103.51
CA LYS C 219 12.41 10.24 102.60
C LYS C 219 12.61 10.96 101.29
N ASN C 220 13.12 12.22 101.34
CA ASN C 220 13.37 13.01 100.17
C ASN C 220 14.48 12.46 99.29
N VAL C 221 15.61 11.97 99.85
CA VAL C 221 16.67 11.30 99.11
C VAL C 221 16.18 10.04 98.40
N VAL C 222 15.47 9.10 99.09
CA VAL C 222 14.88 7.91 98.44
C VAL C 222 14.03 8.25 97.22
N GLU C 223 13.08 9.20 97.38
CA GLU C 223 12.26 9.75 96.31
C GLU C 223 13.07 10.38 95.17
N SER C 224 14.10 11.19 95.49
CA SER C 224 15.02 11.82 94.53
C SER C 224 15.77 10.84 93.64
N LEU C 225 16.04 9.61 94.14
CA LEU C 225 16.62 8.53 93.38
C LEU C 225 15.56 7.65 92.72
N ASN C 226 14.30 8.14 92.68
CA ASN C 226 13.16 7.66 91.93
C ASN C 226 12.52 6.44 92.60
N GLY C 227 12.73 6.29 93.93
CA GLY C 227 12.21 5.17 94.69
C GLY C 227 10.91 5.45 95.39
N SER C 228 10.58 4.61 96.38
CA SER C 228 9.42 4.82 97.24
C SER C 228 9.76 4.39 98.66
N MET C 229 9.21 5.05 99.69
CA MET C 229 9.52 4.72 101.08
C MET C 229 8.29 4.69 101.97
N GLY C 230 8.15 3.61 102.76
CA GLY C 230 6.99 3.35 103.61
C GLY C 230 7.37 3.17 105.06
N ILE C 231 6.41 3.41 105.96
CA ILE C 231 6.59 3.28 107.39
C ILE C 231 5.38 2.61 108.00
N GLU C 232 5.56 1.86 109.11
CA GLU C 232 4.49 1.30 109.91
C GLU C 232 5.07 1.11 111.31
N SER C 233 4.34 1.51 112.37
CA SER C 233 4.89 1.49 113.72
C SER C 233 3.76 1.17 114.67
N GLU C 234 4.07 0.60 115.85
CA GLU C 234 3.05 0.39 116.86
C GLU C 234 3.68 0.28 118.24
N LYS C 235 2.89 0.57 119.30
CA LYS C 235 3.35 0.62 120.67
C LYS C 235 3.94 -0.68 121.20
N ASP C 236 5.23 -0.62 121.60
CA ASP C 236 6.03 -1.72 122.12
C ASP C 236 6.31 -2.82 121.10
N LYS C 237 5.99 -2.58 119.81
CA LYS C 237 6.13 -3.54 118.73
C LYS C 237 7.23 -3.04 117.80
N GLY C 238 7.89 -1.94 118.19
CA GLY C 238 8.87 -1.22 117.39
C GLY C 238 8.40 -0.59 116.12
N THR C 239 9.37 -0.05 115.35
CA THR C 239 9.09 0.69 114.13
C THR C 239 9.76 -0.01 112.98
N LYS C 240 9.11 0.00 111.81
CA LYS C 240 9.52 -0.68 110.60
C LYS C 240 9.49 0.31 109.44
N VAL C 241 10.63 0.44 108.73
CA VAL C 241 10.80 1.38 107.64
C VAL C 241 11.27 0.57 106.43
N THR C 242 10.61 0.75 105.29
CA THR C 242 10.82 0.03 104.04
C THR C 242 11.23 1.03 102.98
N ILE C 243 12.35 0.77 102.30
CA ILE C 243 12.89 1.63 101.26
C ILE C 243 12.98 0.79 100.00
N ARG C 244 12.38 1.28 98.90
CA ARG C 244 12.41 0.59 97.62
C ARG C 244 13.04 1.51 96.57
N LEU C 245 14.25 1.16 96.12
CA LEU C 245 15.07 1.90 95.18
C LEU C 245 15.12 1.18 93.84
N PRO C 246 15.20 1.83 92.67
CA PRO C 246 15.49 1.14 91.42
C PRO C 246 16.82 0.41 91.40
N LEU C 247 17.04 -0.52 90.43
CA LEU C 247 18.32 -1.17 90.24
C LEU C 247 19.41 -0.23 89.73
N THR C 248 19.06 0.60 88.74
CA THR C 248 19.99 1.45 88.03
C THR C 248 19.19 2.55 87.35
N LEU C 249 19.87 3.57 86.79
CA LEU C 249 19.25 4.64 86.04
C LEU C 249 19.13 4.33 84.56
N ALA C 250 19.54 3.11 84.17
CA ALA C 250 19.68 2.69 82.78
C ALA C 250 18.47 1.90 82.26
N ILE C 251 17.38 1.80 83.04
CA ILE C 251 16.25 0.90 82.75
C ILE C 251 14.95 1.57 83.19
N ILE C 252 14.88 2.91 83.11
CA ILE C 252 13.70 3.64 83.51
C ILE C 252 12.59 3.56 82.47
N GLN C 253 11.67 2.60 82.64
CA GLN C 253 10.49 2.40 81.81
C GLN C 253 9.60 3.62 81.56
N ALA C 254 9.46 4.03 80.30
CA ALA C 254 8.77 5.23 79.93
C ALA C 254 7.88 4.94 78.73
N LEU C 255 6.88 5.80 78.52
CA LEU C 255 6.05 5.85 77.33
C LEU C 255 6.43 7.08 76.55
N LEU C 256 7.09 6.89 75.40
CA LEU C 256 7.55 7.97 74.55
C LEU C 256 6.40 8.52 73.71
N VAL C 257 6.10 9.81 73.85
CA VAL C 257 5.02 10.48 73.14
C VAL C 257 5.64 11.62 72.35
N LYS C 258 4.95 12.14 71.32
CA LYS C 258 5.49 13.24 70.54
C LYS C 258 4.46 14.35 70.42
N VAL C 259 4.94 15.60 70.46
CA VAL C 259 4.22 16.83 70.14
C VAL C 259 5.16 17.59 69.24
N ASN C 260 4.69 18.15 68.10
CA ASN C 260 5.50 18.86 67.11
C ASN C 260 6.60 17.99 66.50
N ASN C 261 6.43 16.65 66.53
CA ASN C 261 7.41 15.64 66.19
C ASN C 261 8.68 15.71 67.07
N LEU C 262 8.49 16.05 68.37
CA LEU C 262 9.53 16.14 69.38
C LEU C 262 9.23 15.17 70.52
N VAL C 263 10.15 14.23 70.76
CA VAL C 263 10.03 13.16 71.74
C VAL C 263 10.00 13.58 73.20
N TYR C 264 8.89 13.32 73.93
CA TYR C 264 8.78 13.58 75.36
C TYR C 264 8.43 12.28 76.07
N ALA C 265 9.28 11.81 77.00
CA ALA C 265 9.03 10.55 77.67
C ALA C 265 8.13 10.71 78.91
N ILE C 266 7.22 9.74 79.16
CA ILE C 266 6.30 9.73 80.28
C ILE C 266 6.53 8.50 81.19
N PRO C 267 7.03 8.64 82.42
CA PRO C 267 7.15 7.58 83.43
C PRO C 267 5.99 6.58 83.60
N ILE C 268 6.11 5.32 83.12
CA ILE C 268 5.02 4.33 83.09
C ILE C 268 4.42 4.03 84.45
N ALA C 269 5.25 3.93 85.52
CA ALA C 269 4.79 3.49 86.83
C ALA C 269 3.65 4.33 87.42
N ASN C 270 3.72 5.66 87.27
CA ASN C 270 2.73 6.59 87.76
C ASN C 270 1.35 6.56 87.09
N ILE C 271 1.25 6.33 85.76
CA ILE C 271 0.03 6.31 84.94
C ILE C 271 -1.33 5.84 85.56
N ASP C 272 -2.44 5.92 84.80
CA ASP C 272 -3.72 5.42 85.26
C ASP C 272 -4.58 4.96 84.08
N THR C 273 -4.42 5.56 82.88
CA THR C 273 -5.04 5.11 81.64
C THR C 273 -4.59 6.04 80.52
N ILE C 274 -4.90 5.70 79.25
CA ILE C 274 -4.56 6.45 78.06
C ILE C 274 -5.86 6.49 77.28
N LEU C 275 -6.39 7.69 76.96
CA LEU C 275 -7.75 7.82 76.46
C LEU C 275 -7.82 8.84 75.33
N SER C 276 -8.59 8.56 74.26
CA SER C 276 -8.81 9.48 73.16
C SER C 276 -10.12 10.23 73.38
N ILE C 277 -10.06 11.54 73.69
CA ILE C 277 -11.21 12.30 74.12
C ILE C 277 -11.72 13.21 73.01
N SER C 278 -13.01 13.61 73.10
CA SER C 278 -13.62 14.43 72.06
C SER C 278 -13.56 15.91 72.44
N LYS C 279 -13.57 16.78 71.42
CA LYS C 279 -13.44 18.23 71.54
C LYS C 279 -14.71 18.86 72.11
N GLU C 280 -15.87 18.22 71.86
CA GLU C 280 -17.17 18.62 72.37
C GLU C 280 -17.25 18.53 73.90
N ASP C 281 -16.68 17.46 74.51
CA ASP C 281 -16.67 17.19 75.93
C ASP C 281 -15.98 18.23 76.80
N ILE C 282 -14.77 18.68 76.42
CA ILE C 282 -13.91 19.53 77.23
C ILE C 282 -14.57 20.85 77.62
N GLN C 283 -14.53 21.23 78.91
CA GLN C 283 -15.19 22.44 79.36
C GLN C 283 -14.38 23.11 80.45
N ARG C 284 -14.69 24.39 80.74
CA ARG C 284 -14.07 25.18 81.77
C ARG C 284 -15.15 25.58 82.74
N VAL C 285 -14.82 25.58 84.05
CA VAL C 285 -15.74 25.87 85.13
C VAL C 285 -15.44 27.28 85.62
N GLN C 286 -14.35 27.47 86.38
CA GLN C 286 -13.91 28.79 86.78
C GLN C 286 -12.40 28.84 86.94
N ASP C 287 -11.71 27.87 86.31
CA ASP C 287 -10.29 27.74 86.37
C ASP C 287 -9.83 27.22 85.02
N ARG C 288 -8.74 26.43 84.95
CA ARG C 288 -8.28 25.81 83.71
C ARG C 288 -9.13 24.60 83.34
N ASP C 289 -9.05 24.18 82.06
CA ASP C 289 -9.79 23.09 81.44
C ASP C 289 -10.02 21.82 82.28
N VAL C 290 -11.23 21.25 82.23
CA VAL C 290 -11.57 20.01 82.91
C VAL C 290 -12.30 19.09 81.94
N ILE C 291 -12.38 17.80 82.29
CA ILE C 291 -13.10 16.79 81.53
C ILE C 291 -13.77 15.85 82.50
N VAL C 292 -15.06 15.56 82.28
CA VAL C 292 -15.84 14.68 83.14
C VAL C 292 -15.66 13.26 82.64
N ILE C 293 -14.91 12.42 83.38
CA ILE C 293 -14.59 11.05 82.99
C ILE C 293 -15.01 10.13 84.12
N ARG C 294 -15.84 9.10 83.83
CA ARG C 294 -16.46 8.21 84.81
C ARG C 294 -17.35 8.93 85.82
N GLY C 295 -17.83 10.14 85.47
CA GLY C 295 -18.60 11.01 86.35
C GLY C 295 -17.77 11.79 87.35
N GLU C 296 -16.44 11.55 87.35
CA GLU C 296 -15.42 12.21 88.14
C GLU C 296 -14.90 13.40 87.34
N VAL C 297 -14.30 14.43 87.99
CA VAL C 297 -13.77 15.56 87.24
C VAL C 297 -12.25 15.58 87.32
N ILE C 298 -11.61 15.55 86.14
CA ILE C 298 -10.17 15.44 85.97
C ILE C 298 -9.66 16.77 85.42
N PRO C 299 -8.67 17.45 86.00
CA PRO C 299 -8.05 18.62 85.39
C PRO C 299 -7.10 18.32 84.22
N VAL C 300 -7.65 18.31 82.99
CA VAL C 300 -6.91 18.14 81.74
C VAL C 300 -5.94 19.29 81.42
N TYR C 301 -4.73 18.99 80.90
CA TYR C 301 -3.74 19.98 80.51
C TYR C 301 -3.23 19.63 79.13
N ARG C 302 -2.92 20.66 78.31
CA ARG C 302 -2.37 20.55 76.98
C ARG C 302 -0.86 20.66 77.02
N LEU C 303 -0.08 19.57 76.80
CA LEU C 303 1.38 19.56 76.93
C LEU C 303 2.10 20.81 76.40
N TRP C 304 1.89 21.14 75.11
CA TRP C 304 2.36 22.35 74.46
C TRP C 304 2.01 23.72 75.08
N GLU C 305 0.94 23.79 75.90
CA GLU C 305 0.52 24.99 76.62
C GLU C 305 1.37 25.13 77.87
N VAL C 306 1.36 24.12 78.76
CA VAL C 306 2.21 24.07 79.95
C VAL C 306 3.72 24.13 79.69
N LEU C 307 4.17 23.88 78.45
CA LEU C 307 5.56 24.01 78.04
C LEU C 307 5.83 25.28 77.23
N GLN C 308 4.78 26.06 76.88
CA GLN C 308 4.86 27.33 76.17
C GLN C 308 5.54 27.28 74.80
N ILE C 309 5.10 26.35 73.94
CA ILE C 309 5.61 26.15 72.60
C ILE C 309 4.48 26.28 71.60
N GLU C 310 4.76 26.84 70.40
CA GLU C 310 3.76 27.02 69.36
C GLU C 310 3.31 25.69 68.77
N HIS C 311 2.00 25.56 68.50
CA HIS C 311 1.39 24.27 68.21
C HIS C 311 0.14 24.52 67.36
N LYS C 312 -0.58 23.44 66.96
CA LYS C 312 -1.77 23.52 66.13
C LYS C 312 -2.91 24.34 66.72
N GLU C 313 -3.60 25.11 65.87
CA GLU C 313 -4.68 25.98 66.24
C GLU C 313 -6.00 25.25 66.39
N GLU C 314 -6.31 24.38 65.42
CA GLU C 314 -7.63 23.84 65.24
C GLU C 314 -7.92 22.57 66.03
N LEU C 315 -9.14 22.47 66.58
CA LEU C 315 -9.60 21.36 67.39
C LEU C 315 -9.67 20.03 66.63
N GLU C 316 -9.45 18.92 67.35
CA GLU C 316 -9.47 17.56 66.82
C GLU C 316 -9.75 16.65 68.00
N GLU C 317 -9.93 15.32 67.78
CA GLU C 317 -10.14 14.37 68.87
C GLU C 317 -8.76 13.96 69.38
N MET C 318 -8.41 14.42 70.59
CA MET C 318 -7.06 14.36 71.12
C MET C 318 -6.78 13.22 72.09
N GLU C 319 -5.55 12.68 72.04
CA GLU C 319 -5.13 11.59 72.90
C GLU C 319 -4.56 12.15 74.21
N ALA C 320 -5.07 11.65 75.34
CA ALA C 320 -4.71 12.11 76.66
C ALA C 320 -4.13 10.96 77.48
N VAL C 321 -3.14 11.26 78.34
CA VAL C 321 -2.57 10.29 79.25
C VAL C 321 -2.87 10.77 80.66
N ILE C 322 -3.57 9.95 81.47
CA ILE C 322 -3.88 10.30 82.84
C ILE C 322 -2.75 9.84 83.76
N VAL C 323 -2.05 10.77 84.44
CA VAL C 323 -0.89 10.46 85.27
C VAL C 323 -1.28 10.68 86.72
N ARG C 324 -0.84 9.79 87.66
CA ARG C 324 -1.17 9.92 89.07
C ARG C 324 -0.07 10.60 89.86
N VAL C 325 -0.46 11.46 90.82
CA VAL C 325 0.52 12.09 91.69
C VAL C 325 -0.10 12.21 93.06
N GLY C 326 0.65 11.91 94.15
CA GLY C 326 0.12 11.89 95.51
C GLY C 326 -1.09 11.01 95.69
N ASN C 327 -2.24 11.60 96.03
CA ASN C 327 -3.51 10.90 96.12
C ASN C 327 -4.40 11.22 94.94
N ARG C 328 -3.93 11.99 93.93
CA ARG C 328 -4.76 12.46 92.85
C ARG C 328 -4.24 12.03 91.48
N LYS C 329 -4.73 12.69 90.39
CA LYS C 329 -4.32 12.41 89.03
C LYS C 329 -4.86 13.44 88.03
N TYR C 330 -3.98 13.95 87.15
CA TYR C 330 -4.32 14.98 86.18
C TYR C 330 -4.18 14.43 84.76
N GLY C 331 -4.81 15.08 83.76
CA GLY C 331 -4.72 14.60 82.37
C GLY C 331 -3.66 15.34 81.60
N ILE C 332 -2.85 14.64 80.80
CA ILE C 332 -1.84 15.24 79.94
C ILE C 332 -2.17 14.95 78.49
N VAL C 333 -2.58 15.97 77.71
CA VAL C 333 -2.88 15.79 76.29
C VAL C 333 -1.61 15.91 75.47
N VAL C 334 -1.42 14.93 74.57
CA VAL C 334 -0.25 14.75 73.74
C VAL C 334 -0.72 14.59 72.30
N ASP C 335 0.17 14.73 71.31
CA ASP C 335 -0.25 14.71 69.92
C ASP C 335 -0.23 13.29 69.35
N ASP C 336 0.95 12.63 69.35
CA ASP C 336 1.08 11.26 68.84
C ASP C 336 1.77 10.37 69.86
N LEU C 337 1.55 9.04 69.77
CA LEU C 337 2.13 8.08 70.68
C LEU C 337 3.20 7.28 69.95
N LEU C 338 4.49 7.51 70.25
CA LEU C 338 5.61 6.82 69.64
C LEU C 338 5.68 5.35 70.04
N GLY C 339 6.33 5.03 71.18
CA GLY C 339 6.44 3.66 71.63
C GLY C 339 7.33 3.51 72.82
N GLN C 340 6.88 2.73 73.81
CA GLN C 340 7.59 2.39 75.04
C GLN C 340 9.02 1.88 74.90
N ASP C 341 9.84 2.08 75.96
CA ASP C 341 11.18 1.53 76.02
C ASP C 341 11.70 1.79 77.42
N ASP C 342 12.74 1.05 77.85
CA ASP C 342 13.40 1.30 79.11
C ASP C 342 14.58 2.21 78.81
N ILE C 343 14.52 3.48 79.23
CA ILE C 343 15.51 4.47 78.82
C ILE C 343 16.53 4.78 79.90
N VAL C 344 17.54 5.60 79.55
CA VAL C 344 18.64 5.98 80.41
C VAL C 344 18.53 7.46 80.71
N ILE C 345 18.25 7.84 81.97
CA ILE C 345 18.10 9.24 82.35
C ILE C 345 19.43 9.97 82.53
N LYS C 346 19.64 11.06 81.77
CA LYS C 346 20.81 11.93 81.86
C LYS C 346 20.37 13.30 82.36
N SER C 347 21.32 14.15 82.77
CA SER C 347 21.03 15.47 83.35
C SER C 347 20.42 16.43 82.33
N LEU C 348 19.51 17.34 82.74
CA LEU C 348 18.93 18.33 81.83
C LEU C 348 19.96 19.38 81.38
N GLY C 349 20.82 19.85 82.30
CA GLY C 349 21.94 20.75 82.01
C GLY C 349 21.90 22.00 82.85
N LYS C 350 23.06 22.67 83.00
CA LYS C 350 23.26 23.73 83.98
C LYS C 350 22.89 25.11 83.45
N VAL C 351 22.36 25.15 82.21
CA VAL C 351 21.79 26.34 81.60
C VAL C 351 20.26 26.25 81.69
N PHE C 352 19.74 25.11 82.18
CA PHE C 352 18.32 24.80 82.18
C PHE C 352 17.80 24.51 83.58
N SER C 353 18.54 24.91 84.63
CA SER C 353 18.28 24.60 86.03
C SER C 353 16.92 25.04 86.55
N GLU C 354 16.44 26.19 86.07
CA GLU C 354 15.16 26.79 86.38
C GLU C 354 13.94 26.01 85.91
N VAL C 355 14.04 25.24 84.80
CA VAL C 355 12.92 24.46 84.26
C VAL C 355 12.50 23.37 85.24
N LYS C 356 11.20 23.32 85.63
CA LYS C 356 10.71 22.35 86.60
C LYS C 356 9.95 21.19 85.99
N GLU C 357 9.56 21.26 84.71
CA GLU C 357 8.73 20.28 84.04
C GLU C 357 9.47 19.03 83.60
N PHE C 358 10.81 19.07 83.51
CA PHE C 358 11.61 17.95 83.07
C PHE C 358 12.63 17.56 84.13
N SER C 359 12.71 16.26 84.46
CA SER C 359 13.63 15.76 85.47
C SER C 359 14.98 15.37 84.90
N GLY C 360 15.08 15.24 83.57
CA GLY C 360 16.26 14.64 82.99
C GLY C 360 16.12 14.38 81.52
N ALA C 361 17.16 14.66 80.73
CA ALA C 361 17.14 14.39 79.31
C ALA C 361 17.42 12.89 79.07
N ALA C 362 17.53 12.46 77.79
CA ALA C 362 17.95 11.12 77.47
C ALA C 362 18.19 10.96 75.98
N ILE C 363 19.18 10.12 75.63
CA ILE C 363 19.56 9.71 74.30
C ILE C 363 18.86 8.40 73.95
N LEU C 364 17.96 8.41 72.96
CA LEU C 364 17.25 7.21 72.55
C LEU C 364 18.07 6.32 71.63
N GLY C 365 17.59 5.09 71.35
CA GLY C 365 18.29 4.11 70.55
C GLY C 365 18.63 4.49 69.13
N ASP C 366 17.87 5.42 68.49
CA ASP C 366 18.20 5.95 67.18
C ASP C 366 19.00 7.25 67.25
N GLY C 367 19.48 7.64 68.44
CA GLY C 367 20.26 8.85 68.65
C GLY C 367 19.43 10.08 68.87
N SER C 368 18.09 9.94 68.89
CA SER C 368 17.18 11.06 69.13
C SER C 368 17.27 11.52 70.58
N ILE C 369 17.14 12.83 70.84
CA ILE C 369 17.10 13.31 72.22
C ILE C 369 15.65 13.27 72.68
N ALA C 370 15.38 12.84 73.93
CA ALA C 370 14.04 12.86 74.48
C ALA C 370 14.06 13.31 75.92
N LEU C 371 13.30 14.36 76.29
CA LEU C 371 13.30 14.78 77.67
C LEU C 371 12.29 13.99 78.49
N ILE C 372 12.53 13.76 79.79
CA ILE C 372 11.62 12.99 80.63
C ILE C 372 10.81 13.93 81.52
N ILE C 373 9.47 13.87 81.42
CA ILE C 373 8.56 14.73 82.18
C ILE C 373 8.59 14.41 83.67
N ASN C 374 8.61 15.46 84.55
CA ASN C 374 8.44 15.31 85.97
C ASN C 374 6.95 15.31 86.29
N VAL C 375 6.44 14.22 86.92
CA VAL C 375 5.03 14.05 87.23
C VAL C 375 4.46 15.12 88.16
N SER C 376 5.29 15.69 89.06
CA SER C 376 4.85 16.71 90.00
C SER C 376 5.28 18.10 89.54
N GLY C 377 5.92 18.23 88.36
CA GLY C 377 6.37 19.52 87.84
C GLY C 377 5.35 20.37 87.15
N ILE C 378 4.15 19.83 86.85
CA ILE C 378 3.12 20.53 86.09
C ILE C 378 1.89 20.72 86.96
N VAL C 379 1.53 21.98 87.27
CA VAL C 379 0.30 22.36 87.94
C VAL C 379 -0.09 23.74 87.34
N LYS D 1 53.12 38.43 75.24
CA LYS D 1 53.15 36.96 75.03
C LYS D 1 52.43 36.59 73.74
N GLU D 2 52.94 35.57 73.01
CA GLU D 2 52.37 35.15 71.73
C GLU D 2 51.21 34.18 71.91
N PHE D 3 49.99 34.72 72.08
CA PHE D 3 48.76 33.93 72.18
C PHE D 3 48.14 33.71 70.82
N GLU D 4 47.66 32.48 70.54
CA GLU D 4 47.06 32.13 69.27
C GLU D 4 45.57 31.95 69.46
N VAL D 5 44.75 32.81 68.82
CA VAL D 5 43.34 32.94 69.13
C VAL D 5 42.52 32.60 67.90
N LEU D 6 41.23 32.24 68.08
CA LEU D 6 40.31 31.97 67.00
C LEU D 6 39.49 33.20 66.64
N SER D 7 39.71 33.72 65.42
CA SER D 7 39.13 34.94 64.88
C SER D 7 37.83 34.70 64.12
N PHE D 8 36.81 35.54 64.36
CA PHE D 8 35.48 35.40 63.81
C PHE D 8 34.73 36.70 64.01
N GLU D 9 33.70 36.98 63.17
CA GLU D 9 32.94 38.20 63.25
C GLU D 9 31.47 37.95 63.61
N ILE D 10 30.77 39.00 64.07
CA ILE D 10 29.31 39.02 64.20
C ILE D 10 28.88 40.40 63.73
N ASP D 11 28.00 40.50 62.70
CA ASP D 11 27.52 41.73 62.07
C ASP D 11 28.65 42.75 61.77
N GLU D 12 29.76 42.26 61.15
CA GLU D 12 30.95 43.02 60.77
C GLU D 12 31.79 43.53 61.95
N GLN D 13 31.57 43.00 63.17
CA GLN D 13 32.36 43.31 64.36
C GLN D 13 33.27 42.14 64.71
N ALA D 14 34.59 42.37 64.83
CA ALA D 14 35.55 41.30 65.11
C ALA D 14 35.68 40.95 66.59
N LEU D 15 35.81 39.62 66.85
CA LEU D 15 35.89 39.02 68.17
C LEU D 15 36.89 37.87 68.10
N ALA D 16 37.34 37.37 69.28
CA ALA D 16 38.22 36.23 69.34
C ALA D 16 38.51 35.78 70.76
N PHE D 17 38.64 34.46 70.96
CA PHE D 17 39.04 33.82 72.20
C PHE D 17 40.04 32.72 71.86
N ASP D 18 40.80 32.20 72.85
CA ASP D 18 41.95 31.35 72.62
C ASP D 18 41.67 30.00 71.98
N VAL D 19 42.72 29.32 71.47
CA VAL D 19 42.56 28.06 70.74
C VAL D 19 42.63 26.94 71.76
N ASP D 20 43.42 27.15 72.84
CA ASP D 20 43.35 26.46 74.13
C ASP D 20 41.95 26.04 74.61
N ASN D 21 40.89 26.81 74.25
CA ASN D 21 39.53 26.57 74.70
C ASN D 21 38.57 26.24 73.58
N ILE D 22 38.98 25.41 72.62
CA ILE D 22 38.21 25.05 71.43
C ILE D 22 38.09 23.54 71.39
N GLU D 23 36.89 23.04 71.02
CA GLU D 23 36.61 21.64 70.82
C GLU D 23 36.55 21.35 69.32
N MET D 24 35.83 22.15 68.51
CA MET D 24 35.73 21.96 67.08
C MET D 24 34.90 23.10 66.49
N VAL D 25 34.50 23.05 65.18
CA VAL D 25 33.56 24.01 64.59
C VAL D 25 32.61 23.24 63.68
N ILE D 26 31.30 23.53 63.71
CA ILE D 26 30.32 22.86 62.85
C ILE D 26 29.31 23.86 62.29
N GLU D 27 28.51 23.38 61.32
CA GLU D 27 27.42 24.11 60.72
C GLU D 27 26.14 23.66 61.42
N LYS D 28 25.23 24.58 61.77
CA LYS D 28 24.01 24.22 62.49
C LYS D 28 23.06 23.31 61.70
N SER D 29 22.89 22.06 62.18
CA SER D 29 21.92 21.12 61.66
C SER D 29 21.10 20.56 62.82
N ASP D 30 19.78 20.76 62.76
CA ASP D 30 18.77 20.32 63.71
C ASP D 30 19.14 20.34 65.19
N ILE D 31 19.16 21.57 65.76
CA ILE D 31 19.38 21.80 67.17
C ILE D 31 18.08 21.53 67.92
N THR D 32 18.05 20.52 68.80
CA THR D 32 16.85 20.14 69.55
C THR D 32 16.32 21.27 70.44
N PRO D 33 15.09 21.76 70.29
CA PRO D 33 14.54 22.80 71.14
C PRO D 33 14.26 22.30 72.55
N VAL D 34 14.63 23.08 73.56
CA VAL D 34 14.32 22.78 74.95
C VAL D 34 13.20 23.75 75.34
N PRO D 35 11.99 23.33 75.70
CA PRO D 35 10.96 24.22 76.23
C PRO D 35 11.37 25.08 77.40
N LYS D 36 10.88 26.33 77.46
CA LYS D 36 11.14 27.31 78.49
C LYS D 36 12.61 27.72 78.58
N SER D 37 13.23 27.97 77.41
CA SER D 37 14.65 28.30 77.31
C SER D 37 14.89 29.78 77.51
N ARG D 38 15.97 30.19 78.19
CA ARG D 38 16.36 31.59 78.30
C ARG D 38 16.70 32.20 76.94
N HIS D 39 16.53 33.53 76.77
CA HIS D 39 16.54 34.19 75.46
C HIS D 39 17.81 33.96 74.62
N PHE D 40 18.97 33.78 75.27
CA PHE D 40 20.26 33.61 74.62
C PHE D 40 20.63 32.19 74.23
N VAL D 41 19.75 31.17 74.35
CA VAL D 41 20.12 29.81 73.96
C VAL D 41 19.16 29.23 72.92
N GLU D 42 19.71 28.48 71.96
CA GLU D 42 19.00 27.88 70.84
C GLU D 42 18.47 26.52 71.23
N GLY D 43 19.31 25.67 71.86
CA GLY D 43 18.92 24.35 72.33
C GLY D 43 20.10 23.47 72.55
N VAL D 44 20.00 22.15 72.25
CA VAL D 44 21.09 21.21 72.53
C VAL D 44 21.32 20.25 71.37
N ILE D 45 22.59 19.83 71.18
CA ILE D 45 23.00 18.85 70.16
C ILE D 45 23.89 17.79 70.80
N ASN D 46 23.98 16.57 70.20
CA ASN D 46 24.89 15.54 70.66
C ASN D 46 26.19 15.60 69.85
N LEU D 47 27.34 15.97 70.44
CA LEU D 47 28.60 15.97 69.72
C LEU D 47 29.63 15.21 70.53
N ARG D 48 30.49 14.41 69.87
CA ARG D 48 31.55 13.61 70.49
C ARG D 48 31.08 12.75 71.69
N GLY D 49 29.83 12.26 71.67
CA GLY D 49 29.19 11.50 72.74
C GLY D 49 28.66 12.31 73.91
N ARG D 50 28.76 13.65 73.87
CA ARG D 50 28.28 14.53 74.93
C ARG D 50 27.14 15.41 74.45
N ILE D 51 26.29 15.89 75.38
CA ILE D 51 25.15 16.73 75.07
C ILE D 51 25.56 18.20 75.23
N ILE D 52 25.77 18.91 74.11
CA ILE D 52 26.36 20.23 74.10
C ILE D 52 25.26 21.28 73.97
N PRO D 53 25.16 22.30 74.83
CA PRO D 53 24.25 23.43 74.63
C PRO D 53 24.73 24.36 73.53
N VAL D 54 23.83 24.84 72.66
CA VAL D 54 24.17 25.83 71.65
C VAL D 54 23.63 27.19 72.05
N VAL D 55 24.49 28.05 72.61
CA VAL D 55 24.14 29.41 72.98
C VAL D 55 24.28 30.34 71.79
N ASN D 56 23.59 31.50 71.82
CA ASN D 56 23.70 32.51 70.79
C ASN D 56 24.48 33.70 71.35
N LEU D 57 25.82 33.67 71.16
CA LEU D 57 26.81 34.62 71.66
C LEU D 57 26.40 36.09 71.77
N ALA D 58 25.94 36.68 70.65
CA ALA D 58 25.53 38.07 70.58
C ALA D 58 24.42 38.51 71.54
N LYS D 59 23.53 37.57 71.94
CA LYS D 59 22.50 37.82 72.94
C LYS D 59 23.00 37.72 74.37
N ILE D 60 24.27 37.30 74.57
CA ILE D 60 24.94 37.30 75.87
C ILE D 60 25.72 38.60 75.99
N LEU D 61 26.50 38.94 74.94
CA LEU D 61 27.28 40.15 74.83
C LEU D 61 26.45 41.43 74.79
N GLY D 62 25.33 41.45 74.04
CA GLY D 62 24.48 42.62 73.92
C GLY D 62 24.73 43.36 72.64
N ILE D 63 24.89 42.64 71.52
CA ILE D 63 25.26 43.20 70.23
C ILE D 63 24.30 42.68 69.16
N SER D 64 24.24 43.37 68.01
CA SER D 64 23.42 43.02 66.85
C SER D 64 23.75 41.71 66.16
N PHE D 65 22.73 41.12 65.49
CA PHE D 65 22.83 39.84 64.82
C PHE D 65 21.76 39.67 63.73
N ASP D 66 21.93 38.69 62.83
CA ASP D 66 20.85 38.17 62.00
C ASP D 66 20.81 36.64 62.16
N GLU D 67 19.64 36.05 62.49
CA GLU D 67 19.57 34.64 62.78
C GLU D 67 19.33 33.73 61.58
N GLN D 68 19.25 34.25 60.34
CA GLN D 68 19.27 33.42 59.15
C GLN D 68 20.64 33.48 58.50
N LYS D 69 21.38 34.59 58.73
CA LYS D 69 22.75 34.76 58.28
C LYS D 69 23.73 33.97 59.13
N MET D 70 23.53 33.96 60.47
CA MET D 70 24.37 33.22 61.38
C MET D 70 24.14 31.72 61.22
N LYS D 71 25.22 30.95 61.03
CA LYS D 71 25.10 29.53 60.74
C LYS D 71 26.31 28.72 61.13
N SER D 72 27.21 29.27 61.96
CA SER D 72 28.44 28.60 62.36
C SER D 72 28.45 28.41 63.85
N ILE D 73 28.60 27.16 64.34
CA ILE D 73 28.66 26.92 65.77
C ILE D 73 30.11 26.68 66.12
N ILE D 74 30.68 27.52 67.00
CA ILE D 74 32.03 27.35 67.49
C ILE D 74 31.91 26.70 68.84
N VAL D 75 32.36 25.44 68.94
CA VAL D 75 32.27 24.64 70.15
C VAL D 75 33.48 24.89 71.00
N ALA D 76 33.27 25.28 72.27
CA ALA D 76 34.37 25.65 73.15
C ALA D 76 34.64 24.54 74.14
N ARG D 77 35.63 24.75 75.02
CA ARG D 77 36.13 23.70 75.88
C ARG D 77 36.84 24.31 77.08
N THR D 78 36.23 24.23 78.27
CA THR D 78 36.88 24.57 79.53
C THR D 78 36.95 23.30 80.36
N LYS D 79 37.60 23.35 81.53
CA LYS D 79 37.68 22.21 82.44
C LYS D 79 36.28 21.83 82.94
N ASP D 80 35.48 22.87 83.22
CA ASP D 80 34.14 22.82 83.70
C ASP D 80 33.08 22.38 82.70
N VAL D 81 33.11 22.86 81.45
CA VAL D 81 32.01 22.62 80.53
C VAL D 81 32.43 22.82 79.07
N GLU D 82 31.67 22.22 78.12
CA GLU D 82 31.84 22.39 76.70
C GLU D 82 30.51 22.89 76.16
N VAL D 83 30.53 24.04 75.47
CA VAL D 83 29.35 24.80 75.08
C VAL D 83 29.62 25.29 73.67
N GLY D 84 28.61 25.26 72.78
CA GLY D 84 28.75 25.80 71.43
C GLY D 84 28.17 27.17 71.33
N PHE D 85 28.82 28.02 70.53
CA PHE D 85 28.46 29.41 70.35
C PHE D 85 28.12 29.62 68.89
N LEU D 86 26.85 29.93 68.59
CA LEU D 86 26.33 30.19 67.27
C LEU D 86 26.67 31.59 66.79
N VAL D 87 27.38 31.74 65.65
CA VAL D 87 27.79 33.05 65.14
C VAL D 87 27.73 33.07 63.61
N ASP D 88 28.31 34.11 62.97
CA ASP D 88 28.41 34.29 61.53
C ASP D 88 29.64 33.56 60.99
N ARG D 89 30.24 34.05 59.89
CA ARG D 89 31.50 33.60 59.34
C ARG D 89 32.66 33.44 60.35
N VAL D 90 33.65 32.60 60.01
CA VAL D 90 34.84 32.41 60.84
C VAL D 90 36.05 32.71 59.97
N LEU D 91 37.17 33.16 60.59
CA LEU D 91 38.38 33.47 59.86
C LEU D 91 39.35 32.32 60.11
N GLY D 92 39.80 32.13 61.36
CA GLY D 92 40.74 31.06 61.72
C GLY D 92 41.72 31.46 62.78
N VAL D 93 42.93 30.86 62.78
CA VAL D 93 43.88 30.99 63.87
C VAL D 93 44.80 32.18 63.68
N LEU D 94 44.92 33.05 64.71
CA LEU D 94 45.70 34.28 64.62
C LEU D 94 46.61 34.41 65.83
N ARG D 95 47.94 34.40 65.63
CA ARG D 95 48.93 34.72 66.65
C ARG D 95 49.01 36.22 66.91
N ILE D 96 48.67 36.67 68.15
CA ILE D 96 48.63 38.07 68.52
C ILE D 96 49.81 38.42 69.43
N THR D 97 50.25 39.69 69.43
CA THR D 97 51.32 40.18 70.30
C THR D 97 50.82 41.23 71.28
N GLU D 98 51.47 41.31 72.47
CA GLU D 98 51.19 42.26 73.53
C GLU D 98 51.38 43.72 73.13
N ASN D 99 52.31 43.99 72.19
CA ASN D 99 52.60 45.33 71.69
C ASN D 99 51.41 46.04 71.04
N GLN D 100 50.50 45.28 70.38
CA GLN D 100 49.33 45.84 69.74
C GLN D 100 48.06 45.59 70.55
N LEU D 101 48.21 45.27 71.85
CA LEU D 101 47.13 44.93 72.76
C LEU D 101 46.90 46.06 73.77
N ASP D 102 45.66 46.55 73.87
CA ASP D 102 45.28 47.61 74.78
C ASP D 102 44.26 47.06 75.77
N LEU D 103 44.19 47.63 77.00
CA LEU D 103 43.35 47.11 78.07
C LEU D 103 42.18 48.02 78.40
N THR D 104 41.86 49.00 77.51
CA THR D 104 40.78 49.94 77.75
C THR D 104 39.43 49.34 77.35
N ASN D 105 38.56 49.07 78.35
CA ASN D 105 37.26 48.47 78.16
C ASN D 105 36.23 49.16 79.04
N VAL D 106 36.49 50.44 79.38
CA VAL D 106 35.70 51.32 80.22
C VAL D 106 34.28 51.54 79.71
N SER D 107 34.11 51.61 78.37
CA SER D 107 32.83 51.86 77.73
C SER D 107 32.15 50.62 77.16
N ASP D 108 32.67 49.40 77.43
CA ASP D 108 32.16 48.18 76.82
C ASP D 108 31.16 47.44 77.71
N LYS D 109 30.08 46.89 77.12
CA LYS D 109 29.04 46.09 77.77
C LYS D 109 29.57 44.80 78.38
N PHE D 110 30.51 44.16 77.67
CA PHE D 110 31.12 42.89 78.03
C PHE D 110 32.58 43.15 78.39
N GLY D 111 32.87 44.38 78.85
CA GLY D 111 34.22 44.87 79.09
C GLY D 111 34.91 44.34 80.31
N LYS D 112 34.18 43.70 81.25
CA LYS D 112 34.78 43.00 82.37
C LYS D 112 34.85 41.50 82.10
N LYS D 113 34.57 41.09 80.85
CA LYS D 113 34.68 39.72 80.39
C LYS D 113 35.63 39.67 79.21
N SER D 114 36.25 40.82 78.88
CA SER D 114 37.20 40.98 77.78
C SER D 114 38.60 41.04 78.33
N LYS D 115 39.56 40.25 77.81
CA LYS D 115 40.94 40.35 78.24
C LYS D 115 41.66 41.57 77.68
N GLY D 116 41.16 42.13 76.56
CA GLY D 116 41.77 43.29 75.94
C GLY D 116 41.19 43.57 74.58
N LEU D 117 41.92 44.37 73.79
CA LEU D 117 41.56 44.78 72.45
C LEU D 117 42.81 44.77 71.60
N VAL D 118 42.79 44.01 70.48
CA VAL D 118 43.94 43.82 69.61
C VAL D 118 43.80 44.68 68.37
N LYS D 119 44.73 45.64 68.19
CA LYS D 119 44.66 46.66 67.17
C LYS D 119 45.41 46.23 65.91
N THR D 120 45.16 45.01 65.40
CA THR D 120 45.95 44.43 64.31
C THR D 120 45.36 44.69 62.93
N ASP D 121 46.21 45.23 62.03
CA ASP D 121 45.96 45.56 60.64
C ASP D 121 44.70 46.38 60.39
N GLY D 122 44.48 47.45 61.18
CA GLY D 122 43.35 48.36 61.02
C GLY D 122 42.01 47.85 61.52
N ARG D 123 41.98 46.66 62.14
CA ARG D 123 40.79 46.06 62.73
C ARG D 123 40.78 46.21 64.24
N LEU D 124 39.57 46.13 64.84
CA LEU D 124 39.37 46.24 66.27
C LEU D 124 38.87 44.93 66.86
N ILE D 125 39.76 43.92 66.89
CA ILE D 125 39.51 42.55 67.34
C ILE D 125 39.45 42.45 68.86
N ILE D 126 38.24 42.26 69.47
CA ILE D 126 38.19 42.27 70.93
C ILE D 126 38.42 40.85 71.44
N TYR D 127 39.38 40.72 72.38
CA TYR D 127 39.81 39.47 72.99
C TYR D 127 38.91 39.13 74.16
N LEU D 128 38.17 38.00 74.09
CA LEU D 128 37.24 37.60 75.13
C LEU D 128 37.88 36.65 76.13
N ASP D 129 37.22 36.41 77.29
CA ASP D 129 37.63 35.42 78.28
C ASP D 129 36.49 34.42 78.48
N ILE D 130 36.61 33.22 77.87
CA ILE D 130 35.62 32.13 77.92
C ILE D 130 34.96 31.83 79.28
N ASP D 131 35.78 31.77 80.36
CA ASP D 131 35.42 31.51 81.73
C ASP D 131 34.30 32.41 82.22
N LYS D 132 34.54 33.73 82.27
CA LYS D 132 33.60 34.74 82.73
C LYS D 132 32.36 34.86 81.84
N ILE D 133 32.44 34.47 80.55
CA ILE D 133 31.29 34.40 79.65
C ILE D 133 30.44 33.17 79.99
N ILE D 134 31.07 32.04 80.33
CA ILE D 134 30.34 30.84 80.72
C ILE D 134 29.71 30.99 82.10
N GLU D 135 30.35 31.70 83.05
CA GLU D 135 29.73 32.01 84.34
C GLU D 135 28.42 32.80 84.27
N GLU D 136 28.17 33.55 83.17
CA GLU D 136 26.95 34.30 83.02
C GLU D 136 25.79 33.42 82.54
N ILE D 137 26.03 32.51 81.57
CA ILE D 137 25.00 31.63 81.03
C ILE D 137 24.46 30.58 82.01
N THR D 138 25.25 30.16 83.00
CA THR D 138 24.85 29.14 83.98
C THR D 138 23.77 29.64 84.93
N VAL D 139 22.82 28.75 85.30
CA VAL D 139 21.69 29.10 86.15
C VAL D 139 21.86 28.44 87.54
N SER E 1 38.65 6.53 90.32
CA SER E 1 37.40 6.85 91.07
C SER E 1 37.14 5.92 92.23
N GLN E 2 36.78 4.63 91.98
CA GLN E 2 36.69 3.68 93.07
C GLN E 2 36.93 2.26 92.58
N THR E 3 37.72 1.47 93.32
CA THR E 3 38.04 0.09 92.96
C THR E 3 36.95 -0.86 93.41
N VAL E 4 36.49 -1.75 92.48
CA VAL E 4 35.39 -2.66 92.69
C VAL E 4 35.87 -4.08 92.39
N ARG E 5 35.01 -5.09 92.61
CA ARG E 5 35.36 -6.49 92.42
C ARG E 5 34.52 -7.14 91.33
N VAL E 6 35.21 -7.78 90.37
CA VAL E 6 34.61 -8.56 89.31
C VAL E 6 35.33 -9.91 89.36
N ASP E 7 34.58 -11.02 89.51
CA ASP E 7 35.17 -12.35 89.51
C ASP E 7 35.41 -12.93 88.11
N ILE E 8 36.23 -14.00 88.01
CA ILE E 8 36.75 -14.50 86.74
C ILE E 8 35.68 -15.15 85.86
N GLU E 9 34.70 -15.86 86.45
CA GLU E 9 33.52 -16.35 85.76
C GLU E 9 32.73 -15.31 84.96
N LYS E 10 32.55 -14.10 85.53
CA LYS E 10 31.93 -12.96 84.86
C LYS E 10 32.74 -12.46 83.67
N LEU E 11 34.09 -12.46 83.79
CA LEU E 11 35.02 -12.09 82.73
C LEU E 11 35.15 -13.16 81.64
N ASP E 12 34.98 -14.45 81.99
CA ASP E 12 34.94 -15.57 81.07
C ASP E 12 33.74 -15.49 80.11
N ASN E 13 32.55 -15.12 80.61
CA ASN E 13 31.36 -14.91 79.80
C ASN E 13 31.46 -13.65 78.93
N LEU E 14 32.05 -12.57 79.46
CA LEU E 14 32.33 -11.36 78.71
C LEU E 14 33.27 -11.59 77.52
N MET E 15 34.27 -12.49 77.71
CA MET E 15 35.18 -12.96 76.67
C MET E 15 34.45 -13.70 75.55
N ASP E 16 33.51 -14.62 75.88
CA ASP E 16 32.67 -15.27 74.87
C ASP E 16 31.82 -14.30 74.07
N LEU E 17 31.17 -13.32 74.73
CA LEU E 17 30.39 -12.28 74.07
C LEU E 17 31.22 -11.42 73.11
N MET E 18 32.47 -11.08 73.49
CA MET E 18 33.42 -10.42 72.60
C MET E 18 33.76 -11.28 71.37
N GLY E 19 33.81 -12.62 71.53
CA GLY E 19 33.95 -13.59 70.45
C GLY E 19 32.75 -13.70 69.54
N GLU E 20 31.53 -13.54 70.08
CA GLU E 20 30.32 -13.56 69.28
C GLU E 20 30.11 -12.25 68.54
N LEU E 21 30.65 -11.14 69.09
CA LEU E 21 30.62 -9.85 68.43
C LEU E 21 31.59 -9.79 67.25
N VAL E 22 32.81 -10.33 67.38
CA VAL E 22 33.77 -10.45 66.27
C VAL E 22 33.23 -11.29 65.11
N ILE E 23 32.55 -12.43 65.39
CA ILE E 23 31.80 -13.19 64.39
C ILE E 23 30.70 -12.39 63.68
N ALA E 24 29.94 -11.55 64.40
CA ALA E 24 28.91 -10.74 63.79
C ALA E 24 29.47 -9.62 62.90
N ARG E 25 30.61 -9.01 63.28
CA ARG E 25 31.38 -8.11 62.45
C ARG E 25 31.78 -8.74 61.11
N SER E 26 32.32 -9.98 61.15
CA SER E 26 32.64 -10.78 59.97
C SER E 26 31.46 -11.24 59.14
N ARG E 27 30.29 -11.53 59.75
CA ARG E 27 29.11 -11.90 59.00
C ARG E 27 28.43 -10.74 58.26
N ILE E 28 28.47 -9.51 58.83
CA ILE E 28 28.05 -8.33 58.08
C ILE E 28 29.02 -8.02 56.95
N LEU E 29 30.34 -8.18 57.18
CA LEU E 29 31.38 -8.05 56.17
C LEU E 29 31.25 -9.02 55.00
N GLU E 30 30.84 -10.28 55.25
CA GLU E 30 30.48 -11.26 54.23
C GLU E 30 29.30 -10.77 53.39
N THR E 31 28.22 -10.35 54.05
CA THR E 31 27.01 -9.77 53.45
C THR E 31 27.30 -8.54 52.58
N LEU E 32 28.20 -7.66 53.07
CA LEU E 32 28.67 -6.47 52.39
C LEU E 32 29.38 -6.75 51.08
N LYS E 33 30.34 -7.71 51.03
CA LYS E 33 31.02 -7.98 49.77
C LYS E 33 30.21 -8.89 48.86
N LYS E 34 29.23 -9.65 49.42
CA LYS E 34 28.20 -10.35 48.66
C LYS E 34 27.38 -9.39 47.81
N TYR E 35 26.71 -8.41 48.47
CA TYR E 35 25.75 -7.55 47.79
C TYR E 35 26.34 -6.24 47.27
N ASN E 36 27.59 -5.87 47.64
CA ASN E 36 28.34 -4.74 47.12
C ASN E 36 27.66 -3.38 47.36
N ILE E 37 27.24 -3.12 48.61
CA ILE E 37 26.44 -1.96 48.98
C ILE E 37 27.31 -0.86 49.59
N LYS E 38 27.36 0.33 48.98
CA LYS E 38 28.12 1.49 49.41
C LYS E 38 27.67 2.04 50.76
N GLU E 39 26.34 2.17 50.99
CA GLU E 39 25.80 2.65 52.24
C GLU E 39 26.03 1.71 53.44
N LEU E 40 26.05 0.38 53.20
CA LEU E 40 26.28 -0.62 54.23
C LEU E 40 27.73 -0.62 54.73
N ASP E 41 28.68 -0.14 53.90
CA ASP E 41 30.07 0.05 54.28
C ASP E 41 30.19 1.08 55.40
N GLU E 42 29.49 2.22 55.26
CA GLU E 42 29.47 3.27 56.26
C GLU E 42 28.87 2.82 57.58
N SER E 43 27.69 2.17 57.53
CA SER E 43 27.05 1.54 58.67
C SER E 43 27.91 0.55 59.45
N LEU E 44 28.59 -0.37 58.73
CA LEU E 44 29.53 -1.32 59.31
C LEU E 44 30.79 -0.67 59.86
N SER E 45 31.37 0.31 59.15
CA SER E 45 32.58 1.01 59.57
C SER E 45 32.45 1.70 60.92
N HIS E 46 31.28 2.31 61.18
CA HIS E 46 30.98 2.89 62.47
C HIS E 46 30.85 1.83 63.57
N LEU E 47 30.17 0.70 63.30
CA LEU E 47 30.08 -0.45 64.18
C LEU E 47 31.47 -0.99 64.57
N SER E 48 32.33 -1.23 63.55
CA SER E 48 33.73 -1.61 63.64
C SER E 48 34.61 -0.64 64.41
N ARG E 49 34.23 0.64 64.53
CA ARG E 49 34.97 1.68 65.22
C ARG E 49 34.72 1.53 66.70
N ILE E 50 33.44 1.50 67.12
CA ILE E 50 33.02 1.27 68.49
C ILE E 50 33.49 -0.10 69.00
N THR E 51 33.48 -1.13 68.12
CA THR E 51 33.92 -2.47 68.45
C THR E 51 35.41 -2.56 68.71
N LEU E 52 36.25 -1.81 67.96
CA LEU E 52 37.67 -1.68 68.23
C LEU E 52 37.97 -1.05 69.60
N ASP E 53 37.17 -0.03 69.98
CA ASP E 53 37.25 0.63 71.27
C ASP E 53 36.84 -0.33 72.39
N LEU E 54 35.71 -1.05 72.21
CA LEU E 54 35.27 -2.07 73.16
C LEU E 54 36.26 -3.22 73.35
N GLN E 55 36.82 -3.76 72.25
CA GLN E 55 37.82 -4.83 72.21
C GLN E 55 39.05 -4.53 73.05
N ASN E 56 39.65 -3.34 72.89
CA ASN E 56 40.83 -2.95 73.65
C ASN E 56 40.54 -2.65 75.12
N VAL E 57 39.30 -2.23 75.48
CA VAL E 57 38.83 -2.09 76.85
C VAL E 57 38.69 -3.46 77.51
N VAL E 58 38.13 -4.46 76.79
CA VAL E 58 37.97 -5.83 77.25
C VAL E 58 39.31 -6.53 77.45
N MET E 59 40.31 -6.26 76.58
CA MET E 59 41.68 -6.74 76.73
C MET E 59 42.37 -6.18 77.97
N LYS E 60 42.15 -4.89 78.30
CA LYS E 60 42.71 -4.25 79.48
C LYS E 60 42.23 -4.87 80.78
N ILE E 61 40.92 -5.14 80.91
CA ILE E 61 40.37 -5.85 82.05
C ILE E 61 40.71 -7.34 82.04
N ARG E 62 41.03 -7.97 80.88
CA ARG E 62 41.49 -9.34 80.87
C ARG E 62 42.92 -9.48 81.38
N MET E 63 43.84 -8.60 80.97
CA MET E 63 45.22 -8.61 81.44
C MET E 63 45.42 -8.08 82.86
N VAL E 64 46.41 -8.61 83.59
CA VAL E 64 46.72 -8.19 84.95
C VAL E 64 48.21 -7.89 85.09
N PRO E 65 48.68 -6.86 85.82
CA PRO E 65 50.08 -6.72 86.19
C PRO E 65 50.66 -7.93 86.92
N ILE E 66 51.94 -8.25 86.71
CA ILE E 66 52.56 -9.41 87.34
C ILE E 66 52.76 -9.22 88.84
N SER E 67 53.03 -7.98 89.30
CA SER E 67 53.23 -7.66 90.70
C SER E 67 51.97 -7.60 91.53
N PHE E 68 50.78 -7.64 90.88
CA PHE E 68 49.53 -7.84 91.58
C PHE E 68 49.44 -9.30 92.04
N VAL E 69 49.94 -10.23 91.22
CA VAL E 69 49.96 -11.65 91.51
C VAL E 69 51.10 -11.97 92.47
N PHE E 70 52.33 -11.50 92.15
CA PHE E 70 53.55 -11.72 92.93
C PHE E 70 53.71 -10.83 94.16
N ASN E 71 52.61 -10.28 94.72
CA ASN E 71 52.60 -9.30 95.80
C ASN E 71 53.29 -9.72 97.11
N ARG E 72 53.18 -11.00 97.49
CA ARG E 72 53.79 -11.57 98.68
C ARG E 72 55.24 -12.01 98.44
N PHE E 73 55.69 -12.08 97.16
CA PHE E 73 57.00 -12.62 96.83
C PHE E 73 58.17 -11.80 97.39
N PRO E 74 58.28 -10.47 97.43
CA PRO E 74 59.40 -9.81 98.11
C PRO E 74 59.47 -10.08 99.61
N ARG E 75 58.34 -10.38 100.28
CA ARG E 75 58.33 -10.75 101.69
C ARG E 75 58.92 -12.12 101.95
N MET E 76 58.61 -13.08 101.07
CA MET E 76 59.19 -14.42 101.08
C MET E 76 60.70 -14.40 100.91
N VAL E 77 61.23 -13.56 100.00
CA VAL E 77 62.66 -13.39 99.79
C VAL E 77 63.34 -12.80 101.02
N ARG E 78 62.74 -11.78 101.68
CA ARG E 78 63.22 -11.26 102.96
C ARG E 78 63.31 -12.31 104.07
N ASP E 79 62.28 -13.17 104.23
CA ASP E 79 62.26 -14.24 105.20
C ASP E 79 63.29 -15.36 104.92
N LEU E 80 63.51 -15.71 103.64
CA LEU E 80 64.58 -16.62 103.25
C LEU E 80 65.99 -16.03 103.32
N ALA E 81 66.14 -14.70 103.22
CA ALA E 81 67.41 -14.04 103.44
C ALA E 81 67.78 -14.06 104.92
N LYS E 82 66.79 -13.76 105.78
CA LYS E 82 66.89 -13.90 107.22
C LYS E 82 67.23 -15.31 107.69
N LYS E 83 66.55 -16.35 107.17
CA LYS E 83 66.87 -17.75 107.47
C LYS E 83 68.32 -18.18 107.21
N MET E 84 68.89 -17.72 106.08
CA MET E 84 70.21 -18.16 105.65
C MET E 84 71.29 -17.20 106.11
N ASN E 85 70.90 -16.09 106.76
CA ASN E 85 71.78 -15.08 107.32
C ASN E 85 72.52 -14.31 106.23
N LYS E 86 71.78 -13.89 105.18
CA LYS E 86 72.35 -13.26 104.01
C LYS E 86 71.71 -11.89 103.86
N GLU E 87 72.48 -10.91 103.33
CA GLU E 87 71.96 -9.62 102.94
C GLU E 87 71.88 -9.55 101.42
N VAL E 88 70.67 -9.31 100.90
CA VAL E 88 70.44 -9.24 99.47
C VAL E 88 69.37 -8.21 99.23
N ASN E 89 69.47 -7.44 98.13
CA ASN E 89 68.47 -6.49 97.74
C ASN E 89 67.66 -7.11 96.62
N PHE E 90 66.33 -7.18 96.80
CA PHE E 90 65.43 -7.67 95.78
C PHE E 90 64.80 -6.46 95.10
N ILE E 91 64.90 -6.41 93.76
CA ILE E 91 64.36 -5.35 92.93
C ILE E 91 63.25 -5.97 92.11
N MET E 92 62.04 -5.38 92.13
CA MET E 92 60.90 -5.94 91.42
C MET E 92 60.28 -4.84 90.60
N ARG E 93 60.38 -4.91 89.27
CA ARG E 93 59.86 -3.89 88.38
C ARG E 93 58.79 -4.47 87.46
N GLY E 94 57.60 -4.75 88.01
CA GLY E 94 56.56 -5.49 87.28
C GLY E 94 55.21 -4.85 87.28
N GLU E 95 55.04 -3.66 87.89
CA GLU E 95 53.74 -3.02 88.02
C GLU E 95 53.11 -2.52 86.73
N ASP E 96 53.90 -2.11 85.72
CA ASP E 96 53.35 -1.69 84.44
C ASP E 96 53.31 -2.84 83.44
N THR E 97 53.85 -4.03 83.77
CA THR E 97 53.91 -5.12 82.81
C THR E 97 52.78 -6.10 83.02
N GLU E 98 51.83 -6.08 82.07
CA GLU E 98 50.65 -6.90 82.14
C GLU E 98 50.82 -8.25 81.45
N LEU E 99 50.26 -9.33 82.03
CA LEU E 99 50.34 -10.68 81.51
C LEU E 99 48.96 -11.31 81.61
N ASP E 100 48.62 -12.33 80.78
CA ASP E 100 47.34 -13.02 80.93
C ASP E 100 47.21 -13.76 82.28
N ARG E 101 45.98 -13.81 82.81
CA ARG E 101 45.67 -14.43 84.08
C ARG E 101 45.88 -15.95 84.13
N THR E 102 45.64 -16.70 83.02
CA THR E 102 45.94 -18.13 83.02
C THR E 102 47.44 -18.39 82.95
N PHE E 103 48.21 -17.54 82.23
CA PHE E 103 49.66 -17.69 82.11
C PHE E 103 50.38 -17.37 83.41
N VAL E 104 50.01 -16.25 84.07
CA VAL E 104 50.61 -15.81 85.32
C VAL E 104 50.41 -16.79 86.46
N GLU E 105 49.21 -17.41 86.57
CA GLU E 105 48.95 -18.38 87.61
C GLU E 105 49.77 -19.66 87.51
N GLU E 106 49.94 -20.24 86.30
CA GLU E 106 50.73 -21.45 86.13
C GLU E 106 52.22 -21.27 86.35
N ILE E 107 52.77 -20.06 86.14
CA ILE E 107 54.19 -19.82 86.18
C ILE E 107 54.64 -19.21 87.52
N GLY E 108 53.71 -18.95 88.46
CA GLY E 108 54.07 -18.24 89.69
C GLY E 108 54.85 -19.05 90.71
N GLU E 109 54.32 -20.21 91.15
CA GLU E 109 55.07 -21.11 92.00
C GLU E 109 56.34 -21.69 91.34
N PRO E 110 56.38 -22.12 90.08
CA PRO E 110 57.61 -22.21 89.28
C PRO E 110 58.65 -21.11 89.44
N LEU E 111 58.27 -19.82 89.26
CA LEU E 111 59.16 -18.68 89.44
C LEU E 111 59.61 -18.51 90.88
N LEU E 112 58.74 -18.82 91.86
CA LEU E 112 59.06 -18.82 93.27
C LEU E 112 60.15 -19.84 93.60
N HIS E 113 60.10 -21.06 93.03
CA HIS E 113 61.14 -22.06 93.21
C HIS E 113 62.47 -21.71 92.55
N LEU E 114 62.45 -20.94 91.45
CA LEU E 114 63.64 -20.39 90.80
C LEU E 114 64.37 -19.41 91.68
N LEU E 115 63.64 -18.44 92.28
CA LEU E 115 64.16 -17.45 93.20
C LEU E 115 64.61 -18.06 94.53
N ARG E 116 63.88 -19.07 95.03
CA ARG E 116 64.21 -19.79 96.24
C ARG E 116 65.45 -20.65 96.13
N ASN E 117 65.67 -21.34 94.98
CA ASN E 117 66.94 -21.98 94.72
C ASN E 117 68.06 -20.95 94.49
N ALA E 118 67.79 -19.81 93.82
CA ALA E 118 68.77 -18.77 93.62
C ALA E 118 69.33 -18.14 94.89
N ILE E 119 68.47 -17.76 95.87
CA ILE E 119 68.89 -17.30 97.19
C ILE E 119 69.80 -18.26 97.97
N ASP E 120 69.61 -19.58 97.80
CA ASP E 120 70.51 -20.58 98.33
C ASP E 120 71.80 -20.67 97.50
N HIS E 121 71.65 -20.90 96.19
CA HIS E 121 72.73 -21.25 95.29
C HIS E 121 73.68 -20.15 94.91
N GLY E 122 73.16 -19.01 94.40
CA GLY E 122 73.94 -18.00 93.69
C GLY E 122 74.12 -16.74 94.47
N ILE E 123 73.25 -16.48 95.46
CA ILE E 123 73.37 -15.31 96.34
C ILE E 123 74.36 -15.60 97.48
N GLU E 124 75.34 -14.70 97.64
CA GLU E 124 76.51 -14.87 98.47
C GLU E 124 76.26 -14.43 99.91
N PRO E 125 76.78 -15.08 100.97
CA PRO E 125 76.94 -14.45 102.29
C PRO E 125 77.89 -13.26 102.27
N LYS E 126 77.84 -12.40 103.31
CA LYS E 126 78.58 -11.15 103.37
C LYS E 126 80.10 -11.34 103.39
N GLU E 127 80.58 -12.35 104.12
CA GLU E 127 81.98 -12.74 104.15
C GLU E 127 82.53 -13.11 102.77
N GLU E 128 81.79 -13.89 101.95
CA GLU E 128 82.24 -14.30 100.64
C GLU E 128 82.06 -13.20 99.60
N ARG E 129 81.04 -12.33 99.77
CA ARG E 129 80.86 -11.14 98.97
C ARG E 129 82.03 -10.17 99.03
N ILE E 130 82.51 -9.85 100.25
CA ILE E 130 83.54 -8.84 100.49
C ILE E 130 84.92 -9.46 100.37
N ALA E 131 85.01 -10.80 100.35
CA ALA E 131 86.19 -11.55 99.97
C ALA E 131 86.52 -11.38 98.49
N LYS E 132 85.51 -11.09 97.64
CA LYS E 132 85.75 -10.90 96.22
C LYS E 132 85.73 -9.41 95.88
N GLY E 133 85.49 -8.54 96.89
CA GLY E 133 85.50 -7.09 96.74
C GLY E 133 84.26 -6.51 96.10
N LYS E 134 83.25 -7.36 95.84
CA LYS E 134 81.96 -7.03 95.27
C LYS E 134 81.14 -6.13 96.21
N PRO E 135 80.27 -5.23 95.73
CA PRO E 135 79.38 -4.40 96.56
C PRO E 135 78.68 -5.13 97.70
N PRO E 136 78.54 -4.61 98.91
CA PRO E 136 78.47 -5.43 100.13
C PRO E 136 77.16 -6.17 100.26
N ILE E 137 76.07 -5.72 99.60
CA ILE E 137 74.77 -6.36 99.65
C ILE E 137 74.46 -6.90 98.26
N GLY E 138 74.03 -8.18 98.17
CA GLY E 138 73.62 -8.86 96.93
C GLY E 138 72.56 -8.15 96.12
N THR E 139 72.48 -8.42 94.81
CA THR E 139 71.48 -7.82 93.94
C THR E 139 70.77 -8.89 93.15
N LEU E 140 69.45 -9.07 93.38
CA LEU E 140 68.63 -10.04 92.67
C LEU E 140 67.46 -9.27 92.10
N ILE E 141 67.18 -9.40 90.79
CA ILE E 141 66.29 -8.49 90.07
C ILE E 141 65.22 -9.28 89.33
N LEU E 142 63.93 -8.91 89.49
CA LEU E 142 62.88 -9.40 88.62
C LEU E 142 62.34 -8.20 87.84
N SER E 143 62.00 -8.40 86.55
CA SER E 143 61.51 -7.35 85.70
C SER E 143 60.79 -7.99 84.53
N ALA E 144 60.12 -7.19 83.69
CA ALA E 144 59.43 -7.70 82.53
C ALA E 144 59.23 -6.59 81.49
N ARG E 145 58.78 -6.96 80.27
CA ARG E 145 58.47 -6.02 79.21
C ARG E 145 57.64 -6.68 78.11
N HIS E 146 57.20 -5.93 77.10
CA HIS E 146 56.36 -6.40 76.00
C HIS E 146 57.08 -6.31 74.68
N GLU E 147 57.11 -7.42 73.90
CA GLU E 147 57.83 -7.44 72.63
C GLU E 147 57.02 -8.16 71.57
N GLY E 148 56.43 -7.38 70.62
CA GLY E 148 55.69 -7.88 69.47
C GLY E 148 54.43 -8.65 69.79
N ASN E 149 54.46 -9.97 69.60
CA ASN E 149 53.35 -10.87 69.88
C ASN E 149 53.55 -11.57 71.22
N ASN E 150 54.43 -11.04 72.09
CA ASN E 150 54.89 -11.74 73.28
C ASN E 150 55.12 -10.76 74.43
N VAL E 151 55.22 -11.33 75.65
CA VAL E 151 55.60 -10.60 76.85
C VAL E 151 56.80 -11.34 77.39
N VAL E 152 57.87 -10.57 77.70
CA VAL E 152 59.18 -11.05 78.07
C VAL E 152 59.38 -10.90 79.56
N ILE E 153 59.49 -12.02 80.32
CA ILE E 153 59.82 -11.94 81.74
C ILE E 153 61.34 -12.08 81.87
N GLU E 154 61.99 -11.25 82.70
CA GLU E 154 63.43 -11.23 82.85
C GLU E 154 63.86 -11.32 84.31
N VAL E 155 64.82 -12.19 84.63
CA VAL E 155 65.36 -12.36 85.97
C VAL E 155 66.86 -12.23 85.87
N GLU E 156 67.53 -11.50 86.79
CA GLU E 156 68.97 -11.31 86.70
C GLU E 156 69.54 -11.18 88.11
N ASP E 157 70.82 -11.56 88.31
CA ASP E 157 71.54 -11.39 89.55
C ASP E 157 72.97 -10.89 89.32
N ASP E 158 73.65 -10.42 90.37
CA ASP E 158 75.09 -10.14 90.36
C ASP E 158 75.87 -11.17 91.17
N GLY E 159 75.31 -12.39 91.33
CA GLY E 159 75.79 -13.39 92.26
C GLY E 159 77.03 -14.12 91.84
N ARG E 160 77.16 -15.37 92.31
CA ARG E 160 78.25 -16.26 92.00
C ARG E 160 78.40 -16.60 90.52
N GLY E 161 77.29 -16.72 89.78
CA GLY E 161 77.28 -17.40 88.49
C GLY E 161 77.24 -18.89 88.65
N ILE E 162 77.12 -19.61 87.52
CA ILE E 162 76.88 -21.04 87.50
C ILE E 162 78.13 -21.76 87.00
N ASP E 163 78.46 -22.89 87.65
CA ASP E 163 79.64 -23.70 87.41
C ASP E 163 79.54 -24.55 86.13
N LYS E 164 79.45 -23.87 84.95
CA LYS E 164 79.36 -24.44 83.61
C LYS E 164 80.41 -25.50 83.28
N GLU E 165 81.65 -25.25 83.75
CA GLU E 165 82.81 -26.12 83.65
C GLU E 165 82.60 -27.47 84.31
N LYS E 166 81.83 -27.51 85.42
CA LYS E 166 81.49 -28.72 86.15
C LYS E 166 80.24 -29.36 85.56
N ILE E 167 79.29 -28.55 85.04
CA ILE E 167 78.06 -29.03 84.42
C ILE E 167 78.32 -29.90 83.21
N ILE E 168 79.25 -29.55 82.29
CA ILE E 168 79.55 -30.47 81.19
C ILE E 168 80.15 -31.80 81.66
N ARG E 169 80.99 -31.78 82.72
CA ARG E 169 81.59 -32.97 83.31
C ARG E 169 80.56 -33.90 83.98
N LYS E 170 79.61 -33.32 84.73
CA LYS E 170 78.43 -33.99 85.26
C LYS E 170 77.51 -34.58 84.20
N ALA E 171 77.33 -33.86 83.07
CA ALA E 171 76.54 -34.32 81.94
C ALA E 171 77.12 -35.58 81.32
N ILE E 172 78.45 -35.68 81.19
CA ILE E 172 79.13 -36.92 80.81
C ILE E 172 78.93 -38.05 81.82
N GLU E 173 78.93 -37.79 83.16
CA GLU E 173 78.65 -38.83 84.16
C GLU E 173 77.24 -39.41 84.01
N LYS E 174 76.24 -38.53 83.87
CA LYS E 174 74.83 -38.88 83.75
C LYS E 174 74.46 -39.52 82.41
N GLY E 175 75.35 -39.42 81.39
CA GLY E 175 75.15 -40.01 80.06
C GLY E 175 74.36 -39.12 79.14
N LEU E 176 74.25 -37.83 79.49
CA LEU E 176 73.46 -36.84 78.81
C LEU E 176 73.95 -36.46 77.41
N ILE E 177 75.27 -36.34 77.22
CA ILE E 177 75.87 -35.93 75.94
C ILE E 177 77.20 -36.65 75.72
N ASP E 178 77.71 -36.57 74.47
CA ASP E 178 79.04 -36.97 74.07
C ASP E 178 80.07 -35.91 74.48
N GLU E 179 81.33 -36.33 74.79
CA GLU E 179 82.40 -35.41 75.14
C GLU E 179 82.88 -34.54 73.98
N SER E 180 82.98 -35.06 72.74
CA SER E 180 83.37 -34.22 71.60
C SER E 180 82.29 -33.23 71.20
N LYS E 181 81.02 -33.55 71.52
CA LYS E 181 79.88 -32.66 71.39
C LYS E 181 79.95 -31.55 72.43
N ALA E 182 80.32 -31.88 73.69
CA ALA E 182 80.50 -30.95 74.78
C ALA E 182 81.56 -29.89 74.50
N ALA E 183 82.61 -30.24 73.74
CA ALA E 183 83.64 -29.31 73.33
C ALA E 183 83.19 -28.38 72.20
N THR E 184 82.25 -28.83 71.34
CA THR E 184 81.60 -28.02 70.30
C THR E 184 80.74 -26.89 70.84
N LEU E 185 79.98 -27.14 71.94
CA LEU E 185 78.99 -26.25 72.51
C LEU E 185 79.44 -24.85 72.92
N SER E 186 78.54 -23.86 72.79
CA SER E 186 78.69 -22.53 73.38
C SER E 186 78.09 -22.47 74.78
N ASP E 187 78.54 -21.53 75.64
CA ASP E 187 78.17 -21.41 77.05
C ASP E 187 76.67 -21.49 77.38
N GLN E 188 75.81 -20.81 76.59
CA GLN E 188 74.37 -20.80 76.83
C GLN E 188 73.66 -22.10 76.51
N GLU E 189 74.36 -23.05 75.86
CA GLU E 189 73.86 -24.39 75.64
C GLU E 189 74.30 -25.33 76.76
N ILE E 190 75.39 -25.01 77.51
CA ILE E 190 75.77 -25.73 78.71
C ILE E 190 74.74 -25.58 79.82
N LEU E 191 74.28 -24.33 79.99
CA LEU E 191 73.24 -23.93 80.92
C LEU E 191 71.88 -24.50 80.58
N ASN E 192 71.66 -24.86 79.31
CA ASN E 192 70.45 -25.47 78.82
C ASN E 192 70.28 -26.90 79.35
N PHE E 193 71.34 -27.52 79.93
CA PHE E 193 71.21 -28.81 80.61
C PHE E 193 70.49 -28.69 81.95
N LEU E 194 70.36 -27.47 82.49
CA LEU E 194 69.57 -27.16 83.67
C LEU E 194 68.09 -27.06 83.33
N PHE E 195 67.73 -27.31 82.05
CA PHE E 195 66.40 -27.32 81.51
C PHE E 195 66.14 -28.72 80.94
N VAL E 196 66.94 -29.72 81.36
CA VAL E 196 66.70 -31.13 81.07
C VAL E 196 66.09 -31.81 82.30
N PRO E 197 64.86 -32.34 82.24
CA PRO E 197 64.30 -33.14 83.32
C PRO E 197 65.12 -34.38 83.62
N GLY E 198 65.52 -34.60 84.88
CA GLY E 198 66.26 -35.78 85.29
C GLY E 198 67.75 -35.57 85.35
N PHE E 199 68.27 -34.41 84.90
CA PHE E 199 69.69 -34.09 85.01
C PHE E 199 70.06 -33.87 86.48
N SER E 200 69.24 -33.09 87.21
CA SER E 200 69.34 -32.99 88.64
C SER E 200 67.95 -33.06 89.20
N THR E 201 67.70 -34.04 90.09
CA THR E 201 66.44 -34.17 90.81
C THR E 201 66.59 -33.83 92.27
N LYS E 202 67.76 -33.30 92.71
CA LYS E 202 67.99 -32.94 94.09
C LYS E 202 66.99 -31.92 94.65
N GLU E 203 66.44 -32.19 95.85
CA GLU E 203 65.42 -31.38 96.46
C GLU E 203 65.61 -31.33 97.96
N LYS E 204 64.82 -30.50 98.66
CA LYS E 204 64.73 -30.51 100.11
C LYS E 204 63.28 -30.75 100.48
N VAL E 205 63.00 -31.72 101.37
CA VAL E 205 61.64 -32.05 101.78
C VAL E 205 61.27 -31.19 102.99
N SER E 206 62.29 -30.62 103.66
CA SER E 206 62.15 -29.64 104.72
C SER E 206 61.67 -28.29 104.19
N GLU E 207 62.35 -27.75 103.17
CA GLU E 207 62.01 -26.50 102.51
C GLU E 207 60.84 -26.61 101.55
N VAL E 208 60.80 -27.69 100.73
CA VAL E 208 59.88 -27.85 99.61
C VAL E 208 60.08 -26.74 98.57
N SER E 209 61.34 -26.59 98.12
CA SER E 209 61.81 -25.47 97.32
C SER E 209 61.87 -25.72 95.82
N GLY E 210 61.45 -26.91 95.34
CA GLY E 210 61.58 -27.32 93.94
C GLY E 210 62.84 -28.12 93.71
N ARG E 211 62.74 -29.18 92.89
CA ARG E 211 63.86 -29.98 92.42
C ARG E 211 64.87 -29.25 91.53
N GLY E 212 66.13 -29.73 91.54
CA GLY E 212 67.21 -29.21 90.71
C GLY E 212 67.60 -27.79 91.00
N VAL E 213 67.76 -26.96 89.95
CA VAL E 213 68.19 -25.57 90.10
C VAL E 213 66.95 -24.67 90.11
N GLY E 214 65.75 -25.29 90.01
CA GLY E 214 64.48 -24.57 89.95
C GLY E 214 64.25 -24.03 88.57
N MET E 215 64.76 -24.74 87.55
CA MET E 215 64.72 -24.28 86.18
C MET E 215 64.10 -25.28 85.20
N ASP E 216 64.21 -26.62 85.42
CA ASP E 216 63.60 -27.56 84.50
C ASP E 216 62.12 -27.72 84.80
N VAL E 217 61.74 -27.36 86.04
CA VAL E 217 60.37 -27.19 86.49
C VAL E 217 59.68 -26.02 85.81
N VAL E 218 60.42 -24.90 85.59
CA VAL E 218 59.89 -23.73 84.90
C VAL E 218 59.83 -23.93 83.40
N LYS E 219 60.87 -24.51 82.78
CA LYS E 219 60.91 -24.76 81.35
C LYS E 219 59.77 -25.61 80.80
N ASN E 220 59.41 -26.72 81.49
CA ASN E 220 58.25 -27.55 81.20
C ASN E 220 56.94 -26.75 81.13
N VAL E 221 56.69 -25.89 82.14
CA VAL E 221 55.55 -24.98 82.15
C VAL E 221 55.58 -23.99 80.98
N VAL E 222 56.71 -23.30 80.73
CA VAL E 222 56.86 -22.36 79.63
C VAL E 222 56.60 -23.01 78.26
N GLU E 223 57.15 -24.22 78.01
CA GLU E 223 56.83 -25.01 76.83
C GLU E 223 55.36 -25.41 76.74
N SER E 224 54.76 -25.86 77.87
CA SER E 224 53.33 -26.16 77.98
C SER E 224 52.41 -25.00 77.62
N LEU E 225 52.83 -23.75 77.89
CA LEU E 225 52.05 -22.57 77.57
C LEU E 225 52.43 -22.01 76.20
N ASN E 226 53.31 -22.72 75.46
CA ASN E 226 53.72 -22.51 74.08
C ASN E 226 54.76 -21.40 73.94
N GLY E 227 55.53 -21.13 75.01
CA GLY E 227 56.55 -20.09 75.05
C GLY E 227 57.93 -20.57 74.69
N SER E 228 58.94 -19.76 75.04
CA SER E 228 60.34 -20.04 74.69
C SER E 228 61.26 -19.44 75.74
N MET E 229 62.21 -20.23 76.28
CA MET E 229 63.04 -19.80 77.40
C MET E 229 64.53 -19.81 77.05
N GLY E 230 65.30 -18.80 77.53
CA GLY E 230 66.74 -18.69 77.36
C GLY E 230 67.46 -18.46 78.67
N ILE E 231 68.79 -18.63 78.68
CA ILE E 231 69.62 -18.47 79.87
C ILE E 231 71.05 -18.06 79.50
N GLU E 232 71.72 -17.23 80.34
CA GLU E 232 73.14 -16.96 80.21
C GLU E 232 73.73 -16.82 81.61
N SER E 233 75.00 -17.21 81.81
CA SER E 233 75.65 -17.14 83.11
C SER E 233 77.14 -16.92 82.96
N GLU E 234 77.76 -16.13 83.85
CA GLU E 234 79.21 -16.06 83.87
C GLU E 234 79.70 -15.92 85.29
N LYS E 235 80.80 -16.60 85.61
CA LYS E 235 81.37 -16.68 86.95
C LYS E 235 81.76 -15.32 87.52
N ASP E 236 81.07 -14.93 88.60
CA ASP E 236 81.16 -13.65 89.27
C ASP E 236 80.78 -12.45 88.39
N LYS E 237 79.90 -12.69 87.40
CA LYS E 237 79.13 -11.64 86.75
C LYS E 237 77.65 -11.90 86.96
N GLY E 238 77.29 -13.01 87.62
CA GLY E 238 75.90 -13.38 87.87
C GLY E 238 75.23 -14.06 86.71
N THR E 239 73.93 -14.36 86.85
CA THR E 239 73.18 -15.11 85.86
C THR E 239 72.00 -14.28 85.40
N LYS E 240 71.50 -14.49 84.16
CA LYS E 240 70.29 -13.86 83.67
C LYS E 240 69.45 -14.87 82.90
N VAL E 241 68.11 -14.83 83.11
CA VAL E 241 67.12 -15.73 82.53
C VAL E 241 66.10 -14.95 81.72
N THR E 242 65.82 -15.39 80.48
CA THR E 242 64.88 -14.72 79.58
C THR E 242 63.74 -15.67 79.29
N ILE E 243 62.47 -15.23 79.41
CA ILE E 243 61.30 -16.08 79.25
C ILE E 243 60.31 -15.38 78.34
N ARG E 244 60.02 -15.92 77.13
CA ARG E 244 59.04 -15.34 76.25
C ARG E 244 57.77 -16.18 76.27
N LEU E 245 56.60 -15.51 76.40
CA LEU E 245 55.27 -16.08 76.41
C LEU E 245 54.31 -15.27 75.53
N PRO E 246 53.38 -15.84 74.76
CA PRO E 246 52.23 -15.17 74.11
C PRO E 246 51.62 -13.92 74.74
N LEU E 247 51.30 -12.88 73.93
CA LEU E 247 50.61 -11.68 74.36
C LEU E 247 49.18 -11.87 74.90
N THR E 248 48.32 -12.66 74.23
CA THR E 248 46.96 -12.88 74.73
C THR E 248 46.55 -14.34 74.55
N LEU E 249 45.53 -14.79 75.30
CA LEU E 249 44.89 -16.08 75.08
C LEU E 249 44.19 -16.27 73.74
N ALA E 250 44.35 -17.48 73.16
CA ALA E 250 43.72 -17.97 71.94
C ALA E 250 44.01 -17.28 70.61
N ILE E 251 44.37 -15.98 70.58
CA ILE E 251 44.64 -15.24 69.35
C ILE E 251 46.06 -15.48 68.83
N ILE E 252 46.17 -15.84 67.54
CA ILE E 252 47.39 -16.26 66.88
C ILE E 252 47.52 -15.50 65.56
N GLN E 253 48.29 -14.40 65.52
CA GLN E 253 48.67 -13.71 64.29
C GLN E 253 49.26 -14.66 63.24
N ALA E 254 48.64 -14.81 62.06
CA ALA E 254 49.06 -15.83 61.13
C ALA E 254 49.16 -15.36 59.68
N LEU E 255 49.89 -16.13 58.87
CA LEU E 255 50.02 -15.98 57.44
C LEU E 255 49.27 -17.12 56.78
N LEU E 256 48.13 -16.84 56.13
CA LEU E 256 47.33 -17.89 55.52
C LEU E 256 47.90 -18.30 54.17
N VAL E 257 48.26 -19.59 54.01
CA VAL E 257 48.81 -20.15 52.80
C VAL E 257 47.89 -21.27 52.36
N LYS E 258 47.94 -21.68 51.08
CA LYS E 258 47.01 -22.66 50.57
C LYS E 258 47.76 -23.77 49.85
N VAL E 259 47.27 -25.01 49.98
CA VAL E 259 47.68 -26.16 49.18
C VAL E 259 46.47 -26.74 48.48
N ASN E 260 46.44 -26.76 47.13
CA ASN E 260 45.29 -27.14 46.30
C ASN E 260 44.00 -26.39 46.69
N ASN E 261 44.13 -25.08 46.99
CA ASN E 261 43.08 -24.21 47.48
C ASN E 261 42.50 -24.57 48.86
N LEU E 262 43.30 -25.25 49.73
CA LEU E 262 42.94 -25.55 51.11
C LEU E 262 43.77 -24.69 52.04
N VAL E 263 43.11 -23.81 52.82
CA VAL E 263 43.72 -22.88 53.76
C VAL E 263 44.46 -23.50 54.94
N TYR E 264 45.79 -23.31 55.02
CA TYR E 264 46.63 -23.71 56.14
C TYR E 264 47.34 -22.49 56.72
N ALA E 265 47.12 -22.17 58.00
CA ALA E 265 47.69 -20.97 58.58
C ALA E 265 49.11 -21.21 59.11
N ILE E 266 50.01 -20.21 58.95
CA ILE E 266 51.39 -20.25 59.44
C ILE E 266 51.63 -19.12 60.46
N PRO E 267 51.82 -19.42 61.75
CA PRO E 267 52.22 -18.49 62.81
C PRO E 267 53.27 -17.42 62.52
N ILE E 268 52.87 -16.14 62.29
CA ILE E 268 53.76 -15.00 62.06
C ILE E 268 54.74 -14.74 63.20
N ALA E 269 54.41 -15.06 64.47
CA ALA E 269 55.33 -14.89 65.58
C ALA E 269 56.63 -15.68 65.42
N ASN E 270 56.55 -16.92 64.91
CA ASN E 270 57.70 -17.80 64.74
C ASN E 270 58.58 -17.45 63.54
N ILE E 271 58.00 -17.00 62.40
CA ILE E 271 58.63 -16.61 61.12
C ILE E 271 60.07 -16.01 61.10
N ASP E 272 60.63 -15.79 59.89
CA ASP E 272 61.88 -15.08 59.74
C ASP E 272 61.94 -14.32 58.42
N THR E 273 61.28 -14.80 57.34
CA THR E 273 61.17 -14.06 56.09
C THR E 273 60.31 -14.86 55.12
N ILE E 274 59.96 -14.27 53.97
CA ILE E 274 59.13 -14.87 52.93
C ILE E 274 59.84 -14.60 51.61
N LEU E 275 59.98 -15.61 50.74
CA LEU E 275 60.77 -15.47 49.52
C LEU E 275 60.22 -16.33 48.40
N SER E 276 60.37 -15.87 47.15
CA SER E 276 60.02 -16.63 45.96
C SER E 276 61.24 -17.33 45.40
N ILE E 277 61.31 -18.66 45.52
CA ILE E 277 62.49 -19.45 45.22
C ILE E 277 62.32 -20.20 43.92
N SER E 278 63.41 -20.60 43.26
CA SER E 278 63.28 -21.47 42.08
C SER E 278 63.45 -22.91 42.50
N LYS E 279 62.84 -23.87 41.77
CA LYS E 279 63.10 -25.29 41.95
C LYS E 279 64.45 -25.70 41.36
N GLU E 280 65.00 -24.87 40.45
CA GLU E 280 66.30 -25.04 39.86
C GLU E 280 67.44 -24.67 40.81
N ASP E 281 67.12 -23.96 41.90
CA ASP E 281 68.09 -23.65 42.94
C ASP E 281 67.99 -24.61 44.12
N ILE E 282 67.00 -25.53 44.16
CA ILE E 282 66.92 -26.52 45.23
C ILE E 282 67.90 -27.65 44.97
N GLN E 283 68.80 -27.90 45.95
CA GLN E 283 69.87 -28.89 45.87
C GLN E 283 69.83 -29.81 47.07
N ARG E 284 70.66 -30.87 47.10
CA ARG E 284 70.69 -31.83 48.20
C ARG E 284 72.11 -32.32 48.48
N VAL E 285 72.48 -32.50 49.76
CA VAL E 285 73.79 -32.99 50.17
C VAL E 285 73.63 -34.29 50.95
N GLN E 286 72.67 -34.38 51.90
CA GLN E 286 72.38 -35.61 52.63
C GLN E 286 71.08 -36.26 52.13
N ASP E 287 70.08 -36.47 53.01
CA ASP E 287 68.88 -37.24 52.73
C ASP E 287 67.70 -36.34 52.35
N ARG E 288 67.85 -35.01 52.55
CA ARG E 288 66.78 -34.06 52.34
C ARG E 288 67.33 -32.79 51.75
N ASP E 289 66.48 -32.06 51.01
CA ASP E 289 66.85 -30.94 50.17
C ASP E 289 67.18 -29.65 50.95
N VAL E 290 67.78 -28.67 50.26
CA VAL E 290 68.17 -27.39 50.81
C VAL E 290 68.19 -26.36 49.69
N ILE E 291 68.29 -25.08 50.06
CA ILE E 291 68.50 -23.98 49.13
C ILE E 291 69.41 -22.92 49.75
N VAL E 292 70.43 -22.43 49.02
CA VAL E 292 71.30 -21.40 49.58
C VAL E 292 70.70 -20.01 49.33
N ILE E 293 70.17 -19.36 50.38
CA ILE E 293 69.45 -18.09 50.32
C ILE E 293 70.10 -17.12 51.29
N ARG E 294 70.48 -15.93 50.80
CA ARG E 294 71.15 -14.88 51.55
C ARG E 294 72.55 -15.28 52.01
N GLY E 295 73.15 -16.29 51.33
CA GLY E 295 74.44 -16.91 51.64
C GLY E 295 74.32 -18.07 52.60
N GLU E 296 73.20 -18.17 53.32
CA GLU E 296 72.93 -19.19 54.32
C GLU E 296 72.25 -20.39 53.68
N VAL E 297 72.34 -21.60 54.25
CA VAL E 297 71.69 -22.76 53.65
C VAL E 297 70.56 -23.24 54.55
N ILE E 298 69.32 -23.27 54.01
CA ILE E 298 68.09 -23.48 54.77
C ILE E 298 67.48 -24.83 54.44
N PRO E 299 67.15 -25.70 55.41
CA PRO E 299 66.53 -27.01 55.15
C PRO E 299 65.07 -26.94 54.76
N VAL E 300 64.80 -26.83 53.45
CA VAL E 300 63.48 -26.77 52.83
C VAL E 300 62.61 -28.02 53.01
N TYR E 301 61.30 -27.80 53.24
CA TYR E 301 60.29 -28.83 53.35
C TYR E 301 59.13 -28.40 52.46
N ARG E 302 58.47 -29.37 51.82
CA ARG E 302 57.36 -29.16 50.92
C ARG E 302 56.04 -29.35 51.66
N LEU E 303 55.27 -28.27 51.95
CA LEU E 303 54.01 -28.31 52.70
C LEU E 303 53.08 -29.47 52.34
N TRP E 304 52.72 -29.56 51.04
CA TRP E 304 51.95 -30.65 50.44
C TRP E 304 52.48 -32.07 50.66
N GLU E 305 53.78 -32.25 50.97
CA GLU E 305 54.38 -33.55 51.22
C GLU E 305 54.10 -33.99 52.64
N VAL E 306 54.52 -33.20 53.66
CA VAL E 306 54.26 -33.49 55.06
C VAL E 306 52.79 -33.61 55.48
N LEU E 307 51.86 -33.09 54.64
CA LEU E 307 50.42 -33.19 54.84
C LEU E 307 49.79 -34.23 53.92
N GLN E 308 50.58 -34.82 53.00
CA GLN E 308 50.15 -35.82 52.02
C GLN E 308 48.99 -35.40 51.12
N ILE E 309 49.18 -34.30 50.38
CA ILE E 309 48.21 -33.76 49.46
C ILE E 309 48.87 -33.88 48.09
N GLU E 310 48.17 -34.48 47.10
CA GLU E 310 48.69 -34.66 45.75
C GLU E 310 49.10 -33.37 45.06
N HIS E 311 50.30 -33.36 44.41
CA HIS E 311 50.74 -32.24 43.62
C HIS E 311 50.55 -32.55 42.15
N LYS E 312 49.56 -31.89 41.51
CA LYS E 312 49.13 -32.14 40.15
C LYS E 312 50.15 -31.74 39.10
N GLU E 313 50.75 -30.54 39.25
CA GLU E 313 51.56 -29.94 38.22
C GLU E 313 52.60 -29.04 38.87
N GLU E 314 53.75 -28.82 38.20
CA GLU E 314 54.88 -28.10 38.77
C GLU E 314 55.21 -26.83 38.01
N LEU E 315 55.25 -25.68 38.71
CA LEU E 315 55.66 -24.41 38.17
C LEU E 315 56.99 -24.02 38.79
N GLU E 316 57.90 -23.41 38.01
CA GLU E 316 59.28 -23.15 38.42
C GLU E 316 59.46 -22.27 39.65
N GLU E 317 58.80 -21.09 39.69
CA GLU E 317 58.95 -20.14 40.77
C GLU E 317 58.00 -20.46 41.92
N MET E 318 58.55 -20.95 43.04
CA MET E 318 57.79 -21.47 44.17
C MET E 318 57.73 -20.45 45.29
N GLU E 319 56.61 -20.35 46.03
CA GLU E 319 56.54 -19.45 47.17
C GLU E 319 57.00 -20.16 48.44
N ALA E 320 57.97 -19.58 49.20
CA ALA E 320 58.46 -20.17 50.43
C ALA E 320 58.29 -19.27 51.66
N VAL E 321 58.01 -19.88 52.82
CA VAL E 321 57.94 -19.20 54.11
C VAL E 321 59.01 -19.77 55.02
N ILE E 322 59.96 -18.95 55.51
CA ILE E 322 61.00 -19.40 56.44
C ILE E 322 60.50 -19.26 57.88
N VAL E 323 60.37 -20.37 58.63
CA VAL E 323 59.87 -20.40 60.01
C VAL E 323 60.98 -20.75 61.00
N ARG E 324 61.01 -20.13 62.20
CA ARG E 324 62.04 -20.43 63.20
C ARG E 324 61.58 -21.47 64.18
N VAL E 325 62.48 -22.39 64.56
CA VAL E 325 62.18 -23.44 65.52
C VAL E 325 63.42 -23.64 66.36
N GLY E 326 63.29 -23.81 67.69
CA GLY E 326 64.43 -23.90 68.60
C GLY E 326 65.37 -22.72 68.51
N ASN E 327 66.65 -23.00 68.17
CA ASN E 327 67.67 -21.99 67.93
C ASN E 327 67.89 -21.78 66.43
N ARG E 328 67.15 -22.51 65.57
CA ARG E 328 67.34 -22.59 64.13
C ARG E 328 66.10 -22.15 63.35
N LYS E 329 66.00 -22.55 62.04
CA LYS E 329 64.90 -22.17 61.17
C LYS E 329 64.91 -22.92 59.84
N TYR E 330 63.73 -23.47 59.46
CA TYR E 330 63.55 -24.32 58.30
C TYR E 330 62.64 -23.66 57.27
N GLY E 331 62.68 -24.11 56.00
CA GLY E 331 61.88 -23.51 54.95
C GLY E 331 60.60 -24.29 54.72
N ILE E 332 59.46 -23.62 54.55
CA ILE E 332 58.21 -24.27 54.20
C ILE E 332 57.80 -23.78 52.82
N VAL E 333 57.85 -24.64 51.80
CA VAL E 333 57.42 -24.28 50.46
C VAL E 333 55.92 -24.52 50.35
N VAL E 334 55.17 -23.53 49.82
CA VAL E 334 53.72 -23.53 49.76
C VAL E 334 53.24 -23.42 48.32
N ASP E 335 52.00 -23.86 48.05
CA ASP E 335 51.44 -23.84 46.72
C ASP E 335 50.91 -22.44 46.36
N ASP E 336 50.03 -21.85 47.19
CA ASP E 336 49.62 -20.45 47.01
C ASP E 336 49.81 -19.74 48.34
N LEU E 337 49.99 -18.41 48.32
CA LEU E 337 50.00 -17.55 49.48
C LEU E 337 48.74 -16.69 49.45
N LEU E 338 47.78 -16.95 50.35
CA LEU E 338 46.55 -16.16 50.47
C LEU E 338 46.84 -14.74 50.99
N GLY E 339 46.87 -14.59 52.33
CA GLY E 339 47.05 -13.28 52.94
C GLY E 339 46.89 -13.38 54.43
N GLN E 340 47.78 -12.73 55.21
CA GLN E 340 47.69 -12.66 56.67
C GLN E 340 46.37 -12.20 57.29
N ASP E 341 46.11 -12.63 58.55
CA ASP E 341 45.09 -12.06 59.41
C ASP E 341 45.27 -12.73 60.76
N ASP E 342 44.76 -12.12 61.85
CA ASP E 342 44.94 -12.65 63.18
C ASP E 342 43.79 -13.55 63.59
N ILE E 343 44.06 -14.86 63.68
CA ILE E 343 43.04 -15.88 63.81
C ILE E 343 42.96 -16.34 65.25
N VAL E 344 41.97 -17.20 65.56
CA VAL E 344 41.73 -17.63 66.93
C VAL E 344 41.64 -19.14 66.93
N ILE E 345 42.52 -19.82 67.69
CA ILE E 345 42.62 -21.27 67.71
C ILE E 345 41.39 -22.00 68.26
N LYS E 346 40.93 -23.05 67.55
CA LYS E 346 39.83 -23.91 67.95
C LYS E 346 40.33 -25.34 68.04
N SER E 347 40.12 -26.04 69.17
CA SER E 347 40.56 -27.42 69.32
C SER E 347 39.86 -28.39 68.39
N LEU E 348 40.56 -29.44 67.90
CA LEU E 348 39.95 -30.49 67.13
C LEU E 348 39.51 -31.65 68.00
N GLY E 349 39.80 -31.61 69.32
CA GLY E 349 39.37 -32.60 70.29
C GLY E 349 40.18 -33.87 70.35
N LYS E 350 39.83 -34.74 71.31
CA LYS E 350 40.54 -35.96 71.73
C LYS E 350 40.92 -36.94 70.64
N VAL E 351 40.12 -37.05 69.56
CA VAL E 351 40.40 -37.92 68.42
C VAL E 351 41.57 -37.44 67.55
N PHE E 352 41.94 -36.14 67.63
CA PHE E 352 42.96 -35.53 66.79
C PHE E 352 44.16 -35.05 67.60
N SER E 353 44.21 -35.35 68.91
CA SER E 353 45.32 -34.99 69.79
C SER E 353 46.66 -35.60 69.41
N GLU E 354 46.63 -36.83 68.88
CA GLU E 354 47.79 -37.57 68.42
C GLU E 354 48.66 -36.91 67.37
N VAL E 355 48.06 -36.13 66.44
CA VAL E 355 48.73 -35.55 65.30
C VAL E 355 49.63 -34.39 65.69
N LYS E 356 50.96 -34.54 65.48
CA LYS E 356 51.94 -33.51 65.78
C LYS E 356 51.84 -32.28 64.89
N GLU E 357 51.55 -32.50 63.59
CA GLU E 357 51.47 -31.51 62.52
C GLU E 357 50.53 -30.33 62.78
N PHE E 358 49.38 -30.57 63.44
CA PHE E 358 48.40 -29.54 63.69
C PHE E 358 47.78 -29.72 65.06
N SER E 359 47.66 -28.61 65.82
CA SER E 359 47.11 -28.60 67.17
C SER E 359 45.84 -27.77 67.22
N GLY E 360 45.25 -27.41 66.07
CA GLY E 360 44.11 -26.50 66.14
C GLY E 360 43.59 -25.98 64.83
N ALA E 361 42.26 -25.97 64.70
CA ALA E 361 41.51 -25.35 63.64
C ALA E 361 41.35 -23.84 63.90
N ALA E 362 40.57 -23.15 63.04
CA ALA E 362 40.19 -21.77 63.22
C ALA E 362 39.15 -21.40 62.17
N ILE E 363 38.22 -20.51 62.56
CA ILE E 363 37.08 -20.04 61.77
C ILE E 363 37.43 -18.76 61.01
N LEU E 364 37.47 -18.82 59.67
CA LEU E 364 37.73 -17.67 58.82
C LEU E 364 36.50 -16.78 58.62
N GLY E 365 36.67 -15.59 58.02
CA GLY E 365 35.62 -14.59 57.85
C GLY E 365 34.53 -14.91 56.87
N ASP E 366 34.68 -16.01 56.09
CA ASP E 366 33.65 -16.49 55.18
C ASP E 366 32.90 -17.67 55.82
N GLY E 367 33.28 -18.03 57.05
CA GLY E 367 32.66 -19.09 57.85
C GLY E 367 33.37 -20.41 57.68
N SER E 368 34.35 -20.45 56.76
CA SER E 368 35.23 -21.57 56.47
C SER E 368 36.13 -21.97 57.61
N ILE E 369 36.41 -23.28 57.77
CA ILE E 369 37.37 -23.77 58.74
C ILE E 369 38.75 -23.79 58.09
N ALA E 370 39.81 -23.39 58.83
CA ALA E 370 41.19 -23.45 58.36
C ALA E 370 42.13 -23.92 59.46
N LEU E 371 42.93 -24.98 59.23
CA LEU E 371 43.82 -25.50 60.25
C LEU E 371 45.15 -24.76 60.35
N ILE E 372 45.74 -24.75 61.56
CA ILE E 372 46.95 -24.02 61.89
C ILE E 372 48.13 -24.99 61.96
N ILE E 373 49.21 -24.75 61.19
CA ILE E 373 50.42 -25.57 61.24
C ILE E 373 51.17 -25.39 62.56
N ASN E 374 51.58 -26.50 63.20
CA ASN E 374 52.39 -26.50 64.40
C ASN E 374 53.86 -26.52 64.01
N VAL E 375 54.58 -25.39 64.20
CA VAL E 375 55.96 -25.18 63.77
C VAL E 375 56.95 -26.19 64.33
N SER E 376 56.82 -26.58 65.61
CA SER E 376 57.67 -27.58 66.24
C SER E 376 57.10 -28.98 66.10
N GLY E 377 55.99 -29.13 65.37
CA GLY E 377 55.28 -30.39 65.22
C GLY E 377 55.68 -31.13 63.98
N ILE E 378 56.10 -30.38 62.93
CA ILE E 378 56.52 -30.96 61.66
C ILE E 378 57.88 -31.64 61.76
N VAL E 379 58.88 -30.95 62.34
CA VAL E 379 60.29 -31.33 62.26
C VAL E 379 60.88 -31.84 63.59
N LYS F 1 13.88 -49.85 84.26
CA LYS F 1 14.11 -48.48 83.79
C LYS F 1 13.55 -48.20 82.40
N GLU F 2 12.90 -47.03 82.19
CA GLU F 2 12.35 -46.62 80.91
C GLU F 2 13.40 -45.77 80.21
N PHE F 3 14.07 -46.33 79.19
CA PHE F 3 15.18 -45.68 78.53
C PHE F 3 14.68 -44.84 77.36
N GLU F 4 15.20 -43.62 77.19
CA GLU F 4 14.81 -42.75 76.09
C GLU F 4 15.98 -42.69 75.13
N VAL F 5 15.80 -43.21 73.90
CA VAL F 5 16.86 -43.30 72.92
C VAL F 5 16.47 -42.55 71.66
N LEU F 6 17.46 -42.16 70.83
CA LEU F 6 17.24 -41.54 69.54
C LEU F 6 17.25 -42.59 68.43
N SER F 7 16.11 -42.81 67.75
CA SER F 7 15.97 -43.82 66.70
C SER F 7 16.29 -43.26 65.32
N PHE F 8 17.06 -44.04 64.54
CA PHE F 8 17.61 -43.67 63.25
C PHE F 8 18.11 -44.91 62.57
N GLU F 9 18.21 -44.90 61.23
CA GLU F 9 18.49 -46.10 60.46
C GLU F 9 19.84 -46.09 59.73
N ILE F 10 20.33 -47.28 59.33
CA ILE F 10 21.39 -47.46 58.33
C ILE F 10 21.03 -48.71 57.55
N ASP F 11 20.94 -48.62 56.21
CA ASP F 11 20.75 -49.74 55.30
C ASP F 11 19.59 -50.70 55.62
N GLU F 12 18.40 -50.16 55.93
CA GLU F 12 17.22 -50.92 56.32
C GLU F 12 17.36 -51.63 57.67
N GLN F 13 18.24 -51.14 58.56
CA GLN F 13 18.44 -51.64 59.91
C GLN F 13 18.37 -50.49 60.90
N ALA F 14 17.53 -50.62 61.94
CA ALA F 14 17.33 -49.60 62.96
C ALA F 14 18.39 -49.66 64.06
N LEU F 15 18.82 -48.48 64.53
CA LEU F 15 19.87 -48.32 65.53
C LEU F 15 19.43 -47.21 66.45
N ALA F 16 20.10 -47.08 67.62
CA ALA F 16 19.78 -46.02 68.56
C ALA F 16 20.71 -45.99 69.76
N PHE F 17 20.98 -44.77 70.25
CA PHE F 17 21.75 -44.47 71.43
C PHE F 17 21.03 -43.37 72.20
N ASP F 18 21.38 -43.16 73.49
CA ASP F 18 20.60 -42.37 74.42
C ASP F 18 20.50 -40.87 74.10
N VAL F 19 19.55 -40.15 74.74
CA VAL F 19 19.33 -38.74 74.42
C VAL F 19 20.23 -37.88 75.26
N ASP F 20 20.55 -38.35 76.49
CA ASP F 20 21.68 -37.91 77.31
C ASP F 20 22.97 -37.50 76.58
N ASN F 21 23.29 -38.16 75.43
CA ASN F 21 24.52 -37.94 74.71
C ASN F 21 24.28 -37.40 73.32
N ILE F 22 23.34 -36.45 73.18
CA ILE F 22 22.95 -35.80 71.94
C ILE F 22 23.08 -34.30 72.11
N GLU F 23 23.58 -33.62 71.06
CA GLU F 23 23.69 -32.17 71.01
C GLU F 23 22.58 -31.62 70.13
N MET F 24 22.36 -32.19 68.91
CA MET F 24 21.24 -31.87 68.05
C MET F 24 21.32 -32.76 66.81
N VAL F 25 20.53 -32.52 65.74
CA VAL F 25 20.60 -33.30 64.51
C VAL F 25 20.45 -32.41 63.28
N ILE F 26 21.28 -32.62 62.23
CA ILE F 26 21.26 -31.80 61.03
C ILE F 26 21.35 -32.67 59.79
N GLU F 27 21.10 -32.06 58.61
CA GLU F 27 21.22 -32.69 57.31
C GLU F 27 22.55 -32.33 56.67
N LYS F 28 23.23 -33.33 56.05
CA LYS F 28 24.56 -33.21 55.47
C LYS F 28 24.69 -32.13 54.39
N SER F 29 25.86 -31.46 54.39
CA SER F 29 26.34 -30.52 53.40
C SER F 29 27.84 -30.62 53.57
N ASP F 30 28.65 -30.08 52.63
CA ASP F 30 30.10 -30.19 52.52
C ASP F 30 30.91 -30.29 53.82
N ILE F 31 31.68 -31.41 53.97
CA ILE F 31 32.46 -31.73 55.15
C ILE F 31 33.93 -31.39 54.91
N THR F 32 34.47 -30.43 55.68
CA THR F 32 35.84 -29.93 55.56
C THR F 32 36.91 -31.00 55.77
N PRO F 33 37.81 -31.29 54.82
CA PRO F 33 38.82 -32.35 54.92
C PRO F 33 39.93 -32.05 55.92
N VAL F 34 40.31 -33.04 56.76
CA VAL F 34 41.43 -32.94 57.67
C VAL F 34 42.55 -33.80 57.06
N PRO F 35 43.78 -33.34 56.83
CA PRO F 35 44.83 -34.18 56.26
C PRO F 35 45.35 -35.24 57.22
N LYS F 36 45.70 -36.43 56.70
CA LYS F 36 46.29 -37.54 57.45
C LYS F 36 45.43 -38.03 58.61
N SER F 37 44.13 -38.20 58.35
CA SER F 37 43.10 -38.54 59.33
C SER F 37 42.75 -40.02 59.23
N ARG F 38 42.18 -40.61 60.31
CA ARG F 38 41.77 -42.00 60.36
C ARG F 38 40.67 -42.31 59.32
N HIS F 39 40.62 -43.54 58.77
CA HIS F 39 39.75 -43.87 57.64
C HIS F 39 38.26 -43.89 57.93
N PHE F 40 37.87 -43.92 59.21
CA PHE F 40 36.50 -44.02 59.66
C PHE F 40 35.87 -42.66 59.93
N VAL F 41 36.55 -41.58 59.48
CA VAL F 41 36.15 -40.20 59.69
C VAL F 41 35.99 -39.55 58.33
N GLU F 42 35.00 -38.67 58.16
CA GLU F 42 34.72 -37.88 56.97
C GLU F 42 35.51 -36.58 57.01
N GLY F 43 35.49 -35.88 58.17
CA GLY F 43 36.17 -34.61 58.32
C GLY F 43 35.61 -33.85 59.49
N VAL F 44 35.51 -32.51 59.40
CA VAL F 44 35.06 -31.67 60.50
C VAL F 44 34.06 -30.64 60.02
N ILE F 45 33.14 -30.24 60.90
CA ILE F 45 32.13 -29.22 60.64
C ILE F 45 32.14 -28.21 61.78
N ASN F 46 31.65 -26.97 61.50
CA ASN F 46 31.39 -25.96 62.51
C ASN F 46 29.93 -26.04 62.95
N LEU F 47 29.69 -26.45 64.22
CA LEU F 47 28.37 -26.58 64.79
C LEU F 47 28.34 -25.86 66.13
N ARG F 48 27.42 -24.87 66.31
CA ARG F 48 27.31 -24.03 67.51
C ARG F 48 28.62 -23.41 67.99
N GLY F 49 29.45 -22.96 67.03
CA GLY F 49 30.74 -22.33 67.29
C GLY F 49 31.85 -23.30 67.63
N ARG F 50 31.60 -24.62 67.59
CA ARG F 50 32.58 -25.63 67.92
C ARG F 50 32.93 -26.44 66.70
N ILE F 51 34.14 -27.03 66.70
CA ILE F 51 34.63 -27.88 65.62
C ILE F 51 34.36 -29.34 65.93
N ILE F 52 33.34 -29.91 65.28
CA ILE F 52 32.87 -31.27 65.54
C ILE F 52 33.43 -32.21 64.48
N PRO F 53 34.10 -33.33 64.80
CA PRO F 53 34.45 -34.34 63.81
C PRO F 53 33.25 -35.13 63.34
N VAL F 54 33.14 -35.41 62.03
CA VAL F 54 32.03 -36.14 61.47
C VAL F 54 32.46 -37.54 61.12
N VAL F 55 32.13 -38.50 61.99
CA VAL F 55 32.51 -39.89 61.92
C VAL F 55 31.52 -40.61 60.99
N ASN F 56 31.93 -41.75 60.41
CA ASN F 56 31.05 -42.58 59.62
C ASN F 56 30.76 -43.84 60.42
N LEU F 57 29.66 -43.83 61.22
CA LEU F 57 29.17 -44.89 62.10
C LEU F 57 29.35 -46.32 61.59
N ALA F 58 28.87 -46.61 60.36
CA ALA F 58 28.97 -47.91 59.73
C ALA F 58 30.40 -48.45 59.57
N LYS F 59 31.42 -47.56 59.45
CA LYS F 59 32.82 -47.98 59.37
C LYS F 59 33.40 -48.28 60.77
N ILE F 60 32.63 -48.01 61.84
CA ILE F 60 33.02 -48.29 63.22
C ILE F 60 32.39 -49.61 63.62
N LEU F 61 31.12 -49.84 63.21
CA LEU F 61 30.40 -51.07 63.47
C LEU F 61 30.83 -52.20 62.56
N GLY F 62 31.35 -51.89 61.35
CA GLY F 62 31.78 -52.87 60.37
C GLY F 62 30.67 -53.42 59.51
N ILE F 63 29.45 -52.86 59.63
CA ILE F 63 28.28 -53.23 58.85
C ILE F 63 28.32 -52.73 57.40
N SER F 64 27.60 -53.41 56.50
CA SER F 64 27.37 -52.97 55.12
C SER F 64 26.63 -51.65 55.04
N PHE F 65 27.00 -50.79 54.06
CA PHE F 65 26.40 -49.49 53.89
C PHE F 65 26.56 -48.98 52.46
N ASP F 66 25.77 -47.95 52.08
CA ASP F 66 25.85 -47.26 50.81
C ASP F 66 26.05 -45.78 51.15
N GLU F 67 27.24 -45.21 50.86
CA GLU F 67 27.59 -43.87 51.30
C GLU F 67 26.70 -42.74 50.77
N GLN F 68 26.28 -42.79 49.48
CA GLN F 68 25.47 -41.74 48.86
C GLN F 68 24.09 -41.58 49.50
N LYS F 69 23.49 -42.70 49.91
CA LYS F 69 22.18 -42.78 50.54
C LYS F 69 22.06 -41.98 51.82
N MET F 70 23.10 -42.02 52.67
CA MET F 70 23.20 -41.26 53.91
C MET F 70 23.12 -39.76 53.74
N LYS F 71 22.47 -39.05 54.69
CA LYS F 71 22.36 -37.60 54.60
C LYS F 71 22.05 -36.93 55.93
N SER F 72 22.07 -37.67 57.05
CA SER F 72 21.71 -37.12 58.35
C SER F 72 22.87 -37.20 59.29
N ILE F 73 23.31 -36.07 59.85
CA ILE F 73 24.43 -36.08 60.78
C ILE F 73 23.85 -35.93 62.18
N ILE F 74 24.07 -36.94 63.04
CA ILE F 74 23.61 -36.90 64.42
C ILE F 74 24.77 -36.52 65.29
N VAL F 75 24.71 -35.32 65.91
CA VAL F 75 25.80 -34.81 66.72
C VAL F 75 25.63 -35.29 68.15
N ALA F 76 26.66 -35.96 68.69
CA ALA F 76 26.63 -36.51 70.02
C ALA F 76 27.45 -35.66 70.97
N ARG F 77 27.51 -36.07 72.24
CA ARG F 77 28.11 -35.26 73.28
C ARG F 77 28.46 -36.14 74.46
N THR F 78 29.77 -36.40 74.66
CA THR F 78 30.30 -37.20 75.77
C THR F 78 31.21 -36.29 76.56
N LYS F 79 31.70 -36.72 77.73
CA LYS F 79 32.56 -35.89 78.56
C LYS F 79 33.93 -35.73 77.92
N ASP F 80 34.45 -36.82 77.31
CA ASP F 80 35.70 -36.84 76.59
C ASP F 80 35.68 -36.04 75.28
N VAL F 81 34.64 -36.16 74.44
CA VAL F 81 34.66 -35.63 73.09
C VAL F 81 33.24 -35.40 72.56
N GLU F 82 33.06 -34.53 71.55
CA GLU F 82 31.80 -34.31 70.90
C GLU F 82 31.94 -34.57 69.41
N VAL F 83 31.12 -35.50 68.87
CA VAL F 83 31.35 -36.16 67.60
C VAL F 83 30.04 -36.32 66.86
N GLY F 84 30.05 -36.11 65.52
CA GLY F 84 28.87 -36.27 64.69
C GLY F 84 28.90 -37.59 63.98
N PHE F 85 27.74 -38.23 63.79
CA PHE F 85 27.62 -39.52 63.14
C PHE F 85 26.74 -39.41 61.91
N LEU F 86 27.32 -39.64 60.72
CA LEU F 86 26.59 -39.62 59.46
C LEU F 86 25.79 -40.91 59.21
N VAL F 87 24.44 -40.83 59.02
CA VAL F 87 23.59 -42.00 58.86
C VAL F 87 22.45 -41.74 57.84
N ASP F 88 21.41 -42.63 57.78
CA ASP F 88 20.23 -42.48 56.92
C ASP F 88 19.19 -41.67 57.70
N ARG F 89 17.89 -41.84 57.42
CA ARG F 89 16.78 -41.25 58.12
C ARG F 89 16.82 -41.31 59.65
N VAL F 90 16.10 -40.38 60.29
CA VAL F 90 15.98 -40.30 61.72
C VAL F 90 14.50 -40.33 62.03
N LEU F 91 14.13 -40.82 63.23
CA LEU F 91 12.75 -40.84 63.68
C LEU F 91 12.61 -39.73 64.70
N GLY F 92 13.31 -39.88 65.84
CA GLY F 92 13.24 -39.01 67.00
C GLY F 92 13.35 -39.83 68.26
N VAL F 93 12.76 -39.35 69.36
CA VAL F 93 12.93 -40.00 70.66
C VAL F 93 11.97 -41.17 70.83
N LEU F 94 12.51 -42.34 71.16
CA LEU F 94 11.77 -43.56 71.35
C LEU F 94 11.94 -44.07 72.77
N ARG F 95 10.85 -44.05 73.57
CA ARG F 95 10.82 -44.63 74.90
C ARG F 95 10.75 -46.15 74.81
N ILE F 96 11.77 -46.87 75.30
CA ILE F 96 11.78 -48.33 75.22
C ILE F 96 11.55 -48.92 76.60
N THR F 97 10.99 -50.14 76.66
CA THR F 97 10.78 -50.85 77.92
C THR F 97 11.85 -51.90 78.17
N GLU F 98 12.28 -52.03 79.45
CA GLU F 98 13.29 -52.97 79.92
C GLU F 98 12.88 -54.42 79.67
N ASN F 99 11.56 -54.70 79.72
CA ASN F 99 10.93 -56.00 79.43
C ASN F 99 11.27 -56.53 78.02
N GLN F 100 11.43 -55.64 77.03
CA GLN F 100 11.64 -56.01 75.63
C GLN F 100 13.11 -55.90 75.22
N LEU F 101 14.01 -55.57 76.14
CA LEU F 101 15.42 -55.42 75.86
C LEU F 101 16.21 -56.71 76.11
N ASP F 102 16.78 -57.29 75.03
CA ASP F 102 17.64 -58.46 75.11
C ASP F 102 19.09 -57.96 75.22
N LEU F 103 19.92 -58.65 76.02
CA LEU F 103 21.27 -58.20 76.31
C LEU F 103 22.35 -59.12 75.72
N THR F 104 21.99 -60.07 74.84
CA THR F 104 22.94 -60.98 74.18
C THR F 104 23.94 -60.25 73.29
N ASN F 105 25.25 -60.64 73.32
CA ASN F 105 26.29 -59.94 72.57
C ASN F 105 26.84 -60.73 71.39
N VAL F 106 26.39 -61.99 71.20
CA VAL F 106 26.84 -62.82 70.08
C VAL F 106 25.79 -62.97 68.98
N SER F 107 24.64 -62.28 69.08
CA SER F 107 23.59 -62.33 68.08
C SER F 107 24.00 -61.82 66.71
N ASP F 108 24.72 -60.68 66.64
CA ASP F 108 25.33 -60.21 65.43
C ASP F 108 26.78 -59.81 65.73
N LYS F 109 27.57 -59.48 64.69
CA LYS F 109 29.02 -59.36 64.79
C LYS F 109 29.54 -58.08 65.46
N PHE F 110 28.67 -57.09 65.71
CA PHE F 110 29.00 -55.82 66.34
C PHE F 110 28.35 -55.70 67.72
N GLY F 111 28.09 -56.86 68.37
CA GLY F 111 27.31 -56.95 69.58
C GLY F 111 28.01 -56.55 70.84
N LYS F 112 29.35 -56.33 70.80
CA LYS F 112 30.13 -56.00 71.99
C LYS F 112 30.06 -54.51 72.29
N LYS F 113 30.01 -53.67 71.24
CA LYS F 113 29.83 -52.24 71.38
C LYS F 113 28.34 -51.88 71.30
N SER F 114 27.47 -52.91 71.30
CA SER F 114 26.04 -52.77 71.37
C SER F 114 25.58 -53.07 72.79
N LYS F 115 24.77 -52.20 73.39
CA LYS F 115 24.26 -52.38 74.75
C LYS F 115 23.14 -53.44 74.81
N GLY F 116 22.46 -53.70 73.68
CA GLY F 116 21.43 -54.72 73.63
C GLY F 116 20.65 -54.66 72.34
N LEU F 117 19.46 -55.29 72.30
CA LEU F 117 18.58 -55.28 71.16
C LEU F 117 17.13 -55.18 71.63
N VAL F 118 16.39 -54.15 71.17
CA VAL F 118 14.98 -53.98 71.49
C VAL F 118 14.09 -54.80 70.57
N LYS F 119 13.33 -55.74 71.15
CA LYS F 119 12.45 -56.62 70.43
C LYS F 119 11.09 -55.97 70.18
N THR F 120 10.56 -56.09 68.95
CA THR F 120 9.36 -55.38 68.52
C THR F 120 8.79 -56.06 67.29
N ASP F 121 7.58 -55.68 66.85
CA ASP F 121 6.93 -56.22 65.66
C ASP F 121 7.16 -55.35 64.42
N GLY F 122 7.96 -54.28 64.56
CA GLY F 122 8.46 -53.46 63.45
C GLY F 122 9.91 -53.81 63.22
N ARG F 123 10.72 -52.89 62.66
CA ARG F 123 12.15 -53.11 62.51
C ARG F 123 12.85 -53.11 63.86
N LEU F 124 13.66 -54.15 64.14
CA LEU F 124 14.39 -54.30 65.39
C LEU F 124 15.41 -53.21 65.68
N ILE F 125 15.12 -52.38 66.69
CA ILE F 125 15.91 -51.25 67.16
C ILE F 125 17.10 -51.68 67.99
N ILE F 126 18.33 -51.62 67.45
CA ILE F 126 19.46 -52.13 68.20
C ILE F 126 20.03 -50.99 69.04
N TYR F 127 20.17 -51.26 70.35
CA TYR F 127 20.66 -50.32 71.32
C TYR F 127 22.18 -50.31 71.35
N LEU F 128 22.82 -49.18 71.02
CA LEU F 128 24.26 -49.11 70.96
C LEU F 128 24.81 -48.61 72.30
N ASP F 129 26.15 -48.70 72.52
CA ASP F 129 26.78 -48.14 73.69
C ASP F 129 27.73 -47.04 73.22
N ILE F 130 27.25 -45.77 73.22
CA ILE F 130 27.99 -44.55 72.86
C ILE F 130 29.42 -44.49 73.41
N ASP F 131 29.56 -44.88 74.69
CA ASP F 131 30.77 -45.01 75.47
C ASP F 131 31.83 -45.85 74.75
N LYS F 132 31.56 -47.14 74.50
CA LYS F 132 32.44 -48.06 73.80
C LYS F 132 32.69 -47.69 72.33
N ILE F 133 31.78 -46.93 71.69
CA ILE F 133 31.97 -46.37 70.36
C ILE F 133 32.96 -45.21 70.38
N ILE F 134 32.92 -44.34 71.42
CA ILE F 134 33.91 -43.26 71.57
C ILE F 134 35.26 -43.85 72.00
N GLU F 135 35.25 -44.90 72.83
CA GLU F 135 36.43 -45.68 73.21
C GLU F 135 37.19 -46.33 72.04
N GLU F 136 36.52 -46.54 70.89
CA GLU F 136 37.13 -47.09 69.70
C GLU F 136 37.92 -46.05 68.90
N ILE F 137 37.38 -44.83 68.74
CA ILE F 137 38.00 -43.77 67.94
C ILE F 137 39.30 -43.21 68.49
N THR F 138 39.52 -43.29 69.81
CA THR F 138 40.71 -42.77 70.47
C THR F 138 41.88 -43.75 70.60
N VAL F 139 41.83 -44.93 69.95
CA VAL F 139 42.94 -45.88 69.99
C VAL F 139 43.71 -45.84 68.65
N GLY G 1 0.34 48.75 -152.93
CA GLY G 1 -0.14 47.66 -152.04
C GLY G 1 -0.99 48.08 -150.88
N SER G 2 -2.31 47.85 -150.93
CA SER G 2 -3.29 48.33 -149.94
C SER G 2 -3.11 47.70 -148.58
N HIS G 3 -2.85 46.37 -148.53
CA HIS G 3 -2.80 45.61 -147.30
C HIS G 3 -1.45 45.73 -146.61
N MET G 4 -0.41 46.14 -147.37
CA MET G 4 0.95 46.27 -146.88
C MET G 4 1.11 47.43 -145.89
N LYS G 5 0.18 48.40 -145.92
CA LYS G 5 0.17 49.53 -145.01
C LYS G 5 -0.20 49.16 -143.57
N ASP G 6 -0.75 47.95 -143.35
CA ASP G 6 -1.04 47.45 -142.01
C ASP G 6 0.06 46.51 -141.54
N VAL G 7 0.76 45.86 -142.49
CA VAL G 7 1.99 45.11 -142.23
C VAL G 7 3.11 46.07 -141.81
N GLN G 8 2.97 47.35 -142.17
CA GLN G 8 3.84 48.41 -141.75
C GLN G 8 3.46 48.92 -140.36
N THR G 9 2.19 49.29 -140.09
CA THR G 9 1.78 49.67 -138.72
C THR G 9 2.06 48.62 -137.65
N GLU G 10 1.89 47.32 -137.99
CA GLU G 10 2.20 46.20 -137.11
C GLU G 10 3.69 46.10 -136.80
N THR G 11 4.57 45.98 -137.82
CA THR G 11 6.02 45.87 -137.61
C THR G 11 6.68 47.08 -136.97
N PHE G 12 6.02 48.25 -136.91
CA PHE G 12 6.50 49.42 -136.17
C PHE G 12 6.32 49.21 -134.68
N SER G 13 5.14 48.72 -134.27
CA SER G 13 4.79 48.42 -132.88
C SER G 13 5.62 47.28 -132.29
N VAL G 14 5.81 46.18 -133.04
CA VAL G 14 6.61 45.04 -132.58
C VAL G 14 8.11 45.39 -132.44
N ALA G 15 8.68 46.16 -133.40
CA ALA G 15 10.07 46.58 -133.38
C ALA G 15 10.43 47.52 -132.24
N GLU G 16 9.43 48.32 -131.79
CA GLU G 16 9.54 49.18 -130.63
C GLU G 16 9.48 48.41 -129.33
N SER G 17 8.65 47.36 -129.28
CA SER G 17 8.52 46.53 -128.09
C SER G 17 9.72 45.63 -127.89
N ILE G 18 10.15 44.92 -128.97
CA ILE G 18 11.30 44.03 -128.92
C ILE G 18 12.62 44.69 -128.50
N GLU G 19 12.79 46.01 -128.79
CA GLU G 19 13.96 46.76 -128.40
C GLU G 19 14.02 47.08 -126.89
N GLU G 20 12.87 47.15 -126.22
CA GLU G 20 12.80 47.36 -124.78
C GLU G 20 13.02 46.05 -124.03
N ILE G 21 12.40 44.95 -124.51
CA ILE G 21 12.59 43.61 -123.96
C ILE G 21 14.05 43.16 -124.03
N SER G 22 14.76 43.47 -125.13
CA SER G 22 16.16 43.15 -125.36
C SER G 22 17.11 43.85 -124.40
N LYS G 23 16.79 45.09 -124.01
CA LYS G 23 17.61 45.81 -123.06
C LYS G 23 17.27 45.41 -121.63
N ALA G 24 16.00 45.13 -121.32
CA ALA G 24 15.61 44.61 -120.02
C ALA G 24 16.15 43.22 -119.71
N ASN G 25 16.27 42.33 -120.73
CA ASN G 25 16.90 41.03 -120.57
C ASN G 25 18.42 41.12 -120.50
N GLU G 26 19.02 42.23 -120.96
CA GLU G 26 20.44 42.46 -120.75
C GLU G 26 20.69 43.06 -119.38
N GLU G 27 19.80 43.98 -118.93
CA GLU G 27 19.85 44.53 -117.60
C GLU G 27 19.62 43.49 -116.50
N ILE G 28 18.70 42.55 -116.71
CA ILE G 28 18.52 41.38 -115.83
C ILE G 28 19.76 40.49 -115.83
N THR G 29 20.33 40.18 -117.03
CA THR G 29 21.53 39.34 -117.13
C THR G 29 22.76 39.93 -116.43
N ASN G 30 22.92 41.26 -116.47
CA ASN G 30 23.98 41.97 -115.76
C ASN G 30 23.79 41.95 -114.23
N GLN G 31 22.57 42.23 -113.76
CA GLN G 31 22.19 42.24 -112.36
C GLN G 31 22.41 40.92 -111.64
N LEU G 32 22.12 39.79 -112.32
CA LEU G 32 22.35 38.44 -111.83
C LEU G 32 23.82 38.16 -111.54
N LEU G 33 24.76 38.71 -112.36
CA LEU G 33 26.18 38.64 -112.08
C LEU G 33 26.56 39.46 -110.84
N GLY G 34 26.06 40.70 -110.70
CA GLY G 34 26.32 41.54 -109.54
C GLY G 34 25.80 41.03 -108.21
N ILE G 35 24.60 40.42 -108.19
CA ILE G 35 24.05 39.69 -107.05
C ILE G 35 24.95 38.53 -106.62
N SER G 36 25.45 37.74 -107.59
CA SER G 36 26.26 36.56 -107.38
C SER G 36 27.55 36.84 -106.63
N LYS G 37 28.29 37.88 -107.04
CA LYS G 37 29.47 38.37 -106.34
C LYS G 37 29.22 38.80 -104.90
N GLU G 38 28.01 39.31 -104.61
CA GLU G 38 27.62 39.73 -103.28
C GLU G 38 27.19 38.54 -102.41
N MET G 39 26.59 37.49 -103.02
CA MET G 39 26.28 36.22 -102.38
C MET G 39 27.53 35.45 -101.98
N ASP G 40 28.61 35.53 -102.80
CA ASP G 40 29.89 34.93 -102.49
C ASP G 40 30.57 35.64 -101.32
N ASN G 41 30.40 36.97 -101.19
CA ASN G 41 30.85 37.71 -100.01
C ASN G 41 30.13 37.24 -98.75
N ILE G 42 28.79 37.03 -98.79
CA ILE G 42 28.01 36.48 -97.67
C ILE G 42 28.50 35.09 -97.30
N SER G 43 28.62 34.21 -98.31
CA SER G 43 29.13 32.84 -98.21
C SER G 43 30.49 32.79 -97.53
N THR G 44 31.46 33.58 -98.03
CA THR G 44 32.78 33.74 -97.44
C THR G 44 32.75 34.24 -96.01
N ARG G 45 32.00 35.31 -95.69
CA ARG G 45 31.89 35.83 -94.33
C ARG G 45 31.22 34.87 -93.34
N ILE G 46 30.19 34.09 -93.76
CA ILE G 46 29.59 33.08 -92.88
C ILE G 46 30.47 31.84 -92.71
N GLU G 47 31.56 31.71 -93.50
CA GLU G 47 32.58 30.70 -93.32
C GLU G 47 33.59 31.14 -92.28
N SER G 48 34.07 32.40 -92.33
CA SER G 48 34.93 32.94 -91.30
C SER G 48 34.27 33.03 -89.93
N ILE G 49 32.94 33.34 -89.87
CA ILE G 49 32.19 33.25 -88.63
C ILE G 49 32.08 31.81 -88.13
N SER G 50 31.97 30.81 -89.02
CA SER G 50 31.96 29.40 -88.61
C SER G 50 33.29 28.92 -88.05
N ALA G 51 34.44 29.40 -88.58
CA ALA G 51 35.73 29.14 -88.00
C ALA G 51 35.97 29.89 -86.68
N SER G 52 35.41 31.11 -86.55
CA SER G 52 35.36 31.89 -85.32
C SER G 52 34.48 31.28 -84.24
N VAL G 53 33.43 30.51 -84.59
CA VAL G 53 32.59 29.80 -83.62
C VAL G 53 33.34 28.62 -83.01
N GLN G 54 34.14 27.87 -83.78
CA GLN G 54 34.96 26.77 -83.29
C GLN G 54 36.04 27.19 -82.29
N GLU G 55 36.73 28.32 -82.56
CA GLU G 55 37.68 28.92 -81.63
C GLU G 55 37.04 29.26 -80.30
N THR G 56 35.86 29.90 -80.36
CA THR G 56 35.06 30.33 -79.21
C THR G 56 34.58 29.17 -78.36
N THR G 57 34.06 28.07 -78.94
CA THR G 57 33.66 26.86 -78.20
C THR G 57 34.80 26.18 -77.48
N ALA G 58 36.00 26.17 -78.07
CA ALA G 58 37.22 25.72 -77.41
C ALA G 58 37.64 26.58 -76.23
N GLY G 59 37.49 27.91 -76.35
CA GLY G 59 37.73 28.84 -75.23
C GLY G 59 36.71 28.72 -74.14
N SER G 60 35.43 28.49 -74.49
CA SER G 60 34.38 28.20 -73.52
C SER G 60 34.55 26.87 -72.82
N GLU G 61 35.12 25.85 -73.52
CA GLU G 61 35.47 24.55 -72.97
C GLU G 61 36.61 24.68 -71.95
N GLU G 62 37.57 25.58 -72.21
CA GLU G 62 38.65 25.91 -71.31
C GLU G 62 38.15 26.65 -70.06
N ILE G 63 37.27 27.66 -70.22
CA ILE G 63 36.56 28.38 -69.14
C ILE G 63 35.76 27.41 -68.26
N SER G 64 34.91 26.57 -68.87
CA SER G 64 34.10 25.52 -68.23
C SER G 64 34.94 24.62 -67.32
N SER G 65 36.02 24.05 -67.88
CA SER G 65 37.05 23.28 -67.18
C SER G 65 37.70 24.05 -66.03
N ALA G 66 37.98 25.36 -66.22
CA ALA G 66 38.55 26.20 -65.17
C ALA G 66 37.59 26.47 -64.02
N THR G 67 36.29 26.73 -64.29
CA THR G 67 35.33 26.93 -63.18
C THR G 67 35.03 25.67 -62.42
N LYS G 68 35.22 24.48 -63.03
CA LYS G 68 35.05 23.21 -62.36
C LYS G 68 36.19 22.89 -61.40
N ASN G 69 37.46 23.11 -61.83
CA ASN G 69 38.64 23.01 -60.98
C ASN G 69 38.63 23.93 -59.76
N ILE G 70 38.30 25.23 -59.97
CA ILE G 70 38.18 26.20 -58.90
C ILE G 70 37.06 25.89 -57.94
N ALA G 71 35.89 25.41 -58.42
CA ALA G 71 34.77 25.09 -57.55
C ALA G 71 35.00 23.89 -56.63
N ASP G 72 35.85 22.92 -57.03
CA ASP G 72 36.22 21.78 -56.20
C ASP G 72 37.39 22.16 -55.30
N SER G 73 38.41 22.86 -55.84
CA SER G 73 39.57 23.35 -55.06
C SER G 73 39.16 24.27 -53.91
N ALA G 74 38.16 25.14 -54.14
CA ALA G 74 37.63 26.06 -53.17
C ALA G 74 36.78 25.37 -52.11
N GLN G 75 36.00 24.33 -52.47
CA GLN G 75 35.22 23.54 -51.52
C GLN G 75 36.09 22.77 -50.52
N GLN G 76 37.34 22.42 -50.91
CA GLN G 76 38.28 21.82 -49.98
C GLN G 76 39.12 22.87 -49.28
N ALA G 77 39.44 24.02 -49.92
CA ALA G 77 40.16 25.09 -49.25
C ALA G 77 39.35 25.72 -48.13
N ALA G 78 38.04 25.94 -48.38
CA ALA G 78 37.07 26.38 -47.39
C ALA G 78 36.90 25.39 -46.26
N SER G 79 36.90 24.07 -46.56
CA SER G 79 36.81 23.03 -45.54
C SER G 79 38.07 22.92 -44.68
N PHE G 80 39.28 23.19 -45.20
CA PHE G 80 40.45 23.24 -44.34
C PHE G 80 40.59 24.58 -43.61
N ALA G 81 39.93 25.66 -44.08
CA ALA G 81 39.82 26.89 -43.33
C ALA G 81 38.79 26.78 -42.19
N ASP G 82 37.76 25.95 -42.40
CA ASP G 82 36.73 25.65 -41.41
C ASP G 82 37.23 24.65 -40.37
N GLN G 83 38.15 23.75 -40.78
CA GLN G 83 38.91 22.90 -39.89
C GLN G 83 39.92 23.69 -39.08
N SER G 84 40.63 24.65 -39.70
CA SER G 84 41.62 25.47 -39.00
C SER G 84 41.02 26.44 -38.00
N THR G 85 39.80 26.96 -38.28
CA THR G 85 39.06 27.81 -37.35
C THR G 85 38.57 27.03 -36.14
N GLN G 86 38.12 25.77 -36.35
CA GLN G 86 37.70 24.89 -35.27
C GLN G 86 38.88 24.39 -34.45
N LEU G 87 40.05 24.08 -35.05
CA LEU G 87 41.24 23.72 -34.29
C LEU G 87 41.84 24.91 -33.54
N ALA G 88 41.53 26.15 -33.96
CA ALA G 88 41.86 27.35 -33.23
C ALA G 88 40.95 27.55 -32.03
N LYS G 89 39.62 27.51 -32.21
CA LYS G 89 38.66 27.55 -31.12
C LYS G 89 38.86 26.42 -30.09
N GLU G 90 39.23 25.20 -30.53
CA GLU G 90 39.66 24.11 -29.68
C GLU G 90 40.96 24.37 -28.93
N ALA G 91 42.06 24.72 -29.64
CA ALA G 91 43.32 25.11 -29.02
C ALA G 91 43.22 26.33 -28.10
N GLY G 92 42.23 27.21 -28.36
CA GLY G 92 41.84 28.34 -27.52
C GLY G 92 41.16 27.89 -26.26
N ASP G 93 40.17 26.99 -26.36
CA ASP G 93 39.45 26.42 -25.23
C ASP G 93 40.37 25.64 -24.29
N ALA G 94 41.40 24.97 -24.84
CA ALA G 94 42.45 24.38 -24.02
C ALA G 94 43.35 25.41 -23.35
N LEU G 95 44.02 26.29 -24.12
CA LEU G 95 44.95 27.32 -23.63
C LEU G 95 44.38 28.30 -22.60
N LYS G 96 43.10 28.66 -22.70
CA LYS G 96 42.43 29.53 -21.74
C LYS G 96 42.09 28.81 -20.45
N LYS G 97 42.07 27.45 -20.47
CA LYS G 97 41.98 26.65 -19.25
C LYS G 97 43.35 26.29 -18.72
N VAL G 98 44.44 26.80 -19.33
CA VAL G 98 45.77 26.76 -18.76
C VAL G 98 46.01 28.13 -18.12
N ILE G 99 45.27 29.18 -18.56
CA ILE G 99 45.24 30.46 -17.86
C ILE G 99 44.39 30.34 -16.60
N GLU G 100 43.22 29.66 -16.66
CA GLU G 100 42.43 29.34 -15.47
C GLU G 100 43.16 28.47 -14.44
N VAL G 101 43.96 27.48 -14.89
CA VAL G 101 44.76 26.68 -13.98
C VAL G 101 45.96 27.45 -13.47
N THR G 102 46.63 28.28 -14.29
CA THR G 102 47.79 29.05 -13.80
C THR G 102 47.39 30.18 -12.85
N ARG G 103 46.14 30.70 -12.90
CA ARG G 103 45.70 31.60 -11.86
C ARG G 103 45.28 30.87 -10.59
N MET G 104 44.85 29.59 -10.67
CA MET G 104 44.61 28.85 -9.44
C MET G 104 45.89 28.40 -8.74
N ILE G 105 46.98 28.15 -9.51
CA ILE G 105 48.33 27.94 -8.98
C ILE G 105 48.93 29.23 -8.42
N SER G 106 48.37 30.39 -8.78
CA SER G 106 48.72 31.71 -8.24
C SER G 106 48.23 31.81 -6.80
N ASN G 107 46.91 31.66 -6.58
CA ASN G 107 46.30 31.71 -5.27
C ASN G 107 46.86 30.64 -4.33
N SER G 108 46.95 29.38 -4.80
CA SER G 108 47.50 28.26 -4.05
C SER G 108 48.98 28.42 -3.70
N ALA G 109 49.85 28.89 -4.63
CA ALA G 109 51.23 29.15 -4.29
C ALA G 109 51.48 30.38 -3.45
N LYS G 110 50.61 31.41 -3.53
CA LYS G 110 50.71 32.57 -2.66
C LYS G 110 50.49 32.21 -1.19
N ASP G 111 49.52 31.32 -0.88
CA ASP G 111 49.32 30.81 0.47
C ASP G 111 50.50 30.00 1.04
N VAL G 112 51.51 29.62 0.21
CA VAL G 112 52.73 28.98 0.67
C VAL G 112 53.60 29.99 1.41
N GLU G 113 53.69 31.23 0.89
CA GLU G 113 54.44 32.31 1.52
C GLU G 113 53.89 32.71 2.89
N ARG G 114 52.59 32.47 3.16
CA ARG G 114 52.02 32.61 4.49
C ARG G 114 52.49 31.53 5.45
N VAL G 115 52.67 30.30 4.97
CA VAL G 115 53.15 29.19 5.77
C VAL G 115 54.63 29.36 6.08
N VAL G 116 55.43 29.79 5.07
CA VAL G 116 56.85 30.01 5.23
C VAL G 116 57.17 31.11 6.24
N GLU G 117 56.43 32.25 6.25
CA GLU G 117 56.66 33.23 7.28
C GLU G 117 55.98 32.90 8.61
N SER G 118 54.90 32.09 8.64
CA SER G 118 54.33 31.62 9.90
C SER G 118 55.22 30.63 10.61
N PHE G 119 55.99 29.83 9.83
CA PHE G 119 56.99 28.95 10.40
C PHE G 119 58.28 29.68 10.76
N GLN G 120 58.75 30.69 9.99
CA GLN G 120 59.91 31.46 10.47
C GLN G 120 59.62 32.34 11.70
N LYS G 121 58.37 32.80 11.91
CA LYS G 121 57.96 33.49 13.13
C LYS G 121 57.89 32.58 14.34
N GLY G 122 57.38 31.34 14.12
CA GLY G 122 57.23 30.33 15.16
C GLY G 122 58.53 29.66 15.52
N ALA G 123 59.45 29.47 14.55
CA ALA G 123 60.78 28.96 14.79
C ALA G 123 61.58 29.80 15.78
N GLU G 124 61.69 31.14 15.57
CA GLU G 124 62.35 32.04 16.50
C GLU G 124 61.66 32.15 17.87
N GLU G 125 60.31 32.03 17.89
CA GLU G 125 59.45 32.00 19.07
C GLU G 125 59.84 30.86 20.02
N ILE G 126 59.71 29.62 19.50
CA ILE G 126 60.05 28.38 20.18
C ILE G 126 61.53 28.31 20.50
N THR G 127 62.43 28.77 19.60
CA THR G 127 63.87 28.83 19.90
C THR G 127 64.16 29.69 21.12
N SER G 128 63.56 30.90 21.20
CA SER G 128 63.73 31.78 22.35
C SER G 128 63.08 31.27 23.62
N PHE G 129 61.90 30.61 23.54
CA PHE G 129 61.32 29.93 24.69
C PHE G 129 62.15 28.73 25.17
N VAL G 130 62.84 28.02 24.26
CA VAL G 130 63.66 26.86 24.58
C VAL G 130 64.98 27.30 25.17
N GLU G 131 65.58 28.40 24.66
CA GLU G 131 66.73 29.02 25.29
C GLU G 131 66.42 29.54 26.69
N THR G 132 65.16 29.97 26.93
CA THR G 132 64.68 30.32 28.27
C THR G 132 64.46 29.09 29.15
N ILE G 133 63.90 27.98 28.63
CA ILE G 133 63.73 26.75 29.39
C ILE G 133 65.08 26.06 29.66
N ASN G 134 66.12 26.32 28.84
CA ASN G 134 67.47 25.89 29.11
C ASN G 134 68.11 26.68 30.25
N ALA G 135 67.99 28.03 30.22
CA ALA G 135 68.38 28.93 31.30
C ALA G 135 67.77 28.57 32.66
N ILE G 136 66.42 28.38 32.72
CA ILE G 136 65.68 27.90 33.88
C ILE G 136 66.18 26.54 34.38
N ALA G 137 66.46 25.59 33.48
CA ALA G 137 67.02 24.28 33.79
C ALA G 137 68.42 24.34 34.40
N GLU G 138 69.34 25.15 33.84
CA GLU G 138 70.67 25.32 34.39
C GLU G 138 70.69 26.06 35.74
N GLN G 139 69.70 26.95 35.98
CA GLN G 139 69.52 27.58 37.28
C GLN G 139 68.90 26.62 38.28
N THR G 140 67.93 25.78 37.86
CA THR G 140 67.32 24.74 38.68
C THR G 140 68.34 23.70 39.08
N ASN G 141 69.24 23.30 38.16
CA ASN G 141 70.35 22.42 38.45
C ASN G 141 71.31 22.99 39.49
N LEU G 142 71.73 24.26 39.34
CA LEU G 142 72.60 24.93 40.28
C LEU G 142 71.97 25.19 41.66
N LEU G 143 70.67 25.54 41.69
CA LEU G 143 69.83 25.67 42.88
C LEU G 143 69.70 24.35 43.63
N ALA G 144 69.35 23.27 42.90
CA ALA G 144 69.28 21.91 43.37
C ALA G 144 70.60 21.41 43.94
N LEU G 145 71.72 21.58 43.21
CA LEU G 145 73.05 21.21 43.69
C LEU G 145 73.49 21.94 44.96
N ASN G 146 73.13 23.23 45.15
CA ASN G 146 73.36 23.95 46.39
C ASN G 146 72.60 23.36 47.57
N ALA G 147 71.35 22.91 47.36
CA ALA G 147 70.58 22.18 48.35
C ALA G 147 71.22 20.83 48.68
N ALA G 148 71.54 20.03 47.66
CA ALA G 148 72.26 18.76 47.70
C ALA G 148 73.56 18.80 48.52
N ILE G 149 74.44 19.80 48.28
CA ILE G 149 75.66 19.98 49.06
C ILE G 149 75.37 20.44 50.49
N GLU G 150 74.47 21.43 50.70
CA GLU G 150 74.14 21.94 52.02
C GLU G 150 73.44 20.92 52.92
N ALA G 151 72.56 20.08 52.36
CA ALA G 151 71.97 18.99 53.09
C ALA G 151 73.00 17.95 53.52
N ALA G 152 73.87 17.49 52.59
CA ALA G 152 75.03 16.67 52.88
C ALA G 152 76.02 17.22 53.93
N ARG G 153 75.99 18.54 54.20
CA ARG G 153 76.74 19.21 55.26
C ARG G 153 76.12 18.91 56.62
N ALA G 154 74.77 18.86 56.70
CA ALA G 154 74.03 18.63 57.93
C ALA G 154 73.99 17.16 58.35
N GLY G 155 74.78 16.29 57.69
CA GLY G 155 74.96 14.88 58.01
C GLY G 155 73.73 14.02 57.82
N GLU G 156 73.55 13.03 58.70
CA GLU G 156 72.51 12.02 58.63
C GLU G 156 71.10 12.59 58.70
N ALA G 157 70.91 13.65 59.51
CA ALA G 157 69.65 14.37 59.58
C ALA G 157 69.31 15.11 58.28
N GLY G 158 70.33 15.50 57.51
CA GLY G 158 70.21 16.09 56.17
C GLY G 158 69.73 15.15 55.08
N ARG G 159 69.88 13.82 55.29
CA ARG G 159 69.81 12.81 54.25
C ARG G 159 68.53 12.75 53.41
N GLY G 160 67.34 12.73 54.03
CA GLY G 160 66.05 12.68 53.33
C GLY G 160 65.84 13.83 52.39
N PHE G 161 66.30 15.03 52.80
CA PHE G 161 66.33 16.22 52.00
C PHE G 161 67.37 16.13 50.89
N ALA G 162 68.60 15.64 51.20
CA ALA G 162 69.66 15.42 50.22
C ALA G 162 69.29 14.46 49.07
N VAL G 163 68.52 13.40 49.36
CA VAL G 163 67.90 12.48 48.40
C VAL G 163 67.01 13.21 47.41
N VAL G 164 65.98 13.93 47.92
CA VAL G 164 65.06 14.72 47.11
C VAL G 164 65.78 15.80 46.32
N ALA G 165 66.71 16.56 46.94
CA ALA G 165 67.54 17.54 46.25
C ALA G 165 68.35 16.96 45.09
N ASP G 166 68.90 15.74 45.24
CA ASP G 166 69.57 15.02 44.19
C ASP G 166 68.62 14.50 43.08
N GLU G 167 67.38 14.09 43.42
CA GLU G 167 66.36 13.78 42.43
C GLU G 167 65.86 15.02 41.67
N ILE G 168 65.80 16.20 42.33
CA ILE G 168 65.48 17.46 41.66
C ILE G 168 66.61 17.83 40.70
N ARG G 169 67.88 17.70 41.12
CA ARG G 169 69.05 17.87 40.27
C ARG G 169 69.06 16.94 39.06
N LYS G 170 68.72 15.64 39.25
CA LYS G 170 68.52 14.67 38.18
C LYS G 170 67.47 15.08 37.15
N LEU G 171 66.30 15.58 37.60
CA LEU G 171 65.25 16.11 36.72
C LEU G 171 65.66 17.41 36.04
N ALA G 172 66.43 18.28 36.71
CA ALA G 172 66.96 19.50 36.13
C ALA G 172 67.90 19.26 34.95
N GLU G 173 68.82 18.28 35.04
CA GLU G 173 69.66 17.91 33.92
C GLU G 173 68.99 16.96 32.95
N GLU G 174 67.75 16.50 33.24
CA GLU G 174 66.89 15.82 32.29
C GLU G 174 66.16 16.86 31.44
N SER G 175 65.78 18.02 32.05
CA SER G 175 65.28 19.19 31.34
C SER G 175 66.33 19.86 30.46
N GLN G 176 67.63 19.74 30.81
CA GLN G 176 68.70 20.16 29.93
C GLN G 176 68.86 19.25 28.71
N GLN G 177 68.57 17.94 28.80
CA GLN G 177 68.51 17.09 27.62
C GLN G 177 67.26 17.30 26.79
N ALA G 178 66.08 17.44 27.43
CA ALA G 178 64.80 17.69 26.80
C ALA G 178 64.73 19.02 26.05
N SER G 179 65.33 20.08 26.61
CA SER G 179 65.43 21.39 25.97
C SER G 179 66.32 21.35 24.74
N GLU G 180 67.40 20.56 24.75
CA GLU G 180 68.24 20.35 23.57
C GLU G 180 67.62 19.40 22.55
N ASN G 181 66.50 18.73 22.86
CA ASN G 181 65.79 17.89 21.91
C ASN G 181 64.67 18.67 21.25
N VAL G 182 63.94 19.54 21.97
CA VAL G 182 63.03 20.49 21.31
C VAL G 182 63.77 21.58 20.55
N ARG G 183 65.08 21.76 20.82
CA ARG G 183 65.94 22.70 20.10
C ARG G 183 66.43 22.10 18.79
N ARG G 184 66.94 20.84 18.81
CA ARG G 184 67.43 20.19 17.61
C ARG G 184 66.34 20.05 16.54
N VAL G 185 65.08 19.78 16.95
CA VAL G 185 63.96 19.71 16.04
C VAL G 185 63.53 21.07 15.52
N VAL G 186 63.54 22.14 16.35
CA VAL G 186 63.20 23.49 15.87
C VAL G 186 64.26 24.09 14.94
N ASN G 187 65.52 23.63 15.04
CA ASN G 187 66.57 24.04 14.12
C ASN G 187 66.48 23.26 12.80
N GLU G 188 65.97 22.01 12.79
CA GLU G 188 65.61 21.35 11.53
C GLU G 188 64.43 22.05 10.84
N ILE G 189 63.34 22.33 11.60
CA ILE G 189 62.17 23.11 11.20
C ILE G 189 62.51 24.49 10.64
N ARG G 190 63.50 25.17 11.26
CA ARG G 190 64.07 26.40 10.76
C ARG G 190 64.67 26.27 9.37
N SER G 191 65.57 25.30 9.17
CA SER G 191 66.25 25.07 7.90
C SER G 191 65.30 24.78 6.75
N ILE G 192 64.35 23.84 6.93
CA ILE G 192 63.30 23.57 5.94
C ILE G 192 62.36 24.73 5.65
N ALA G 193 62.28 25.75 6.53
CA ALA G 193 61.44 26.92 6.36
C ALA G 193 62.21 28.02 5.65
N GLU G 194 63.46 28.31 6.07
CA GLU G 194 64.28 29.35 5.45
C GLU G 194 64.73 28.94 4.05
N ASP G 195 65.24 27.70 3.84
CA ASP G 195 65.54 27.17 2.51
C ASP G 195 64.30 27.00 1.60
N ALA G 196 63.06 27.08 2.15
CA ALA G 196 61.84 27.07 1.37
C ALA G 196 61.45 28.43 0.80
N GLY G 197 61.87 29.56 1.43
CA GLY G 197 61.45 30.88 0.97
C GLY G 197 62.01 31.32 -0.36
N LYS G 198 63.15 30.76 -0.76
CA LYS G 198 63.69 30.91 -2.10
C LYS G 198 62.92 30.13 -3.15
N VAL G 199 62.25 29.02 -2.76
CA VAL G 199 61.44 28.21 -3.66
C VAL G 199 60.08 28.84 -3.83
N SER G 200 59.55 29.49 -2.77
CA SER G 200 58.29 30.24 -2.84
C SER G 200 58.40 31.51 -3.70
N SER G 201 59.61 32.09 -3.79
CA SER G 201 59.89 33.21 -4.67
C SER G 201 60.15 32.76 -6.08
N GLU G 202 60.56 31.50 -6.30
CA GLU G 202 60.77 30.99 -7.64
C GLU G 202 59.45 30.55 -8.25
N ILE G 203 58.54 29.92 -7.48
CA ILE G 203 57.20 29.61 -7.99
C ILE G 203 56.37 30.87 -8.18
N THR G 204 56.57 31.94 -7.38
CA THR G 204 55.86 33.20 -7.61
C THR G 204 56.42 33.94 -8.82
N ALA G 205 57.75 33.90 -9.06
CA ALA G 205 58.34 34.46 -10.27
C ALA G 205 57.96 33.74 -11.55
N ARG G 206 57.93 32.38 -11.53
CA ARG G 206 57.58 31.58 -12.68
C ARG G 206 56.08 31.45 -12.93
N VAL G 207 55.22 31.83 -11.97
CA VAL G 207 53.78 31.97 -12.20
C VAL G 207 53.53 33.25 -12.97
N GLU G 208 54.26 34.34 -12.66
CA GLU G 208 54.15 35.59 -13.42
C GLU G 208 54.77 35.43 -14.80
N GLU G 209 55.95 34.78 -14.91
CA GLU G 209 56.58 34.50 -16.19
C GLU G 209 55.78 33.54 -17.09
N GLY G 210 55.03 32.58 -16.50
CA GLY G 210 54.20 31.63 -17.24
C GLY G 210 52.82 32.16 -17.56
N THR G 211 52.28 33.08 -16.75
CA THR G 211 51.00 33.74 -17.00
C THR G 211 51.09 34.59 -18.24
N LYS G 212 52.10 35.48 -18.32
CA LYS G 212 52.24 36.38 -19.45
C LYS G 212 52.66 35.66 -20.73
N LEU G 213 53.41 34.53 -20.67
CA LEU G 213 53.63 33.71 -21.85
C LEU G 213 52.39 32.96 -22.32
N ALA G 214 51.40 32.69 -21.45
CA ALA G 214 50.16 32.10 -21.89
C ALA G 214 49.29 33.11 -22.63
N ASP G 215 49.20 34.35 -22.09
CA ASP G 215 48.59 35.45 -22.79
C ASP G 215 49.40 36.01 -23.98
N GLU G 216 50.57 35.45 -24.33
CA GLU G 216 51.30 35.80 -25.54
C GLU G 216 50.86 34.92 -26.71
N ALA G 217 50.65 33.62 -26.42
CA ALA G 217 50.12 32.66 -27.36
C ALA G 217 48.67 32.91 -27.72
N ASP G 218 47.86 33.37 -26.75
CA ASP G 218 46.47 33.75 -26.93
C ASP G 218 46.31 34.90 -27.93
N GLU G 219 47.21 35.89 -27.92
CA GLU G 219 47.19 36.94 -28.91
C GLU G 219 47.64 36.50 -30.30
N LYS G 220 48.72 35.70 -30.40
CA LYS G 220 49.13 35.12 -31.67
C LYS G 220 48.12 34.16 -32.30
N LEU G 221 47.46 33.32 -31.47
CA LEU G 221 46.40 32.43 -31.93
C LEU G 221 45.18 33.17 -32.42
N ASN G 222 44.78 34.26 -31.74
CA ASN G 222 43.70 35.13 -32.18
C ASN G 222 44.04 35.88 -33.47
N SER G 223 45.32 36.26 -33.68
CA SER G 223 45.75 36.89 -34.94
C SER G 223 45.71 35.91 -36.11
N ILE G 224 45.94 34.60 -35.86
CA ILE G 224 45.76 33.56 -36.88
C ILE G 224 44.27 33.31 -37.15
N VAL G 225 43.38 33.38 -36.13
CA VAL G 225 41.92 33.31 -36.31
C VAL G 225 41.43 34.39 -37.26
N GLY G 226 41.88 35.64 -37.06
CA GLY G 226 41.56 36.80 -37.88
C GLY G 226 42.07 36.65 -39.30
N ALA G 227 43.33 36.22 -39.48
CA ALA G 227 43.86 35.88 -40.79
C ALA G 227 43.08 34.75 -41.50
N VAL G 228 42.81 33.62 -40.80
CA VAL G 228 42.08 32.48 -41.35
C VAL G 228 40.62 32.80 -41.64
N GLU G 229 39.96 33.67 -40.85
CA GLU G 229 38.61 34.12 -41.15
C GLU G 229 38.56 35.14 -42.30
N ARG G 230 39.72 35.71 -42.69
CA ARG G 230 39.84 36.52 -43.88
C ARG G 230 40.04 35.65 -45.11
N ILE G 231 40.83 34.56 -45.00
CA ILE G 231 40.95 33.53 -46.03
C ILE G 231 39.60 32.90 -46.39
N ASN G 232 38.81 32.47 -45.38
CA ASN G 232 37.47 31.93 -45.55
C ASN G 232 36.53 32.88 -46.28
N GLU G 233 36.55 34.18 -45.89
CA GLU G 233 35.81 35.23 -46.57
C GLU G 233 36.19 35.45 -48.03
N MET G 234 37.47 35.28 -48.41
CA MET G 234 37.87 35.37 -49.80
C MET G 234 37.36 34.20 -50.60
N LEU G 235 37.44 32.97 -50.06
CA LEU G 235 36.86 31.77 -50.65
C LEU G 235 35.35 31.83 -50.81
N GLN G 236 34.62 32.47 -49.88
CA GLN G 236 33.19 32.69 -49.97
C GLN G 236 32.78 33.65 -51.09
N ASN G 237 33.58 34.71 -51.32
CA ASN G 237 33.47 35.61 -52.45
C ASN G 237 33.81 34.97 -53.79
N ILE G 238 34.84 34.08 -53.85
CA ILE G 238 35.20 33.36 -55.06
C ILE G 238 34.10 32.37 -55.48
N ALA G 239 33.39 31.75 -54.53
CA ALA G 239 32.27 30.87 -54.82
C ALA G 239 31.13 31.56 -55.56
N ALA G 240 30.72 32.77 -55.09
CA ALA G 240 29.74 33.59 -55.77
C ALA G 240 30.14 34.03 -57.18
N ALA G 241 31.43 34.44 -57.36
CA ALA G 241 31.99 34.77 -58.66
C ALA G 241 32.06 33.57 -59.61
N ILE G 242 32.42 32.38 -59.12
CA ILE G 242 32.39 31.10 -59.83
C ILE G 242 30.98 30.73 -60.29
N GLU G 243 29.96 30.93 -59.43
CA GLU G 243 28.56 30.71 -59.82
C GLU G 243 28.15 31.61 -60.98
N GLU G 244 28.51 32.91 -60.96
CA GLU G 244 28.25 33.77 -62.10
C GLU G 244 29.06 33.40 -63.34
N GLN G 245 30.34 32.96 -63.21
CA GLN G 245 31.13 32.52 -64.36
C GLN G 245 30.61 31.24 -65.02
N THR G 246 30.10 30.26 -64.25
CA THR G 246 29.52 29.02 -64.78
C THR G 246 28.20 29.30 -65.48
N ALA G 247 27.39 30.22 -64.92
CA ALA G 247 26.13 30.63 -65.53
C ALA G 247 26.36 31.44 -66.80
N ALA G 248 27.31 32.39 -66.79
CA ALA G 248 27.71 33.15 -67.95
C ALA G 248 28.31 32.31 -69.09
N VAL G 249 29.20 31.34 -68.79
CA VAL G 249 29.77 30.43 -69.78
C VAL G 249 28.75 29.52 -70.46
N ASP G 250 27.73 29.03 -69.73
CA ASP G 250 26.60 28.29 -70.28
C ASP G 250 25.80 29.18 -71.25
N GLU G 251 25.33 30.35 -70.81
CA GLU G 251 24.62 31.30 -71.65
C GLU G 251 25.39 31.79 -72.89
N ILE G 252 26.74 31.82 -72.87
CA ILE G 252 27.54 32.09 -74.05
C ILE G 252 27.62 30.89 -74.97
N THR G 253 27.93 29.69 -74.43
CA THR G 253 28.03 28.45 -75.21
C THR G 253 26.74 28.05 -75.88
N THR G 254 25.58 28.38 -75.26
CA THR G 254 24.27 28.16 -75.85
C THR G 254 23.95 29.22 -76.88
N ALA G 255 24.20 30.52 -76.61
CA ALA G 255 24.00 31.58 -77.58
C ALA G 255 24.87 31.47 -78.83
N MET G 256 26.07 30.88 -78.70
CA MET G 256 26.94 30.58 -79.81
C MET G 256 26.57 29.28 -80.52
N THR G 257 25.84 28.38 -79.85
CA THR G 257 25.25 27.19 -80.49
C THR G 257 24.01 27.58 -81.27
N GLU G 258 23.24 28.60 -80.80
CA GLU G 258 22.19 29.23 -81.57
C GLU G 258 22.73 29.95 -82.80
N ASN G 259 23.93 30.55 -82.72
CA ASN G 259 24.59 31.13 -83.89
C ASN G 259 25.09 30.07 -84.86
N ALA G 260 25.58 28.92 -84.38
CA ALA G 260 25.95 27.76 -85.18
C ALA G 260 24.77 27.14 -85.93
N LYS G 261 23.59 27.10 -85.31
CA LYS G 261 22.33 26.62 -85.86
C LYS G 261 21.75 27.59 -86.92
N ASN G 262 22.16 28.86 -86.87
CA ASN G 262 21.76 29.86 -87.84
C ASN G 262 22.80 29.99 -88.94
N ALA G 263 24.10 29.79 -88.68
CA ALA G 263 25.12 29.80 -89.72
C ALA G 263 25.01 28.63 -90.69
N GLU G 264 24.56 27.44 -90.23
CA GLU G 264 24.19 26.35 -91.10
C GLU G 264 22.93 26.67 -91.90
N GLU G 265 21.88 27.22 -91.26
CA GLU G 265 20.67 27.57 -91.98
C GLU G 265 20.84 28.74 -92.96
N ILE G 266 21.80 29.65 -92.71
CA ILE G 266 22.21 30.67 -93.67
C ILE G 266 23.00 30.00 -94.78
N THR G 267 23.96 29.11 -94.46
CA THR G 267 24.73 28.37 -95.48
C THR G 267 23.84 27.55 -96.42
N ASN G 268 22.80 26.86 -95.91
CA ASN G 268 21.85 26.14 -96.76
C ASN G 268 20.93 27.07 -97.57
N SER G 269 20.53 28.24 -97.01
CA SER G 269 19.73 29.21 -97.74
C SER G 269 20.55 29.95 -98.79
N VAL G 270 21.83 30.28 -98.52
CA VAL G 270 22.76 30.82 -99.51
C VAL G 270 22.98 29.85 -100.66
N LYS G 271 23.18 28.55 -100.37
CA LYS G 271 23.23 27.50 -101.40
C LYS G 271 21.97 27.42 -102.26
N GLU G 272 20.76 27.48 -101.65
CA GLU G 272 19.51 27.48 -102.39
C GLU G 272 19.28 28.75 -103.21
N VAL G 273 19.69 29.93 -102.71
CA VAL G 273 19.63 31.19 -103.45
C VAL G 273 20.54 31.15 -104.66
N ASN G 274 21.78 30.64 -104.53
CA ASN G 274 22.70 30.49 -105.65
C ASN G 274 22.16 29.56 -106.74
N ALA G 275 21.50 28.45 -106.36
CA ALA G 275 20.85 27.57 -107.31
C ALA G 275 19.69 28.24 -108.05
N ARG G 276 18.75 28.90 -107.33
CA ARG G 276 17.70 29.70 -107.93
C ARG G 276 18.19 30.83 -108.84
N LEU G 277 19.33 31.48 -108.52
CA LEU G 277 19.94 32.50 -109.36
C LEU G 277 20.49 31.92 -110.64
N GLN G 278 21.15 30.75 -110.58
CA GLN G 278 21.56 30.03 -111.78
C GLN G 278 20.39 29.54 -112.64
N GLU G 279 19.20 29.30 -112.06
CA GLU G 279 18.03 28.91 -112.84
C GLU G 279 17.31 30.09 -113.47
N ILE G 280 17.38 31.30 -112.87
CA ILE G 280 17.00 32.54 -113.53
C ILE G 280 17.98 32.90 -114.64
N SER G 281 19.31 32.78 -114.40
CA SER G 281 20.36 32.99 -115.40
C SER G 281 20.26 32.11 -116.64
N ALA G 282 19.80 30.86 -116.50
CA ALA G 282 19.50 29.99 -117.62
C ALA G 282 18.27 30.43 -118.39
N SER G 283 17.13 30.64 -117.68
CA SER G 283 15.88 31.06 -118.30
C SER G 283 15.97 32.43 -119.00
N THR G 284 16.79 33.36 -118.47
CA THR G 284 17.03 34.66 -119.11
C THR G 284 17.84 34.58 -120.39
N GLU G 285 18.76 33.60 -120.52
CA GLU G 285 19.43 33.33 -121.78
C GLU G 285 18.51 32.65 -122.80
N GLU G 286 17.59 31.78 -122.35
CA GLU G 286 16.56 31.20 -123.19
C GLU G 286 15.50 32.21 -123.68
N VAL G 287 15.25 33.30 -122.94
CA VAL G 287 14.49 34.45 -123.43
C VAL G 287 15.33 35.28 -124.41
N THR G 288 16.63 35.45 -124.15
CA THR G 288 17.57 36.20 -125.00
C THR G 288 17.66 35.64 -126.41
N SER G 289 17.77 34.31 -126.54
CA SER G 289 17.74 33.57 -127.81
C SER G 289 16.43 33.68 -128.56
N ARG G 290 15.30 33.91 -127.87
CA ARG G 290 14.00 34.01 -128.51
C ARG G 290 13.61 35.45 -128.76
N VAL G 291 14.30 36.43 -128.12
CA VAL G 291 14.17 37.84 -128.46
C VAL G 291 14.97 38.14 -129.73
N GLN G 292 15.84 37.20 -130.15
CA GLN G 292 16.61 37.30 -131.37
C GLN G 292 15.76 36.95 -132.59
N THR G 293 15.04 35.81 -132.54
CA THR G 293 14.16 35.34 -133.60
C THR G 293 12.96 36.23 -133.93
N ILE G 294 12.65 37.20 -133.05
CA ILE G 294 11.61 38.20 -133.26
C ILE G 294 12.22 39.46 -133.84
N ARG G 295 13.44 39.86 -133.41
CA ARG G 295 14.15 40.99 -134.00
C ARG G 295 14.53 40.74 -135.45
N GLU G 296 14.99 39.52 -135.78
CA GLU G 296 15.22 39.06 -137.13
C GLU G 296 13.93 39.08 -137.99
N ASN G 297 12.78 38.62 -137.45
CA ASN G 297 11.54 38.65 -138.22
C ASN G 297 10.90 40.03 -138.41
N VAL G 298 11.19 41.06 -137.58
CA VAL G 298 10.70 42.42 -137.87
C VAL G 298 11.50 43.09 -138.97
N GLN G 299 12.78 42.68 -139.14
CA GLN G 299 13.61 43.02 -140.27
C GLN G 299 13.08 42.38 -141.56
N MET G 300 12.67 41.10 -141.49
CA MET G 300 12.09 40.39 -142.62
C MET G 300 10.80 41.03 -143.12
N LEU G 301 9.89 41.42 -142.20
CA LEU G 301 8.68 42.17 -142.50
C LEU G 301 8.92 43.57 -143.09
N LYS G 302 9.94 44.31 -142.63
CA LYS G 302 10.30 45.60 -143.21
C LYS G 302 10.78 45.49 -144.66
N GLU G 303 11.75 44.59 -144.93
CA GLU G 303 12.33 44.41 -146.25
C GLU G 303 11.36 43.91 -147.35
N ILE G 304 10.15 43.42 -146.98
CA ILE G 304 9.09 43.08 -147.94
C ILE G 304 8.13 44.25 -148.17
N VAL G 305 8.15 45.29 -147.32
CA VAL G 305 7.37 46.51 -147.51
C VAL G 305 8.21 47.48 -148.30
N ALA G 306 9.55 47.37 -148.18
CA ALA G 306 10.54 48.03 -149.01
C ALA G 306 10.43 47.62 -150.48
N ARG G 307 10.06 46.34 -150.71
CA ARG G 307 9.78 45.79 -152.03
C ARG G 307 8.36 46.12 -152.49
N TYR G 308 7.36 45.35 -152.02
CA TYR G 308 5.99 45.30 -152.52
C TYR G 308 5.18 46.59 -152.52
N LYS G 309 5.37 47.48 -151.51
CA LYS G 309 4.58 48.69 -151.36
C LYS G 309 4.97 49.81 -152.36
N SER H 1 1.07 33.09 -154.29
CA SER H 1 1.05 33.80 -152.97
C SER H 1 2.40 34.30 -152.52
N HIS H 2 2.45 35.47 -151.87
CA HIS H 2 3.68 36.05 -151.32
C HIS H 2 3.55 36.15 -149.81
N MET H 3 2.47 35.59 -149.23
CA MET H 3 2.23 35.55 -147.80
C MET H 3 2.27 34.14 -147.23
N LYS H 4 2.84 33.16 -147.95
CA LYS H 4 2.87 31.78 -147.47
C LYS H 4 4.02 31.58 -146.51
N ASP H 5 5.25 31.97 -146.88
CA ASP H 5 6.40 31.92 -146.01
C ASP H 5 6.32 32.97 -144.88
N VAL H 6 5.52 34.03 -145.11
CA VAL H 6 5.16 35.03 -144.12
C VAL H 6 4.27 34.41 -143.06
N GLN H 7 3.31 33.54 -143.44
CA GLN H 7 2.43 32.89 -142.49
C GLN H 7 3.17 31.78 -141.74
N THR H 8 4.04 30.99 -142.39
CA THR H 8 4.80 29.95 -141.68
C THR H 8 5.88 30.48 -140.76
N GLU H 9 6.37 31.73 -140.91
CA GLU H 9 7.30 32.32 -139.95
C GLU H 9 6.61 33.18 -138.90
N THR H 10 5.45 33.82 -139.23
CA THR H 10 4.68 34.54 -138.19
C THR H 10 3.87 33.60 -137.31
N PHE H 11 4.01 32.29 -137.55
CA PHE H 11 3.45 31.23 -136.73
C PHE H 11 4.50 30.76 -135.72
N SER H 12 5.79 30.63 -136.14
CA SER H 12 6.86 30.18 -135.26
C SER H 12 7.27 31.22 -134.24
N VAL H 13 7.34 32.52 -134.62
CA VAL H 13 7.64 33.58 -133.66
C VAL H 13 6.45 33.89 -132.75
N ALA H 14 5.26 33.35 -133.08
CA ALA H 14 4.04 33.51 -132.31
C ALA H 14 3.93 32.35 -131.34
N GLU H 15 4.59 31.22 -131.64
CA GLU H 15 4.76 30.09 -130.75
C GLU H 15 5.98 30.29 -129.85
N SER H 16 6.75 31.38 -130.06
CA SER H 16 7.91 31.73 -129.24
C SER H 16 7.58 32.76 -128.18
N ILE H 17 6.79 33.82 -128.49
CA ILE H 17 6.30 34.79 -127.51
C ILE H 17 5.55 34.17 -126.33
N GLU H 18 4.82 33.07 -126.59
CA GLU H 18 4.22 32.20 -125.59
C GLU H 18 5.23 31.58 -124.64
N GLU H 19 6.39 31.10 -125.14
CA GLU H 19 7.44 30.51 -124.32
C GLU H 19 8.14 31.61 -123.50
N ILE H 20 8.32 32.81 -124.08
CA ILE H 20 8.83 33.98 -123.36
C ILE H 20 7.93 34.34 -122.17
N SER H 21 6.60 34.45 -122.40
CA SER H 21 5.61 34.70 -121.34
C SER H 21 5.65 33.72 -120.19
N LYS H 22 5.70 32.41 -120.52
CA LYS H 22 5.83 31.32 -119.56
C LYS H 22 7.15 31.36 -118.82
N ALA H 23 8.29 31.55 -119.52
CA ALA H 23 9.59 31.72 -118.92
C ALA H 23 9.65 32.91 -117.95
N ASN H 24 9.04 34.06 -118.32
CA ASN H 24 8.87 35.22 -117.44
C ASN H 24 8.01 34.95 -116.20
N GLU H 25 7.01 34.07 -116.30
CA GLU H 25 6.19 33.68 -115.17
C GLU H 25 6.96 32.73 -114.25
N GLU H 26 7.77 31.81 -114.82
CA GLU H 26 8.67 30.94 -114.09
C GLU H 26 9.74 31.73 -113.35
N ILE H 27 10.37 32.73 -114.00
CA ILE H 27 11.30 33.68 -113.37
C ILE H 27 10.64 34.47 -112.25
N THR H 28 9.41 35.00 -112.47
CA THR H 28 8.66 35.75 -111.45
C THR H 28 8.36 34.91 -110.22
N ASN H 29 7.92 33.64 -110.43
CA ASN H 29 7.66 32.68 -109.37
C ASN H 29 8.89 32.36 -108.51
N GLN H 30 10.07 32.10 -109.14
CA GLN H 30 11.31 31.87 -108.42
C GLN H 30 11.77 33.11 -107.64
N LEU H 31 11.67 34.30 -108.27
CA LEU H 31 12.05 35.59 -107.72
C LEU H 31 11.37 35.94 -106.40
N LEU H 32 10.05 35.67 -106.27
CA LEU H 32 9.33 35.90 -105.02
C LEU H 32 9.70 34.92 -103.91
N GLY H 33 10.25 33.73 -104.26
CA GLY H 33 10.77 32.76 -103.30
C GLY H 33 12.15 33.11 -102.84
N ILE H 34 13.02 33.64 -103.74
CA ILE H 34 14.31 34.24 -103.41
C ILE H 34 14.13 35.37 -102.42
N SER H 35 13.16 36.27 -102.70
CA SER H 35 12.80 37.41 -101.88
C SER H 35 12.45 37.03 -100.45
N LYS H 36 11.61 35.99 -100.27
CA LYS H 36 11.34 35.39 -98.98
C LYS H 36 12.57 34.79 -98.31
N GLU H 37 13.31 33.90 -99.02
CA GLU H 37 14.48 33.25 -98.46
C GLU H 37 15.58 34.23 -98.04
N MET H 38 15.75 35.34 -98.81
CA MET H 38 16.56 36.48 -98.46
C MET H 38 16.11 37.21 -97.20
N ASP H 39 14.81 37.55 -97.10
CA ASP H 39 14.22 38.17 -95.93
C ASP H 39 14.20 37.28 -94.66
N ASN H 40 14.46 35.96 -94.79
CA ASN H 40 14.63 35.07 -93.67
C ASN H 40 16.07 35.07 -93.15
N ILE H 41 17.07 35.30 -94.04
CA ILE H 41 18.47 35.48 -93.68
C ILE H 41 18.65 36.75 -92.86
N SER H 42 17.86 37.81 -93.16
CA SER H 42 17.78 39.04 -92.38
C SER H 42 17.44 38.78 -90.91
N THR H 43 16.39 37.99 -90.63
CA THR H 43 16.04 37.57 -89.27
C THR H 43 17.20 36.87 -88.58
N ARG H 44 17.78 35.84 -89.22
CA ARG H 44 18.91 35.11 -88.66
C ARG H 44 20.16 35.92 -88.39
N ILE H 45 20.57 36.84 -89.31
CA ILE H 45 21.72 37.73 -89.11
C ILE H 45 21.53 38.71 -87.97
N GLU H 46 20.34 39.35 -87.88
CA GLU H 46 19.95 40.21 -86.78
C GLU H 46 19.95 39.50 -85.43
N SER H 47 19.48 38.23 -85.38
CA SER H 47 19.56 37.37 -84.20
C SER H 47 21.00 37.01 -83.80
N ILE H 48 21.90 36.81 -84.78
CA ILE H 48 23.33 36.57 -84.55
C ILE H 48 23.98 37.83 -84.01
N SER H 49 23.62 39.02 -84.53
CA SER H 49 24.11 40.31 -84.03
C SER H 49 23.75 40.55 -82.56
N ALA H 50 22.50 40.25 -82.16
CA ALA H 50 22.03 40.29 -80.78
C ALA H 50 22.86 39.40 -79.86
N SER H 51 23.02 38.12 -80.25
CA SER H 51 23.87 37.15 -79.58
C SER H 51 25.34 37.57 -79.40
N VAL H 52 25.97 38.18 -80.43
CA VAL H 52 27.32 38.72 -80.37
C VAL H 52 27.47 39.86 -79.38
N GLN H 53 26.56 40.84 -79.34
CA GLN H 53 26.60 41.90 -78.34
C GLN H 53 26.36 41.42 -76.92
N GLU H 54 25.39 40.51 -76.72
CA GLU H 54 25.13 39.88 -75.42
C GLU H 54 26.32 39.04 -74.94
N THR H 55 26.93 38.26 -75.86
CA THR H 55 28.14 37.47 -75.62
C THR H 55 29.35 38.34 -75.29
N THR H 56 29.57 39.44 -76.01
CA THR H 56 30.61 40.44 -75.71
C THR H 56 30.49 41.03 -74.30
N ALA H 57 29.25 41.39 -73.89
CA ALA H 57 28.93 41.80 -72.53
C ALA H 57 29.17 40.71 -71.49
N GLY H 58 28.76 39.47 -71.79
CA GLY H 58 29.01 38.28 -70.97
C GLY H 58 30.48 38.01 -70.79
N SER H 59 31.26 38.08 -71.87
CA SER H 59 32.71 37.91 -71.88
C SER H 59 33.43 39.02 -71.13
N GLU H 60 32.80 40.20 -71.02
CA GLU H 60 33.33 41.28 -70.22
C GLU H 60 33.17 41.00 -68.72
N GLU H 61 31.94 40.71 -68.23
CA GLU H 61 31.73 40.38 -66.82
C GLU H 61 32.49 39.14 -66.32
N ILE H 62 32.79 38.17 -67.21
CA ILE H 62 33.68 37.03 -66.94
C ILE H 62 35.11 37.47 -66.63
N SER H 63 35.64 38.50 -67.34
CA SER H 63 36.97 39.05 -67.10
C SER H 63 37.01 39.82 -65.79
N SER H 64 35.98 40.63 -65.47
CA SER H 64 35.81 41.28 -64.18
C SER H 64 35.81 40.28 -63.03
N ALA H 65 35.08 39.17 -63.15
CA ALA H 65 35.07 38.08 -62.20
C ALA H 65 36.46 37.43 -62.04
N THR H 66 37.19 37.17 -63.14
CA THR H 66 38.56 36.65 -63.11
C THR H 66 39.50 37.57 -62.33
N LYS H 67 39.40 38.90 -62.52
CA LYS H 67 40.18 39.86 -61.75
C LYS H 67 39.83 39.90 -60.27
N ASN H 68 38.52 39.86 -59.92
CA ASN H 68 38.05 39.71 -58.55
C ASN H 68 38.55 38.43 -57.86
N ILE H 69 38.56 37.28 -58.58
CA ILE H 69 39.10 36.02 -58.08
C ILE H 69 40.62 36.08 -57.96
N ALA H 70 41.34 36.69 -58.94
CA ALA H 70 42.78 36.86 -58.94
C ALA H 70 43.30 37.69 -57.76
N ASP H 71 42.54 38.76 -57.40
CA ASP H 71 42.77 39.61 -56.26
C ASP H 71 42.52 38.85 -54.97
N SER H 72 41.33 38.22 -54.84
CA SER H 72 40.96 37.43 -53.67
C SER H 72 41.91 36.28 -53.36
N ALA H 73 42.34 35.53 -54.39
CA ALA H 73 43.33 34.47 -54.30
C ALA H 73 44.70 34.93 -53.85
N GLN H 74 45.28 35.96 -54.51
CA GLN H 74 46.53 36.63 -54.14
C GLN H 74 46.63 36.98 -52.66
N GLN H 75 45.62 37.73 -52.19
CA GLN H 75 45.47 38.14 -50.80
C GLN H 75 45.35 36.96 -49.86
N ALA H 76 44.46 35.96 -50.14
CA ALA H 76 44.37 34.77 -49.31
C ALA H 76 45.64 33.91 -49.26
N ALA H 77 46.42 33.87 -50.36
CA ALA H 77 47.70 33.21 -50.42
C ALA H 77 48.76 33.85 -49.54
N SER H 78 48.76 35.19 -49.45
CA SER H 78 49.64 35.91 -48.55
C SER H 78 49.31 35.66 -47.09
N PHE H 79 48.02 35.82 -46.70
CA PHE H 79 47.50 35.51 -45.38
C PHE H 79 47.76 34.08 -44.92
N ALA H 80 47.70 33.07 -45.82
CA ALA H 80 48.04 31.70 -45.49
C ALA H 80 49.53 31.47 -45.18
N ASP H 81 50.42 32.20 -45.87
CA ASP H 81 51.86 32.21 -45.66
C ASP H 81 52.20 32.90 -44.33
N GLN H 82 51.60 34.09 -44.10
CA GLN H 82 51.73 34.85 -42.87
C GLN H 82 51.20 34.09 -41.66
N SER H 83 50.13 33.29 -41.84
CA SER H 83 49.55 32.44 -40.81
C SER H 83 50.42 31.25 -40.50
N THR H 84 50.95 30.52 -41.51
CA THR H 84 51.80 29.35 -41.24
C THR H 84 53.11 29.67 -40.54
N GLN H 85 53.78 30.80 -40.86
CA GLN H 85 54.93 31.23 -40.07
C GLN H 85 54.59 31.68 -38.64
N LEU H 86 53.44 32.35 -38.44
CA LEU H 86 52.99 32.79 -37.13
C LEU H 86 52.46 31.65 -36.27
N ALA H 87 52.16 30.50 -36.88
CA ALA H 87 51.76 29.28 -36.20
C ALA H 87 52.96 28.46 -35.75
N LYS H 88 54.16 28.76 -36.26
CA LYS H 88 55.41 28.23 -35.74
C LYS H 88 55.74 28.96 -34.46
N GLU H 89 55.59 30.30 -34.46
CA GLU H 89 55.87 31.14 -33.31
C GLU H 89 54.84 31.04 -32.20
N ALA H 90 53.53 30.96 -32.54
CA ALA H 90 52.47 30.63 -31.61
C ALA H 90 52.67 29.29 -30.88
N GLY H 91 53.25 28.28 -31.58
CA GLY H 91 53.53 26.99 -30.97
C GLY H 91 54.85 26.94 -30.26
N ASP H 92 55.84 27.77 -30.66
CA ASP H 92 57.11 27.97 -29.98
C ASP H 92 56.90 28.54 -28.58
N ALA H 93 56.11 29.63 -28.50
CA ALA H 93 55.64 30.23 -27.26
C ALA H 93 54.78 29.31 -26.37
N LEU H 94 54.22 28.21 -26.91
CA LEU H 94 53.44 27.27 -26.13
C LEU H 94 54.34 26.13 -25.64
N LYS H 95 55.38 25.81 -26.41
CA LYS H 95 56.47 24.95 -25.97
C LYS H 95 57.41 25.65 -24.98
N LYS H 96 57.17 26.94 -24.66
CA LYS H 96 57.82 27.58 -23.53
C LYS H 96 56.87 27.67 -22.33
N VAL H 97 55.54 27.76 -22.53
CA VAL H 97 54.61 27.83 -21.41
C VAL H 97 54.48 26.50 -20.70
N ILE H 98 54.57 25.38 -21.45
CA ILE H 98 54.63 24.03 -20.91
C ILE H 98 55.94 23.74 -20.17
N GLU H 99 57.08 24.35 -20.59
CA GLU H 99 58.34 24.20 -19.87
C GLU H 99 58.43 25.06 -18.62
N VAL H 100 57.81 26.26 -18.60
CA VAL H 100 57.62 27.06 -17.39
C VAL H 100 56.65 26.36 -16.43
N THR H 101 55.58 25.75 -16.97
CA THR H 101 54.65 24.87 -16.26
C THR H 101 55.39 23.71 -15.58
N ARG H 102 56.22 22.95 -16.29
CA ARG H 102 57.06 21.89 -15.74
C ARG H 102 58.07 22.35 -14.67
N MET H 103 58.52 23.62 -14.71
CA MET H 103 59.37 24.22 -13.69
C MET H 103 58.64 24.48 -12.38
N ILE H 104 57.41 25.06 -12.42
CA ILE H 104 56.57 25.20 -11.24
C ILE H 104 56.05 23.87 -10.74
N SER H 105 55.84 22.89 -11.64
CA SER H 105 55.41 21.54 -11.30
C SER H 105 56.47 20.77 -10.53
N ASN H 106 57.75 20.87 -10.93
CA ASN H 106 58.82 20.22 -10.18
C ASN H 106 59.23 21.03 -8.94
N SER H 107 59.11 22.37 -8.98
CA SER H 107 59.34 23.21 -7.81
C SER H 107 58.26 23.05 -6.74
N ALA H 108 57.05 22.61 -7.11
CA ALA H 108 55.95 22.32 -6.20
C ALA H 108 56.13 20.99 -5.49
N LYS H 109 56.88 20.04 -6.09
CA LYS H 109 57.28 18.81 -5.41
C LYS H 109 58.25 19.11 -4.26
N ASP H 110 59.11 20.13 -4.43
CA ASP H 110 59.91 20.69 -3.36
C ASP H 110 59.10 21.35 -2.25
N VAL H 111 57.91 21.92 -2.54
CA VAL H 111 57.03 22.45 -1.51
C VAL H 111 56.34 21.32 -0.75
N GLU H 112 55.95 20.22 -1.44
CA GLU H 112 55.42 19.02 -0.80
C GLU H 112 56.39 18.36 0.16
N ARG H 113 57.71 18.37 -0.17
CA ARG H 113 58.77 17.89 0.69
C ARG H 113 58.87 18.68 1.98
N VAL H 114 58.85 20.02 1.89
CA VAL H 114 58.85 20.93 3.02
C VAL H 114 57.59 20.78 3.88
N VAL H 115 56.39 20.85 3.27
CA VAL H 115 55.11 20.65 3.96
C VAL H 115 54.95 19.30 4.67
N GLU H 116 55.55 18.23 4.13
CA GLU H 116 55.59 16.93 4.78
C GLU H 116 56.58 16.91 5.92
N SER H 117 57.75 17.55 5.74
CA SER H 117 58.77 17.71 6.77
C SER H 117 58.33 18.63 7.91
N PHE H 118 57.36 19.55 7.66
CA PHE H 118 56.72 20.35 8.68
C PHE H 118 55.76 19.50 9.50
N GLN H 119 54.89 18.69 8.85
CA GLN H 119 54.02 17.76 9.56
C GLN H 119 54.78 16.71 10.36
N LYS H 120 55.83 16.09 9.78
CA LYS H 120 56.67 15.12 10.46
C LYS H 120 57.50 15.74 11.58
N GLY H 121 58.05 16.95 11.38
CA GLY H 121 58.82 17.68 12.39
C GLY H 121 58.00 18.23 13.53
N ALA H 122 56.69 18.38 13.33
CA ALA H 122 55.79 18.84 14.38
C ALA H 122 55.18 17.66 15.11
N GLU H 123 55.16 16.47 14.49
CA GLU H 123 54.81 15.24 15.18
C GLU H 123 56.02 14.70 15.95
N GLU H 124 57.25 14.96 15.47
CA GLU H 124 58.48 14.59 16.15
C GLU H 124 58.74 15.46 17.38
N ILE H 125 58.47 16.78 17.30
CA ILE H 125 58.67 17.68 18.42
C ILE H 125 57.66 17.52 19.56
N THR H 126 56.42 17.04 19.30
CA THR H 126 55.38 17.01 20.32
C THR H 126 55.62 16.04 21.44
N SER H 127 56.24 14.87 21.22
CA SER H 127 56.58 14.00 22.35
C SER H 127 57.64 14.59 23.28
N PHE H 128 58.55 15.44 22.76
CA PHE H 128 59.51 16.13 23.61
C PHE H 128 58.90 17.31 24.35
N VAL H 129 57.83 17.92 23.81
CA VAL H 129 57.02 18.93 24.48
C VAL H 129 56.23 18.31 25.63
N GLU H 130 55.57 17.17 25.36
CA GLU H 130 54.88 16.31 26.31
C GLU H 130 55.78 15.88 27.46
N THR H 131 56.99 15.38 27.13
CA THR H 131 58.04 14.99 28.07
C THR H 131 58.49 16.12 28.98
N ILE H 132 58.84 17.31 28.44
CA ILE H 132 59.29 18.46 29.21
C ILE H 132 58.23 19.00 30.18
N ASN H 133 56.95 19.13 29.74
CA ASN H 133 55.80 19.46 30.57
C ASN H 133 55.64 18.50 31.76
N ALA H 134 55.61 17.17 31.47
CA ALA H 134 55.61 16.09 32.44
C ALA H 134 56.69 16.24 33.51
N ILE H 135 57.97 16.38 33.11
CA ILE H 135 59.11 16.59 34.01
C ILE H 135 58.96 17.87 34.84
N ALA H 136 58.53 19.00 34.26
CA ALA H 136 58.30 20.23 35.01
C ALA H 136 57.19 20.16 36.06
N GLU H 137 56.07 19.48 35.74
CA GLU H 137 54.97 19.24 36.69
C GLU H 137 55.34 18.21 37.77
N GLN H 138 56.29 17.32 37.47
CA GLN H 138 56.89 16.39 38.41
C GLN H 138 57.87 17.10 39.33
N THR H 139 58.73 17.98 38.78
CA THR H 139 59.63 18.86 39.54
C THR H 139 58.89 19.73 40.55
N ASN H 140 57.74 20.33 40.15
CA ASN H 140 56.84 21.08 41.03
C ASN H 140 56.33 20.25 42.21
N LEU H 141 55.70 19.09 41.91
CA LEU H 141 55.19 18.20 42.93
C LEU H 141 56.26 17.65 43.87
N LEU H 142 57.45 17.33 43.34
CA LEU H 142 58.61 16.88 44.11
C LEU H 142 59.12 17.95 45.08
N ALA H 143 59.20 19.22 44.63
CA ALA H 143 59.52 20.36 45.47
C ALA H 143 58.47 20.66 46.53
N LEU H 144 57.17 20.38 46.25
CA LEU H 144 56.12 20.44 47.24
C LEU H 144 56.26 19.36 48.32
N ASN H 145 56.60 18.12 47.92
CA ASN H 145 56.90 17.00 48.80
C ASN H 145 58.08 17.25 49.75
N ALA H 146 59.11 18.02 49.33
CA ALA H 146 60.17 18.42 50.22
C ALA H 146 59.74 19.51 51.22
N ALA H 147 58.92 20.49 50.78
CA ALA H 147 58.43 21.55 51.63
C ALA H 147 57.47 21.06 52.71
N ILE H 148 56.55 20.14 52.33
CA ILE H 148 55.59 19.47 53.21
C ILE H 148 56.18 18.58 54.31
N GLU H 149 57.53 18.53 54.43
CA GLU H 149 58.24 17.71 55.38
C GLU H 149 59.38 18.50 56.02
N ALA H 150 59.94 19.50 55.31
CA ALA H 150 60.85 20.48 55.88
C ALA H 150 60.20 21.36 56.94
N ALA H 151 58.89 21.63 56.79
CA ALA H 151 58.10 22.43 57.68
C ALA H 151 57.84 21.80 59.07
N ARG H 152 58.01 20.48 59.25
CA ARG H 152 57.90 19.88 60.58
C ARG H 152 59.28 19.64 61.19
N ALA H 153 60.34 20.12 60.52
CA ALA H 153 61.69 20.19 61.04
C ALA H 153 62.00 21.59 61.58
N GLY H 154 60.98 22.47 61.65
CA GLY H 154 61.04 23.81 62.25
C GLY H 154 62.23 24.68 61.91
N GLU H 155 62.92 25.22 62.94
CA GLU H 155 64.10 26.07 62.83
C GLU H 155 65.25 25.39 62.11
N ALA H 156 65.52 24.10 62.41
CA ALA H 156 66.48 23.26 61.74
C ALA H 156 66.21 23.11 60.24
N GLY H 157 64.93 23.03 59.84
CA GLY H 157 64.52 22.87 58.46
C GLY H 157 64.47 24.15 57.65
N ARG H 158 64.63 25.33 58.29
CA ARG H 158 64.55 26.68 57.71
C ARG H 158 65.00 26.85 56.27
N GLY H 159 66.32 26.73 55.99
CA GLY H 159 66.86 26.98 54.66
C GLY H 159 66.58 25.89 53.66
N PHE H 160 66.10 24.72 54.13
CA PHE H 160 65.65 23.67 53.24
C PHE H 160 64.19 23.88 52.86
N ALA H 161 63.39 24.50 53.75
CA ALA H 161 62.03 24.88 53.41
C ALA H 161 61.97 26.10 52.48
N VAL H 162 63.01 26.96 52.53
CA VAL H 162 63.18 28.11 51.64
C VAL H 162 63.56 27.69 50.24
N VAL H 163 64.56 26.80 50.10
CA VAL H 163 65.02 26.33 48.80
C VAL H 163 63.97 25.49 48.08
N ALA H 164 63.29 24.54 48.77
CA ALA H 164 62.18 23.77 48.25
C ALA H 164 61.08 24.63 47.62
N ASP H 165 60.67 25.69 48.34
CA ASP H 165 59.77 26.74 47.89
C ASP H 165 60.22 27.42 46.59
N GLU H 166 61.43 28.02 46.59
CA GLU H 166 61.93 28.72 45.41
C GLU H 166 62.24 27.79 44.22
N ILE H 167 62.48 26.47 44.46
CA ILE H 167 62.54 25.46 43.41
C ILE H 167 61.14 25.21 42.86
N ARG H 168 60.12 25.02 43.73
CA ARG H 168 58.73 24.89 43.33
C ARG H 168 58.26 26.03 42.45
N LYS H 169 58.47 27.29 42.90
CA LYS H 169 58.18 28.48 42.13
C LYS H 169 58.99 28.60 40.83
N LEU H 170 60.31 28.33 40.84
CA LEU H 170 61.12 28.27 39.63
C LEU H 170 60.67 27.22 38.62
N ALA H 171 60.30 26.01 39.08
CA ALA H 171 59.74 24.95 38.27
C ALA H 171 58.38 25.29 37.67
N GLU H 172 57.62 26.16 38.33
CA GLU H 172 56.36 26.69 37.85
C GLU H 172 56.58 27.78 36.80
N GLU H 173 57.80 28.35 36.67
CA GLU H 173 58.17 29.18 35.53
C GLU H 173 58.50 28.30 34.34
N SER H 174 59.12 27.12 34.58
CA SER H 174 59.35 26.12 33.55
C SER H 174 58.05 25.58 32.97
N GLN H 175 57.00 25.36 33.80
CA GLN H 175 55.68 25.01 33.31
C GLN H 175 55.03 26.11 32.47
N GLN H 176 55.12 27.39 32.88
CA GLN H 176 54.59 28.53 32.11
C GLN H 176 55.12 28.63 30.69
N ALA H 177 56.47 28.65 30.54
CA ALA H 177 57.15 28.58 29.28
C ALA H 177 56.83 27.34 28.45
N SER H 178 56.73 26.16 29.08
CA SER H 178 56.37 24.90 28.44
C SER H 178 54.96 24.88 27.87
N GLU H 179 53.99 25.49 28.58
CA GLU H 179 52.61 25.66 28.14
C GLU H 179 52.53 26.69 26.99
N ASN H 180 53.46 27.67 26.93
CA ASN H 180 53.54 28.59 25.81
C ASN H 180 54.23 27.95 24.60
N VAL H 181 55.16 26.99 24.80
CA VAL H 181 55.72 26.20 23.70
C VAL H 181 54.67 25.24 23.17
N ARG H 182 53.93 24.55 24.06
CA ARG H 182 52.83 23.67 23.70
C ARG H 182 51.76 24.36 22.86
N ARG H 183 51.38 25.60 23.22
CA ARG H 183 50.48 26.44 22.45
C ARG H 183 51.00 26.78 21.05
N VAL H 184 52.28 27.18 20.89
CA VAL H 184 52.82 27.49 19.57
C VAL H 184 53.07 26.23 18.75
N VAL H 185 53.50 25.10 19.37
CA VAL H 185 53.69 23.83 18.66
C VAL H 185 52.40 23.26 18.09
N ASN H 186 51.28 23.25 18.86
CA ASN H 186 49.97 22.85 18.37
C ASN H 186 49.48 23.72 17.22
N GLU H 187 49.62 25.06 17.32
CA GLU H 187 49.30 26.00 16.25
C GLU H 187 50.11 25.78 14.97
N ILE H 188 51.42 25.49 15.10
CA ILE H 188 52.33 25.19 14.00
C ILE H 188 52.01 23.84 13.35
N ARG H 189 51.65 22.81 14.16
CA ARG H 189 51.14 21.56 13.65
C ARG H 189 49.87 21.76 12.85
N SER H 190 48.88 22.55 13.34
CA SER H 190 47.68 22.79 12.56
C SER H 190 47.90 23.68 11.33
N ILE H 191 48.95 24.53 11.29
CA ILE H 191 49.36 25.25 10.08
C ILE H 191 49.99 24.30 9.06
N ALA H 192 50.76 23.29 9.51
CA ALA H 192 51.34 22.24 8.68
C ALA H 192 50.30 21.45 7.88
N GLU H 193 49.24 20.98 8.56
CA GLU H 193 48.11 20.26 8.02
C GLU H 193 47.31 21.11 7.02
N ASP H 194 47.14 22.42 7.29
CA ASP H 194 46.49 23.39 6.42
C ASP H 194 47.32 23.68 5.17
N ALA H 195 48.66 23.67 5.30
CA ALA H 195 49.60 23.82 4.21
C ALA H 195 49.57 22.61 3.29
N GLY H 196 49.13 21.45 3.83
CA GLY H 196 48.82 20.21 3.11
C GLY H 196 48.00 20.39 1.86
N LYS H 197 46.85 21.08 1.98
CA LYS H 197 46.01 21.38 0.84
C LYS H 197 46.64 22.22 -0.26
N VAL H 198 47.05 23.48 0.04
CA VAL H 198 47.69 24.40 -0.90
C VAL H 198 48.90 23.87 -1.66
N SER H 199 49.71 23.02 -1.01
CA SER H 199 50.86 22.32 -1.56
C SER H 199 50.46 21.29 -2.60
N SER H 200 49.53 20.40 -2.23
CA SER H 200 49.18 19.24 -3.04
C SER H 200 48.06 19.55 -4.02
N GLU H 201 47.27 20.61 -3.81
CA GLU H 201 46.42 21.18 -4.85
C GLU H 201 47.21 21.84 -5.98
N ILE H 202 48.52 22.12 -5.83
CA ILE H 202 49.35 22.56 -6.94
C ILE H 202 49.74 21.34 -7.73
N THR H 203 50.41 20.35 -7.10
CA THR H 203 50.84 19.13 -7.77
C THR H 203 49.72 18.29 -8.37
N ALA H 204 48.47 18.41 -7.87
CA ALA H 204 47.32 17.81 -8.52
C ALA H 204 46.81 18.61 -9.72
N ARG H 205 46.64 19.94 -9.59
CA ARG H 205 46.07 20.74 -10.65
C ARG H 205 47.01 21.09 -11.79
N VAL H 206 48.34 20.98 -11.58
CA VAL H 206 49.31 21.22 -12.64
C VAL H 206 49.41 20.02 -13.57
N GLU H 207 49.11 18.81 -13.08
CA GLU H 207 49.05 17.58 -13.86
C GLU H 207 48.00 17.62 -14.96
N GLU H 208 46.77 18.04 -14.63
CA GLU H 208 45.69 18.19 -15.59
C GLU H 208 45.75 19.51 -16.36
N GLY H 209 46.63 20.46 -15.94
CA GLY H 209 46.94 21.68 -16.68
C GLY H 209 47.98 21.43 -17.75
N THR H 210 48.93 20.52 -17.45
CA THR H 210 49.95 20.00 -18.36
C THR H 210 49.31 19.20 -19.48
N LYS H 211 48.20 18.51 -19.18
CA LYS H 211 47.41 17.74 -20.13
C LYS H 211 46.75 18.69 -21.13
N LEU H 212 46.08 19.75 -20.65
CA LEU H 212 45.53 20.80 -21.50
C LEU H 212 46.58 21.53 -22.35
N ALA H 213 47.78 21.80 -21.80
CA ALA H 213 48.86 22.40 -22.56
C ALA H 213 49.49 21.49 -23.60
N ASP H 214 49.54 20.16 -23.37
CA ASP H 214 50.03 19.22 -24.36
C ASP H 214 49.00 18.94 -25.46
N GLU H 215 47.71 19.00 -25.11
CA GLU H 215 46.63 18.95 -26.08
C GLU H 215 46.51 20.21 -26.91
N ALA H 216 46.74 21.41 -26.31
CA ALA H 216 46.82 22.64 -27.08
C ALA H 216 48.07 22.75 -27.96
N ASP H 217 49.18 22.06 -27.60
CA ASP H 217 50.37 21.94 -28.43
C ASP H 217 50.05 21.22 -29.76
N GLU H 218 49.53 19.98 -29.66
CA GLU H 218 49.16 19.16 -30.81
C GLU H 218 48.06 19.79 -31.67
N LYS H 219 47.06 20.46 -31.08
CA LYS H 219 46.09 21.22 -31.85
C LYS H 219 46.60 22.49 -32.52
N LEU H 220 47.80 23.00 -32.19
CA LEU H 220 48.37 24.18 -32.84
C LEU H 220 49.36 23.71 -33.90
N ASN H 221 49.98 22.54 -33.69
CA ASN H 221 50.83 21.91 -34.70
C ASN H 221 49.99 21.21 -35.78
N SER H 222 48.70 20.94 -35.52
CA SER H 222 47.74 20.44 -36.52
C SER H 222 47.31 21.49 -37.54
N ILE H 223 47.53 22.79 -37.26
CA ILE H 223 47.08 23.88 -38.11
C ILE H 223 48.06 24.13 -39.23
N VAL H 224 49.39 23.99 -39.01
CA VAL H 224 50.38 24.22 -40.07
C VAL H 224 50.29 23.21 -41.23
N GLY H 225 49.61 22.06 -41.04
CA GLY H 225 49.30 21.08 -42.08
C GLY H 225 48.02 21.43 -42.79
N ALA H 226 47.01 21.91 -42.05
CA ALA H 226 45.74 22.37 -42.58
C ALA H 226 45.88 23.61 -43.47
N VAL H 227 46.73 24.57 -43.07
CA VAL H 227 47.01 25.77 -43.87
C VAL H 227 48.03 25.49 -44.97
N GLU H 228 48.70 24.32 -44.94
CA GLU H 228 49.55 23.87 -46.03
C GLU H 228 48.68 23.27 -47.12
N ARG H 229 47.56 22.61 -46.75
CA ARG H 229 46.55 22.22 -47.72
C ARG H 229 45.79 23.39 -48.33
N ILE H 230 45.58 24.49 -47.59
CA ILE H 230 44.99 25.72 -48.15
C ILE H 230 45.91 26.32 -49.22
N ASN H 231 47.24 26.37 -48.99
CA ASN H 231 48.20 26.82 -49.98
C ASN H 231 48.22 25.92 -51.22
N GLU H 232 48.19 24.59 -51.04
CA GLU H 232 48.12 23.60 -52.10
C GLU H 232 46.87 23.76 -52.97
N MET H 233 45.70 24.03 -52.36
CA MET H 233 44.47 24.36 -53.08
C MET H 233 44.49 25.73 -53.75
N LEU H 234 45.07 26.77 -53.11
CA LEU H 234 45.21 28.07 -53.74
C LEU H 234 46.14 28.08 -54.95
N GLN H 235 47.22 27.27 -54.94
CA GLN H 235 48.04 27.12 -56.14
C GLN H 235 47.33 26.37 -57.28
N ASN H 236 46.34 25.51 -56.96
CA ASN H 236 45.52 24.88 -57.99
C ASN H 236 44.48 25.80 -58.62
N ILE H 237 44.15 26.94 -57.99
CA ILE H 237 43.23 27.92 -58.59
C ILE H 237 44.00 28.97 -59.35
N ALA H 238 45.28 29.22 -58.97
CA ALA H 238 46.19 30.11 -59.67
C ALA H 238 46.44 29.70 -61.11
N ALA H 239 46.70 28.41 -61.39
CA ALA H 239 46.77 27.92 -62.75
C ALA H 239 45.49 28.04 -63.58
N ALA H 240 44.29 27.94 -62.97
CA ALA H 240 43.04 28.05 -63.68
C ALA H 240 42.62 29.45 -64.13
N ILE H 241 42.99 30.52 -63.37
CA ILE H 241 42.75 31.90 -63.76
C ILE H 241 43.58 32.36 -64.96
N GLU H 242 44.75 31.74 -65.18
CA GLU H 242 45.59 32.02 -66.34
C GLU H 242 45.00 31.44 -67.62
N GLU H 243 44.29 30.31 -67.51
CA GLU H 243 43.54 29.71 -68.60
C GLU H 243 42.35 30.59 -68.99
N GLN H 244 41.59 31.08 -67.99
CA GLN H 244 40.49 32.03 -68.20
C GLN H 244 40.92 33.32 -68.90
N ASN H 245 42.07 33.89 -68.52
CA ASN H 245 42.62 35.09 -69.12
C ASN H 245 43.03 34.90 -70.60
N ALA H 246 43.65 33.75 -70.93
CA ALA H 246 43.96 33.40 -72.30
C ALA H 246 42.70 33.09 -73.11
N ALA H 247 41.72 32.38 -72.48
CA ALA H 247 40.48 32.05 -73.13
C ALA H 247 39.56 33.26 -73.38
N VAL H 248 39.61 34.32 -72.55
CA VAL H 248 38.82 35.51 -72.84
C VAL H 248 39.46 36.37 -73.95
N ASP H 249 40.79 36.26 -74.17
CA ASP H 249 41.41 36.86 -75.35
C ASP H 249 41.01 36.14 -76.64
N GLU H 250 40.81 34.81 -76.59
CA GLU H 250 40.32 34.06 -77.74
C GLU H 250 38.87 34.37 -78.09
N ILE H 251 38.01 34.59 -77.08
CA ILE H 251 36.61 34.95 -77.30
C ILE H 251 36.41 36.40 -77.69
N THR H 252 37.16 37.36 -77.14
CA THR H 252 37.02 38.79 -77.51
C THR H 252 37.46 39.10 -78.94
N THR H 253 38.61 38.55 -79.40
CA THR H 253 39.05 38.73 -80.79
C THR H 253 38.12 38.05 -81.78
N ALA H 254 37.43 36.95 -81.39
CA ALA H 254 36.37 36.36 -82.19
C ALA H 254 35.13 37.23 -82.24
N MET H 255 34.60 37.69 -81.09
CA MET H 255 33.43 38.55 -81.05
C MET H 255 33.61 39.88 -81.76
N THR H 256 34.84 40.43 -81.77
CA THR H 256 35.18 41.62 -82.54
C THR H 256 35.05 41.42 -84.05
N GLU H 257 35.58 40.30 -84.59
CA GLU H 257 35.43 39.96 -85.99
C GLU H 257 33.99 39.58 -86.34
N ASN H 258 33.29 38.86 -85.43
CA ASN H 258 31.89 38.51 -85.54
C ASN H 258 30.97 39.72 -85.65
N ALA H 259 31.29 40.86 -85.00
CA ALA H 259 30.52 42.08 -85.13
C ALA H 259 30.70 42.74 -86.50
N LYS H 260 31.95 42.83 -86.99
CA LYS H 260 32.31 43.28 -88.33
C LYS H 260 31.58 42.47 -89.41
N ASN H 261 31.81 41.15 -89.40
CA ASN H 261 31.19 40.21 -90.32
C ASN H 261 29.66 40.24 -90.30
N ALA H 262 29.02 40.36 -89.12
CA ALA H 262 27.57 40.50 -89.03
C ALA H 262 27.02 41.77 -89.67
N GLU H 263 27.71 42.91 -89.53
CA GLU H 263 27.32 44.14 -90.20
C GLU H 263 27.55 44.09 -91.70
N GLU H 264 28.71 43.54 -92.14
CA GLU H 264 29.03 43.37 -93.55
C GLU H 264 28.06 42.45 -94.30
N ILE H 265 27.51 41.41 -93.64
CA ILE H 265 26.47 40.55 -94.18
C ILE H 265 25.15 41.28 -94.16
N THR H 266 24.81 42.01 -93.09
CA THR H 266 23.58 42.81 -92.99
C THR H 266 23.48 43.83 -94.11
N ASN H 267 24.59 44.55 -94.41
CA ASN H 267 24.70 45.46 -95.54
C ASN H 267 24.67 44.78 -96.89
N SER H 268 25.24 43.57 -97.03
CA SER H 268 25.13 42.80 -98.26
C SER H 268 23.74 42.27 -98.50
N VAL H 269 23.01 41.78 -97.47
CA VAL H 269 21.60 41.39 -97.58
C VAL H 269 20.67 42.55 -97.98
N LYS H 270 20.91 43.78 -97.46
CA LYS H 270 20.17 44.97 -97.84
C LYS H 270 20.39 45.36 -99.29
N GLU H 271 21.64 45.22 -99.78
CA GLU H 271 22.01 45.46 -101.16
C GLU H 271 21.34 44.47 -102.11
N VAL H 272 21.43 43.15 -101.82
CA VAL H 272 20.76 42.08 -102.57
C VAL H 272 19.26 42.32 -102.66
N ASN H 273 18.55 42.59 -101.54
CA ASN H 273 17.14 42.95 -101.58
C ASN H 273 16.79 44.15 -102.47
N ALA H 274 17.66 45.18 -102.53
CA ALA H 274 17.49 46.32 -103.41
C ALA H 274 17.72 45.97 -104.88
N ARG H 275 18.70 45.09 -105.19
CA ARG H 275 18.96 44.56 -106.51
C ARG H 275 17.86 43.63 -107.02
N LEU H 276 17.22 42.83 -106.13
CA LEU H 276 16.05 42.04 -106.46
C LEU H 276 14.86 42.90 -106.88
N GLN H 277 14.71 44.08 -106.26
CA GLN H 277 13.72 45.07 -106.62
C GLN H 277 13.97 45.71 -107.99
N GLU H 278 15.24 45.75 -108.45
CA GLU H 278 15.56 46.18 -109.81
C GLU H 278 15.27 45.09 -110.83
N ILE H 279 15.44 43.80 -110.48
CA ILE H 279 15.07 42.70 -111.37
C ILE H 279 13.55 42.61 -111.49
N SER H 280 12.81 42.85 -110.40
CA SER H 280 11.36 42.88 -110.41
C SER H 280 10.78 43.98 -111.31
N ALA H 281 11.37 45.19 -111.28
CA ALA H 281 11.02 46.28 -112.17
C ALA H 281 11.27 45.98 -113.65
N SER H 282 12.48 45.47 -114.01
CA SER H 282 12.76 45.05 -115.39
C SER H 282 11.93 43.86 -115.84
N THR H 283 11.54 42.95 -114.93
CA THR H 283 10.65 41.82 -115.22
C THR H 283 9.24 42.28 -115.55
N GLU H 284 8.70 43.29 -114.84
CA GLU H 284 7.41 43.83 -115.21
C GLU H 284 7.46 44.67 -116.48
N GLU H 285 8.59 45.34 -116.76
CA GLU H 285 8.80 46.03 -118.03
C GLU H 285 8.73 45.08 -119.24
N VAL H 286 9.33 43.87 -119.11
CA VAL H 286 9.21 42.78 -120.06
C VAL H 286 7.83 42.17 -120.06
N THR H 287 7.20 41.95 -118.89
CA THR H 287 5.89 41.28 -118.82
C THR H 287 4.77 42.16 -119.37
N SER H 288 4.97 43.49 -119.43
CA SER H 288 4.07 44.38 -120.14
C SER H 288 4.33 44.46 -121.63
N ARG H 289 5.60 44.41 -122.10
CA ARG H 289 5.83 44.43 -123.54
C ARG H 289 5.66 43.07 -124.22
N VAL H 290 5.58 41.97 -123.46
CA VAL H 290 5.26 40.63 -123.98
C VAL H 290 3.80 40.59 -124.42
N GLN H 291 2.91 41.26 -123.65
CA GLN H 291 1.52 41.45 -124.01
C GLN H 291 1.36 42.25 -125.29
N THR H 292 2.12 43.36 -125.47
CA THR H 292 2.08 44.15 -126.71
C THR H 292 2.48 43.35 -127.94
N ILE H 293 3.47 42.44 -127.84
CA ILE H 293 3.88 41.62 -128.97
C ILE H 293 2.87 40.52 -129.26
N ARG H 294 2.18 39.96 -128.25
CA ARG H 294 1.08 39.03 -128.53
C ARG H 294 -0.09 39.66 -129.27
N GLU H 295 -0.58 40.84 -128.85
CA GLU H 295 -1.62 41.54 -129.59
C GLU H 295 -1.28 41.87 -131.03
N ASN H 296 -0.05 42.36 -131.25
CA ASN H 296 0.49 42.64 -132.56
C ASN H 296 1.02 41.45 -133.34
N VAL H 297 0.82 40.20 -132.87
CA VAL H 297 1.17 39.03 -133.69
C VAL H 297 -0.08 38.20 -133.90
N GLN H 298 -1.15 38.46 -133.12
CA GLN H 298 -2.46 37.88 -133.37
C GLN H 298 -3.20 38.74 -134.38
N MET H 299 -3.15 40.08 -134.26
CA MET H 299 -3.65 40.99 -135.28
C MET H 299 -2.88 40.91 -136.61
N LEU H 300 -1.62 40.41 -136.60
CA LEU H 300 -0.88 40.13 -137.82
C LEU H 300 -1.27 38.77 -138.41
N LYS H 301 -1.57 37.76 -137.56
CA LYS H 301 -2.08 36.47 -137.99
C LYS H 301 -3.49 36.53 -138.60
N GLU H 302 -4.26 37.60 -138.35
CA GLU H 302 -5.50 37.85 -139.07
C GLU H 302 -5.29 38.26 -140.53
N ILE H 303 -4.22 39.05 -140.82
CA ILE H 303 -3.89 39.58 -142.16
C ILE H 303 -3.48 38.51 -143.17
N VAL H 304 -2.60 37.57 -142.77
CA VAL H 304 -2.17 36.42 -143.56
C VAL H 304 -3.31 35.57 -144.10
N ALA H 305 -4.39 35.43 -143.31
CA ALA H 305 -5.56 34.69 -143.70
C ALA H 305 -6.59 35.57 -144.39
N ARG H 306 -7.02 36.72 -143.81
CA ARG H 306 -8.05 37.59 -144.36
C ARG H 306 -8.05 37.85 -145.87
N TYR H 307 -6.91 38.32 -146.41
CA TYR H 307 -6.79 38.76 -147.78
C TYR H 307 -6.30 37.64 -148.73
N GLY I 1 -21.33 -9.87 -145.17
CA GLY I 1 -21.83 -8.61 -144.54
C GLY I 1 -20.77 -7.95 -143.69
N SER I 2 -20.05 -6.97 -144.25
CA SER I 2 -18.87 -6.34 -143.66
C SER I 2 -19.15 -5.58 -142.38
N HIS I 3 -20.29 -4.89 -142.23
CA HIS I 3 -20.64 -4.23 -140.99
C HIS I 3 -20.93 -5.21 -139.85
N MET I 4 -21.40 -6.43 -140.17
CA MET I 4 -21.57 -7.48 -139.18
C MET I 4 -20.23 -8.11 -138.78
N LYS I 5 -19.21 -8.04 -139.67
CA LYS I 5 -17.84 -8.38 -139.31
C LYS I 5 -17.24 -7.33 -138.37
N ASP I 6 -17.54 -6.03 -138.59
CA ASP I 6 -17.17 -4.99 -137.65
C ASP I 6 -17.72 -5.20 -136.25
N VAL I 7 -19.02 -5.59 -136.11
CA VAL I 7 -19.60 -6.01 -134.84
C VAL I 7 -18.90 -7.23 -134.22
N GLN I 8 -18.48 -8.23 -135.03
CA GLN I 8 -17.72 -9.39 -134.56
C GLN I 8 -16.35 -9.03 -134.01
N THR I 9 -15.64 -8.10 -134.69
CA THR I 9 -14.35 -7.54 -134.30
C THR I 9 -14.36 -6.87 -132.94
N GLU I 10 -15.38 -6.05 -132.65
CA GLU I 10 -15.57 -5.43 -131.34
C GLU I 10 -15.93 -6.44 -130.26
N THR I 11 -17.00 -7.23 -130.49
CA THR I 11 -17.51 -8.24 -129.55
C THR I 11 -16.53 -9.37 -129.23
N PHE I 12 -15.46 -9.54 -130.05
CA PHE I 12 -14.37 -10.45 -129.77
C PHE I 12 -13.44 -9.87 -128.72
N SER I 13 -13.09 -8.57 -128.84
CA SER I 13 -12.25 -7.86 -127.89
C SER I 13 -12.89 -7.72 -126.51
N VAL I 14 -14.22 -7.48 -126.47
CA VAL I 14 -14.95 -7.42 -125.21
C VAL I 14 -15.03 -8.78 -124.53
N ALA I 15 -15.33 -9.86 -125.26
CA ALA I 15 -15.41 -11.21 -124.71
C ALA I 15 -14.08 -11.78 -124.19
N GLU I 16 -12.96 -11.45 -124.85
CA GLU I 16 -11.61 -11.74 -124.40
C GLU I 16 -11.26 -10.99 -123.12
N SER I 17 -11.62 -9.70 -123.07
CA SER I 17 -11.35 -8.82 -121.93
C SER I 17 -12.14 -9.16 -120.69
N ILE I 18 -13.48 -9.34 -120.81
CA ILE I 18 -14.34 -9.70 -119.68
C ILE I 18 -13.99 -11.03 -119.01
N GLU I 19 -13.44 -11.99 -119.77
CA GLU I 19 -12.99 -13.27 -119.25
C GLU I 19 -11.69 -13.16 -118.47
N GLU I 20 -10.84 -12.16 -118.79
CA GLU I 20 -9.62 -11.86 -118.07
C GLU I 20 -9.96 -11.13 -116.77
N ILE I 21 -10.91 -10.16 -116.81
CA ILE I 21 -11.47 -9.53 -115.61
C ILE I 21 -12.15 -10.54 -114.69
N SER I 22 -12.74 -11.62 -115.23
CA SER I 22 -13.38 -12.70 -114.48
C SER I 22 -12.39 -13.51 -113.67
N LYS I 23 -11.19 -13.78 -114.23
CA LYS I 23 -10.16 -14.50 -113.52
C LYS I 23 -9.37 -13.59 -112.58
N ALA I 24 -9.18 -12.31 -112.93
CA ALA I 24 -8.62 -11.33 -112.01
C ALA I 24 -9.52 -11.04 -110.79
N ASN I 25 -10.86 -11.10 -110.97
CA ASN I 25 -11.86 -10.98 -109.93
C ASN I 25 -12.03 -12.28 -109.16
N GLU I 26 -11.56 -13.41 -109.70
CA GLU I 26 -11.45 -14.65 -108.94
C GLU I 26 -10.20 -14.61 -108.08
N GLU I 27 -9.08 -14.02 -108.56
CA GLU I 27 -7.94 -13.76 -107.68
C GLU I 27 -8.27 -12.80 -106.55
N ILE I 28 -9.10 -11.75 -106.80
CA ILE I 28 -9.54 -10.83 -105.76
C ILE I 28 -10.34 -11.53 -104.67
N THR I 29 -11.34 -12.37 -105.03
CA THR I 29 -12.09 -13.16 -104.04
C THR I 29 -11.26 -14.15 -103.26
N ASN I 30 -10.23 -14.77 -103.87
CA ASN I 30 -9.42 -15.75 -103.18
C ASN I 30 -8.51 -15.12 -102.15
N GLN I 31 -7.80 -14.04 -102.52
CA GLN I 31 -7.02 -13.22 -101.60
C GLN I 31 -7.86 -12.63 -100.48
N LEU I 32 -9.07 -12.13 -100.79
CA LEU I 32 -10.00 -11.57 -99.82
C LEU I 32 -10.52 -12.56 -98.78
N LEU I 33 -10.72 -13.84 -99.16
CA LEU I 33 -11.00 -14.92 -98.23
C LEU I 33 -9.83 -15.22 -97.30
N GLY I 34 -8.59 -15.28 -97.83
CA GLY I 34 -7.38 -15.53 -97.06
C GLY I 34 -7.07 -14.46 -96.05
N ILE I 35 -7.25 -13.18 -96.43
CA ILE I 35 -7.19 -12.02 -95.54
C ILE I 35 -8.22 -12.09 -94.42
N SER I 36 -9.47 -12.49 -94.69
CA SER I 36 -10.56 -12.56 -93.70
C SER I 36 -10.25 -13.53 -92.58
N LYS I 37 -9.84 -14.78 -92.88
CA LYS I 37 -9.41 -15.73 -91.87
C LYS I 37 -8.21 -15.27 -91.04
N GLU I 38 -7.30 -14.51 -91.66
CA GLU I 38 -6.11 -13.95 -91.03
C GLU I 38 -6.44 -12.76 -90.15
N MET I 39 -7.43 -11.92 -90.54
CA MET I 39 -7.95 -10.84 -89.71
C MET I 39 -8.67 -11.36 -88.47
N ASP I 40 -9.34 -12.52 -88.58
CA ASP I 40 -9.98 -13.18 -87.45
C ASP I 40 -8.92 -13.76 -86.50
N ASN I 41 -7.80 -14.27 -87.05
CA ASN I 41 -6.64 -14.69 -86.31
C ASN I 41 -5.99 -13.55 -85.51
N ILE I 42 -5.81 -12.37 -86.13
CA ILE I 42 -5.32 -11.14 -85.50
C ILE I 42 -6.27 -10.67 -84.41
N SER I 43 -7.59 -10.64 -84.71
CA SER I 43 -8.67 -10.32 -83.77
C SER I 43 -8.62 -11.22 -82.55
N THR I 44 -8.59 -12.55 -82.77
CA THR I 44 -8.41 -13.54 -81.72
C THR I 44 -7.12 -13.37 -80.91
N ARG I 45 -5.95 -13.29 -81.58
CA ARG I 45 -4.66 -13.06 -80.93
C ARG I 45 -4.50 -11.75 -80.19
N ILE I 46 -5.13 -10.63 -80.63
CA ILE I 46 -5.07 -9.37 -79.89
C ILE I 46 -5.93 -9.43 -78.62
N GLU I 47 -6.80 -10.45 -78.48
CA GLU I 47 -7.51 -10.76 -77.25
C GLU I 47 -6.69 -11.67 -76.34
N SER I 48 -6.03 -12.70 -76.91
CA SER I 48 -5.14 -13.61 -76.19
C SER I 48 -3.92 -12.92 -75.61
N ILE I 49 -3.31 -11.97 -76.37
CA ILE I 49 -2.24 -11.13 -75.86
C ILE I 49 -2.70 -10.17 -74.78
N SER I 50 -3.96 -9.65 -74.84
CA SER I 50 -4.47 -8.75 -73.80
C SER I 50 -4.71 -9.48 -72.49
N ALA I 51 -5.15 -10.76 -72.54
CA ALA I 51 -5.19 -11.61 -71.37
C ALA I 51 -3.81 -11.98 -70.84
N SER I 52 -2.80 -12.13 -71.72
CA SER I 52 -1.40 -12.28 -71.34
C SER I 52 -0.76 -11.01 -70.74
N VAL I 53 -1.16 -9.80 -71.21
CA VAL I 53 -0.75 -8.52 -70.64
C VAL I 53 -1.41 -8.30 -69.29
N GLN I 54 -2.68 -8.70 -69.12
CA GLN I 54 -3.38 -8.68 -67.85
C GLN I 54 -2.75 -9.62 -66.82
N GLU I 55 -2.38 -10.85 -67.26
CA GLU I 55 -1.65 -11.87 -66.53
C GLU I 55 -0.29 -11.41 -66.02
N THR I 56 0.50 -10.76 -66.89
CA THR I 56 1.80 -10.16 -66.59
C THR I 56 1.69 -9.07 -65.54
N THR I 57 0.66 -8.21 -65.65
CA THR I 57 0.31 -7.14 -64.71
C THR I 57 -0.04 -7.68 -63.33
N ALA I 58 -0.73 -8.83 -63.28
CA ALA I 58 -1.02 -9.53 -62.04
C ALA I 58 0.24 -10.04 -61.36
N GLY I 59 1.24 -10.49 -62.13
CA GLY I 59 2.56 -10.85 -61.61
C GLY I 59 3.38 -9.67 -61.15
N SER I 60 3.32 -8.51 -61.85
CA SER I 60 3.97 -7.29 -61.39
C SER I 60 3.36 -6.73 -60.12
N GLU I 61 2.03 -6.89 -59.98
CA GLU I 61 1.28 -6.54 -58.78
C GLU I 61 1.63 -7.45 -57.62
N GLU I 62 1.88 -8.76 -57.87
CA GLU I 62 2.32 -9.73 -56.88
C GLU I 62 3.72 -9.39 -56.34
N ILE I 63 4.68 -9.13 -57.25
CA ILE I 63 6.02 -8.60 -56.98
C ILE I 63 5.96 -7.32 -56.14
N SER I 64 5.18 -6.31 -56.60
CA SER I 64 4.88 -5.06 -55.90
C SER I 64 4.44 -5.29 -54.46
N SER I 65 3.35 -6.06 -54.25
CA SER I 65 2.78 -6.43 -52.97
C SER I 65 3.77 -7.11 -52.03
N ALA I 66 4.62 -8.02 -52.55
CA ALA I 66 5.67 -8.64 -51.76
C ALA I 66 6.82 -7.69 -51.40
N THR I 67 7.28 -6.86 -52.36
CA THR I 67 8.36 -5.89 -52.12
C THR I 67 7.98 -4.74 -51.21
N LYS I 68 6.68 -4.39 -51.11
CA LYS I 68 6.20 -3.41 -50.15
C LYS I 68 6.15 -3.99 -48.74
N ASN I 69 5.67 -5.23 -48.56
CA ASN I 69 5.73 -5.95 -47.29
C ASN I 69 7.15 -6.11 -46.74
N ILE I 70 8.11 -6.54 -47.58
CA ILE I 70 9.53 -6.63 -47.24
C ILE I 70 10.17 -5.29 -46.92
N ALA I 71 9.77 -4.20 -47.59
CA ALA I 71 10.26 -2.86 -47.30
C ALA I 71 9.78 -2.33 -45.95
N ASP I 72 8.59 -2.76 -45.51
CA ASP I 72 8.00 -2.35 -44.25
C ASP I 72 8.51 -3.19 -43.08
N SER I 73 8.59 -4.52 -43.23
CA SER I 73 9.18 -5.41 -42.23
C SER I 73 10.65 -5.09 -41.94
N ALA I 74 11.40 -4.72 -42.99
CA ALA I 74 12.80 -4.35 -42.90
C ALA I 74 13.02 -2.97 -42.28
N GLN I 75 12.15 -1.98 -42.55
CA GLN I 75 12.30 -0.65 -41.95
C GLN I 75 12.10 -0.59 -40.43
N GLN I 76 11.34 -1.53 -39.83
CA GLN I 76 11.25 -1.60 -38.37
C GLN I 76 12.35 -2.47 -37.77
N ALA I 77 12.84 -3.49 -38.50
CA ALA I 77 13.96 -4.32 -38.10
C ALA I 77 15.26 -3.51 -37.95
N ALA I 78 15.57 -2.64 -38.93
CA ALA I 78 16.68 -1.72 -38.89
C ALA I 78 16.62 -0.73 -37.73
N SER I 79 15.41 -0.25 -37.37
CA SER I 79 15.22 0.60 -36.20
C SER I 79 15.42 -0.09 -34.88
N PHE I 80 15.11 -1.40 -34.76
CA PHE I 80 15.45 -2.15 -33.57
C PHE I 80 16.90 -2.58 -33.55
N ALA I 81 17.58 -2.64 -34.71
CA ALA I 81 19.01 -2.84 -34.76
C ALA I 81 19.83 -1.65 -34.25
N ASP I 82 19.35 -0.40 -34.47
CA ASP I 82 20.05 0.79 -33.99
C ASP I 82 19.84 1.02 -32.50
N GLN I 83 18.65 0.65 -31.97
CA GLN I 83 18.42 0.60 -30.55
C GLN I 83 19.18 -0.54 -29.88
N SER I 84 19.29 -1.72 -30.51
CA SER I 84 20.02 -2.82 -29.90
C SER I 84 21.52 -2.61 -29.89
N THR I 85 22.11 -1.92 -30.91
CA THR I 85 23.50 -1.52 -30.78
C THR I 85 23.71 -0.37 -29.80
N GLN I 86 22.78 0.61 -29.72
CA GLN I 86 22.98 1.73 -28.80
C GLN I 86 22.80 1.36 -27.33
N LEU I 87 21.79 0.54 -26.95
CA LEU I 87 21.60 0.13 -25.57
C LEU I 87 22.71 -0.81 -25.08
N ALA I 88 23.37 -1.51 -26.02
CA ALA I 88 24.52 -2.36 -25.79
C ALA I 88 25.76 -1.51 -25.53
N LYS I 89 26.05 -0.54 -26.42
CA LYS I 89 27.16 0.40 -26.26
C LYS I 89 27.04 1.24 -24.98
N GLU I 90 25.82 1.67 -24.59
CA GLU I 90 25.54 2.36 -23.34
C GLU I 90 25.75 1.44 -22.13
N ALA I 91 25.10 0.25 -22.09
CA ALA I 91 25.30 -0.76 -21.05
C ALA I 91 26.75 -1.23 -20.88
N GLY I 92 27.56 -1.18 -21.95
CA GLY I 92 29.00 -1.48 -21.93
C GLY I 92 29.76 -0.36 -21.29
N ASP I 93 29.47 0.89 -21.69
CA ASP I 93 30.07 2.10 -21.13
C ASP I 93 29.75 2.27 -19.64
N ALA I 94 28.56 1.79 -19.20
CA ALA I 94 28.15 1.63 -17.82
C ALA I 94 28.96 0.56 -17.10
N LEU I 95 29.02 -0.67 -17.64
CA LEU I 95 29.71 -1.82 -17.09
C LEU I 95 31.19 -1.57 -16.81
N LYS I 96 31.87 -0.76 -17.63
CA LYS I 96 33.26 -0.38 -17.44
C LYS I 96 33.45 0.59 -16.27
N LYS I 97 32.35 1.21 -15.78
CA LYS I 97 32.37 2.02 -14.56
C LYS I 97 31.87 1.20 -13.37
N VAL I 98 31.62 -0.11 -13.56
CA VAL I 98 31.46 -1.08 -12.48
C VAL I 98 32.80 -1.77 -12.30
N ILE I 99 33.59 -1.89 -13.40
CA ILE I 99 34.97 -2.32 -13.36
C ILE I 99 35.83 -1.23 -12.73
N GLU I 100 35.55 0.06 -13.03
CA GLU I 100 36.26 1.18 -12.41
C GLU I 100 36.15 1.30 -10.89
N VAL I 101 34.97 1.00 -10.30
CA VAL I 101 34.86 0.86 -8.86
C VAL I 101 35.46 -0.44 -8.36
N THR I 102 35.27 -1.58 -9.07
CA THR I 102 35.75 -2.88 -8.62
C THR I 102 37.27 -3.01 -8.65
N ARG I 103 37.96 -2.28 -9.55
CA ARG I 103 39.42 -2.26 -9.52
C ARG I 103 39.96 -1.31 -8.45
N MET I 104 39.19 -0.27 -8.06
CA MET I 104 39.57 0.52 -6.91
C MET I 104 39.24 -0.17 -5.59
N ILE I 105 38.20 -1.05 -5.54
CA ILE I 105 37.94 -1.91 -4.40
C ILE I 105 38.99 -3.01 -4.28
N SER I 106 39.70 -3.32 -5.37
CA SER I 106 40.84 -4.24 -5.41
C SER I 106 42.01 -3.67 -4.63
N ASN I 107 42.50 -2.49 -5.06
CA ASN I 107 43.56 -1.75 -4.39
C ASN I 107 43.19 -1.34 -2.96
N SER I 108 41.97 -0.81 -2.72
CA SER I 108 41.46 -0.53 -1.37
C SER I 108 41.40 -1.75 -0.47
N ALA I 109 40.96 -2.93 -0.97
CA ALA I 109 40.96 -4.14 -0.18
C ALA I 109 42.34 -4.71 0.07
N LYS I 110 43.31 -4.52 -0.85
CA LYS I 110 44.69 -4.90 -0.57
C LYS I 110 45.27 -4.05 0.56
N ASP I 111 44.95 -2.74 0.60
CA ASP I 111 45.25 -1.88 1.73
C ASP I 111 44.48 -2.20 3.05
N VAL I 112 43.49 -3.13 3.06
CA VAL I 112 42.85 -3.63 4.28
C VAL I 112 43.74 -4.64 4.96
N GLU I 113 44.43 -5.50 4.19
CA GLU I 113 45.30 -6.55 4.69
C GLU I 113 46.50 -6.01 5.48
N ARG I 114 46.87 -4.74 5.18
CA ARG I 114 47.85 -3.97 5.92
C ARG I 114 47.35 -3.57 7.30
N VAL I 115 46.08 -3.16 7.40
CA VAL I 115 45.46 -2.78 8.66
C VAL I 115 45.21 -4.00 9.53
N VAL I 116 44.73 -5.12 8.96
CA VAL I 116 44.47 -6.35 9.69
C VAL I 116 45.73 -6.97 10.29
N GLU I 117 46.84 -7.03 9.53
CA GLU I 117 48.08 -7.54 10.10
C GLU I 117 48.78 -6.51 11.00
N SER I 118 48.43 -5.20 10.89
CA SER I 118 48.89 -4.21 11.85
C SER I 118 48.16 -4.30 13.18
N PHE I 119 46.88 -4.73 13.18
CA PHE I 119 46.13 -4.88 14.42
C PHE I 119 46.49 -6.17 15.13
N GLN I 120 46.77 -7.27 14.38
CA GLN I 120 47.30 -8.46 15.04
C GLN I 120 48.69 -8.29 15.64
N LYS I 121 49.53 -7.40 15.06
CA LYS I 121 50.82 -7.02 15.59
C LYS I 121 50.70 -6.17 16.84
N GLY I 122 49.74 -5.22 16.85
CA GLY I 122 49.50 -4.37 18.03
C GLY I 122 48.88 -5.11 19.18
N ALA I 123 48.09 -6.16 18.90
CA ALA I 123 47.54 -7.01 19.94
C ALA I 123 48.59 -7.79 20.73
N GLU I 124 49.55 -8.48 20.08
CA GLU I 124 50.64 -9.15 20.81
C GLU I 124 51.58 -8.19 21.56
N GLU I 125 51.73 -6.95 21.05
CA GLU I 125 52.47 -5.84 21.65
C GLU I 125 51.92 -5.43 23.00
N ILE I 126 50.64 -4.99 23.02
CA ILE I 126 49.94 -4.58 24.23
C ILE I 126 49.77 -5.75 25.18
N THR I 127 49.42 -6.97 24.70
CA THR I 127 49.32 -8.15 25.57
C THR I 127 50.61 -8.46 26.32
N SER I 128 51.77 -8.43 25.63
CA SER I 128 53.06 -8.64 26.29
C SER I 128 53.45 -7.52 27.25
N PHE I 129 53.06 -6.26 26.97
CA PHE I 129 53.16 -5.17 27.92
C PHE I 129 52.26 -5.33 29.13
N VAL I 130 51.08 -5.97 29.01
CA VAL I 130 50.14 -6.15 30.10
C VAL I 130 50.52 -7.35 30.93
N GLU I 131 51.02 -8.45 30.32
CA GLU I 131 51.62 -9.54 31.09
C GLU I 131 52.89 -9.10 31.85
N THR I 132 53.59 -8.07 31.32
CA THR I 132 54.71 -7.41 32.01
C THR I 132 54.30 -6.53 33.18
N ILE I 133 53.19 -5.76 33.09
CA ILE I 133 52.66 -4.98 34.20
C ILE I 133 52.11 -5.88 35.30
N ASN I 134 51.71 -7.11 34.94
CA ASN I 134 51.35 -8.15 35.89
C ASN I 134 52.60 -8.62 36.63
N ALA I 135 53.67 -8.98 35.89
CA ALA I 135 54.97 -9.34 36.44
C ALA I 135 55.58 -8.31 37.39
N ILE I 136 55.75 -7.04 36.95
CA ILE I 136 56.21 -5.92 37.77
C ILE I 136 55.37 -5.71 39.04
N ALA I 137 54.03 -5.77 38.93
CA ALA I 137 53.14 -5.66 40.07
C ALA I 137 53.26 -6.82 41.07
N GLU I 138 53.35 -8.07 40.60
CA GLU I 138 53.56 -9.22 41.47
C GLU I 138 54.93 -9.25 42.13
N GLN I 139 55.95 -8.67 41.48
CA GLN I 139 57.28 -8.54 42.07
C GLN I 139 57.27 -7.45 43.14
N THR I 140 56.56 -6.33 42.89
CA THR I 140 56.33 -5.27 43.87
C THR I 140 55.56 -5.76 45.09
N ASN I 141 54.52 -6.60 44.89
CA ASN I 141 53.74 -7.25 45.94
C ASN I 141 54.60 -8.17 46.82
N LEU I 142 55.36 -9.10 46.20
CA LEU I 142 56.27 -10.00 46.90
C LEU I 142 57.41 -9.28 47.62
N LEU I 143 57.96 -8.19 47.02
CA LEU I 143 58.96 -7.34 47.61
C LEU I 143 58.41 -6.57 48.83
N ALA I 144 57.25 -5.90 48.68
CA ALA I 144 56.59 -5.18 49.76
C ALA I 144 56.26 -6.04 50.98
N LEU I 145 55.67 -7.24 50.81
CA LEU I 145 55.48 -8.20 51.90
C LEU I 145 56.76 -8.73 52.61
N ASN I 146 57.96 -8.38 52.12
CA ASN I 146 59.24 -8.72 52.72
C ASN I 146 59.64 -7.54 53.56
N ALA I 147 59.57 -6.31 53.01
CA ALA I 147 59.75 -5.08 53.75
C ALA I 147 58.84 -5.10 54.99
N ALA I 148 57.52 -5.32 54.82
CA ALA I 148 56.56 -5.52 55.89
C ALA I 148 56.96 -6.60 56.93
N ILE I 149 57.29 -7.85 56.50
CA ILE I 149 57.69 -8.92 57.42
C ILE I 149 59.03 -8.67 58.12
N GLU I 150 59.93 -7.87 57.54
CA GLU I 150 61.25 -7.57 58.11
C GLU I 150 61.18 -6.31 58.96
N ALA I 151 60.28 -5.38 58.63
CA ALA I 151 60.02 -4.21 59.41
C ALA I 151 59.27 -4.55 60.69
N ALA I 152 58.16 -5.34 60.59
CA ALA I 152 57.26 -5.76 61.68
C ALA I 152 57.85 -6.48 62.91
N ARG I 153 59.19 -6.50 63.08
CA ARG I 153 59.89 -7.21 64.13
C ARG I 153 61.17 -6.48 64.52
N ALA I 154 61.34 -5.24 64.02
CA ALA I 154 62.55 -4.47 64.22
C ALA I 154 62.44 -3.50 65.38
N GLY I 155 61.33 -3.57 66.15
CA GLY I 155 61.19 -2.85 67.41
C GLY I 155 60.41 -1.59 67.19
N GLU I 156 61.02 -0.43 67.48
CA GLU I 156 60.42 0.88 67.34
C GLU I 156 60.09 1.25 65.89
N ALA I 157 60.93 2.06 65.22
CA ALA I 157 60.71 2.63 63.89
C ALA I 157 60.18 1.71 62.79
N GLY I 158 60.52 0.40 62.85
CA GLY I 158 60.07 -0.60 61.89
C GLY I 158 58.61 -0.86 61.90
N ARG I 159 57.91 -0.64 63.02
CA ARG I 159 56.45 -0.67 63.10
C ARG I 159 55.82 0.32 62.13
N GLY I 160 56.27 1.59 62.19
CA GLY I 160 55.91 2.66 61.28
C GLY I 160 56.19 2.39 59.82
N PHE I 161 57.32 1.72 59.52
CA PHE I 161 57.66 1.27 58.19
C PHE I 161 56.73 0.16 57.69
N ALA I 162 56.42 -0.83 58.55
CA ALA I 162 55.49 -1.92 58.29
C ALA I 162 54.08 -1.48 57.92
N VAL I 163 53.59 -0.40 58.56
CA VAL I 163 52.36 0.31 58.26
C VAL I 163 52.36 0.79 56.81
N VAL I 164 53.37 1.60 56.41
CA VAL I 164 53.52 2.07 55.03
C VAL I 164 53.68 0.91 54.04
N ALA I 165 54.56 -0.07 54.36
CA ALA I 165 54.83 -1.26 53.57
C ALA I 165 53.59 -2.08 53.20
N ASP I 166 52.64 -2.31 54.14
CA ASP I 166 51.41 -3.01 53.86
C ASP I 166 50.46 -2.19 52.96
N GLU I 167 50.45 -0.85 53.08
CA GLU I 167 49.69 0.03 52.19
C GLU I 167 50.26 0.01 50.76
N ILE I 168 51.60 -0.05 50.63
CA ILE I 168 52.30 -0.27 49.36
C ILE I 168 51.95 -1.61 48.74
N ARG I 169 51.95 -2.70 49.54
CA ARG I 169 51.54 -4.03 49.13
C ARG I 169 50.11 -4.08 48.60
N LYS I 170 49.16 -3.42 49.30
CA LYS I 170 47.78 -3.24 48.88
C LYS I 170 47.62 -2.56 47.52
N LEU I 171 48.36 -1.46 47.28
CA LEU I 171 48.40 -0.78 45.98
C LEU I 171 49.05 -1.63 44.89
N ALA I 172 50.09 -2.41 45.20
CA ALA I 172 50.69 -3.36 44.28
C ALA I 172 49.72 -4.43 43.77
N GLU I 173 48.87 -4.98 44.66
CA GLU I 173 47.87 -5.95 44.28
C GLU I 173 46.62 -5.31 43.66
N GLU I 174 46.48 -3.98 43.71
CA GLU I 174 45.48 -3.24 42.97
C GLU I 174 45.89 -3.10 41.51
N SER I 175 47.20 -2.96 41.24
CA SER I 175 47.77 -3.01 39.91
C SER I 175 47.73 -4.40 39.31
N GLN I 176 47.78 -5.48 40.12
CA GLN I 176 47.58 -6.83 39.60
C GLN I 176 46.13 -7.10 39.26
N GLN I 177 45.16 -6.51 39.96
CA GLN I 177 43.76 -6.61 39.55
C GLN I 177 43.46 -5.78 38.31
N ALA I 178 44.01 -4.55 38.21
CA ALA I 178 43.92 -3.75 37.01
C ALA I 178 44.54 -4.42 35.78
N SER I 179 45.70 -5.09 35.95
CA SER I 179 46.37 -5.80 34.88
C SER I 179 45.64 -7.04 34.39
N GLU I 180 44.93 -7.78 35.28
CA GLU I 180 44.06 -8.85 34.84
C GLU I 180 42.71 -8.41 34.28
N ASN I 181 42.39 -7.09 34.27
CA ASN I 181 41.16 -6.59 33.68
C ASN I 181 41.41 -6.03 32.29
N VAL I 182 42.49 -5.26 32.09
CA VAL I 182 42.96 -4.75 30.80
C VAL I 182 43.44 -5.87 29.85
N ARG I 183 43.53 -7.10 30.39
CA ARG I 183 43.88 -8.30 29.67
C ARG I 183 42.67 -8.88 28.97
N ARG I 184 41.48 -8.95 29.61
CA ARG I 184 40.27 -9.40 28.92
C ARG I 184 39.93 -8.56 27.69
N VAL I 185 40.18 -7.24 27.74
CA VAL I 185 39.92 -6.33 26.64
C VAL I 185 40.93 -6.48 25.50
N VAL I 186 42.22 -6.77 25.78
CA VAL I 186 43.20 -6.99 24.71
C VAL I 186 43.00 -8.37 24.06
N ASN I 187 42.43 -9.34 24.80
CA ASN I 187 42.05 -10.62 24.25
C ASN I 187 40.78 -10.54 23.40
N GLU I 188 39.87 -9.58 23.68
CA GLU I 188 38.76 -9.26 22.78
C GLU I 188 39.26 -8.58 21.50
N ILE I 189 40.16 -7.56 21.63
CA ILE I 189 40.83 -6.85 20.55
C ILE I 189 41.57 -7.78 19.59
N ARG I 190 42.22 -8.82 20.14
CA ARG I 190 42.86 -9.90 19.41
C ARG I 190 41.87 -10.68 18.54
N SER I 191 40.78 -11.21 19.15
CA SER I 191 39.76 -12.00 18.46
C SER I 191 39.12 -11.29 17.29
N ILE I 192 38.65 -10.02 17.48
CA ILE I 192 38.06 -9.23 16.42
C ILE I 192 39.02 -8.87 15.28
N ALA I 193 40.34 -9.00 15.51
CA ALA I 193 41.41 -8.80 14.55
C ALA I 193 41.77 -10.11 13.86
N GLU I 194 41.91 -11.23 14.60
CA GLU I 194 42.22 -12.53 14.02
C GLU I 194 41.07 -13.07 13.18
N ASP I 195 39.81 -13.05 13.70
CA ASP I 195 38.62 -13.39 12.93
C ASP I 195 38.37 -12.48 11.70
N ALA I 196 39.00 -11.29 11.66
CA ALA I 196 39.00 -10.37 10.55
C ALA I 196 39.99 -10.75 9.47
N GLY I 197 41.04 -11.54 9.79
CA GLY I 197 41.99 -12.04 8.77
C GLY I 197 41.37 -13.07 7.86
N LYS I 198 40.26 -13.69 8.30
CA LYS I 198 39.44 -14.55 7.47
C LYS I 198 38.60 -13.73 6.49
N VAL I 199 38.29 -12.48 6.86
CA VAL I 199 37.54 -11.55 6.01
C VAL I 199 38.44 -10.88 4.97
N SER I 200 39.73 -10.60 5.25
CA SER I 200 40.64 -10.07 4.24
C SER I 200 40.98 -11.08 3.15
N SER I 201 40.83 -12.37 3.46
CA SER I 201 40.98 -13.46 2.50
C SER I 201 39.71 -13.68 1.71
N GLU I 202 38.55 -13.24 2.22
CA GLU I 202 37.31 -13.32 1.49
C GLU I 202 37.12 -12.13 0.56
N ILE I 203 37.50 -10.91 0.99
CA ILE I 203 37.38 -9.72 0.16
C ILE I 203 38.40 -9.74 -0.98
N THR I 204 39.61 -10.31 -0.77
CA THR I 204 40.60 -10.39 -1.84
C THR I 204 40.19 -11.41 -2.90
N ALA I 205 39.61 -12.55 -2.51
CA ALA I 205 39.11 -13.50 -3.48
C ALA I 205 37.88 -13.04 -4.24
N ARG I 206 36.85 -12.50 -3.57
CA ARG I 206 35.66 -12.02 -4.25
C ARG I 206 35.82 -10.73 -5.03
N VAL I 207 36.91 -9.95 -4.81
CA VAL I 207 37.24 -8.80 -5.64
C VAL I 207 37.89 -9.24 -6.95
N GLU I 208 38.75 -10.27 -6.91
CA GLU I 208 39.36 -10.81 -8.11
C GLU I 208 38.36 -11.61 -8.93
N GLU I 209 37.54 -12.47 -8.28
CA GLU I 209 36.47 -13.24 -8.90
C GLU I 209 35.40 -12.34 -9.49
N GLY I 210 35.14 -11.15 -8.89
CA GLY I 210 34.16 -10.20 -9.43
C GLY I 210 34.72 -9.34 -10.52
N THR I 211 36.04 -9.05 -10.52
CA THR I 211 36.67 -8.28 -11.59
C THR I 211 36.69 -9.05 -12.90
N LYS I 212 37.14 -10.31 -12.88
CA LYS I 212 37.15 -11.16 -14.06
C LYS I 212 35.78 -11.61 -14.55
N LEU I 213 34.78 -11.71 -13.65
CA LEU I 213 33.39 -11.93 -14.01
C LEU I 213 32.70 -10.71 -14.62
N ALA I 214 33.18 -9.49 -14.29
CA ALA I 214 32.75 -8.27 -14.94
C ALA I 214 33.29 -8.17 -16.36
N ASP I 215 34.56 -8.55 -16.59
CA ASP I 215 35.15 -8.66 -17.92
C ASP I 215 34.61 -9.85 -18.75
N GLU I 216 33.64 -10.61 -18.23
CA GLU I 216 32.94 -11.67 -18.96
C GLU I 216 31.73 -11.11 -19.68
N ALA I 217 31.04 -10.18 -19.03
CA ALA I 217 29.90 -9.47 -19.58
C ALA I 217 30.35 -8.43 -20.59
N ASP I 218 31.49 -7.75 -20.37
CA ASP I 218 32.06 -6.76 -21.27
C ASP I 218 32.36 -7.31 -22.66
N GLU I 219 32.92 -8.53 -22.78
CA GLU I 219 33.09 -9.17 -24.07
C GLU I 219 31.77 -9.60 -24.70
N LYS I 220 30.83 -10.16 -23.91
CA LYS I 220 29.51 -10.51 -24.43
C LYS I 220 28.68 -9.34 -24.95
N LEU I 221 28.69 -8.16 -24.28
CA LEU I 221 28.01 -6.97 -24.77
C LEU I 221 28.65 -6.40 -26.02
N ASN I 222 30.00 -6.41 -26.10
CA ASN I 222 30.75 -6.03 -27.29
C ASN I 222 30.45 -6.95 -28.48
N SER I 223 30.28 -8.25 -28.21
CA SER I 223 29.93 -9.25 -29.22
C SER I 223 28.51 -9.11 -29.75
N ILE I 224 27.56 -8.57 -28.95
CA ILE I 224 26.21 -8.26 -29.41
C ILE I 224 26.21 -7.06 -30.34
N VAL I 225 27.05 -6.03 -30.08
CA VAL I 225 27.24 -4.90 -30.99
C VAL I 225 27.69 -5.37 -32.36
N GLY I 226 28.72 -6.25 -32.38
CA GLY I 226 29.21 -6.90 -33.60
C GLY I 226 28.17 -7.72 -34.30
N ALA I 227 27.49 -8.65 -33.60
CA ALA I 227 26.39 -9.41 -34.16
C ALA I 227 25.24 -8.58 -34.76
N VAL I 228 24.75 -7.57 -34.04
CA VAL I 228 23.72 -6.67 -34.55
C VAL I 228 24.18 -5.81 -35.73
N GLU I 229 25.46 -5.37 -35.76
CA GLU I 229 25.96 -4.66 -36.93
C GLU I 229 26.19 -5.58 -38.14
N ARG I 230 26.18 -6.92 -37.96
CA ARG I 230 26.16 -7.86 -39.06
C ARG I 230 24.74 -8.01 -39.60
N ILE I 231 23.70 -8.01 -38.72
CA ILE I 231 22.29 -7.90 -39.10
C ILE I 231 22.01 -6.62 -39.88
N ASN I 232 22.48 -5.46 -39.37
CA ASN I 232 22.39 -4.17 -40.02
C ASN I 232 23.06 -4.16 -41.41
N GLU I 233 24.27 -4.72 -41.56
CA GLU I 233 24.95 -4.85 -42.85
C GLU I 233 24.16 -5.64 -43.89
N MET I 234 23.42 -6.69 -43.46
CA MET I 234 22.53 -7.45 -44.32
C MET I 234 21.30 -6.64 -44.68
N LEU I 235 20.65 -5.97 -43.70
CA LEU I 235 19.50 -5.10 -43.95
C LEU I 235 19.76 -3.91 -44.88
N GLN I 236 20.93 -3.25 -44.81
CA GLN I 236 21.29 -2.20 -45.75
C GLN I 236 21.44 -2.66 -47.19
N ASN I 237 21.89 -3.92 -47.43
CA ASN I 237 21.86 -4.51 -48.75
C ASN I 237 20.47 -4.89 -49.23
N ILE I 238 19.59 -5.42 -48.35
CA ILE I 238 18.20 -5.69 -48.70
C ILE I 238 17.45 -4.41 -49.05
N ALA I 239 17.73 -3.29 -48.35
CA ALA I 239 17.14 -2.00 -48.60
C ALA I 239 17.44 -1.44 -49.99
N ALA I 240 18.73 -1.42 -50.40
CA ALA I 240 19.11 -1.06 -51.75
C ALA I 240 18.57 -1.98 -52.83
N ALA I 241 18.55 -3.30 -52.59
CA ALA I 241 18.00 -4.27 -53.51
C ALA I 241 16.51 -4.16 -53.71
N ILE I 242 15.71 -3.98 -52.62
CA ILE I 242 14.28 -3.72 -52.70
C ILE I 242 13.98 -2.43 -53.46
N GLU I 243 14.73 -1.35 -53.22
CA GLU I 243 14.57 -0.09 -53.94
C GLU I 243 14.84 -0.20 -55.45
N GLU I 244 15.92 -0.89 -55.84
CA GLU I 244 16.32 -1.15 -57.21
C GLU I 244 15.36 -2.06 -57.96
N GLN I 245 14.85 -3.08 -57.25
CA GLN I 245 13.80 -4.00 -57.68
C GLN I 245 12.44 -3.34 -57.83
N THR I 246 12.13 -2.36 -56.94
CA THR I 246 10.93 -1.53 -56.99
C THR I 246 10.95 -0.60 -58.20
N ALA I 247 12.14 -0.08 -58.56
CA ALA I 247 12.30 0.72 -59.75
C ALA I 247 12.12 -0.11 -61.02
N ALA I 248 12.68 -1.33 -61.08
CA ALA I 248 12.51 -2.22 -62.21
C ALA I 248 11.09 -2.72 -62.44
N VAL I 249 10.34 -3.10 -61.37
CA VAL I 249 8.94 -3.51 -61.45
C VAL I 249 7.99 -2.42 -61.92
N ASP I 250 8.27 -1.15 -61.52
CA ASP I 250 7.60 0.04 -61.96
C ASP I 250 7.73 0.23 -63.47
N GLU I 251 8.96 0.25 -64.02
CA GLU I 251 9.18 0.33 -65.46
C GLU I 251 8.54 -0.80 -66.28
N ILE I 252 8.36 -2.02 -65.71
CA ILE I 252 7.58 -3.10 -66.30
C ILE I 252 6.09 -2.78 -66.30
N THR I 253 5.54 -2.28 -65.17
CA THR I 253 4.13 -1.92 -65.08
C THR I 253 3.78 -0.71 -65.93
N THR I 254 4.78 0.16 -66.23
CA THR I 254 4.66 1.20 -67.24
C THR I 254 4.69 0.62 -68.64
N ALA I 255 5.61 -0.30 -68.95
CA ALA I 255 5.70 -1.00 -70.23
C ALA I 255 4.48 -1.87 -70.57
N MET I 256 3.79 -2.40 -69.55
CA MET I 256 2.56 -3.14 -69.67
C MET I 256 1.35 -2.22 -69.79
N THR I 257 1.41 -1.00 -69.22
CA THR I 257 0.38 0.02 -69.44
C THR I 257 0.49 0.60 -70.84
N GLU I 258 1.72 0.70 -71.40
CA GLU I 258 1.92 1.00 -72.82
C GLU I 258 1.39 -0.11 -73.70
N ASN I 259 1.49 -1.39 -73.28
CA ASN I 259 0.92 -2.52 -74.01
C ASN I 259 -0.60 -2.50 -73.97
N ALA I 260 -1.23 -2.10 -72.86
CA ALA I 260 -2.66 -1.97 -72.75
C ALA I 260 -3.23 -0.90 -73.68
N LYS I 261 -2.55 0.26 -73.81
CA LYS I 261 -2.93 1.32 -74.72
C LYS I 261 -2.60 1.04 -76.19
N ASN I 262 -1.66 0.13 -76.50
CA ASN I 262 -1.33 -0.21 -77.88
C ASN I 262 -2.17 -1.40 -78.32
N ALA I 263 -2.55 -2.31 -77.41
CA ALA I 263 -3.47 -3.38 -77.70
C ALA I 263 -4.89 -2.86 -77.95
N GLU I 264 -5.30 -1.76 -77.27
CA GLU I 264 -6.54 -1.07 -77.56
C GLU I 264 -6.56 -0.41 -78.94
N GLU I 265 -5.49 0.37 -79.28
CA GLU I 265 -5.37 0.99 -80.59
C GLU I 265 -5.24 0.01 -81.76
N ILE I 266 -4.71 -1.22 -81.55
CA ILE I 266 -4.78 -2.22 -82.60
C ILE I 266 -6.16 -2.83 -82.65
N THR I 267 -6.78 -3.19 -81.50
CA THR I 267 -8.14 -3.77 -81.45
C THR I 267 -9.20 -2.90 -82.12
N ASN I 268 -9.11 -1.57 -81.93
CA ASN I 268 -10.01 -0.63 -82.60
C ASN I 268 -9.72 -0.43 -84.08
N SER I 269 -8.44 -0.45 -84.50
CA SER I 269 -8.10 -0.33 -85.91
C SER I 269 -8.34 -1.61 -86.70
N VAL I 270 -8.10 -2.80 -86.11
CA VAL I 270 -8.46 -4.09 -86.69
C VAL I 270 -9.97 -4.17 -86.89
N LYS I 271 -10.78 -3.72 -85.90
CA LYS I 271 -12.22 -3.57 -86.08
C LYS I 271 -12.62 -2.66 -87.24
N GLU I 272 -11.97 -1.48 -87.38
CA GLU I 272 -12.22 -0.52 -88.44
C GLU I 272 -11.85 -1.06 -89.84
N VAL I 273 -10.74 -1.81 -89.92
CA VAL I 273 -10.27 -2.56 -91.09
C VAL I 273 -11.24 -3.65 -91.51
N ASN I 274 -11.74 -4.45 -90.55
CA ASN I 274 -12.73 -5.49 -90.79
C ASN I 274 -14.04 -4.97 -91.35
N ALA I 275 -14.51 -3.78 -90.88
CA ALA I 275 -15.66 -3.11 -91.43
C ALA I 275 -15.43 -2.68 -92.87
N ARG I 276 -14.28 -2.01 -93.15
CA ARG I 276 -13.84 -1.69 -94.51
C ARG I 276 -13.70 -2.91 -95.44
N LEU I 277 -13.31 -4.08 -94.88
CA LEU I 277 -13.17 -5.34 -95.59
C LEU I 277 -14.53 -5.91 -95.99
N GLN I 278 -15.54 -5.84 -95.10
CA GLN I 278 -16.92 -6.18 -95.44
C GLN I 278 -17.51 -5.26 -96.51
N GLU I 279 -17.03 -4.02 -96.65
CA GLU I 279 -17.46 -3.12 -97.71
C GLU I 279 -16.73 -3.42 -99.02
N ILE I 280 -15.49 -3.98 -99.00
CA ILE I 280 -14.84 -4.50 -100.20
C ILE I 280 -15.55 -5.74 -100.69
N SER I 281 -15.97 -6.63 -99.76
CA SER I 281 -16.73 -7.84 -100.08
C SER I 281 -18.07 -7.58 -100.76
N ALA I 282 -18.73 -6.46 -100.41
CA ALA I 282 -19.92 -5.95 -101.07
C ALA I 282 -19.67 -5.51 -102.49
N SER I 283 -18.69 -4.60 -102.73
CA SER I 283 -18.33 -4.11 -104.05
C SER I 283 -17.84 -5.19 -104.99
N THR I 284 -17.10 -6.20 -104.46
CA THR I 284 -16.62 -7.35 -105.24
C THR I 284 -17.76 -8.24 -105.72
N GLU I 285 -18.85 -8.32 -104.94
CA GLU I 285 -20.09 -8.96 -105.36
C GLU I 285 -20.82 -8.19 -106.47
N GLU I 286 -20.76 -6.84 -106.45
CA GLU I 286 -21.36 -6.01 -107.49
C GLU I 286 -20.56 -6.05 -108.79
N VAL I 287 -19.23 -6.29 -108.75
CA VAL I 287 -18.48 -6.58 -109.96
C VAL I 287 -18.83 -7.96 -110.48
N THR I 288 -19.00 -8.96 -109.58
CA THR I 288 -19.37 -10.32 -109.94
C THR I 288 -20.71 -10.40 -110.67
N SER I 289 -21.74 -9.68 -110.17
CA SER I 289 -23.06 -9.63 -110.80
C SER I 289 -23.12 -8.91 -112.13
N ARG I 290 -22.20 -7.95 -112.39
CA ARG I 290 -22.17 -7.27 -113.68
C ARG I 290 -21.26 -7.96 -114.68
N VAL I 291 -20.38 -8.90 -114.27
CA VAL I 291 -19.65 -9.74 -115.22
C VAL I 291 -20.55 -10.84 -115.80
N GLN I 292 -21.71 -11.14 -115.15
CA GLN I 292 -22.74 -11.98 -115.72
C GLN I 292 -23.50 -11.29 -116.85
N THR I 293 -23.78 -9.98 -116.67
CA THR I 293 -24.44 -9.09 -117.63
C THR I 293 -23.70 -8.98 -118.95
N ILE I 294 -22.39 -8.66 -118.87
CA ILE I 294 -21.54 -8.49 -120.04
C ILE I 294 -21.28 -9.81 -120.77
N ARG I 295 -20.92 -10.91 -120.06
CA ARG I 295 -20.71 -12.21 -120.68
C ARG I 295 -21.93 -12.73 -121.45
N GLU I 296 -23.13 -12.69 -120.83
CA GLU I 296 -24.40 -13.04 -121.46
C GLU I 296 -24.69 -12.26 -122.73
N ASN I 297 -24.39 -10.95 -122.73
CA ASN I 297 -24.68 -10.12 -123.87
C ASN I 297 -23.67 -10.27 -125.00
N VAL I 298 -22.43 -10.77 -124.78
CA VAL I 298 -21.55 -11.00 -125.92
C VAL I 298 -21.77 -12.37 -126.55
N GLN I 299 -22.47 -13.28 -125.86
CA GLN I 299 -23.02 -14.49 -126.44
C GLN I 299 -24.19 -14.17 -127.38
N MET I 300 -25.05 -13.21 -127.00
CA MET I 300 -26.16 -12.75 -127.82
C MET I 300 -25.73 -12.01 -129.09
N LEU I 301 -24.84 -11.01 -128.97
CA LEU I 301 -24.21 -10.29 -130.08
C LEU I 301 -23.59 -11.17 -131.16
N LYS I 302 -23.04 -12.34 -130.79
CA LYS I 302 -22.49 -13.35 -131.68
C LYS I 302 -23.56 -14.01 -132.58
N GLU I 303 -24.76 -14.28 -132.03
CA GLU I 303 -25.89 -14.85 -132.74
C GLU I 303 -26.45 -13.93 -133.80
N ILE I 304 -26.59 -12.63 -133.48
CA ILE I 304 -27.05 -11.60 -134.39
C ILE I 304 -26.10 -11.46 -135.59
N VAL I 305 -24.78 -11.54 -135.37
CA VAL I 305 -23.78 -11.60 -136.44
C VAL I 305 -23.95 -12.83 -137.30
N ALA I 306 -24.10 -14.03 -136.70
CA ALA I 306 -24.35 -15.28 -137.42
C ALA I 306 -25.56 -15.23 -138.35
N ARG I 307 -26.68 -14.62 -137.90
CA ARG I 307 -27.87 -14.38 -138.70
C ARG I 307 -27.64 -13.55 -139.97
N TYR I 308 -26.77 -12.50 -139.94
CA TYR I 308 -26.76 -11.51 -141.01
C TYR I 308 -25.38 -11.24 -141.61
N LYS I 309 -24.32 -11.99 -141.25
CA LYS I 309 -23.00 -11.84 -141.83
C LYS I 309 -22.80 -12.70 -143.12
N SER J 1 -32.57 -0.44 -139.91
CA SER J 1 -31.86 -1.72 -140.23
C SER J 1 -32.02 -2.79 -139.16
N HIS J 2 -31.31 -3.93 -139.26
CA HIS J 2 -31.27 -4.95 -138.21
C HIS J 2 -30.51 -4.54 -136.94
N MET J 3 -29.96 -3.31 -136.86
CA MET J 3 -29.23 -2.82 -135.70
C MET J 3 -30.08 -2.37 -134.50
N LYS J 4 -31.29 -2.90 -134.29
CA LYS J 4 -32.11 -2.55 -133.14
C LYS J 4 -31.73 -3.41 -131.95
N ASP J 5 -31.72 -4.74 -132.13
CA ASP J 5 -31.40 -5.71 -131.09
C ASP J 5 -29.92 -5.69 -130.72
N VAL J 6 -29.05 -5.14 -131.59
CA VAL J 6 -27.65 -4.85 -131.31
C VAL J 6 -27.54 -3.68 -130.31
N GLN J 7 -28.40 -2.67 -130.51
CA GLN J 7 -28.45 -1.43 -129.74
C GLN J 7 -28.92 -1.65 -128.32
N THR J 8 -29.93 -2.51 -128.10
CA THR J 8 -30.46 -2.79 -126.77
C THR J 8 -29.47 -3.47 -125.84
N GLU J 9 -28.44 -4.14 -126.38
CA GLU J 9 -27.37 -4.73 -125.60
C GLU J 9 -26.18 -3.78 -125.51
N THR J 10 -25.97 -2.92 -126.54
CA THR J 10 -24.90 -1.93 -126.52
C THR J 10 -25.28 -0.65 -125.74
N PHE J 11 -26.48 -0.62 -125.13
CA PHE J 11 -26.82 0.39 -124.16
C PHE J 11 -26.54 -0.11 -122.75
N SER J 12 -26.89 -1.38 -122.44
CA SER J 12 -26.74 -1.96 -121.12
C SER J 12 -25.32 -2.25 -120.72
N VAL J 13 -24.43 -2.71 -121.63
CA VAL J 13 -23.03 -2.93 -121.27
C VAL J 13 -22.22 -1.66 -121.04
N ALA J 14 -22.77 -0.49 -121.41
CA ALA J 14 -22.19 0.82 -121.18
C ALA J 14 -22.69 1.42 -119.87
N GLU J 15 -23.89 1.01 -119.44
CA GLU J 15 -24.44 1.33 -118.14
C GLU J 15 -23.92 0.36 -117.09
N SER J 16 -23.29 -0.75 -117.52
CA SER J 16 -22.72 -1.76 -116.65
C SER J 16 -21.21 -1.63 -116.53
N ILE J 17 -20.45 -1.36 -117.62
CA ILE J 17 -19.00 -1.11 -117.50
C ILE J 17 -18.66 0.07 -116.57
N GLU J 18 -19.56 1.07 -116.51
CA GLU J 18 -19.55 2.21 -115.60
C GLU J 18 -19.66 1.79 -114.13
N GLU J 19 -20.49 0.78 -113.80
CA GLU J 19 -20.60 0.28 -112.44
C GLU J 19 -19.41 -0.56 -112.04
N ILE J 20 -18.84 -1.35 -112.99
CA ILE J 20 -17.59 -2.06 -112.82
C ILE J 20 -16.45 -1.10 -112.52
N SER J 21 -16.28 -0.06 -113.36
CA SER J 21 -15.31 1.02 -113.18
C SER J 21 -15.44 1.73 -111.82
N LYS J 22 -16.67 2.08 -111.40
CA LYS J 22 -16.92 2.69 -110.11
C LYS J 22 -16.60 1.79 -108.93
N ALA J 23 -17.10 0.54 -108.92
CA ALA J 23 -16.79 -0.47 -107.94
C ALA J 23 -15.34 -0.92 -107.83
N ASN J 24 -14.61 -1.09 -108.96
CA ASN J 24 -13.18 -1.37 -108.95
C ASN J 24 -12.36 -0.22 -108.37
N GLU J 25 -12.83 1.02 -108.59
CA GLU J 25 -12.28 2.21 -107.99
C GLU J 25 -12.58 2.27 -106.50
N GLU J 26 -13.81 1.93 -106.04
CA GLU J 26 -14.08 1.83 -104.60
C GLU J 26 -13.23 0.76 -103.90
N ILE J 27 -13.03 -0.42 -104.52
CA ILE J 27 -12.15 -1.46 -103.99
C ILE J 27 -10.71 -0.99 -103.89
N THR J 28 -10.21 -0.29 -104.93
CA THR J 28 -8.88 0.32 -104.95
C THR J 28 -8.68 1.34 -103.86
N ASN J 29 -9.66 2.26 -103.64
CA ASN J 29 -9.60 3.21 -102.54
C ASN J 29 -9.62 2.58 -101.15
N GLN J 30 -10.50 1.60 -100.91
CA GLN J 30 -10.52 0.87 -99.65
C GLN J 30 -9.23 0.12 -99.36
N LEU J 31 -8.67 -0.56 -100.38
CA LEU J 31 -7.39 -1.26 -100.32
C LEU J 31 -6.22 -0.40 -99.88
N LEU J 32 -6.11 0.83 -100.40
CA LEU J 32 -5.06 1.77 -100.05
C LEU J 32 -5.22 2.41 -98.68
N GLY J 33 -6.45 2.45 -98.13
CA GLY J 33 -6.70 2.93 -96.77
C GLY J 33 -6.38 1.89 -95.73
N ILE J 34 -6.77 0.62 -96.02
CA ILE J 34 -6.41 -0.56 -95.25
C ILE J 34 -4.90 -0.76 -95.25
N SER J 35 -4.21 -0.60 -96.40
CA SER J 35 -2.75 -0.71 -96.50
C SER J 35 -2.02 0.26 -95.57
N LYS J 36 -2.48 1.53 -95.51
CA LYS J 36 -2.05 2.51 -94.53
C LYS J 36 -2.36 2.11 -93.10
N GLU J 37 -3.62 1.74 -92.78
CA GLU J 37 -4.00 1.36 -91.43
C GLU J 37 -3.25 0.14 -90.89
N MET J 38 -3.03 -0.88 -91.75
CA MET J 38 -2.22 -2.06 -91.50
C MET J 38 -0.77 -1.73 -91.25
N ASP J 39 -0.14 -0.85 -92.06
CA ASP J 39 1.22 -0.43 -91.83
C ASP J 39 1.40 0.46 -90.57
N ASN J 40 0.31 1.01 -89.99
CA ASN J 40 0.34 1.67 -88.69
C ASN J 40 0.17 0.69 -87.53
N ILE J 41 -0.59 -0.41 -87.74
CA ILE J 41 -0.75 -1.52 -86.79
C ILE J 41 0.58 -2.26 -86.56
N SER J 42 1.42 -2.35 -87.59
CA SER J 42 2.76 -2.94 -87.56
C SER J 42 3.64 -2.26 -86.53
N THR J 43 3.66 -0.93 -86.55
CA THR J 43 4.30 -0.07 -85.56
C THR J 43 3.81 -0.32 -84.14
N ARG J 44 2.48 -0.35 -83.92
CA ARG J 44 1.90 -0.68 -82.62
C ARG J 44 2.23 -2.07 -82.04
N ILE J 45 2.27 -3.13 -82.86
CA ILE J 45 2.70 -4.47 -82.45
C ILE J 45 4.18 -4.52 -82.12
N GLU J 46 5.02 -3.87 -82.95
CA GLU J 46 6.45 -3.71 -82.71
C GLU J 46 6.74 -3.01 -81.37
N SER J 47 5.94 -1.99 -81.00
CA SER J 47 6.00 -1.32 -79.71
C SER J 47 5.67 -2.25 -78.55
N ILE J 48 4.67 -3.13 -78.71
CA ILE J 48 4.35 -4.18 -77.74
C ILE J 48 5.51 -5.18 -77.61
N SER J 49 6.12 -5.59 -78.74
CA SER J 49 7.30 -6.46 -78.75
C SER J 49 8.50 -5.88 -78.02
N ALA J 50 8.79 -4.58 -78.20
CA ALA J 50 9.79 -3.84 -77.44
C ALA J 50 9.59 -3.91 -75.93
N SER J 51 8.35 -3.62 -75.46
CA SER J 51 7.98 -3.81 -74.06
C SER J 51 8.20 -5.22 -73.51
N VAL J 52 7.95 -6.27 -74.31
CA VAL J 52 8.25 -7.66 -73.96
C VAL J 52 9.74 -7.91 -73.74
N GLN J 53 10.61 -7.41 -74.64
CA GLN J 53 12.04 -7.54 -74.54
C GLN J 53 12.61 -6.81 -73.33
N GLU J 54 12.12 -5.59 -73.07
CA GLU J 54 12.43 -4.83 -71.86
C GLU J 54 11.95 -5.53 -70.58
N THR J 55 10.73 -6.09 -70.58
CA THR J 55 10.17 -6.90 -69.50
C THR J 55 11.00 -8.14 -69.24
N THR J 56 11.45 -8.83 -70.30
CA THR J 56 12.33 -10.01 -70.24
C THR J 56 13.65 -9.72 -69.54
N ALA J 57 14.31 -8.59 -69.86
CA ALA J 57 15.48 -8.09 -69.16
C ALA J 57 15.22 -7.71 -67.69
N GLY J 58 14.10 -7.00 -67.43
CA GLY J 58 13.66 -6.59 -66.10
C GLY J 58 13.39 -7.73 -65.17
N SER J 59 12.73 -8.79 -65.67
CA SER J 59 12.40 -10.01 -64.94
C SER J 59 13.64 -10.79 -64.52
N GLU J 60 14.74 -10.64 -65.27
CA GLU J 60 16.01 -11.24 -64.93
C GLU J 60 16.65 -10.55 -63.73
N GLU J 61 16.81 -9.20 -63.73
CA GLU J 61 17.31 -8.51 -62.54
C GLU J 61 16.41 -8.58 -61.30
N ILE J 62 15.08 -8.72 -61.48
CA ILE J 62 14.12 -9.01 -60.41
C ILE J 62 14.40 -10.36 -59.75
N SER J 63 14.80 -11.36 -60.55
CA SER J 63 15.20 -12.69 -60.08
C SER J 63 16.50 -12.65 -59.31
N SER J 64 17.53 -11.97 -59.85
CA SER J 64 18.85 -11.82 -59.21
C SER J 64 18.76 -11.13 -57.85
N ALA J 65 18.00 -10.02 -57.76
CA ALA J 65 17.71 -9.33 -56.51
C ALA J 65 17.03 -10.23 -55.48
N THR J 66 15.99 -10.97 -55.90
CA THR J 66 15.26 -11.92 -55.04
C THR J 66 16.18 -12.97 -54.42
N LYS J 67 17.07 -13.58 -55.21
CA LYS J 67 18.05 -14.54 -54.70
C LYS J 67 19.09 -13.91 -53.76
N ASN J 68 19.61 -12.70 -54.06
CA ASN J 68 20.47 -11.94 -53.16
C ASN J 68 19.82 -11.61 -51.81
N ILE J 69 18.54 -11.19 -51.83
CA ILE J 69 17.75 -10.93 -50.63
C ILE J 69 17.46 -12.21 -49.87
N ALA J 70 17.08 -13.31 -50.56
CA ALA J 70 16.85 -14.62 -49.94
C ALA J 70 18.02 -15.17 -49.14
N ASP J 71 19.26 -14.97 -49.65
CA ASP J 71 20.51 -15.30 -48.99
C ASP J 71 20.78 -14.36 -47.81
N SER J 72 20.72 -13.04 -48.03
CA SER J 72 20.89 -12.04 -46.97
C SER J 72 19.94 -12.20 -45.79
N ALA J 73 18.64 -12.45 -46.06
CA ALA J 73 17.62 -12.76 -45.09
C ALA J 73 17.91 -14.03 -44.28
N GLN J 74 18.25 -15.14 -44.97
CA GLN J 74 18.71 -16.42 -44.41
C GLN J 74 19.80 -16.25 -43.37
N GLN J 75 20.88 -15.53 -43.75
CA GLN J 75 21.99 -15.16 -42.91
C GLN J 75 21.62 -14.29 -41.71
N ALA J 76 20.83 -13.21 -41.93
CA ALA J 76 20.40 -12.32 -40.88
C ALA J 76 19.53 -13.00 -39.80
N ALA J 77 18.70 -13.98 -40.21
CA ALA J 77 17.92 -14.82 -39.31
C ALA J 77 18.77 -15.68 -38.38
N SER J 78 19.91 -16.18 -38.90
CA SER J 78 20.93 -16.92 -38.15
C SER J 78 21.63 -16.01 -37.15
N PHE J 79 22.15 -14.83 -37.58
CA PHE J 79 22.70 -13.83 -36.67
C PHE J 79 21.77 -13.37 -35.55
N ALA J 80 20.45 -13.23 -35.80
CA ALA J 80 19.48 -12.89 -34.79
C ALA J 80 19.33 -13.93 -33.67
N ASP J 81 19.39 -15.24 -34.02
CA ASP J 81 19.41 -16.32 -33.07
C ASP J 81 20.69 -16.33 -32.23
N GLN J 82 21.86 -16.18 -32.88
CA GLN J 82 23.15 -16.06 -32.26
C GLN J 82 23.28 -14.84 -31.35
N SER J 83 22.61 -13.73 -31.69
CA SER J 83 22.53 -12.52 -30.88
C SER J 83 21.76 -12.76 -29.61
N THR J 84 20.62 -13.49 -29.72
CA THR J 84 19.81 -13.88 -28.58
C THR J 84 20.54 -14.79 -27.60
N GLN J 85 21.39 -15.72 -28.10
CA GLN J 85 22.27 -16.51 -27.27
C GLN J 85 23.29 -15.70 -26.49
N LEU J 86 23.88 -14.64 -27.08
CA LEU J 86 24.85 -13.83 -26.36
C LEU J 86 24.21 -12.91 -25.34
N ALA J 87 22.87 -12.70 -25.41
CA ALA J 87 22.12 -12.00 -24.40
C ALA J 87 21.76 -12.92 -23.25
N LYS J 88 21.82 -14.25 -23.45
CA LYS J 88 21.67 -15.24 -22.40
C LYS J 88 22.96 -15.33 -21.60
N GLU J 89 24.12 -15.35 -22.26
CA GLU J 89 25.43 -15.38 -21.62
C GLU J 89 25.74 -14.07 -20.90
N ALA J 90 25.53 -12.91 -21.57
CA ALA J 90 25.63 -11.59 -20.96
C ALA J 90 24.75 -11.35 -19.74
N GLY J 91 23.55 -11.97 -19.68
CA GLY J 91 22.66 -11.83 -18.53
C GLY J 91 23.04 -12.75 -17.41
N ASP J 92 23.55 -13.95 -17.74
CA ASP J 92 24.09 -14.90 -16.79
C ASP J 92 25.31 -14.30 -16.09
N ALA J 93 26.31 -13.82 -16.86
CA ALA J 93 27.45 -13.15 -16.28
C ALA J 93 27.16 -11.84 -15.52
N LEU J 94 25.98 -11.22 -15.71
CA LEU J 94 25.64 -10.01 -14.98
C LEU J 94 24.76 -10.30 -13.77
N LYS J 95 23.89 -11.33 -13.83
CA LYS J 95 23.13 -11.78 -12.67
C LYS J 95 23.95 -12.58 -11.66
N LYS J 96 25.20 -12.93 -12.00
CA LYS J 96 26.14 -13.51 -11.07
C LYS J 96 27.12 -12.48 -10.53
N VAL J 97 27.51 -11.45 -11.33
CA VAL J 97 28.38 -10.39 -10.80
C VAL J 97 27.68 -9.46 -9.83
N ILE J 98 26.35 -9.22 -9.97
CA ILE J 98 25.58 -8.49 -8.96
C ILE J 98 25.45 -9.26 -7.65
N GLU J 99 25.48 -10.59 -7.72
CA GLU J 99 25.43 -11.48 -6.56
C GLU J 99 26.76 -11.48 -5.83
N VAL J 100 27.88 -11.37 -6.57
CA VAL J 100 29.21 -11.15 -6.03
C VAL J 100 29.33 -9.75 -5.41
N THR J 101 28.82 -8.67 -6.06
CA THR J 101 28.87 -7.31 -5.50
C THR J 101 28.12 -7.18 -4.19
N ARG J 102 26.83 -7.58 -4.08
CA ARG J 102 26.17 -7.53 -2.78
C ARG J 102 26.76 -8.43 -1.69
N MET J 103 27.45 -9.53 -2.04
CA MET J 103 28.12 -10.39 -1.06
C MET J 103 29.35 -9.72 -0.45
N ILE J 104 30.21 -9.09 -1.29
CA ILE J 104 31.43 -8.46 -0.81
C ILE J 104 31.13 -7.16 -0.04
N SER J 105 29.94 -6.56 -0.30
CA SER J 105 29.35 -5.47 0.47
C SER J 105 29.03 -5.87 1.90
N ASN J 106 28.59 -7.13 2.12
CA ASN J 106 28.31 -7.59 3.47
C ASN J 106 29.57 -7.96 4.22
N SER J 107 30.59 -8.51 3.53
CA SER J 107 31.91 -8.71 4.15
C SER J 107 32.67 -7.41 4.39
N ALA J 108 32.39 -6.34 3.62
CA ALA J 108 33.00 -5.04 3.85
C ALA J 108 32.33 -4.22 4.94
N LYS J 109 31.02 -4.44 5.21
CA LYS J 109 30.36 -3.79 6.34
C LYS J 109 30.84 -4.34 7.67
N ASP J 110 31.16 -5.64 7.72
CA ASP J 110 31.89 -6.28 8.81
C ASP J 110 33.23 -5.62 9.16
N VAL J 111 33.94 -5.00 8.19
CA VAL J 111 35.18 -4.28 8.46
C VAL J 111 34.93 -2.97 9.17
N GLU J 112 33.83 -2.25 8.84
CA GLU J 112 33.35 -1.10 9.60
C GLU J 112 33.04 -1.45 11.05
N ARG J 113 32.44 -2.64 11.29
CA ARG J 113 32.16 -3.15 12.62
C ARG J 113 33.44 -3.46 13.39
N VAL J 114 34.45 -4.09 12.74
CA VAL J 114 35.76 -4.32 13.33
C VAL J 114 36.47 -3.03 13.69
N VAL J 115 36.64 -2.08 12.74
CA VAL J 115 37.32 -0.81 12.98
C VAL J 115 36.68 0.05 14.08
N GLU J 116 35.34 -0.02 14.27
CA GLU J 116 34.70 0.68 15.38
C GLU J 116 34.88 -0.04 16.73
N SER J 117 34.79 -1.39 16.77
CA SER J 117 35.03 -2.15 17.98
C SER J 117 36.48 -2.14 18.42
N PHE J 118 37.42 -1.95 17.47
CA PHE J 118 38.84 -1.80 17.75
C PHE J 118 39.13 -0.45 18.38
N GLN J 119 38.61 0.66 17.81
CA GLN J 119 38.74 1.98 18.42
C GLN J 119 38.16 2.08 19.82
N LYS J 120 36.95 1.52 20.05
CA LYS J 120 36.36 1.47 21.38
C LYS J 120 37.11 0.55 22.34
N GLY J 121 37.62 -0.61 21.86
CA GLY J 121 38.50 -1.47 22.65
C GLY J 121 39.86 -0.89 22.99
N ALA J 122 40.31 0.13 22.26
CA ALA J 122 41.58 0.79 22.49
C ALA J 122 41.44 2.02 23.36
N GLU J 123 40.24 2.61 23.44
CA GLU J 123 39.96 3.64 24.40
C GLU J 123 39.66 3.05 25.76
N GLU J 124 39.10 1.82 25.78
CA GLU J 124 38.84 1.08 27.00
C GLU J 124 40.13 0.59 27.63
N ILE J 125 41.15 0.23 26.82
CA ILE J 125 42.51 0.02 27.30
C ILE J 125 43.20 1.34 27.72
N THR J 126 42.84 2.50 27.14
CA THR J 126 43.44 3.78 27.54
C THR J 126 42.93 4.33 28.85
N SER J 127 41.66 4.06 29.22
CA SER J 127 41.19 4.35 30.58
C SER J 127 41.86 3.48 31.65
N PHE J 128 42.31 2.27 31.27
CA PHE J 128 43.14 1.44 32.13
C PHE J 128 44.59 1.93 32.19
N VAL J 129 45.11 2.61 31.14
CA VAL J 129 46.40 3.29 31.17
C VAL J 129 46.34 4.42 32.19
N GLU J 130 45.30 5.28 32.16
CA GLU J 130 45.01 6.29 33.17
C GLU J 130 44.97 5.75 34.61
N THR J 131 44.14 4.70 34.85
CA THR J 131 44.02 3.98 36.13
C THR J 131 45.35 3.41 36.63
N ILE J 132 46.08 2.64 35.80
CA ILE J 132 47.40 2.05 36.10
C ILE J 132 48.44 3.14 36.40
N ASN J 133 48.47 4.23 35.60
CA ASN J 133 49.33 5.39 35.83
C ASN J 133 49.05 6.02 37.19
N ALA J 134 47.77 6.33 37.51
CA ALA J 134 47.38 6.82 38.83
C ALA J 134 47.86 5.97 40.02
N ILE J 135 47.54 4.65 40.05
CA ILE J 135 48.00 3.72 41.08
C ILE J 135 49.52 3.65 41.22
N ALA J 136 50.27 3.60 40.10
CA ALA J 136 51.71 3.55 40.08
C ALA J 136 52.37 4.84 40.58
N GLU J 137 51.77 6.00 40.27
CA GLU J 137 52.25 7.29 40.73
C GLU J 137 51.98 7.50 42.21
N GLN J 138 50.92 6.90 42.76
CA GLN J 138 50.67 6.87 44.19
C GLN J 138 51.64 5.99 44.92
N THR J 139 51.85 4.77 44.39
CA THR J 139 52.83 3.80 44.91
C THR J 139 54.24 4.38 44.96
N ASN J 140 54.62 5.16 43.93
CA ASN J 140 55.88 5.90 43.89
C ASN J 140 55.99 6.95 45.00
N LEU J 141 55.01 7.87 45.10
CA LEU J 141 54.93 8.89 46.14
C LEU J 141 54.88 8.34 47.56
N LEU J 142 54.12 7.25 47.79
CA LEU J 142 54.08 6.53 49.06
C LEU J 142 55.41 5.92 49.47
N ALA J 143 56.11 5.30 48.49
CA ALA J 143 57.46 4.80 48.66
C ALA J 143 58.49 5.90 48.88
N LEU J 144 58.29 7.10 48.30
CA LEU J 144 59.10 8.28 48.57
C LEU J 144 58.90 8.81 49.98
N ASN J 145 57.64 8.90 50.47
CA ASN J 145 57.35 9.27 51.85
C ASN J 145 58.00 8.33 52.88
N ALA J 146 58.16 7.02 52.55
CA ALA J 146 58.95 6.09 53.33
C ALA J 146 60.47 6.27 53.18
N ALA J 147 60.95 6.62 51.98
CA ALA J 147 62.36 6.78 51.68
C ALA J 147 62.97 8.01 52.32
N ILE J 148 62.24 9.14 52.35
CA ILE J 148 62.65 10.39 53.01
C ILE J 148 62.77 10.33 54.54
N GLU J 149 62.53 9.15 55.15
CA GLU J 149 62.68 8.97 56.58
C GLU J 149 63.43 7.70 56.91
N ALA J 150 63.42 6.66 56.05
CA ALA J 150 64.28 5.50 56.23
C ALA J 150 65.75 5.81 55.96
N ALA J 151 66.06 6.68 54.98
CA ALA J 151 67.40 7.17 54.72
C ALA J 151 67.95 8.13 55.79
N ARG J 152 67.06 8.70 56.63
CA ARG J 152 67.45 9.52 57.76
C ARG J 152 67.58 8.69 59.03
N ALA J 153 67.12 7.42 59.00
CA ALA J 153 67.28 6.50 60.10
C ALA J 153 68.56 5.69 60.02
N GLY J 154 69.48 6.04 59.10
CA GLY J 154 70.84 5.52 58.97
C GLY J 154 71.02 4.02 59.01
N GLU J 155 71.74 3.50 60.03
CA GLU J 155 71.97 2.08 60.26
C GLU J 155 70.71 1.27 60.54
N ALA J 156 69.74 1.84 61.29
CA ALA J 156 68.48 1.21 61.57
C ALA J 156 67.57 1.13 60.35
N GLY J 157 67.54 2.20 59.54
CA GLY J 157 66.74 2.26 58.32
C GLY J 157 67.39 1.66 57.10
N ARG J 158 68.67 1.29 57.20
CA ARG J 158 69.56 0.84 56.12
C ARG J 158 68.93 0.00 55.02
N GLY J 159 68.48 -1.24 55.34
CA GLY J 159 67.93 -2.15 54.34
C GLY J 159 66.51 -1.82 53.94
N PHE J 160 65.87 -0.88 54.66
CA PHE J 160 64.52 -0.42 54.36
C PHE J 160 64.58 0.74 53.38
N ALA J 161 65.70 1.51 53.37
CA ALA J 161 65.93 2.56 52.41
C ALA J 161 66.37 2.01 51.06
N VAL J 162 66.96 0.80 51.01
CA VAL J 162 67.30 0.10 49.79
C VAL J 162 66.05 -0.43 49.11
N VAL J 163 65.17 -1.13 49.86
CA VAL J 163 63.93 -1.64 49.33
C VAL J 163 62.96 -0.54 48.88
N ALA J 164 62.78 0.55 49.65
CA ALA J 164 61.99 1.72 49.30
C ALA J 164 62.36 2.32 47.94
N ASP J 165 63.67 2.53 47.72
CA ASP J 165 64.27 2.91 46.46
C ASP J 165 63.91 1.99 45.30
N GLU J 166 64.22 0.69 45.38
CA GLU J 166 63.93 -0.26 44.33
C GLU J 166 62.43 -0.54 44.11
N ILE J 167 61.56 -0.22 45.10
CA ILE J 167 60.10 -0.13 44.98
C ILE J 167 59.75 1.06 44.10
N ARG J 168 60.31 2.25 44.37
CA ARG J 168 60.21 3.41 43.49
C ARG J 168 60.65 3.09 42.06
N LYS J 169 61.82 2.44 41.90
CA LYS J 169 62.31 2.01 40.60
C LYS J 169 61.37 1.01 39.91
N LEU J 170 60.78 0.02 40.63
CA LEU J 170 59.69 -0.82 40.10
C LEU J 170 58.45 -0.01 39.72
N ALA J 171 58.03 0.97 40.55
CA ALA J 171 56.88 1.78 40.25
C ALA J 171 57.09 2.77 39.10
N GLU J 172 58.35 3.16 38.80
CA GLU J 172 58.68 3.92 37.60
C GLU J 172 58.86 2.99 36.40
N GLU J 173 59.00 1.67 36.63
CA GLU J 173 58.98 0.69 35.55
C GLU J 173 57.57 0.32 35.17
N SER J 174 56.62 0.26 36.14
CA SER J 174 55.20 0.15 35.82
C SER J 174 54.67 1.35 35.05
N GLN J 175 55.13 2.58 35.41
CA GLN J 175 54.87 3.80 34.65
C GLN J 175 55.44 3.78 33.25
N GLN J 176 56.71 3.34 33.08
CA GLN J 176 57.37 3.17 31.80
C GLN J 176 56.63 2.26 30.83
N ALA J 177 56.28 1.03 31.26
CA ALA J 177 55.51 0.08 30.48
C ALA J 177 54.14 0.63 30.08
N SER J 178 53.42 1.30 31.01
CA SER J 178 52.15 1.97 30.74
C SER J 178 52.28 3.11 29.72
N GLU J 179 53.42 3.84 29.77
CA GLU J 179 53.80 4.85 28.80
C GLU J 179 54.15 4.25 27.43
N ASN J 180 54.69 3.02 27.37
CA ASN J 180 54.93 2.34 26.11
C ASN J 180 53.63 1.76 25.54
N VAL J 181 52.65 1.40 26.40
CA VAL J 181 51.30 1.03 25.97
C VAL J 181 50.58 2.25 25.44
N ARG J 182 50.68 3.42 26.10
CA ARG J 182 50.07 4.66 25.65
C ARG J 182 50.54 5.08 24.25
N ARG J 183 51.85 5.00 23.98
CA ARG J 183 52.42 5.27 22.68
C ARG J 183 51.95 4.34 21.56
N VAL J 184 51.91 3.01 21.79
CA VAL J 184 51.41 2.09 20.77
C VAL J 184 49.90 2.04 20.65
N VAL J 185 49.11 2.25 21.73
CA VAL J 185 47.65 2.34 21.65
C VAL J 185 47.18 3.54 20.84
N ASN J 186 47.82 4.71 21.05
CA ASN J 186 47.55 5.93 20.30
C ASN J 186 47.86 5.76 18.81
N GLU J 187 49.01 5.15 18.47
CA GLU J 187 49.40 4.84 17.10
C GLU J 187 48.44 3.89 16.39
N ILE J 188 47.97 2.83 17.09
CA ILE J 188 47.04 1.85 16.57
C ILE J 188 45.66 2.43 16.35
N ARG J 189 45.19 3.31 17.26
CA ARG J 189 43.95 4.05 17.07
C ARG J 189 44.04 4.96 15.85
N SER J 190 45.15 5.69 15.64
CA SER J 190 45.33 6.51 14.44
C SER J 190 45.48 5.72 13.14
N ILE J 191 45.97 4.45 13.17
CA ILE J 191 45.95 3.55 12.02
C ILE J 191 44.52 3.10 11.70
N ALA J 192 43.73 2.80 12.75
CA ALA J 192 42.31 2.48 12.67
C ALA J 192 41.44 3.60 12.11
N GLU J 193 41.64 4.84 12.58
CA GLU J 193 40.93 6.03 12.11
C GLU J 193 41.20 6.36 10.64
N ASP J 194 42.42 6.12 10.16
CA ASP J 194 42.79 6.17 8.76
C ASP J 194 42.16 5.01 7.97
N ALA J 195 42.12 3.80 8.57
CA ALA J 195 41.48 2.65 7.97
C ALA J 195 39.96 2.79 7.86
N GLY J 196 39.32 3.63 8.69
CA GLY J 196 37.94 4.09 8.59
C GLY J 196 37.52 4.54 7.20
N LYS J 197 38.36 5.40 6.60
CA LYS J 197 38.26 5.90 5.25
C LYS J 197 38.28 4.79 4.20
N VAL J 198 39.39 4.00 4.14
CA VAL J 198 39.61 2.87 3.24
C VAL J 198 38.45 1.86 3.22
N SER J 199 37.89 1.61 4.42
CA SER J 199 36.79 0.71 4.75
C SER J 199 35.50 1.18 4.13
N SER J 200 35.12 2.44 4.37
CA SER J 200 33.83 2.95 3.93
C SER J 200 33.92 3.46 2.51
N GLU J 201 35.13 3.70 1.98
CA GLU J 201 35.32 3.85 0.54
C GLU J 201 35.08 2.55 -0.24
N ILE J 202 35.07 1.37 0.43
CA ILE J 202 34.66 0.11 -0.18
C ILE J 202 33.14 0.04 -0.18
N THR J 203 32.50 0.12 1.01
CA THR J 203 31.04 0.05 1.16
C THR J 203 30.27 1.15 0.44
N ALA J 204 30.91 2.27 0.07
CA ALA J 204 30.34 3.28 -0.78
C ALA J 204 30.45 2.91 -2.27
N ARG J 205 31.62 2.44 -2.73
CA ARG J 205 31.84 2.19 -4.14
C ARG J 205 31.25 0.86 -4.61
N VAL J 206 31.04 -0.12 -3.71
CA VAL J 206 30.39 -1.36 -4.12
C VAL J 206 28.89 -1.18 -4.24
N GLU J 207 28.33 -0.27 -3.43
CA GLU J 207 26.93 0.11 -3.45
C GLU J 207 26.49 0.72 -4.76
N GLU J 208 27.27 1.70 -5.30
CA GLU J 208 26.93 2.34 -6.57
C GLU J 208 27.37 1.53 -7.78
N GLY J 209 28.13 0.44 -7.58
CA GLY J 209 28.43 -0.56 -8.60
C GLY J 209 27.31 -1.55 -8.72
N THR J 210 26.66 -1.86 -7.58
CA THR J 210 25.49 -2.74 -7.53
C THR J 210 24.27 -2.12 -8.18
N LYS J 211 24.07 -0.78 -8.02
CA LYS J 211 22.96 -0.06 -8.63
C LYS J 211 23.12 0.01 -10.14
N LEU J 212 24.33 0.38 -10.62
CA LEU J 212 24.65 0.48 -12.02
C LEU J 212 24.55 -0.84 -12.78
N ALA J 213 24.90 -1.96 -12.12
CA ALA J 213 24.76 -3.30 -12.68
C ALA J 213 23.31 -3.74 -12.80
N ASP J 214 22.44 -3.36 -11.84
CA ASP J 214 21.01 -3.64 -11.93
C ASP J 214 20.32 -2.72 -12.94
N GLU J 215 20.88 -1.53 -13.22
CA GLU J 215 20.41 -0.64 -14.28
C GLU J 215 20.79 -1.18 -15.66
N ALA J 216 21.97 -1.80 -15.77
CA ALA J 216 22.42 -2.47 -16.98
C ALA J 216 21.69 -3.78 -17.21
N ASP J 217 21.15 -4.43 -16.16
CA ASP J 217 20.27 -5.57 -16.26
C ASP J 217 19.00 -5.23 -17.02
N GLU J 218 18.28 -4.18 -16.55
CA GLU J 218 17.09 -3.67 -17.20
C GLU J 218 17.33 -3.18 -18.62
N LYS J 219 18.47 -2.50 -18.88
CA LYS J 219 18.88 -2.11 -20.21
C LYS J 219 19.32 -3.27 -21.12
N LEU J 220 19.51 -4.49 -20.57
CA LEU J 220 19.80 -5.67 -21.37
C LEU J 220 18.52 -6.46 -21.58
N ASN J 221 17.52 -6.29 -20.70
CA ASN J 221 16.21 -6.90 -20.89
C ASN J 221 15.39 -6.10 -21.91
N SER J 222 15.74 -4.82 -22.16
CA SER J 222 15.18 -4.05 -23.27
C SER J 222 15.75 -4.45 -24.62
N ILE J 223 16.92 -5.12 -24.64
CA ILE J 223 17.48 -5.73 -25.82
C ILE J 223 16.87 -7.10 -26.03
N VAL J 224 16.59 -7.88 -24.96
CA VAL J 224 15.94 -9.19 -25.05
C VAL J 224 14.50 -9.12 -25.59
N GLY J 225 13.85 -7.94 -25.56
CA GLY J 225 12.60 -7.72 -26.27
C GLY J 225 12.83 -7.22 -27.69
N ALA J 226 13.79 -6.31 -27.89
CA ALA J 226 14.10 -5.79 -29.20
C ALA J 226 14.67 -6.83 -30.17
N VAL J 227 15.50 -7.77 -29.67
CA VAL J 227 16.06 -8.83 -30.50
C VAL J 227 15.05 -9.95 -30.74
N GLU J 228 13.96 -10.04 -29.94
CA GLU J 228 12.87 -10.96 -30.23
C GLU J 228 11.98 -10.39 -31.34
N ARG J 229 11.81 -9.04 -31.37
CA ARG J 229 11.14 -8.34 -32.45
C ARG J 229 11.90 -8.43 -33.76
N ILE J 230 13.25 -8.43 -33.72
CA ILE J 230 14.07 -8.64 -34.91
C ILE J 230 13.83 -10.03 -35.49
N ASN J 231 13.80 -11.11 -34.67
CA ASN J 231 13.56 -12.45 -35.18
C ASN J 231 12.20 -12.66 -35.86
N GLU J 232 11.08 -12.17 -35.29
CA GLU J 232 9.77 -12.23 -35.93
C GLU J 232 9.66 -11.43 -37.22
N MET J 233 10.27 -10.23 -37.29
CA MET J 233 10.35 -9.42 -38.49
C MET J 233 11.21 -10.03 -39.58
N LEU J 234 12.34 -10.67 -39.24
CA LEU J 234 13.15 -11.39 -40.22
C LEU J 234 12.49 -12.66 -40.70
N GLN J 235 11.70 -13.34 -39.86
CA GLN J 235 10.86 -14.47 -40.27
C GLN J 235 9.70 -14.05 -41.18
N ASN J 236 9.22 -12.80 -41.06
CA ASN J 236 8.26 -12.22 -41.99
C ASN J 236 8.84 -11.83 -43.34
N ILE J 237 10.16 -11.67 -43.50
CA ILE J 237 10.70 -11.41 -44.85
C ILE J 237 11.06 -12.73 -45.49
N ALA J 238 11.37 -13.77 -44.68
CA ALA J 238 11.53 -15.14 -45.12
C ALA J 238 10.25 -15.71 -45.73
N ALA J 239 9.11 -15.54 -45.03
CA ALA J 239 7.83 -15.95 -45.59
C ALA J 239 7.37 -15.20 -46.83
N ALA J 240 7.72 -13.90 -46.97
CA ALA J 240 7.43 -13.12 -48.17
C ALA J 240 8.40 -13.33 -49.33
N ILE J 241 9.69 -13.68 -49.08
CA ILE J 241 10.67 -13.97 -50.13
C ILE J 241 10.36 -15.21 -50.94
N GLU J 242 9.62 -16.19 -50.38
CA GLU J 242 9.17 -17.33 -51.15
C GLU J 242 7.97 -17.00 -52.03
N GLU J 243 7.11 -16.02 -51.64
CA GLU J 243 6.02 -15.54 -52.49
C GLU J 243 6.54 -14.80 -53.71
N GLN J 244 7.54 -13.92 -53.48
CA GLN J 244 8.25 -13.16 -54.47
C GLN J 244 8.97 -14.00 -55.51
N ASN J 245 9.63 -15.09 -55.10
CA ASN J 245 10.33 -16.01 -55.98
C ASN J 245 9.36 -16.81 -56.85
N ALA J 246 8.22 -17.24 -56.27
CA ALA J 246 7.14 -17.90 -56.98
C ALA J 246 6.49 -16.98 -58.01
N ALA J 247 6.30 -15.70 -57.63
CA ALA J 247 5.75 -14.67 -58.49
C ALA J 247 6.65 -14.27 -59.65
N VAL J 248 7.99 -14.21 -59.47
CA VAL J 248 8.88 -13.92 -60.60
C VAL J 248 9.06 -15.13 -61.50
N ASP J 249 8.87 -16.38 -61.00
CA ASP J 249 8.82 -17.53 -61.89
C ASP J 249 7.51 -17.55 -62.71
N GLU J 250 6.40 -17.08 -62.12
CA GLU J 250 5.09 -16.96 -62.74
C GLU J 250 4.98 -15.80 -63.73
N ILE J 251 5.68 -14.67 -63.49
CA ILE J 251 5.78 -13.55 -64.42
C ILE J 251 6.69 -13.90 -65.58
N THR J 252 7.70 -14.77 -65.35
CA THR J 252 8.63 -15.20 -66.39
C THR J 252 7.88 -16.07 -67.40
N THR J 253 6.97 -16.97 -66.95
CA THR J 253 6.08 -17.69 -67.88
C THR J 253 5.15 -16.79 -68.67
N ALA J 254 4.73 -15.64 -68.10
CA ALA J 254 3.84 -14.69 -68.73
C ALA J 254 4.51 -13.90 -69.85
N MET J 255 5.68 -13.27 -69.60
CA MET J 255 6.48 -12.60 -70.63
C MET J 255 6.95 -13.53 -71.74
N THR J 256 7.12 -14.83 -71.43
CA THR J 256 7.43 -15.89 -72.38
C THR J 256 6.28 -16.14 -73.35
N GLU J 257 5.02 -16.19 -72.87
CA GLU J 257 3.84 -16.25 -73.72
C GLU J 257 3.58 -14.93 -74.49
N ASN J 258 3.84 -13.78 -73.85
CA ASN J 258 3.71 -12.45 -74.44
C ASN J 258 4.62 -12.22 -75.65
N ALA J 259 5.79 -12.90 -75.67
CA ALA J 259 6.74 -12.88 -76.77
C ALA J 259 6.23 -13.70 -77.95
N LYS J 260 5.68 -14.90 -77.68
CA LYS J 260 5.03 -15.72 -78.68
C LYS J 260 3.84 -15.02 -79.29
N ASN J 261 2.84 -14.58 -78.49
CA ASN J 261 1.67 -13.90 -79.02
C ASN J 261 1.98 -12.64 -79.85
N ALA J 262 2.97 -11.82 -79.45
CA ALA J 262 3.45 -10.69 -80.23
C ALA J 262 4.04 -11.03 -81.59
N GLU J 263 4.83 -12.13 -81.66
CA GLU J 263 5.38 -12.62 -82.90
C GLU J 263 4.34 -13.21 -83.83
N GLU J 264 3.36 -13.98 -83.31
CA GLU J 264 2.26 -14.52 -84.08
C GLU J 264 1.40 -13.45 -84.76
N ILE J 265 1.20 -12.29 -84.11
CA ILE J 265 0.49 -11.16 -84.71
C ILE J 265 1.38 -10.49 -85.74
N THR J 266 2.68 -10.28 -85.43
CA THR J 266 3.64 -9.71 -86.36
C THR J 266 3.75 -10.52 -87.67
N ASN J 267 3.84 -11.86 -87.57
CA ASN J 267 3.85 -12.76 -88.70
C ASN J 267 2.56 -12.74 -89.54
N SER J 268 1.39 -12.54 -88.91
CA SER J 268 0.15 -12.41 -89.66
C SER J 268 0.02 -11.08 -90.38
N VAL J 269 0.43 -9.95 -89.77
CA VAL J 269 0.41 -8.63 -90.43
C VAL J 269 1.30 -8.54 -91.68
N LYS J 270 2.49 -9.16 -91.64
CA LYS J 270 3.40 -9.24 -92.78
C LYS J 270 2.84 -10.05 -93.95
N GLU J 271 2.06 -11.10 -93.66
CA GLU J 271 1.29 -11.81 -94.67
C GLU J 271 0.17 -10.96 -95.26
N VAL J 272 -0.67 -10.31 -94.43
CA VAL J 272 -1.76 -9.44 -94.88
C VAL J 272 -1.27 -8.34 -95.81
N ASN J 273 -0.21 -7.59 -95.43
CA ASN J 273 0.39 -6.57 -96.28
C ASN J 273 0.89 -7.09 -97.63
N ALA J 274 1.44 -8.31 -97.69
CA ALA J 274 1.77 -8.96 -98.93
C ALA J 274 0.57 -9.41 -99.76
N ARG J 275 -0.49 -9.92 -99.13
CA ARG J 275 -1.73 -10.30 -99.83
C ARG J 275 -2.48 -9.07 -100.38
N LEU J 276 -2.41 -7.92 -99.68
CA LEU J 276 -2.92 -6.64 -100.16
C LEU J 276 -2.16 -6.14 -101.41
N GLN J 277 -0.83 -6.39 -101.49
CA GLN J 277 -0.02 -6.05 -102.66
C GLN J 277 -0.35 -6.90 -103.90
N GLU J 278 -0.83 -8.14 -103.68
CA GLU J 278 -1.32 -9.04 -104.71
C GLU J 278 -2.68 -8.60 -105.24
N ILE J 279 -3.52 -7.99 -104.39
CA ILE J 279 -4.81 -7.45 -104.81
C ILE J 279 -4.60 -6.18 -105.61
N SER J 280 -3.60 -5.34 -105.27
CA SER J 280 -3.26 -4.14 -106.05
C SER J 280 -2.88 -4.45 -107.51
N ALA J 281 -2.07 -5.52 -107.73
CA ALA J 281 -1.77 -5.99 -109.07
C ALA J 281 -3.01 -6.45 -109.85
N SER J 282 -3.88 -7.27 -109.22
CA SER J 282 -5.16 -7.67 -109.80
C SER J 282 -6.14 -6.52 -110.03
N THR J 283 -6.14 -5.44 -109.20
CA THR J 283 -6.93 -4.23 -109.45
C THR J 283 -6.40 -3.45 -110.62
N GLU J 284 -5.06 -3.37 -110.81
CA GLU J 284 -4.50 -2.73 -112.00
C GLU J 284 -4.80 -3.54 -113.26
N GLU J 285 -4.83 -4.88 -113.15
CA GLU J 285 -5.26 -5.74 -114.25
C GLU J 285 -6.72 -5.51 -114.68
N VAL J 286 -7.65 -5.35 -113.71
CA VAL J 286 -9.02 -4.96 -114.00
C VAL J 286 -9.13 -3.51 -114.46
N THR J 287 -8.34 -2.57 -113.92
CA THR J 287 -8.44 -1.15 -114.27
C THR J 287 -7.89 -0.87 -115.66
N SER J 288 -7.07 -1.80 -116.18
CA SER J 288 -6.56 -1.76 -117.54
C SER J 288 -7.54 -2.37 -118.51
N ARG J 289 -8.19 -3.49 -118.15
CA ARG J 289 -9.15 -4.14 -119.02
C ARG J 289 -10.53 -3.49 -119.02
N VAL J 290 -10.83 -2.60 -118.05
CA VAL J 290 -12.06 -1.81 -118.07
C VAL J 290 -11.99 -0.77 -119.16
N GLN J 291 -10.84 -0.10 -119.34
CA GLN J 291 -10.62 0.88 -120.40
C GLN J 291 -10.70 0.26 -121.80
N THR J 292 -10.12 -0.94 -121.99
CA THR J 292 -10.28 -1.76 -123.19
C THR J 292 -11.72 -2.11 -123.54
N ILE J 293 -12.60 -2.36 -122.54
CA ILE J 293 -14.02 -2.60 -122.81
C ILE J 293 -14.76 -1.31 -123.14
N ARG J 294 -14.37 -0.14 -122.57
CA ARG J 294 -14.99 1.12 -122.94
C ARG J 294 -14.72 1.48 -124.39
N GLU J 295 -13.47 1.31 -124.87
CA GLU J 295 -13.13 1.57 -126.26
C GLU J 295 -13.92 0.71 -127.25
N ASN J 296 -14.05 -0.61 -126.97
CA ASN J 296 -14.82 -1.53 -127.81
C ASN J 296 -16.32 -1.50 -127.58
N VAL J 297 -16.84 -0.54 -126.78
CA VAL J 297 -18.27 -0.33 -126.58
C VAL J 297 -18.59 1.09 -127.02
N GLN J 298 -17.59 1.96 -127.21
CA GLN J 298 -17.78 3.26 -127.81
C GLN J 298 -17.66 3.14 -129.32
N MET J 299 -16.64 2.42 -129.83
CA MET J 299 -16.57 2.09 -131.24
C MET J 299 -17.67 1.17 -131.76
N LEU J 300 -18.37 0.41 -130.90
CA LEU J 300 -19.53 -0.38 -131.27
C LEU J 300 -20.84 0.39 -131.21
N LYS J 301 -20.97 1.36 -130.28
CA LYS J 301 -22.17 2.19 -130.18
C LYS J 301 -22.31 3.16 -131.34
N GLU J 302 -21.21 3.42 -132.05
CA GLU J 302 -21.27 4.12 -133.31
C GLU J 302 -21.82 3.28 -134.47
N ILE J 303 -21.60 1.95 -134.47
CA ILE J 303 -22.02 1.04 -135.54
C ILE J 303 -23.53 0.89 -135.63
N VAL J 304 -24.23 0.79 -134.48
CA VAL J 304 -25.68 0.77 -134.40
C VAL J 304 -26.41 1.94 -135.06
N ALA J 305 -25.75 3.10 -135.17
CA ALA J 305 -26.26 4.26 -135.88
C ALA J 305 -25.79 4.27 -137.33
N ARG J 306 -24.46 4.11 -137.58
CA ARG J 306 -23.80 4.04 -138.88
C ARG J 306 -24.53 3.28 -139.98
N TYR J 307 -24.95 2.04 -139.69
CA TYR J 307 -25.60 1.13 -140.60
C TYR J 307 -27.15 1.26 -140.54
N GLY K 1 -58.07 42.33 -128.31
CA GLY K 1 -56.73 41.92 -127.76
C GLY K 1 -56.74 40.54 -127.21
N SER K 2 -56.43 39.53 -128.05
CA SER K 2 -56.50 38.11 -127.70
C SER K 2 -55.62 37.68 -126.54
N HIS K 3 -54.40 38.22 -126.43
CA HIS K 3 -53.45 37.76 -125.43
C HIS K 3 -53.50 38.64 -124.21
N MET K 4 -54.32 39.73 -124.22
CA MET K 4 -54.62 40.52 -123.04
C MET K 4 -55.51 39.77 -122.06
N LYS K 5 -56.20 38.72 -122.53
CA LYS K 5 -56.93 37.81 -121.66
C LYS K 5 -56.00 36.93 -120.83
N ASP K 6 -54.70 36.87 -121.17
CA ASP K 6 -53.67 36.23 -120.35
C ASP K 6 -52.86 37.26 -119.54
N VAL K 7 -52.69 38.50 -120.06
CA VAL K 7 -51.98 39.58 -119.37
C VAL K 7 -52.73 40.08 -118.15
N GLN K 8 -54.04 39.77 -118.04
CA GLN K 8 -54.75 40.05 -116.81
C GLN K 8 -54.51 38.94 -115.79
N THR K 9 -54.57 37.66 -116.18
CA THR K 9 -54.19 36.53 -115.32
C THR K 9 -52.78 36.61 -114.74
N GLU K 10 -51.81 37.13 -115.54
CA GLU K 10 -50.46 37.38 -115.06
C GLU K 10 -50.40 38.56 -114.11
N THR K 11 -50.91 39.75 -114.51
CA THR K 11 -50.84 40.96 -113.69
C THR K 11 -51.72 40.90 -112.43
N PHE K 12 -52.67 39.96 -112.34
CA PHE K 12 -53.41 39.64 -111.13
C PHE K 12 -52.52 38.89 -110.15
N SER K 13 -51.76 37.90 -110.65
CA SER K 13 -50.85 37.07 -109.86
C SER K 13 -49.71 37.90 -109.26
N VAL K 14 -49.16 38.86 -110.03
CA VAL K 14 -48.16 39.78 -109.51
C VAL K 14 -48.76 40.79 -108.53
N ALA K 15 -49.96 41.35 -108.79
CA ALA K 15 -50.64 42.28 -107.91
C ALA K 15 -51.05 41.71 -106.55
N GLU K 16 -51.42 40.42 -106.51
CA GLU K 16 -51.74 39.70 -105.28
C GLU K 16 -50.50 39.26 -104.53
N SER K 17 -49.39 39.00 -105.24
CA SER K 17 -48.12 38.67 -104.63
C SER K 17 -47.41 39.87 -104.04
N ILE K 18 -47.26 40.97 -104.81
CA ILE K 18 -46.60 42.19 -104.35
C ILE K 18 -47.26 42.83 -103.12
N GLU K 19 -48.58 42.70 -102.97
CA GLU K 19 -49.31 43.21 -101.82
C GLU K 19 -49.08 42.42 -100.53
N GLU K 20 -48.74 41.10 -100.65
CA GLU K 20 -48.36 40.27 -99.53
C GLU K 20 -46.96 40.60 -99.06
N ILE K 21 -46.03 40.82 -100.02
CA ILE K 21 -44.66 41.25 -99.76
C ILE K 21 -44.64 42.61 -99.08
N SER K 22 -45.56 43.51 -99.44
CA SER K 22 -45.64 44.85 -98.88
C SER K 22 -46.03 44.87 -97.40
N LYS K 23 -46.93 43.97 -96.93
CA LYS K 23 -47.16 43.87 -95.49
C LYS K 23 -46.12 42.98 -94.80
N ALA K 24 -45.61 41.92 -95.47
CA ALA K 24 -44.58 41.05 -94.93
C ALA K 24 -43.24 41.72 -94.66
N ASN K 25 -42.85 42.73 -95.46
CA ASN K 25 -41.64 43.48 -95.18
C ASN K 25 -41.84 44.52 -94.08
N GLU K 26 -43.11 44.88 -93.79
CA GLU K 26 -43.43 45.66 -92.59
C GLU K 26 -43.44 44.77 -91.35
N GLU K 27 -43.93 43.50 -91.44
CA GLU K 27 -43.82 42.54 -90.35
C GLU K 27 -42.39 42.21 -89.95
N ILE K 28 -41.48 42.10 -90.93
CA ILE K 28 -40.04 41.94 -90.70
C ILE K 28 -39.45 43.18 -90.07
N THR K 29 -39.78 44.40 -90.54
CA THR K 29 -39.29 45.66 -89.96
C THR K 29 -39.68 45.84 -88.49
N ASN K 30 -40.87 45.33 -88.09
CA ASN K 30 -41.35 45.27 -86.73
C ASN K 30 -40.54 44.31 -85.87
N GLN K 31 -40.31 43.06 -86.35
CA GLN K 31 -39.43 42.09 -85.70
C GLN K 31 -37.99 42.57 -85.47
N LEU K 32 -37.39 43.31 -86.42
CA LEU K 32 -36.05 43.86 -86.31
C LEU K 32 -35.94 44.91 -85.21
N LEU K 33 -37.00 45.71 -85.00
CA LEU K 33 -37.11 46.63 -83.89
C LEU K 33 -37.18 45.88 -82.56
N GLY K 34 -38.02 44.84 -82.44
CA GLY K 34 -38.11 44.02 -81.22
C GLY K 34 -36.86 43.24 -80.86
N ILE K 35 -36.15 42.68 -81.86
CA ILE K 35 -34.81 42.10 -81.70
C ILE K 35 -33.79 43.10 -81.19
N SER K 36 -33.79 44.34 -81.75
CA SER K 36 -32.82 45.39 -81.41
C SER K 36 -32.86 45.78 -79.95
N LYS K 37 -34.07 46.01 -79.42
CA LYS K 37 -34.37 46.23 -78.01
C LYS K 37 -33.93 45.07 -77.11
N GLU K 38 -34.05 43.82 -77.59
CA GLU K 38 -33.72 42.67 -76.79
C GLU K 38 -32.23 42.36 -76.80
N MET K 39 -31.51 42.71 -77.89
CA MET K 39 -30.06 42.74 -77.91
C MET K 39 -29.47 43.83 -77.03
N ASP K 40 -30.18 44.98 -76.90
CA ASP K 40 -29.80 46.06 -75.99
C ASP K 40 -29.98 45.66 -74.54
N ASN K 41 -31.03 44.87 -74.23
CA ASN K 41 -31.18 44.25 -72.92
C ASN K 41 -30.06 43.26 -72.59
N ILE K 42 -29.64 42.40 -73.54
CA ILE K 42 -28.46 41.53 -73.41
C ILE K 42 -27.19 42.35 -73.19
N SER K 43 -26.96 43.38 -74.04
CA SER K 43 -25.87 44.35 -73.97
C SER K 43 -25.79 45.04 -72.61
N THR K 44 -26.90 45.64 -72.15
CA THR K 44 -27.03 46.22 -70.80
C THR K 44 -26.67 45.23 -69.70
N ARG K 45 -27.25 44.01 -69.74
CA ARG K 45 -26.96 42.99 -68.75
C ARG K 45 -25.51 42.49 -68.71
N ILE K 46 -24.81 42.37 -69.86
CA ILE K 46 -23.40 41.94 -69.86
C ILE K 46 -22.44 43.05 -69.35
N GLU K 47 -22.95 44.29 -69.20
CA GLU K 47 -22.24 45.39 -68.58
C GLU K 47 -22.42 45.31 -67.07
N SER K 48 -23.65 44.98 -66.62
CA SER K 48 -23.92 44.69 -65.22
C SER K 48 -23.20 43.44 -64.71
N ILE K 49 -23.04 42.41 -65.55
CA ILE K 49 -22.19 41.25 -65.26
C ILE K 49 -20.72 41.65 -65.25
N SER K 50 -20.26 42.56 -66.13
CA SER K 50 -18.87 43.03 -66.07
C SER K 50 -18.57 43.80 -64.79
N ALA K 51 -19.49 44.68 -64.33
CA ALA K 51 -19.36 45.37 -63.06
C ALA K 51 -19.48 44.48 -61.82
N SER K 52 -20.33 43.43 -61.89
CA SER K 52 -20.49 42.40 -60.84
C SER K 52 -19.23 41.57 -60.62
N VAL K 53 -18.42 41.35 -61.67
CA VAL K 53 -17.14 40.67 -61.61
C VAL K 53 -16.07 41.56 -61.00
N GLN K 54 -16.05 42.87 -61.34
CA GLN K 54 -15.11 43.82 -60.76
C GLN K 54 -15.33 44.02 -59.25
N GLU K 55 -16.61 44.14 -58.81
CA GLU K 55 -17.05 44.18 -57.43
C GLU K 55 -16.57 42.97 -56.60
N THR K 56 -16.79 41.78 -57.18
CA THR K 56 -16.39 40.48 -56.65
C THR K 56 -14.89 40.34 -56.54
N THR K 57 -14.14 40.70 -57.60
CA THR K 57 -12.68 40.73 -57.63
C THR K 57 -12.09 41.64 -56.56
N ALA K 58 -12.70 42.81 -56.31
CA ALA K 58 -12.32 43.72 -55.26
C ALA K 58 -12.50 43.16 -53.86
N GLY K 59 -13.63 42.46 -53.60
CA GLY K 59 -13.85 41.75 -52.34
C GLY K 59 -12.95 40.54 -52.16
N SER K 60 -12.65 39.82 -53.26
CA SER K 60 -11.75 38.68 -53.30
C SER K 60 -10.32 39.09 -53.00
N GLU K 61 -9.93 40.29 -53.47
CA GLU K 61 -8.64 40.91 -53.26
C GLU K 61 -8.45 41.28 -51.80
N GLU K 62 -9.54 41.72 -51.12
CA GLU K 62 -9.55 42.01 -49.70
C GLU K 62 -9.42 40.76 -48.84
N ILE K 63 -10.19 39.69 -49.17
CA ILE K 63 -10.07 38.37 -48.56
C ILE K 63 -8.64 37.84 -48.68
N SER K 64 -8.05 37.82 -49.90
CA SER K 64 -6.65 37.46 -50.12
C SER K 64 -5.68 38.23 -49.24
N SER K 65 -5.73 39.59 -49.23
CA SER K 65 -4.91 40.45 -48.36
C SER K 65 -4.99 40.11 -46.89
N ALA K 66 -6.22 39.86 -46.38
CA ALA K 66 -6.50 39.45 -45.03
C ALA K 66 -5.99 38.04 -44.74
N THR K 67 -6.08 37.11 -45.70
CA THR K 67 -5.64 35.72 -45.56
C THR K 67 -4.13 35.62 -45.50
N LYS K 68 -3.39 36.56 -46.10
CA LYS K 68 -1.95 36.69 -45.95
C LYS K 68 -1.55 37.21 -44.59
N ASN K 69 -2.26 38.26 -44.11
CA ASN K 69 -2.06 38.84 -42.80
C ASN K 69 -2.30 37.84 -41.66
N ILE K 70 -3.41 37.07 -41.71
CA ILE K 70 -3.65 35.95 -40.80
C ILE K 70 -2.63 34.83 -40.92
N ALA K 71 -2.19 34.48 -42.14
CA ALA K 71 -1.22 33.41 -42.36
C ALA K 71 0.20 33.72 -41.92
N ASP K 72 0.61 35.00 -41.96
CA ASP K 72 1.91 35.43 -41.51
C ASP K 72 1.90 35.66 -39.99
N SER K 73 0.85 36.30 -39.46
CA SER K 73 0.66 36.50 -38.01
C SER K 73 0.53 35.23 -37.20
N ALA K 74 -0.12 34.18 -37.72
CA ALA K 74 -0.27 32.93 -37.02
C ALA K 74 1.01 32.10 -37.00
N GLN K 75 1.82 32.10 -38.08
CA GLN K 75 3.09 31.40 -38.11
C GLN K 75 4.15 31.97 -37.16
N GLN K 76 4.06 33.28 -36.84
CA GLN K 76 4.92 33.90 -35.84
C GLN K 76 4.34 33.78 -34.44
N ALA K 77 3.00 33.78 -34.28
CA ALA K 77 2.36 33.54 -33.00
C ALA K 77 2.62 32.13 -32.48
N ALA K 78 2.53 31.12 -33.37
CA ALA K 78 2.84 29.74 -33.11
C ALA K 78 4.28 29.51 -32.71
N SER K 79 5.23 30.22 -33.35
CA SER K 79 6.65 30.13 -33.03
C SER K 79 7.00 30.70 -31.65
N PHE K 80 6.31 31.76 -31.21
CA PHE K 80 6.46 32.27 -29.85
C PHE K 80 5.70 31.42 -28.84
N ALA K 81 4.65 30.68 -29.25
CA ALA K 81 3.95 29.74 -28.40
C ALA K 81 4.78 28.50 -28.11
N ASP K 82 5.62 28.05 -29.06
CA ASP K 82 6.53 26.95 -28.86
C ASP K 82 7.76 27.38 -28.07
N GLN K 83 8.20 28.65 -28.21
CA GLN K 83 9.25 29.21 -27.37
C GLN K 83 8.78 29.42 -25.94
N SER K 84 7.53 29.89 -25.74
CA SER K 84 6.91 30.07 -24.44
C SER K 84 6.62 28.76 -23.74
N THR K 85 6.23 27.71 -24.49
CA THR K 85 6.03 26.37 -23.95
C THR K 85 7.34 25.78 -23.47
N GLN K 86 8.46 26.07 -24.19
CA GLN K 86 9.78 25.64 -23.77
C GLN K 86 10.27 26.40 -22.55
N LEU K 87 10.11 27.74 -22.47
CA LEU K 87 10.51 28.50 -21.29
C LEU K 87 9.70 28.21 -20.04
N ALA K 88 8.46 27.69 -20.17
CA ALA K 88 7.66 27.24 -19.06
C ALA K 88 8.15 25.91 -18.52
N LYS K 89 8.31 24.88 -19.39
CA LYS K 89 8.92 23.60 -19.05
C LYS K 89 10.33 23.73 -18.46
N GLU K 90 11.17 24.63 -19.01
CA GLU K 90 12.48 24.98 -18.48
C GLU K 90 12.41 25.64 -17.11
N ALA K 91 11.64 26.74 -16.94
CA ALA K 91 11.42 27.34 -15.63
C ALA K 91 10.80 26.40 -14.60
N GLY K 92 10.05 25.37 -15.04
CA GLY K 92 9.53 24.29 -14.20
C GLY K 92 10.62 23.34 -13.76
N ASP K 93 11.48 22.90 -14.70
CA ASP K 93 12.65 22.06 -14.46
C ASP K 93 13.65 22.73 -13.51
N ALA K 94 13.75 24.07 -13.57
CA ALA K 94 14.53 24.86 -12.63
C ALA K 94 13.89 24.85 -11.24
N LEU K 95 12.63 25.30 -11.13
CA LEU K 95 11.85 25.44 -9.91
C LEU K 95 11.69 24.16 -9.10
N LYS K 96 11.62 22.97 -9.74
CA LYS K 96 11.55 21.72 -9.01
C LYS K 96 12.86 21.31 -8.34
N LYS K 97 14.01 21.87 -8.78
CA LYS K 97 15.26 21.65 -8.07
C LYS K 97 15.53 22.77 -7.08
N VAL K 98 14.57 23.70 -6.93
CA VAL K 98 14.53 24.68 -5.84
C VAL K 98 13.50 24.21 -4.80
N ILE K 99 12.51 23.38 -5.21
CA ILE K 99 11.62 22.68 -4.28
C ILE K 99 12.38 21.55 -3.60
N GLU K 100 13.19 20.78 -4.36
CA GLU K 100 14.06 19.75 -3.82
C GLU K 100 15.11 20.35 -2.88
N VAL K 101 15.66 21.52 -3.23
CA VAL K 101 16.59 22.27 -2.40
C VAL K 101 15.95 22.83 -1.13
N THR K 102 14.71 23.37 -1.20
CA THR K 102 14.04 23.86 0.00
C THR K 102 13.60 22.72 0.89
N ARG K 103 13.38 21.52 0.32
CA ARG K 103 13.16 20.33 1.10
C ARG K 103 14.45 19.71 1.69
N MET K 104 15.65 20.02 1.13
CA MET K 104 16.90 19.68 1.82
C MET K 104 17.28 20.70 2.89
N ILE K 105 16.86 21.97 2.75
CA ILE K 105 16.95 22.99 3.80
C ILE K 105 15.95 22.68 4.92
N SER K 106 14.94 21.85 4.62
CA SER K 106 13.94 21.31 5.54
C SER K 106 14.61 20.30 6.45
N ASN K 107 15.20 19.25 5.88
CA ASN K 107 15.93 18.23 6.63
C ASN K 107 17.10 18.80 7.42
N SER K 108 17.92 19.68 6.82
CA SER K 108 18.98 20.40 7.53
C SER K 108 18.47 21.28 8.66
N ALA K 109 17.33 21.99 8.50
CA ALA K 109 16.79 22.76 9.60
C ALA K 109 16.16 21.90 10.68
N LYS K 110 15.59 20.71 10.35
CA LYS K 110 15.20 19.76 11.38
C LYS K 110 16.39 19.26 12.21
N ASP K 111 17.55 18.98 11.57
CA ASP K 111 18.76 18.66 12.30
C ASP K 111 19.33 19.83 13.13
N VAL K 112 18.85 21.10 12.96
CA VAL K 112 19.16 22.19 13.87
C VAL K 112 18.39 22.05 15.18
N GLU K 113 17.09 21.70 15.11
CA GLU K 113 16.27 21.47 16.30
C GLU K 113 16.74 20.28 17.13
N ARG K 114 17.40 19.28 16.48
CA ARG K 114 18.13 18.25 17.17
C ARG K 114 19.40 18.73 17.87
N VAL K 115 20.20 19.60 17.23
CA VAL K 115 21.42 20.13 17.84
C VAL K 115 21.12 21.09 18.99
N VAL K 116 20.09 21.96 18.86
CA VAL K 116 19.70 22.91 19.89
C VAL K 116 19.18 22.22 21.13
N GLU K 117 18.32 21.20 20.99
CA GLU K 117 17.83 20.48 22.16
C GLU K 117 18.81 19.48 22.74
N SER K 118 19.83 19.06 21.95
CA SER K 118 20.96 18.27 22.46
C SER K 118 21.89 19.12 23.30
N PHE K 119 22.02 20.43 22.98
CA PHE K 119 22.82 21.33 23.78
C PHE K 119 22.05 21.79 25.02
N GLN K 120 20.72 22.01 24.94
CA GLN K 120 19.90 22.30 26.11
C GLN K 120 19.79 21.13 27.08
N LYS K 121 19.93 19.87 26.61
CA LYS K 121 20.04 18.71 27.49
C LYS K 121 21.35 18.67 28.25
N GLY K 122 22.47 19.01 27.57
CA GLY K 122 23.80 19.02 28.20
C GLY K 122 23.99 20.11 29.23
N ALA K 123 23.16 21.16 29.18
CA ALA K 123 23.17 22.30 30.07
C ALA K 123 22.96 21.98 31.56
N GLU K 124 21.83 21.32 31.93
CA GLU K 124 21.59 20.98 33.33
C GLU K 124 22.54 19.95 33.89
N GLU K 125 23.12 19.06 33.05
CA GLU K 125 24.17 18.12 33.42
C GLU K 125 25.39 18.81 34.03
N ILE K 126 26.11 19.61 33.22
CA ILE K 126 27.30 20.35 33.65
C ILE K 126 26.96 21.39 34.70
N THR K 127 25.81 22.09 34.61
CA THR K 127 25.37 23.02 35.64
C THR K 127 25.24 22.35 37.00
N SER K 128 24.59 21.17 37.09
CA SER K 128 24.45 20.42 38.34
C SER K 128 25.78 19.86 38.83
N PHE K 129 26.70 19.50 37.92
CA PHE K 129 28.06 19.13 38.31
C PHE K 129 28.88 20.31 38.86
N VAL K 130 28.60 21.56 38.45
CA VAL K 130 29.26 22.76 38.98
C VAL K 130 28.66 23.18 40.31
N GLU K 131 27.33 23.07 40.47
CA GLU K 131 26.64 23.22 41.74
C GLU K 131 27.13 22.21 42.77
N THR K 132 27.54 21.01 42.31
CA THR K 132 28.18 20.00 43.14
C THR K 132 29.63 20.32 43.47
N ILE K 133 30.51 20.74 42.52
CA ILE K 133 31.90 21.03 42.88
C ILE K 133 32.07 22.30 43.74
N ASN K 134 31.08 23.21 43.73
CA ASN K 134 31.02 24.33 44.67
C ASN K 134 30.73 23.83 46.08
N ALA K 135 29.66 23.04 46.25
CA ALA K 135 29.28 22.38 47.48
C ALA K 135 30.41 21.58 48.15
N ILE K 136 31.05 20.66 47.38
CA ILE K 136 32.23 19.89 47.76
C ILE K 136 33.37 20.78 48.24
N ALA K 137 33.71 21.85 47.51
CA ALA K 137 34.75 22.78 47.88
C ALA K 137 34.53 23.50 49.22
N GLU K 138 33.33 24.08 49.47
CA GLU K 138 33.07 24.72 50.76
C GLU K 138 32.94 23.77 51.93
N GLN K 139 32.59 22.48 51.68
CA GLN K 139 32.64 21.46 52.71
C GLN K 139 34.08 21.00 52.96
N THR K 140 34.92 20.89 51.91
CA THR K 140 36.35 20.59 52.05
C THR K 140 37.09 21.69 52.77
N ASN K 141 36.70 22.96 52.52
CA ASN K 141 37.14 24.13 53.27
C ASN K 141 36.79 24.03 54.76
N LEU K 142 35.53 23.70 55.11
CA LEU K 142 35.10 23.54 56.50
C LEU K 142 35.79 22.36 57.20
N LEU K 143 35.99 21.23 56.48
CA LEU K 143 36.79 20.10 56.97
C LEU K 143 38.25 20.48 57.17
N ALA K 144 38.89 21.19 56.22
CA ALA K 144 40.26 21.66 56.33
C ALA K 144 40.46 22.64 57.50
N LEU K 145 39.55 23.62 57.68
CA LEU K 145 39.54 24.56 58.78
C LEU K 145 39.43 23.90 60.15
N ASN K 146 38.62 22.82 60.28
CA ASN K 146 38.54 22.03 61.51
C ASN K 146 39.84 21.32 61.84
N ALA K 147 40.53 20.76 60.83
CA ALA K 147 41.85 20.18 60.97
C ALA K 147 42.85 21.22 61.45
N ALA K 148 42.98 22.34 60.71
CA ALA K 148 43.81 23.49 61.03
C ALA K 148 43.67 24.05 62.45
N ILE K 149 42.44 24.29 62.95
CA ILE K 149 42.19 24.74 64.32
C ILE K 149 42.54 23.70 65.36
N GLU K 150 42.08 22.44 65.20
CA GLU K 150 42.41 21.35 66.14
C GLU K 150 43.89 20.99 66.16
N ALA K 151 44.58 21.03 65.01
CA ALA K 151 46.02 20.92 64.90
C ALA K 151 46.77 22.05 65.61
N ALA K 152 46.30 23.31 65.50
CA ALA K 152 46.87 24.45 66.21
C ALA K 152 46.79 24.25 67.73
N ARG K 153 45.66 23.73 68.24
CA ARG K 153 45.47 23.28 69.61
C ARG K 153 46.46 22.19 70.04
N ALA K 154 46.78 21.23 69.14
CA ALA K 154 47.66 20.11 69.41
C ALA K 154 49.14 20.46 69.61
N GLY K 155 49.53 21.75 69.40
CA GLY K 155 50.85 22.27 69.72
C GLY K 155 51.98 21.85 68.81
N GLU K 156 53.13 21.45 69.39
CA GLU K 156 54.33 21.07 68.64
C GLU K 156 54.18 19.91 67.66
N ALA K 157 53.58 18.77 68.08
CA ALA K 157 53.27 17.68 67.17
C ALA K 157 52.18 18.02 66.17
N GLY K 158 51.32 19.00 66.55
CA GLY K 158 50.27 19.58 65.72
C GLY K 158 50.77 20.33 64.50
N ARG K 159 52.03 20.81 64.53
CA ARG K 159 52.61 21.64 63.50
C ARG K 159 52.63 21.02 62.10
N GLY K 160 53.16 19.79 61.93
CA GLY K 160 53.16 19.12 60.62
C GLY K 160 51.80 18.89 60.01
N PHE K 161 50.79 18.63 60.85
CA PHE K 161 49.39 18.52 60.46
C PHE K 161 48.77 19.86 60.11
N ALA K 162 49.02 20.93 60.90
CA ALA K 162 48.53 22.28 60.68
C ALA K 162 48.99 22.87 59.34
N VAL K 163 50.27 22.63 58.99
CA VAL K 163 50.92 22.98 57.72
C VAL K 163 50.15 22.34 56.57
N VAL K 164 49.96 21.01 56.59
CA VAL K 164 49.19 20.29 55.59
C VAL K 164 47.75 20.77 55.51
N ALA K 165 47.04 20.90 56.66
CA ALA K 165 45.70 21.44 56.75
C ALA K 165 45.50 22.83 56.10
N ASP K 166 46.42 23.78 56.34
CA ASP K 166 46.42 25.09 55.71
C ASP K 166 46.72 25.02 54.22
N GLU K 167 47.56 24.06 53.77
CA GLU K 167 47.87 23.84 52.36
C GLU K 167 46.67 23.26 51.61
N ILE K 168 45.88 22.40 52.27
CA ILE K 168 44.59 21.89 51.82
C ILE K 168 43.56 23.02 51.74
N ARG K 169 43.51 23.91 52.75
CA ARG K 169 42.68 25.11 52.75
C ARG K 169 42.99 26.05 51.59
N LYS K 170 44.29 26.29 51.29
CA LYS K 170 44.76 27.02 50.13
C LYS K 170 44.22 26.42 48.82
N LEU K 171 44.29 25.08 48.66
CA LEU K 171 43.74 24.36 47.52
C LEU K 171 42.21 24.42 47.49
N ALA K 172 41.54 24.39 48.66
CA ALA K 172 40.11 24.59 48.75
C ALA K 172 39.64 25.95 48.29
N GLU K 173 40.34 27.05 48.66
CA GLU K 173 39.99 28.37 48.17
C GLU K 173 40.51 28.65 46.77
N GLU K 174 41.42 27.81 46.24
CA GLU K 174 41.76 27.81 44.83
C GLU K 174 40.72 27.05 44.02
N SER K 175 40.13 25.98 44.58
CA SER K 175 39.00 25.26 43.99
C SER K 175 37.69 26.02 44.08
N GLN K 176 37.50 26.89 45.09
CA GLN K 176 36.37 27.81 45.15
C GLN K 176 36.51 28.94 44.14
N GLN K 177 37.73 29.42 43.86
CA GLN K 177 37.96 30.42 42.82
C GLN K 177 37.73 29.85 41.43
N ALA K 178 38.25 28.64 41.14
CA ALA K 178 37.98 27.93 39.89
C ALA K 178 36.52 27.56 39.68
N SER K 179 35.82 27.13 40.76
CA SER K 179 34.42 26.74 40.74
C SER K 179 33.45 27.90 40.52
N GLU K 180 33.76 29.11 41.03
CA GLU K 180 32.94 30.30 40.80
C GLU K 180 33.23 30.94 39.43
N ASN K 181 34.24 30.45 38.70
CA ASN K 181 34.51 30.88 37.34
C ASN K 181 33.90 29.93 36.32
N VAL K 182 33.94 28.61 36.54
CA VAL K 182 33.21 27.61 35.76
C VAL K 182 31.68 27.72 35.92
N ARG K 183 31.23 28.54 36.88
CA ARG K 183 29.84 28.89 37.11
C ARG K 183 29.43 29.94 36.09
N ARG K 184 30.27 30.97 35.84
CA ARG K 184 30.07 31.86 34.71
C ARG K 184 30.05 31.13 33.36
N VAL K 185 30.86 30.08 33.16
CA VAL K 185 30.83 29.32 31.92
C VAL K 185 29.58 28.45 31.76
N VAL K 186 29.04 27.84 32.83
CA VAL K 186 27.76 27.12 32.70
C VAL K 186 26.58 28.05 32.55
N ASN K 187 26.67 29.29 33.05
CA ASN K 187 25.66 30.31 32.77
C ASN K 187 25.85 30.96 31.40
N GLU K 188 27.06 31.02 30.83
CA GLU K 188 27.27 31.45 29.46
C GLU K 188 26.74 30.43 28.44
N ILE K 189 27.07 29.12 28.65
CA ILE K 189 26.53 27.97 27.91
C ILE K 189 25.00 27.91 27.89
N ARG K 190 24.35 28.26 29.02
CA ARG K 190 22.90 28.39 29.14
C ARG K 190 22.32 29.39 28.16
N SER K 191 22.82 30.65 28.18
CA SER K 191 22.35 31.74 27.33
C SER K 191 22.44 31.43 25.84
N ILE K 192 23.63 30.97 25.36
CA ILE K 192 23.83 30.55 23.97
C ILE K 192 23.01 29.34 23.51
N ALA K 193 22.50 28.54 24.46
CA ALA K 193 21.69 27.36 24.24
C ALA K 193 20.24 27.77 24.17
N GLU K 194 19.78 28.59 25.14
CA GLU K 194 18.42 29.09 25.15
C GLU K 194 18.14 30.07 24.02
N ASP K 195 19.02 31.06 23.78
CA ASP K 195 18.88 32.01 22.69
C ASP K 195 18.85 31.38 21.27
N ALA K 196 19.35 30.14 21.12
CA ALA K 196 19.27 29.37 19.89
C ALA K 196 17.88 28.79 19.61
N GLY K 197 17.06 28.60 20.67
CA GLY K 197 15.70 28.07 20.56
C GLY K 197 14.74 29.01 19.92
N LYS K 198 15.10 30.30 19.86
CA LYS K 198 14.38 31.32 19.11
C LYS K 198 14.58 31.18 17.61
N VAL K 199 15.71 30.59 17.16
CA VAL K 199 15.97 30.39 15.75
C VAL K 199 15.41 29.07 15.24
N SER K 200 15.43 28.01 16.06
CA SER K 200 14.97 26.69 15.65
C SER K 200 13.47 26.54 15.40
N SER K 201 12.61 27.37 16.01
CA SER K 201 11.20 27.46 15.68
C SER K 201 10.89 28.39 14.52
N GLU K 202 11.82 29.29 14.15
CA GLU K 202 11.61 30.17 13.01
C GLU K 202 11.97 29.50 11.71
N ILE K 203 13.08 28.74 11.68
CA ILE K 203 13.52 28.06 10.47
C ILE K 203 12.61 26.91 10.07
N THR K 204 11.96 26.23 11.02
CA THR K 204 10.97 25.19 10.74
C THR K 204 9.67 25.77 10.21
N ALA K 205 9.23 26.94 10.71
CA ALA K 205 8.05 27.60 10.21
C ALA K 205 8.23 28.17 8.81
N ARG K 206 9.34 28.87 8.53
CA ARG K 206 9.59 29.45 7.22
C ARG K 206 10.02 28.43 6.16
N VAL K 207 10.47 27.22 6.53
CA VAL K 207 10.81 26.20 5.53
C VAL K 207 9.58 25.47 5.02
N GLU K 208 8.56 25.21 5.86
CA GLU K 208 7.31 24.60 5.44
C GLU K 208 6.47 25.61 4.67
N GLU K 209 6.39 26.85 5.17
CA GLU K 209 5.73 27.99 4.52
C GLU K 209 6.36 28.34 3.17
N GLY K 210 7.69 28.16 3.01
CA GLY K 210 8.40 28.40 1.76
C GLY K 210 8.36 27.22 0.82
N THR K 211 8.27 25.98 1.34
CA THR K 211 8.20 24.77 0.50
C THR K 211 6.88 24.74 -0.24
N LYS K 212 5.74 24.92 0.46
CA LYS K 212 4.44 24.92 -0.19
C LYS K 212 4.18 26.12 -1.08
N LEU K 213 4.81 27.30 -0.83
CA LEU K 213 4.67 28.43 -1.72
C LEU K 213 5.42 28.25 -3.05
N ALA K 214 6.50 27.44 -3.08
CA ALA K 214 7.17 27.08 -4.31
C ALA K 214 6.39 26.07 -5.16
N ASP K 215 5.80 25.03 -4.53
CA ASP K 215 4.94 24.07 -5.22
C ASP K 215 3.56 24.64 -5.59
N GLU K 216 3.28 25.92 -5.29
CA GLU K 216 2.10 26.62 -5.77
C GLU K 216 2.36 27.30 -7.09
N ALA K 217 3.60 27.83 -7.29
CA ALA K 217 4.01 28.42 -8.54
C ALA K 217 4.25 27.40 -9.65
N ASP K 218 4.71 26.19 -9.30
CA ASP K 218 4.86 25.03 -10.17
C ASP K 218 3.51 24.57 -10.74
N GLU K 219 2.43 24.61 -9.93
CA GLU K 219 1.10 24.26 -10.37
C GLU K 219 0.51 25.29 -11.35
N LYS K 220 0.75 26.59 -11.10
CA LYS K 220 0.44 27.67 -12.03
C LYS K 220 1.25 27.57 -13.34
N LEU K 221 2.54 27.18 -13.27
CA LEU K 221 3.38 26.93 -14.43
C LEU K 221 2.88 25.75 -15.25
N ASN K 222 2.40 24.66 -14.60
CA ASN K 222 1.79 23.53 -15.29
C ASN K 222 0.50 23.91 -16.03
N SER K 223 -0.31 24.84 -15.47
CA SER K 223 -1.49 25.37 -16.16
C SER K 223 -1.18 26.20 -17.40
N ILE K 224 -0.05 26.93 -17.42
CA ILE K 224 0.40 27.70 -18.57
C ILE K 224 0.85 26.78 -19.70
N VAL K 225 1.54 25.67 -19.39
CA VAL K 225 1.94 24.63 -20.34
C VAL K 225 0.73 24.06 -21.09
N GLY K 226 -0.30 23.64 -20.32
CA GLY K 226 -1.59 23.20 -20.84
C GLY K 226 -2.29 24.20 -21.72
N ALA K 227 -2.46 25.44 -21.22
CA ALA K 227 -3.05 26.55 -21.94
C ALA K 227 -2.30 27.01 -23.19
N VAL K 228 -0.96 27.18 -23.16
CA VAL K 228 -0.18 27.56 -24.33
C VAL K 228 -0.16 26.48 -25.40
N GLU K 229 -0.17 25.18 -25.01
CA GLU K 229 -0.34 24.12 -25.99
C GLU K 229 -1.75 24.00 -26.55
N ARG K 230 -2.75 24.63 -25.89
CA ARG K 230 -4.09 24.80 -26.43
C ARG K 230 -4.16 25.96 -27.42
N ILE K 231 -3.46 27.09 -27.14
CA ILE K 231 -3.30 28.22 -28.07
C ILE K 231 -2.67 27.75 -29.36
N ASN K 232 -1.53 27.05 -29.26
CA ASN K 232 -0.85 26.42 -30.38
C ASN K 232 -1.74 25.44 -31.18
N GLU K 233 -2.48 24.53 -30.50
CA GLU K 233 -3.46 23.64 -31.12
C GLU K 233 -4.58 24.36 -31.87
N MET K 234 -5.03 25.53 -31.37
CA MET K 234 -5.96 26.41 -32.04
C MET K 234 -5.34 27.10 -33.25
N LEU K 235 -4.10 27.58 -33.14
CA LEU K 235 -3.33 28.13 -34.25
C LEU K 235 -3.08 27.11 -35.38
N GLN K 236 -2.84 25.82 -35.06
CA GLN K 236 -2.74 24.76 -36.07
C GLN K 236 -4.04 24.52 -36.85
N ASN K 237 -5.21 24.70 -36.22
CA ASN K 237 -6.50 24.68 -36.90
C ASN K 237 -6.68 25.89 -37.81
N ILE K 238 -6.22 27.08 -37.37
CA ILE K 238 -6.21 28.28 -38.21
C ILE K 238 -5.32 28.11 -39.43
N ALA K 239 -4.18 27.40 -39.34
CA ALA K 239 -3.36 27.08 -40.50
C ALA K 239 -4.08 26.22 -41.55
N ALA K 240 -4.75 25.13 -41.11
CA ALA K 240 -5.56 24.27 -41.95
C ALA K 240 -6.75 24.99 -42.59
N ALA K 241 -7.43 25.86 -41.82
CA ALA K 241 -8.51 26.71 -42.30
C ALA K 241 -8.04 27.73 -43.33
N ILE K 242 -6.89 28.40 -43.08
CA ILE K 242 -6.22 29.31 -43.99
C ILE K 242 -5.83 28.63 -45.29
N GLU K 243 -5.32 27.38 -45.26
CA GLU K 243 -5.01 26.64 -46.47
C GLU K 243 -6.25 26.37 -47.34
N GLU K 244 -7.37 25.93 -46.72
CA GLU K 244 -8.64 25.72 -47.40
C GLU K 244 -9.25 27.01 -47.93
N GLN K 245 -9.15 28.12 -47.18
CA GLN K 245 -9.55 29.46 -47.57
C GLN K 245 -8.72 30.02 -48.72
N THR K 246 -7.39 29.76 -48.72
CA THR K 246 -6.47 30.16 -49.80
C THR K 246 -6.78 29.43 -51.08
N ALA K 247 -7.15 28.13 -50.99
CA ALA K 247 -7.64 27.35 -52.09
C ALA K 247 -9.01 27.80 -52.60
N ALA K 248 -9.96 28.12 -51.70
CA ALA K 248 -11.28 28.61 -52.04
C ALA K 248 -11.26 29.97 -52.71
N VAL K 249 -10.40 30.91 -52.24
CA VAL K 249 -10.25 32.24 -52.84
C VAL K 249 -9.59 32.14 -54.22
N ASP K 250 -8.64 31.20 -54.38
CA ASP K 250 -7.96 30.90 -55.62
C ASP K 250 -8.93 30.49 -56.73
N GLU K 251 -9.72 29.41 -56.54
CA GLU K 251 -10.68 28.97 -57.53
C GLU K 251 -11.76 29.98 -57.93
N ILE K 252 -12.18 30.87 -57.00
CA ILE K 252 -13.09 31.96 -57.28
C ILE K 252 -12.43 33.01 -58.16
N THR K 253 -11.20 33.43 -57.83
CA THR K 253 -10.46 34.44 -58.59
C THR K 253 -10.08 33.98 -60.00
N THR K 254 -9.91 32.66 -60.18
CA THR K 254 -9.68 32.05 -61.49
C THR K 254 -10.99 31.98 -62.26
N ALA K 255 -12.09 31.53 -61.63
CA ALA K 255 -13.42 31.53 -62.21
C ALA K 255 -13.99 32.91 -62.54
N MET K 256 -13.61 33.96 -61.80
CA MET K 256 -14.03 35.32 -62.12
C MET K 256 -13.20 35.95 -63.21
N THR K 257 -11.91 35.57 -63.36
CA THR K 257 -11.16 36.05 -64.52
C THR K 257 -11.61 35.33 -65.79
N GLU K 258 -12.00 34.04 -65.69
CA GLU K 258 -12.64 33.29 -66.75
C GLU K 258 -14.01 33.86 -67.15
N ASN K 259 -14.79 34.39 -66.17
CA ASN K 259 -16.03 35.09 -66.45
C ASN K 259 -15.80 36.40 -67.20
N ALA K 260 -14.75 37.17 -66.88
CA ALA K 260 -14.38 38.37 -67.61
C ALA K 260 -13.94 38.10 -69.06
N LYS K 261 -13.25 36.98 -69.31
CA LYS K 261 -12.87 36.54 -70.65
C LYS K 261 -14.03 35.98 -71.48
N ASN K 262 -15.12 35.52 -70.82
CA ASN K 262 -16.29 35.01 -71.52
C ASN K 262 -17.32 36.11 -71.72
N ALA K 263 -17.31 37.15 -70.85
CA ALA K 263 -18.08 38.36 -70.99
C ALA K 263 -17.63 39.17 -72.20
N GLU K 264 -16.32 39.15 -72.51
CA GLU K 264 -15.77 39.74 -73.71
C GLU K 264 -16.23 39.01 -74.97
N GLU K 265 -16.24 37.66 -74.96
CA GLU K 265 -16.76 36.88 -76.07
C GLU K 265 -18.27 37.02 -76.28
N ILE K 266 -19.05 37.31 -75.22
CA ILE K 266 -20.47 37.61 -75.36
C ILE K 266 -20.66 39.01 -75.92
N THR K 267 -19.96 40.01 -75.35
CA THR K 267 -19.99 41.41 -75.78
C THR K 267 -19.65 41.59 -77.25
N ASN K 268 -18.61 40.89 -77.75
CA ASN K 268 -18.24 40.97 -79.15
C ASN K 268 -19.23 40.27 -80.07
N SER K 269 -19.85 39.15 -79.65
CA SER K 269 -20.92 38.53 -80.42
C SER K 269 -22.19 39.35 -80.44
N VAL K 270 -22.58 40.03 -79.33
CA VAL K 270 -23.70 40.97 -79.33
C VAL K 270 -23.46 42.15 -80.26
N LYS K 271 -22.27 42.76 -80.18
CA LYS K 271 -21.80 43.81 -81.07
C LYS K 271 -21.81 43.41 -82.55
N GLU K 272 -21.31 42.20 -82.89
CA GLU K 272 -21.38 41.64 -84.22
C GLU K 272 -22.81 41.41 -84.69
N VAL K 273 -23.70 40.92 -83.81
CA VAL K 273 -25.13 40.76 -84.07
C VAL K 273 -25.79 42.11 -84.37
N ASN K 274 -25.52 43.17 -83.59
CA ASN K 274 -26.04 44.52 -83.86
C ASN K 274 -25.61 45.06 -85.23
N ALA K 275 -24.35 44.80 -85.63
CA ALA K 275 -23.83 45.18 -86.94
C ALA K 275 -24.51 44.41 -88.08
N ARG K 276 -24.56 43.06 -88.01
CA ARG K 276 -25.29 42.19 -88.91
C ARG K 276 -26.79 42.52 -89.02
N LEU K 277 -27.41 42.96 -87.91
CA LEU K 277 -28.78 43.41 -87.83
C LEU K 277 -28.99 44.71 -88.58
N GLN K 278 -28.09 45.70 -88.44
CA GLN K 278 -28.10 46.91 -89.27
C GLN K 278 -27.89 46.62 -90.77
N GLU K 279 -27.24 45.51 -91.16
CA GLU K 279 -27.15 45.10 -92.56
C GLU K 279 -28.43 44.45 -93.07
N ILE K 280 -29.22 43.79 -92.20
CA ILE K 280 -30.57 43.34 -92.55
C ILE K 280 -31.51 44.52 -92.70
N SER K 281 -31.43 45.52 -91.80
CA SER K 281 -32.23 46.73 -91.85
C SER K 281 -32.00 47.57 -93.12
N ALA K 282 -30.76 47.55 -93.65
CA ALA K 282 -30.42 48.16 -94.92
C ALA K 282 -31.06 47.47 -96.12
N SER K 283 -30.91 46.14 -96.26
CA SER K 283 -31.57 45.38 -97.32
C SER K 283 -33.08 45.35 -97.23
N THR K 284 -33.63 45.46 -96.00
CA THR K 284 -35.08 45.57 -95.75
C THR K 284 -35.63 46.86 -96.33
N GLU K 285 -34.84 47.93 -96.36
CA GLU K 285 -35.18 49.20 -97.01
C GLU K 285 -35.10 49.13 -98.53
N GLU K 286 -34.10 48.40 -99.10
CA GLU K 286 -33.97 48.20 -100.53
C GLU K 286 -35.09 47.35 -101.11
N VAL K 287 -35.73 46.49 -100.30
CA VAL K 287 -36.93 45.78 -100.71
C VAL K 287 -38.11 46.73 -100.69
N THR K 288 -38.25 47.66 -99.71
CA THR K 288 -39.31 48.67 -99.72
C THR K 288 -39.25 49.56 -100.93
N SER K 289 -38.03 50.06 -101.31
CA SER K 289 -37.86 50.86 -102.51
C SER K 289 -38.06 50.12 -103.82
N ARG K 290 -37.83 48.79 -103.87
CA ARG K 290 -38.10 48.00 -105.07
C ARG K 290 -39.47 47.34 -105.10
N VAL K 291 -40.18 47.29 -103.97
CA VAL K 291 -41.60 46.94 -103.94
C VAL K 291 -42.43 48.11 -104.41
N GLN K 292 -41.85 49.32 -104.46
CA GLN K 292 -42.48 50.49 -105.05
C GLN K 292 -42.32 50.51 -106.55
N THR K 293 -41.10 50.26 -107.07
CA THR K 293 -40.82 50.13 -108.50
C THR K 293 -41.53 49.00 -109.22
N ILE K 294 -42.13 48.03 -108.48
CA ILE K 294 -43.05 47.10 -109.11
C ILE K 294 -44.50 47.48 -108.84
N ARG K 295 -44.89 47.84 -107.59
CA ARG K 295 -46.27 48.13 -107.25
C ARG K 295 -46.91 49.32 -107.94
N GLU K 296 -46.21 50.47 -108.01
CA GLU K 296 -46.67 51.65 -108.75
C GLU K 296 -46.95 51.37 -110.23
N ASN K 297 -46.10 50.52 -110.83
CA ASN K 297 -46.15 50.15 -112.23
C ASN K 297 -47.25 49.13 -112.56
N VAL K 298 -47.88 48.47 -111.56
CA VAL K 298 -49.04 47.58 -111.75
C VAL K 298 -50.21 48.30 -112.42
N GLN K 299 -50.46 49.59 -112.08
CA GLN K 299 -51.47 50.43 -112.73
C GLN K 299 -51.25 50.56 -114.24
N MET K 300 -49.98 50.71 -114.69
CA MET K 300 -49.65 50.80 -116.09
C MET K 300 -49.92 49.50 -116.86
N LEU K 301 -49.76 48.33 -116.21
CA LEU K 301 -50.10 47.04 -116.77
C LEU K 301 -51.59 46.73 -116.67
N LYS K 302 -52.30 47.42 -115.76
CA LYS K 302 -53.75 47.41 -115.66
C LYS K 302 -54.37 48.17 -116.83
N GLU K 303 -53.94 49.44 -117.07
CA GLU K 303 -54.53 50.24 -118.13
C GLU K 303 -54.33 49.74 -119.57
N ILE K 304 -53.48 48.71 -119.82
CA ILE K 304 -53.35 48.09 -121.12
C ILE K 304 -54.32 46.93 -121.29
N VAL K 305 -54.89 46.40 -120.20
CA VAL K 305 -55.91 45.38 -120.26
C VAL K 305 -57.28 46.05 -120.33
N ALA K 306 -57.40 47.24 -119.68
CA ALA K 306 -58.60 48.04 -119.73
C ALA K 306 -58.93 48.55 -121.13
N ARG K 307 -57.91 48.89 -121.94
CA ARG K 307 -58.08 49.28 -123.32
C ARG K 307 -58.10 48.09 -124.28
N TYR K 308 -56.90 47.57 -124.63
CA TYR K 308 -56.64 46.62 -125.71
C TYR K 308 -57.47 45.34 -125.76
N LYS K 309 -57.87 44.76 -124.62
CA LYS K 309 -58.56 43.48 -124.55
C LYS K 309 -59.88 43.38 -125.35
N SER L 1 -47.43 48.77 -132.77
CA SER L 1 -48.31 48.53 -131.59
C SER L 1 -47.89 49.36 -130.39
N HIS L 2 -48.80 49.68 -129.46
CA HIS L 2 -48.50 50.42 -128.24
C HIS L 2 -47.61 49.70 -127.22
N MET L 3 -47.04 48.52 -127.51
CA MET L 3 -46.21 47.75 -126.60
C MET L 3 -44.79 48.29 -126.37
N LYS L 4 -44.56 49.61 -126.50
CA LYS L 4 -43.27 50.24 -126.32
C LYS L 4 -42.92 50.52 -124.87
N ASP L 5 -43.81 51.22 -124.11
CA ASP L 5 -43.61 51.44 -122.68
C ASP L 5 -43.82 50.15 -121.90
N VAL L 6 -44.57 49.19 -122.47
CA VAL L 6 -44.71 47.87 -121.92
C VAL L 6 -43.39 47.10 -122.01
N GLN L 7 -42.63 47.23 -123.13
CA GLN L 7 -41.34 46.59 -123.25
C GLN L 7 -40.26 47.22 -122.36
N THR L 8 -40.16 48.57 -122.32
CA THR L 8 -39.18 49.26 -121.47
C THR L 8 -39.39 49.22 -119.97
N GLU L 9 -40.63 48.96 -119.50
CA GLU L 9 -40.98 48.89 -118.09
C GLU L 9 -40.93 47.46 -117.55
N THR L 10 -41.15 46.47 -118.43
CA THR L 10 -41.11 45.04 -118.06
C THR L 10 -39.66 44.56 -117.97
N PHE L 11 -38.69 45.46 -118.19
CA PHE L 11 -37.31 45.24 -117.84
C PHE L 11 -37.06 45.83 -116.45
N SER L 12 -37.59 47.04 -116.14
CA SER L 12 -37.47 47.66 -114.82
C SER L 12 -37.97 46.80 -113.67
N VAL L 13 -39.16 46.18 -113.80
CA VAL L 13 -39.65 45.24 -112.80
C VAL L 13 -38.92 43.89 -112.74
N ALA L 14 -38.09 43.56 -113.74
CA ALA L 14 -37.30 42.34 -113.77
C ALA L 14 -35.89 42.59 -113.23
N GLU L 15 -35.42 43.84 -113.35
CA GLU L 15 -34.21 44.31 -112.70
C GLU L 15 -34.51 44.71 -111.26
N SER L 16 -35.80 44.71 -110.87
CA SER L 16 -36.21 44.97 -109.50
C SER L 16 -36.47 43.68 -108.76
N ILE L 17 -37.21 42.70 -109.35
CA ILE L 17 -37.34 41.36 -108.75
C ILE L 17 -36.01 40.64 -108.49
N GLU L 18 -35.00 40.89 -109.37
CA GLU L 18 -33.63 40.45 -109.20
C GLU L 18 -32.94 41.00 -107.96
N GLU L 19 -33.13 42.30 -107.66
CA GLU L 19 -32.52 42.95 -106.51
C GLU L 19 -33.25 42.57 -105.22
N ILE L 20 -34.59 42.37 -105.27
CA ILE L 20 -35.35 41.72 -104.20
C ILE L 20 -34.81 40.31 -103.91
N SER L 21 -34.67 39.45 -104.94
CA SER L 21 -34.07 38.10 -104.85
C SER L 21 -32.73 38.06 -104.12
N LYS L 22 -31.80 38.95 -104.52
CA LYS L 22 -30.51 39.13 -103.89
C LYS L 22 -30.65 39.57 -102.45
N ALA L 23 -31.53 40.55 -102.14
CA ALA L 23 -31.80 40.99 -100.78
C ALA L 23 -32.34 39.87 -99.90
N ASN L 24 -33.26 39.04 -100.40
CA ASN L 24 -33.74 37.86 -99.69
C ASN L 24 -32.64 36.81 -99.47
N GLU L 25 -31.70 36.62 -100.41
CA GLU L 25 -30.54 35.77 -100.16
C GLU L 25 -29.56 36.37 -99.15
N GLU L 26 -29.26 37.68 -99.23
CA GLU L 26 -28.40 38.38 -98.29
C GLU L 26 -28.93 38.36 -96.86
N ILE L 27 -30.24 38.65 -96.66
CA ILE L 27 -30.89 38.58 -95.35
C ILE L 27 -30.86 37.17 -94.76
N THR L 28 -31.13 36.12 -95.57
CA THR L 28 -31.09 34.74 -95.14
C THR L 28 -29.72 34.27 -94.71
N ASN L 29 -28.67 34.64 -95.47
CA ASN L 29 -27.29 34.37 -95.11
C ASN L 29 -26.90 35.08 -93.83
N GLN L 30 -27.24 36.38 -93.71
CA GLN L 30 -27.03 37.18 -92.52
C GLN L 30 -27.70 36.61 -91.27
N LEU L 31 -28.94 36.09 -91.40
CA LEU L 31 -29.71 35.38 -90.40
C LEU L 31 -29.01 34.13 -89.86
N LEU L 32 -28.36 33.35 -90.75
CA LEU L 32 -27.60 32.16 -90.39
C LEU L 32 -26.29 32.49 -89.66
N GLY L 33 -25.76 33.71 -89.86
CA GLY L 33 -24.56 34.22 -89.18
C GLY L 33 -24.91 34.76 -87.80
N ILE L 34 -26.06 35.46 -87.69
CA ILE L 34 -26.64 35.85 -86.41
C ILE L 34 -26.98 34.63 -85.56
N SER L 35 -27.63 33.60 -86.15
CA SER L 35 -27.99 32.32 -85.51
C SER L 35 -26.78 31.66 -84.85
N LYS L 36 -25.65 31.62 -85.59
CA LYS L 36 -24.35 31.17 -85.15
C LYS L 36 -23.82 31.94 -83.96
N GLU L 37 -23.73 33.28 -84.05
CA GLU L 37 -23.26 34.10 -82.94
C GLU L 37 -24.16 34.02 -81.70
N MET L 38 -25.50 33.94 -81.87
CA MET L 38 -26.45 33.71 -80.79
C MET L 38 -26.23 32.39 -80.07
N ASP L 39 -26.11 31.28 -80.80
CA ASP L 39 -25.79 29.98 -80.23
C ASP L 39 -24.41 29.86 -79.58
N ASN L 40 -23.50 30.84 -79.80
CA ASN L 40 -22.21 30.92 -79.13
C ASN L 40 -22.36 31.59 -77.77
N ILE L 41 -23.31 32.54 -77.62
CA ILE L 41 -23.64 33.16 -76.34
C ILE L 41 -24.23 32.15 -75.37
N SER L 42 -24.97 31.13 -75.87
CA SER L 42 -25.50 30.02 -75.08
C SER L 42 -24.40 29.23 -74.37
N THR L 43 -23.34 28.82 -75.09
CA THR L 43 -22.15 28.16 -74.55
C THR L 43 -21.50 28.95 -73.43
N ARG L 44 -21.20 30.24 -73.67
CA ARG L 44 -20.58 31.13 -72.69
C ARG L 44 -21.43 31.34 -71.44
N ILE L 45 -22.76 31.49 -71.57
CA ILE L 45 -23.69 31.62 -70.46
C ILE L 45 -23.71 30.34 -69.63
N GLU L 46 -23.71 29.14 -70.26
CA GLU L 46 -23.57 27.88 -69.52
C GLU L 46 -22.25 27.79 -68.74
N SER L 47 -21.11 28.26 -69.29
CA SER L 47 -19.83 28.34 -68.57
C SER L 47 -19.86 29.29 -67.36
N ILE L 48 -20.54 30.44 -67.51
CA ILE L 48 -20.77 31.41 -66.46
C ILE L 48 -21.69 30.86 -65.37
N SER L 49 -22.77 30.15 -65.73
CA SER L 49 -23.72 29.54 -64.78
C SER L 49 -23.04 28.51 -63.87
N ALA L 50 -22.17 27.66 -64.47
CA ALA L 50 -21.29 26.76 -63.76
C ALA L 50 -20.34 27.48 -62.81
N SER L 51 -19.62 28.51 -63.31
CA SER L 51 -18.71 29.35 -62.53
C SER L 51 -19.37 30.08 -61.34
N VAL L 52 -20.58 30.63 -61.52
CA VAL L 52 -21.43 31.22 -60.47
C VAL L 52 -21.85 30.21 -59.42
N GLN L 53 -22.30 29.01 -59.82
CA GLN L 53 -22.66 27.94 -58.90
C GLN L 53 -21.46 27.44 -58.11
N GLU L 54 -20.28 27.33 -58.77
CA GLU L 54 -19.02 27.00 -58.14
C GLU L 54 -18.56 28.04 -57.12
N THR L 55 -18.73 29.34 -57.47
CA THR L 55 -18.47 30.49 -56.60
C THR L 55 -19.35 30.49 -55.36
N THR L 56 -20.64 30.17 -55.53
CA THR L 56 -21.62 30.02 -54.44
C THR L 56 -21.22 28.93 -53.45
N ALA L 57 -20.77 27.77 -53.96
CA ALA L 57 -20.22 26.67 -53.19
C ALA L 57 -19.00 27.06 -52.38
N GLY L 58 -18.05 27.77 -53.04
CA GLY L 58 -16.86 28.38 -52.44
C GLY L 58 -17.17 29.39 -51.37
N SER L 59 -18.17 30.27 -51.60
CA SER L 59 -18.63 31.29 -50.66
C SER L 59 -19.23 30.70 -49.38
N GLU L 60 -19.75 29.45 -49.43
CA GLU L 60 -20.15 28.74 -48.25
C GLU L 60 -18.95 28.24 -47.46
N GLU L 61 -18.01 27.53 -48.12
CA GLU L 61 -16.78 27.04 -47.48
C GLU L 61 -15.86 28.12 -46.89
N ILE L 62 -15.79 29.32 -47.51
CA ILE L 62 -15.16 30.52 -46.95
C ILE L 62 -15.83 31.02 -45.68
N SER L 63 -17.18 30.95 -45.59
CA SER L 63 -17.92 31.31 -44.38
C SER L 63 -17.65 30.37 -43.23
N SER L 64 -17.65 29.04 -43.50
CA SER L 64 -17.25 28.00 -42.57
C SER L 64 -15.83 28.17 -42.05
N ALA L 65 -14.86 28.46 -42.96
CA ALA L 65 -13.49 28.78 -42.60
C ALA L 65 -13.35 30.06 -41.78
N THR L 66 -14.05 31.16 -42.17
CA THR L 66 -14.08 32.44 -41.45
C THR L 66 -14.55 32.26 -40.02
N LYS L 67 -15.65 31.51 -39.83
CA LYS L 67 -16.18 31.17 -38.52
C LYS L 67 -15.23 30.27 -37.72
N ASN L 68 -14.65 29.21 -38.33
CA ASN L 68 -13.67 28.36 -37.65
C ASN L 68 -12.44 29.12 -37.16
N ILE L 69 -11.92 30.08 -37.95
CA ILE L 69 -10.82 30.94 -37.54
C ILE L 69 -11.25 31.93 -36.47
N ALA L 70 -12.44 32.57 -36.60
CA ALA L 70 -12.97 33.49 -35.60
C ALA L 70 -13.18 32.91 -34.21
N ASP L 71 -13.69 31.67 -34.15
CA ASP L 71 -13.89 30.91 -32.93
C ASP L 71 -12.57 30.51 -32.32
N SER L 72 -11.68 29.89 -33.13
CA SER L 72 -10.32 29.54 -32.73
C SER L 72 -9.55 30.72 -32.15
N ALA L 73 -9.61 31.91 -32.82
CA ALA L 73 -9.01 33.15 -32.37
C ALA L 73 -9.53 33.65 -31.02
N GLN L 74 -10.86 33.80 -30.83
CA GLN L 74 -11.50 34.16 -29.57
C GLN L 74 -11.00 33.35 -28.37
N GLN L 75 -11.17 32.02 -28.46
CA GLN L 75 -10.73 31.06 -27.47
C GLN L 75 -9.23 31.12 -27.18
N ALA L 76 -8.37 31.14 -28.22
CA ALA L 76 -6.93 31.26 -28.06
C ALA L 76 -6.50 32.57 -27.39
N ALA L 77 -7.21 33.68 -27.67
CA ALA L 77 -7.04 34.97 -27.02
C ALA L 77 -7.43 34.94 -25.55
N SER L 78 -8.48 34.16 -25.20
CA SER L 78 -8.87 33.89 -23.82
C SER L 78 -7.79 33.13 -23.07
N PHE L 79 -7.35 31.96 -23.60
CA PHE L 79 -6.22 31.19 -23.11
C PHE L 79 -4.93 31.98 -22.93
N ALA L 80 -4.60 32.90 -23.85
CA ALA L 80 -3.43 33.77 -23.74
C ALA L 80 -3.54 34.80 -22.62
N ASP L 81 -4.75 35.33 -22.35
CA ASP L 81 -5.03 36.18 -21.21
C ASP L 81 -4.90 35.39 -19.90
N GLN L 82 -5.50 34.19 -19.80
CA GLN L 82 -5.36 33.33 -18.64
C GLN L 82 -3.91 32.91 -18.37
N SER L 83 -3.11 32.73 -19.44
CA SER L 83 -1.68 32.40 -19.37
C SER L 83 -0.79 33.53 -18.87
N THR L 84 -0.98 34.77 -19.38
CA THR L 84 -0.19 35.92 -18.93
C THR L 84 -0.47 36.28 -17.50
N GLN L 85 -1.73 36.15 -17.05
CA GLN L 85 -2.15 36.40 -15.70
C GLN L 85 -1.49 35.51 -14.65
N LEU L 86 -1.34 34.20 -14.92
CA LEU L 86 -0.67 33.33 -13.98
C LEU L 86 0.85 33.42 -14.00
N ALA L 87 1.47 34.00 -15.04
CA ALA L 87 2.91 34.17 -15.05
C ALA L 87 3.37 35.40 -14.29
N LYS L 88 2.45 36.34 -14.02
CA LYS L 88 2.67 37.47 -13.13
C LYS L 88 2.63 37.05 -11.67
N GLU L 89 1.62 36.25 -11.29
CA GLU L 89 1.45 35.80 -9.92
C GLU L 89 2.47 34.75 -9.52
N ALA L 90 2.76 33.77 -10.42
CA ALA L 90 3.84 32.81 -10.24
C ALA L 90 5.22 33.45 -10.09
N GLY L 91 5.47 34.59 -10.77
CA GLY L 91 6.73 35.32 -10.64
C GLY L 91 6.78 36.21 -9.44
N ASP L 92 5.64 36.76 -9.00
CA ASP L 92 5.55 37.49 -7.75
C ASP L 92 5.80 36.54 -6.57
N ALA L 93 5.10 35.39 -6.52
CA ALA L 93 5.37 34.37 -5.53
C ALA L 93 6.77 33.73 -5.62
N LEU L 94 7.50 33.86 -6.76
CA LEU L 94 8.87 33.38 -6.84
C LEU L 94 9.86 34.44 -6.39
N LYS L 95 9.52 35.74 -6.54
CA LYS L 95 10.27 36.82 -5.96
C LYS L 95 10.06 36.95 -4.44
N LYS L 96 9.20 36.10 -3.86
CA LYS L 96 9.08 35.91 -2.42
C LYS L 96 9.76 34.64 -1.94
N VAL L 97 9.83 33.55 -2.74
CA VAL L 97 10.58 32.34 -2.36
C VAL L 97 12.08 32.61 -2.37
N ILE L 98 12.55 33.52 -3.25
CA ILE L 98 13.92 33.98 -3.27
C ILE L 98 14.31 34.77 -2.00
N GLU L 99 13.33 35.47 -1.38
CA GLU L 99 13.55 36.14 -0.11
C GLU L 99 13.45 35.20 1.07
N VAL L 100 12.58 34.16 1.04
CA VAL L 100 12.57 33.15 2.09
C VAL L 100 13.85 32.32 2.08
N THR L 101 14.31 31.86 0.88
CA THR L 101 15.61 31.24 0.69
C THR L 101 16.78 32.09 1.20
N ARG L 102 16.94 33.35 0.73
CA ARG L 102 17.96 34.25 1.25
C ARG L 102 17.81 34.63 2.74
N MET L 103 16.60 34.58 3.32
CA MET L 103 16.39 34.74 4.75
C MET L 103 16.94 33.57 5.54
N ILE L 104 16.67 32.32 5.12
CA ILE L 104 17.19 31.13 5.79
C ILE L 104 18.71 31.02 5.65
N SER L 105 19.29 31.60 4.56
CA SER L 105 20.73 31.76 4.40
C SER L 105 21.35 32.71 5.41
N ASN L 106 20.64 33.79 5.77
CA ASN L 106 21.07 34.67 6.85
C ASN L 106 20.77 34.06 8.22
N SER L 107 19.73 33.22 8.36
CA SER L 107 19.47 32.39 9.55
C SER L 107 20.52 31.32 9.79
N ALA L 108 21.32 30.95 8.79
CA ALA L 108 22.40 30.01 8.95
C ALA L 108 23.61 30.71 9.57
N LYS L 109 23.77 32.03 9.33
CA LYS L 109 24.73 32.80 10.08
C LYS L 109 24.39 32.94 11.57
N ASP L 110 23.08 32.97 11.96
CA ASP L 110 22.70 32.87 13.36
C ASP L 110 23.17 31.58 14.05
N VAL L 111 23.17 30.45 13.30
CA VAL L 111 23.69 29.17 13.75
C VAL L 111 25.21 29.17 13.89
N GLU L 112 25.95 29.78 12.95
CA GLU L 112 27.39 29.88 13.00
C GLU L 112 27.91 30.62 14.23
N ARG L 113 27.22 31.70 14.62
CA ARG L 113 27.45 32.47 15.83
C ARG L 113 27.28 31.63 17.10
N VAL L 114 26.21 30.82 17.16
CA VAL L 114 26.00 29.85 18.24
C VAL L 114 27.08 28.78 18.26
N VAL L 115 27.31 28.04 17.14
CA VAL L 115 28.33 27.00 17.04
C VAL L 115 29.77 27.45 17.32
N GLU L 116 30.15 28.70 17.01
CA GLU L 116 31.47 29.19 17.37
C GLU L 116 31.54 29.58 18.85
N SER L 117 30.44 30.09 19.42
CA SER L 117 30.33 30.37 20.84
C SER L 117 30.30 29.12 21.71
N PHE L 118 29.82 27.99 21.14
CA PHE L 118 29.87 26.66 21.72
C PHE L 118 31.28 26.09 21.61
N GLN L 119 31.94 26.25 20.45
CA GLN L 119 33.32 25.86 20.28
C GLN L 119 34.26 26.56 21.26
N LYS L 120 34.12 27.89 21.44
CA LYS L 120 34.89 28.63 22.43
C LYS L 120 34.48 28.29 23.87
N GLY L 121 33.19 28.05 24.15
CA GLY L 121 32.69 27.56 25.44
C GLY L 121 33.11 26.16 25.81
N ALA L 122 33.54 25.35 24.81
CA ALA L 122 34.06 24.02 25.01
C ALA L 122 35.58 24.01 25.07
N GLU L 123 36.25 25.02 24.52
CA GLU L 123 37.69 25.17 24.71
C GLU L 123 37.98 25.80 26.07
N GLU L 124 37.11 26.68 26.56
CA GLU L 124 37.24 27.28 27.87
C GLU L 124 36.94 26.35 29.04
N ILE L 125 35.94 25.46 28.90
CA ILE L 125 35.63 24.54 29.99
C ILE L 125 36.66 23.43 30.21
N THR L 126 37.51 23.08 29.22
CA THR L 126 38.58 22.11 29.46
C THR L 126 39.66 22.65 30.37
N SER L 127 39.96 23.96 30.35
CA SER L 127 40.86 24.57 31.33
C SER L 127 40.34 24.52 32.75
N PHE L 128 39.00 24.55 32.95
CA PHE L 128 38.44 24.35 34.28
C PHE L 128 38.36 22.90 34.71
N VAL L 129 38.35 21.94 33.76
CA VAL L 129 38.50 20.52 34.06
C VAL L 129 39.93 20.25 34.52
N GLU L 130 40.93 20.69 33.72
CA GLU L 130 42.35 20.67 34.04
C GLU L 130 42.68 21.31 35.38
N THR L 131 42.24 22.56 35.63
CA THR L 131 42.44 23.24 36.91
C THR L 131 41.87 22.50 38.11
N ILE L 132 40.61 22.02 38.05
CA ILE L 132 40.00 21.22 39.11
C ILE L 132 40.75 19.91 39.35
N ASN L 133 41.13 19.18 38.28
CA ASN L 133 41.95 17.99 38.31
C ASN L 133 43.26 18.17 39.05
N ALA L 134 44.08 19.17 38.63
CA ALA L 134 45.33 19.55 39.26
C ALA L 134 45.22 19.76 40.77
N ILE L 135 44.32 20.68 41.19
CA ILE L 135 43.97 20.94 42.58
C ILE L 135 43.53 19.69 43.36
N ALA L 136 42.66 18.86 42.76
CA ALA L 136 42.18 17.63 43.36
C ALA L 136 43.23 16.55 43.52
N GLU L 137 44.16 16.38 42.56
CA GLU L 137 45.23 15.41 42.66
C GLU L 137 46.33 15.80 43.65
N GLN L 138 46.49 17.12 43.92
CA GLN L 138 47.32 17.61 45.00
C GLN L 138 46.63 17.41 46.35
N THR L 139 45.32 17.73 46.44
CA THR L 139 44.49 17.55 47.65
C THR L 139 44.46 16.10 48.13
N ASN L 140 44.40 15.14 47.18
CA ASN L 140 44.50 13.71 47.42
C ASN L 140 45.83 13.35 48.05
N LEU L 141 46.98 13.75 47.45
CA LEU L 141 48.30 13.48 48.01
C LEU L 141 48.51 14.11 49.39
N LEU L 142 48.04 15.36 49.62
CA LEU L 142 48.09 16.01 50.92
C LEU L 142 47.23 15.32 51.98
N ALA L 143 45.99 14.92 51.63
CA ALA L 143 45.14 14.14 52.52
C ALA L 143 45.71 12.75 52.83
N LEU L 144 46.42 12.13 51.88
CA LEU L 144 47.15 10.90 52.09
C LEU L 144 48.39 11.10 52.96
N ASN L 145 49.15 12.20 52.78
CA ASN L 145 50.30 12.54 53.61
C ASN L 145 49.92 12.75 55.08
N ALA L 146 48.74 13.33 55.35
CA ALA L 146 48.20 13.38 56.70
C ALA L 146 47.68 12.04 57.22
N ALA L 147 47.03 11.23 56.36
CA ALA L 147 46.45 9.94 56.74
C ALA L 147 47.52 8.92 57.12
N ILE L 148 48.58 8.80 56.30
CA ILE L 148 49.72 7.90 56.49
C ILE L 148 50.60 8.23 57.70
N GLU L 149 50.26 9.28 58.48
CA GLU L 149 51.05 9.70 59.62
C GLU L 149 50.18 10.00 60.84
N ALA L 150 48.89 10.33 60.67
CA ALA L 150 47.94 10.37 61.76
C ALA L 150 47.65 8.97 62.28
N ALA L 151 47.73 7.98 61.38
CA ALA L 151 47.64 6.57 61.69
C ALA L 151 48.85 6.04 62.46
N ARG L 152 50.00 6.75 62.43
CA ARG L 152 51.21 6.34 63.12
C ARG L 152 51.39 7.12 64.42
N ALA L 153 50.42 7.99 64.75
CA ALA L 153 50.48 8.83 65.95
C ALA L 153 49.65 8.26 67.09
N GLY L 154 49.15 7.00 66.97
CA GLY L 154 48.28 6.35 67.95
C GLY L 154 47.05 7.11 68.38
N GLU L 155 46.73 7.07 69.69
CA GLU L 155 45.55 7.71 70.28
C GLU L 155 45.48 9.23 70.04
N ALA L 156 46.63 9.92 69.98
CA ALA L 156 46.73 11.32 69.64
C ALA L 156 46.30 11.65 68.22
N GLY L 157 46.59 10.75 67.24
CA GLY L 157 46.25 10.98 65.83
C GLY L 157 44.85 10.61 65.42
N ARG L 158 44.08 9.95 66.31
CA ARG L 158 42.73 9.43 66.11
C ARG L 158 41.81 10.25 65.21
N GLY L 159 41.40 11.44 65.69
CA GLY L 159 40.46 12.33 65.01
C GLY L 159 41.04 13.07 63.84
N PHE L 160 42.37 13.02 63.65
CA PHE L 160 43.04 13.59 62.50
C PHE L 160 43.09 12.55 61.40
N ALA L 161 43.08 11.25 61.77
CA ALA L 161 43.00 10.15 60.83
C ALA L 161 41.58 9.96 60.32
N VAL L 162 40.54 10.35 61.10
CA VAL L 162 39.16 10.33 60.64
C VAL L 162 38.90 11.42 59.61
N VAL L 163 39.34 12.66 59.92
CA VAL L 163 39.16 13.82 59.04
C VAL L 163 39.95 13.68 57.74
N ALA L 164 41.25 13.33 57.79
CA ALA L 164 42.07 13.04 56.61
C ALA L 164 41.46 12.03 55.63
N ASP L 165 40.92 10.92 56.16
CA ASP L 165 40.14 9.92 55.44
C ASP L 165 38.95 10.51 54.69
N GLU L 166 38.03 11.21 55.40
CA GLU L 166 36.88 11.81 54.75
C GLU L 166 37.20 12.95 53.78
N ILE L 167 38.35 13.66 53.95
CA ILE L 167 38.92 14.61 52.99
C ILE L 167 39.42 13.88 51.76
N ARG L 168 40.20 12.80 51.94
CA ARG L 168 40.70 11.93 50.89
C ARG L 168 39.56 11.35 50.05
N LYS L 169 38.53 10.77 50.70
CA LYS L 169 37.31 10.31 50.04
C LYS L 169 36.52 11.43 49.34
N LEU L 170 36.32 12.60 49.98
CA LEU L 170 35.65 13.77 49.40
C LEU L 170 36.38 14.38 48.20
N ALA L 171 37.71 14.48 48.25
CA ALA L 171 38.53 14.95 47.15
C ALA L 171 38.52 14.02 45.94
N GLU L 172 38.26 12.72 46.16
CA GLU L 172 38.04 11.75 45.11
C GLU L 172 36.62 11.84 44.53
N GLU L 173 35.68 12.51 45.22
CA GLU L 173 34.35 12.80 44.68
C GLU L 173 34.41 14.00 43.75
N SER L 174 35.30 14.97 44.01
CA SER L 174 35.57 16.08 43.09
C SER L 174 36.14 15.58 41.75
N GLN L 175 37.02 14.55 41.79
CA GLN L 175 37.49 13.82 40.62
C GLN L 175 36.40 13.10 39.82
N GLN L 176 35.49 12.38 40.50
CA GLN L 176 34.32 11.74 39.91
C GLN L 176 33.41 12.72 39.17
N ALA L 177 33.07 13.88 39.78
CA ALA L 177 32.33 14.94 39.14
C ALA L 177 33.00 15.46 37.86
N SER L 178 34.35 15.60 37.88
CA SER L 178 35.16 16.00 36.74
C SER L 178 35.16 14.97 35.61
N GLU L 179 35.18 13.66 35.94
CA GLU L 179 35.03 12.58 34.97
C GLU L 179 33.63 12.55 34.34
N ASN L 180 32.59 13.02 35.04
CA ASN L 180 31.26 13.16 34.47
C ASN L 180 31.14 14.44 33.63
N VAL L 181 31.89 15.52 33.96
CA VAL L 181 32.02 16.73 33.15
C VAL L 181 32.74 16.41 31.84
N ARG L 182 33.79 15.57 31.90
CA ARG L 182 34.55 15.06 30.77
C ARG L 182 33.65 14.32 29.77
N ARG L 183 32.72 13.49 30.28
CA ARG L 183 31.72 12.81 29.47
C ARG L 183 30.79 13.77 28.76
N VAL L 184 30.28 14.82 29.43
CA VAL L 184 29.42 15.81 28.78
C VAL L 184 30.18 16.76 27.86
N VAL L 185 31.40 17.21 28.22
CA VAL L 185 32.19 18.08 27.34
C VAL L 185 32.56 17.41 26.03
N ASN L 186 32.97 16.11 26.07
CA ASN L 186 33.18 15.35 24.86
C ASN L 186 31.93 15.17 24.02
N GLU L 187 30.80 14.77 24.65
CA GLU L 187 29.50 14.63 24.04
C GLU L 187 28.95 15.90 23.40
N ILE L 188 29.07 17.06 24.09
CA ILE L 188 28.67 18.37 23.57
C ILE L 188 29.56 18.91 22.46
N ARG L 189 30.90 18.74 22.58
CA ARG L 189 31.84 19.10 21.54
C ARG L 189 31.67 18.32 20.25
N SER L 190 31.48 16.99 20.28
CA SER L 190 31.24 16.24 19.05
C SER L 190 29.93 16.58 18.35
N ILE L 191 28.90 17.07 19.07
CA ILE L 191 27.67 17.64 18.48
C ILE L 191 27.94 18.98 17.79
N ALA L 192 28.84 19.81 18.36
CA ALA L 192 29.33 21.06 17.80
C ALA L 192 30.02 20.86 16.46
N GLU L 193 30.96 19.91 16.38
CA GLU L 193 31.64 19.54 15.15
C GLU L 193 30.70 18.94 14.10
N ASP L 194 29.67 18.19 14.51
CA ASP L 194 28.64 17.67 13.60
C ASP L 194 27.79 18.79 13.01
N ALA L 195 27.51 19.83 13.81
CA ALA L 195 26.75 20.98 13.40
C ALA L 195 27.45 21.80 12.32
N GLY L 196 28.80 21.70 12.18
CA GLY L 196 29.59 22.27 11.08
C GLY L 196 29.01 22.10 9.69
N LYS L 197 28.59 20.86 9.37
CA LYS L 197 27.90 20.44 8.17
C LYS L 197 26.57 21.18 7.99
N VAL L 198 25.64 21.02 8.95
CA VAL L 198 24.30 21.59 8.98
C VAL L 198 24.24 23.08 8.69
N SER L 199 25.26 23.82 9.16
CA SER L 199 25.49 25.25 8.97
C SER L 199 25.75 25.61 7.52
N SER L 200 26.73 24.93 6.89
CA SER L 200 27.16 25.26 5.53
C SER L 200 26.35 24.53 4.47
N GLU L 201 25.65 23.42 4.80
CA GLU L 201 24.75 22.80 3.82
C GLU L 201 23.51 23.64 3.53
N ILE L 202 23.18 24.64 4.36
CA ILE L 202 22.09 25.58 4.08
C ILE L 202 22.54 26.57 3.02
N THR L 203 23.61 27.34 3.28
CA THR L 203 24.16 28.33 2.35
C THR L 203 24.65 27.76 1.02
N ALA L 204 24.91 26.44 0.95
CA ALA L 204 25.25 25.73 -0.25
C ALA L 204 24.04 25.42 -1.09
N ARG L 205 22.93 24.98 -0.46
CA ARG L 205 21.69 24.78 -1.19
C ARG L 205 20.93 26.07 -1.42
N VAL L 206 21.21 27.17 -0.68
CA VAL L 206 20.72 28.47 -1.09
C VAL L 206 21.53 29.02 -2.27
N GLU L 207 22.85 28.71 -2.37
CA GLU L 207 23.66 29.08 -3.52
C GLU L 207 23.10 28.62 -4.86
N GLU L 208 22.79 27.30 -4.99
CA GLU L 208 22.18 26.81 -6.20
C GLU L 208 20.66 26.89 -6.22
N GLY L 209 20.01 27.28 -5.10
CA GLY L 209 18.58 27.55 -5.11
C GLY L 209 18.29 28.93 -5.60
N THR L 210 19.15 29.89 -5.23
CA THR L 210 19.15 31.26 -5.72
C THR L 210 19.64 31.38 -7.14
N LYS L 211 20.55 30.50 -7.60
CA LYS L 211 20.94 30.49 -9.00
C LYS L 211 19.80 30.03 -9.92
N LEU L 212 19.21 28.85 -9.63
CA LEU L 212 18.09 28.35 -10.41
C LEU L 212 16.83 29.20 -10.33
N ALA L 213 16.54 29.82 -9.16
CA ALA L 213 15.41 30.71 -9.01
C ALA L 213 15.57 32.07 -9.69
N ASP L 214 16.80 32.59 -9.84
CA ASP L 214 17.01 33.85 -10.53
C ASP L 214 16.99 33.64 -12.05
N GLU L 215 17.34 32.42 -12.51
CA GLU L 215 17.09 32.01 -13.87
C GLU L 215 15.62 31.71 -14.14
N ALA L 216 14.88 31.13 -13.18
CA ALA L 216 13.45 30.91 -13.35
C ALA L 216 12.65 32.20 -13.25
N ASP L 217 13.18 33.25 -12.58
CA ASP L 217 12.64 34.60 -12.59
C ASP L 217 12.71 35.17 -14.01
N GLU L 218 13.91 35.25 -14.62
CA GLU L 218 14.07 35.75 -15.97
C GLU L 218 13.29 35.00 -17.04
N LYS L 219 13.30 33.65 -17.02
CA LYS L 219 12.52 32.85 -17.94
C LYS L 219 11.01 32.92 -17.77
N LEU L 220 10.51 33.46 -16.64
CA LEU L 220 9.08 33.62 -16.44
C LEU L 220 8.64 35.06 -16.63
N ASN L 221 9.56 36.04 -16.48
CA ASN L 221 9.24 37.43 -16.78
C ASN L 221 9.35 37.66 -18.29
N SER L 222 10.10 36.79 -19.00
CA SER L 222 10.10 36.70 -20.46
C SER L 222 8.85 36.09 -21.06
N ILE L 223 7.98 35.42 -20.27
CA ILE L 223 6.74 34.84 -20.77
C ILE L 223 5.65 35.89 -20.72
N VAL L 224 5.66 36.77 -19.68
CA VAL L 224 4.72 37.86 -19.52
C VAL L 224 4.78 38.91 -20.63
N GLY L 225 5.90 38.99 -21.37
CA GLY L 225 6.00 39.74 -22.62
C GLY L 225 5.69 38.92 -23.84
N ALA L 226 6.22 37.68 -23.93
CA ALA L 226 6.05 36.80 -25.07
C ALA L 226 4.63 36.36 -25.35
N VAL L 227 3.83 36.03 -24.31
CA VAL L 227 2.44 35.61 -24.51
C VAL L 227 1.51 36.81 -24.64
N GLU L 228 2.03 38.01 -24.31
CA GLU L 228 1.37 39.27 -24.62
C GLU L 228 1.61 39.64 -26.08
N ARG L 229 2.79 39.32 -26.65
CA ARG L 229 3.04 39.45 -28.08
C ARG L 229 2.18 38.51 -28.94
N ILE L 230 1.85 37.30 -28.43
CA ILE L 230 0.87 36.38 -29.02
C ILE L 230 -0.53 36.99 -29.06
N ASN L 231 -0.94 37.63 -27.94
CA ASN L 231 -2.21 38.30 -27.79
C ASN L 231 -2.39 39.45 -28.77
N GLU L 232 -1.33 40.27 -28.97
CA GLU L 232 -1.29 41.36 -29.92
C GLU L 232 -1.49 40.91 -31.37
N MET L 233 -0.89 39.77 -31.76
CA MET L 233 -1.14 39.11 -33.02
C MET L 233 -2.54 38.52 -33.13
N LEU L 234 -3.08 37.92 -32.06
CA LEU L 234 -4.44 37.40 -32.06
C LEU L 234 -5.50 38.49 -32.17
N GLN L 235 -5.32 39.69 -31.59
CA GLN L 235 -6.24 40.81 -31.84
C GLN L 235 -6.21 41.30 -33.28
N ASN L 236 -5.06 41.13 -33.98
CA ASN L 236 -4.90 41.49 -35.38
C ASN L 236 -5.54 40.50 -36.36
N ILE L 237 -5.88 39.26 -35.93
CA ILE L 237 -6.59 38.34 -36.80
C ILE L 237 -8.08 38.47 -36.56
N ALA L 238 -8.48 38.88 -35.33
CA ALA L 238 -9.83 39.28 -35.00
C ALA L 238 -10.30 40.48 -35.83
N ALA L 239 -9.46 41.52 -35.93
CA ALA L 239 -9.70 42.66 -36.83
C ALA L 239 -9.79 42.29 -38.31
N ALA L 240 -9.03 41.28 -38.78
CA ALA L 240 -9.12 40.77 -40.14
C ALA L 240 -10.40 39.99 -40.44
N ILE L 241 -11.01 39.35 -39.42
CA ILE L 241 -12.30 38.67 -39.52
C ILE L 241 -13.46 39.64 -39.75
N GLU L 242 -13.36 40.91 -39.34
CA GLU L 242 -14.41 41.88 -39.61
C GLU L 242 -14.43 42.32 -41.07
N GLU L 243 -13.25 42.36 -41.72
CA GLU L 243 -13.10 42.61 -43.14
C GLU L 243 -13.55 41.46 -44.02
N GLN L 244 -13.22 40.19 -43.67
CA GLN L 244 -13.75 39.02 -44.36
C GLN L 244 -15.27 38.94 -44.34
N ASN L 245 -15.91 39.29 -43.21
CA ASN L 245 -17.36 39.33 -43.11
C ASN L 245 -17.98 40.44 -43.95
N ALA L 246 -17.38 41.64 -44.01
CA ALA L 246 -17.83 42.69 -44.93
C ALA L 246 -17.62 42.35 -46.40
N ALA L 247 -16.49 41.71 -46.75
CA ALA L 247 -16.16 41.31 -48.09
C ALA L 247 -16.99 40.16 -48.64
N VAL L 248 -17.34 39.14 -47.82
CA VAL L 248 -18.18 38.03 -48.26
C VAL L 248 -19.63 38.47 -48.42
N ASP L 249 -20.07 39.52 -47.68
CA ASP L 249 -21.37 40.10 -47.86
C ASP L 249 -21.45 40.93 -49.15
N GLU L 250 -20.34 41.56 -49.58
CA GLU L 250 -20.27 42.24 -50.85
C GLU L 250 -20.25 41.29 -52.04
N ILE L 251 -19.58 40.13 -51.90
CA ILE L 251 -19.54 39.09 -52.91
C ILE L 251 -20.91 38.39 -53.02
N THR L 252 -21.61 38.20 -51.89
CA THR L 252 -22.90 37.49 -51.89
C THR L 252 -24.00 38.29 -52.58
N THR L 253 -24.08 39.62 -52.36
CA THR L 253 -25.03 40.44 -53.11
C THR L 253 -24.70 40.54 -54.58
N ALA L 254 -23.40 40.43 -54.96
CA ALA L 254 -22.97 40.42 -56.34
C ALA L 254 -23.32 39.13 -57.07
N MET L 255 -23.04 37.95 -56.47
CA MET L 255 -23.41 36.66 -57.04
C MET L 255 -24.90 36.42 -57.15
N THR L 256 -25.70 37.01 -56.25
CA THR L 256 -27.16 36.94 -56.30
C THR L 256 -27.69 37.64 -57.52
N GLU L 257 -27.17 38.84 -57.82
CA GLU L 257 -27.48 39.59 -59.02
C GLU L 257 -26.87 38.96 -60.27
N ASN L 258 -25.63 38.45 -60.22
CA ASN L 258 -24.98 37.77 -61.34
C ASN L 258 -25.70 36.48 -61.76
N ALA L 259 -26.31 35.75 -60.81
CA ALA L 259 -27.09 34.54 -61.07
C ALA L 259 -28.38 34.89 -61.78
N LYS L 260 -29.07 35.94 -61.28
CA LYS L 260 -30.25 36.54 -61.88
C LYS L 260 -30.01 37.00 -63.32
N ASN L 261 -29.03 37.89 -63.55
CA ASN L 261 -28.65 38.41 -64.86
C ASN L 261 -28.35 37.31 -65.88
N ALA L 262 -27.69 36.21 -65.49
CA ALA L 262 -27.45 35.08 -66.37
C ALA L 262 -28.73 34.38 -66.86
N GLU L 263 -29.74 34.23 -65.97
CA GLU L 263 -31.06 33.74 -66.36
C GLU L 263 -31.82 34.76 -67.20
N GLU L 264 -31.77 36.06 -66.85
CA GLU L 264 -32.37 37.13 -67.63
C GLU L 264 -31.79 37.32 -69.03
N ILE L 265 -30.49 37.00 -69.25
CA ILE L 265 -29.89 36.98 -70.59
C ILE L 265 -30.38 35.76 -71.35
N THR L 266 -30.44 34.59 -70.69
CA THR L 266 -30.99 33.34 -71.25
C THR L 266 -32.42 33.51 -71.75
N ASN L 267 -33.30 34.16 -70.96
CA ASN L 267 -34.67 34.44 -71.36
C ASN L 267 -34.77 35.36 -72.56
N SER L 268 -33.88 36.37 -72.68
CA SER L 268 -33.78 37.22 -73.86
C SER L 268 -33.24 36.53 -75.10
N VAL L 269 -32.23 35.65 -74.97
CA VAL L 269 -31.68 34.84 -76.07
C VAL L 269 -32.74 33.93 -76.68
N LYS L 270 -33.51 33.25 -75.81
CA LYS L 270 -34.64 32.41 -76.12
C LYS L 270 -35.75 33.15 -76.87
N GLU L 271 -36.02 34.43 -76.50
CA GLU L 271 -36.89 35.34 -77.25
C GLU L 271 -36.32 35.70 -78.62
N VAL L 272 -35.04 36.15 -78.70
CA VAL L 272 -34.34 36.47 -79.94
C VAL L 272 -34.35 35.33 -80.95
N ASN L 273 -33.99 34.10 -80.50
CA ASN L 273 -34.01 32.90 -81.33
C ASN L 273 -35.39 32.60 -81.92
N ALA L 274 -36.48 32.83 -81.16
CA ALA L 274 -37.83 32.68 -81.67
C ALA L 274 -38.25 33.78 -82.65
N ARG L 275 -37.83 35.05 -82.43
CA ARG L 275 -38.08 36.11 -83.39
C ARG L 275 -37.31 35.94 -84.69
N LEU L 276 -36.06 35.43 -84.65
CA LEU L 276 -35.31 35.03 -85.84
C LEU L 276 -36.00 33.91 -86.61
N GLN L 277 -36.63 32.96 -85.91
CA GLN L 277 -37.41 31.90 -86.50
C GLN L 277 -38.74 32.38 -87.09
N GLU L 278 -39.35 33.47 -86.57
CA GLU L 278 -40.46 34.15 -87.22
C GLU L 278 -40.04 34.95 -88.45
N ILE L 279 -38.81 35.51 -88.48
CA ILE L 279 -38.27 36.21 -89.64
C ILE L 279 -37.93 35.22 -90.75
N SER L 280 -37.38 34.04 -90.40
CA SER L 280 -37.07 32.98 -91.36
C SER L 280 -38.30 32.45 -92.10
N ALA L 281 -39.42 32.26 -91.38
CA ALA L 281 -40.70 31.89 -91.97
C ALA L 281 -41.26 32.95 -92.91
N SER L 282 -41.26 34.24 -92.50
CA SER L 282 -41.71 35.35 -93.33
C SER L 282 -40.82 35.60 -94.53
N THR L 283 -39.51 35.31 -94.40
CA THR L 283 -38.54 35.39 -95.48
C THR L 283 -38.81 34.32 -96.52
N GLU L 284 -39.19 33.10 -96.11
CA GLU L 284 -39.63 32.08 -97.05
C GLU L 284 -40.98 32.36 -97.71
N GLU L 285 -41.92 33.02 -97.03
CA GLU L 285 -43.12 33.56 -97.65
C GLU L 285 -42.80 34.58 -98.75
N VAL L 286 -41.89 35.54 -98.49
CA VAL L 286 -41.49 36.53 -99.48
C VAL L 286 -40.64 35.91 -100.59
N THR L 287 -39.75 34.95 -100.30
CA THR L 287 -38.95 34.27 -101.32
C THR L 287 -39.80 33.36 -102.18
N SER L 288 -40.95 32.90 -101.68
CA SER L 288 -41.91 32.13 -102.48
C SER L 288 -42.78 33.02 -103.34
N ARG L 289 -43.16 34.23 -102.86
CA ARG L 289 -43.85 35.18 -103.70
C ARG L 289 -42.91 35.91 -104.68
N VAL L 290 -41.58 35.82 -104.49
CA VAL L 290 -40.59 36.24 -105.50
C VAL L 290 -40.61 35.29 -106.69
N GLN L 291 -40.74 33.96 -106.46
CA GLN L 291 -40.79 32.97 -107.52
C GLN L 291 -42.01 33.18 -108.42
N THR L 292 -43.22 33.36 -107.82
CA THR L 292 -44.44 33.70 -108.56
C THR L 292 -44.34 34.95 -109.42
N ILE L 293 -43.62 35.99 -108.97
CA ILE L 293 -43.41 37.19 -109.77
C ILE L 293 -42.40 36.95 -110.87
N ARG L 294 -41.32 36.18 -110.62
CA ARG L 294 -40.38 35.86 -111.69
C ARG L 294 -40.99 35.07 -112.84
N GLU L 295 -41.75 34.00 -112.55
CA GLU L 295 -42.45 33.24 -113.56
C GLU L 295 -43.47 34.03 -114.37
N ASN L 296 -44.28 34.84 -113.68
CA ASN L 296 -45.26 35.72 -114.31
C ASN L 296 -44.67 37.01 -114.88
N VAL L 297 -43.33 37.16 -114.93
CA VAL L 297 -42.70 38.27 -115.64
C VAL L 297 -41.79 37.72 -116.72
N GLN L 298 -41.45 36.40 -116.68
CA GLN L 298 -40.78 35.75 -117.77
C GLN L 298 -41.81 35.30 -118.79
N MET L 299 -42.92 34.65 -118.34
CA MET L 299 -44.00 34.25 -119.22
C MET L 299 -44.82 35.39 -119.81
N LEU L 300 -44.80 36.59 -119.19
CA LEU L 300 -45.44 37.76 -119.74
C LEU L 300 -44.56 38.50 -120.73
N LYS L 301 -43.22 38.54 -120.52
CA LYS L 301 -42.31 39.16 -121.48
C LYS L 301 -42.21 38.42 -122.80
N GLU L 302 -42.52 37.12 -122.83
CA GLU L 302 -42.65 36.39 -124.07
C GLU L 302 -43.84 36.83 -124.92
N ILE L 303 -44.98 37.20 -124.30
CA ILE L 303 -46.14 37.79 -124.99
C ILE L 303 -45.84 39.17 -125.56
N VAL L 304 -45.20 40.03 -124.74
CA VAL L 304 -44.72 41.37 -125.07
C VAL L 304 -43.79 41.40 -126.30
N ALA L 305 -43.01 40.33 -126.50
CA ALA L 305 -42.13 40.17 -127.63
C ALA L 305 -42.70 39.37 -128.80
N ARG L 306 -43.21 38.14 -128.60
CA ARG L 306 -43.65 37.21 -129.65
C ARG L 306 -44.45 37.76 -130.83
N TYR L 307 -45.55 38.48 -130.55
CA TYR L 307 -46.50 38.97 -131.55
C TYR L 307 -46.26 40.46 -131.87
N GLY M 1 -113.30 -25.17 -111.60
CA GLY M 1 -112.18 -24.45 -110.92
C GLY M 1 -110.92 -25.25 -110.71
N SER M 2 -110.03 -25.34 -111.73
CA SER M 2 -108.79 -26.10 -111.65
C SER M 2 -107.80 -25.60 -110.63
N HIS M 3 -107.66 -24.27 -110.49
CA HIS M 3 -106.73 -23.66 -109.53
C HIS M 3 -107.11 -23.93 -108.09
N MET M 4 -108.42 -24.17 -107.84
CA MET M 4 -108.96 -24.50 -106.54
C MET M 4 -108.46 -25.86 -106.03
N LYS M 5 -108.03 -26.77 -106.93
CA LYS M 5 -107.38 -28.00 -106.52
C LYS M 5 -105.98 -27.82 -105.94
N ASP M 6 -105.35 -26.64 -106.08
CA ASP M 6 -104.07 -26.35 -105.45
C ASP M 6 -104.30 -25.56 -104.17
N VAL M 7 -105.42 -24.79 -104.12
CA VAL M 7 -105.95 -24.18 -102.92
C VAL M 7 -106.44 -25.26 -101.96
N GLN M 8 -106.69 -26.47 -102.49
CA GLN M 8 -107.03 -27.65 -101.75
C GLN M 8 -105.75 -28.29 -101.23
N THR M 9 -104.70 -28.54 -102.05
CA THR M 9 -103.44 -29.10 -101.53
C THR M 9 -102.79 -28.28 -100.40
N GLU M 10 -102.84 -26.93 -100.49
CA GLU M 10 -102.36 -26.05 -99.43
C GLU M 10 -103.19 -26.13 -98.14
N THR M 11 -104.51 -25.89 -98.24
CA THR M 11 -105.44 -25.86 -97.10
C THR M 11 -105.59 -27.20 -96.39
N PHE M 12 -105.14 -28.31 -97.00
CA PHE M 12 -105.04 -29.62 -96.36
C PHE M 12 -103.84 -29.66 -95.42
N SER M 13 -102.66 -29.17 -95.87
CA SER M 13 -101.46 -29.09 -95.03
C SER M 13 -101.62 -28.15 -93.84
N VAL M 14 -102.23 -26.96 -94.04
CA VAL M 14 -102.49 -26.06 -92.94
C VAL M 14 -103.47 -26.66 -91.94
N ALA M 15 -104.52 -27.36 -92.41
CA ALA M 15 -105.47 -28.04 -91.55
C ALA M 15 -104.90 -29.19 -90.72
N GLU M 16 -103.85 -29.94 -91.18
CA GLU M 16 -103.21 -30.90 -90.30
C GLU M 16 -102.30 -30.23 -89.28
N SER M 17 -101.62 -29.15 -89.67
CA SER M 17 -100.70 -28.43 -88.80
C SER M 17 -101.40 -27.61 -87.75
N ILE M 18 -102.44 -26.82 -88.08
CA ILE M 18 -103.17 -26.02 -87.11
C ILE M 18 -103.83 -26.83 -85.98
N GLU M 19 -104.23 -28.09 -86.28
CA GLU M 19 -104.76 -29.03 -85.30
C GLU M 19 -103.71 -29.59 -84.35
N GLU M 20 -102.44 -29.62 -84.78
CA GLU M 20 -101.33 -30.10 -83.98
C GLU M 20 -100.87 -28.99 -83.04
N ILE M 21 -100.79 -27.73 -83.52
CA ILE M 21 -100.52 -26.56 -82.70
C ILE M 21 -101.58 -26.36 -81.60
N SER M 22 -102.87 -26.59 -81.92
CA SER M 22 -103.97 -26.46 -80.99
C SER M 22 -103.92 -27.43 -79.81
N LYS M 23 -103.45 -28.67 -80.05
CA LYS M 23 -103.29 -29.65 -78.99
C LYS M 23 -101.98 -29.45 -78.24
N ALA M 24 -100.89 -29.06 -78.92
CA ALA M 24 -99.63 -28.73 -78.26
C ALA M 24 -99.72 -27.51 -77.36
N ASN M 25 -100.53 -26.51 -77.73
CA ASN M 25 -100.81 -25.34 -76.91
C ASN M 25 -101.77 -25.68 -75.76
N GLU M 26 -102.51 -26.79 -75.86
CA GLU M 26 -103.32 -27.31 -74.76
C GLU M 26 -102.46 -28.14 -73.83
N GLU M 27 -101.48 -28.92 -74.35
CA GLU M 27 -100.50 -29.63 -73.54
C GLU M 27 -99.60 -28.66 -72.76
N ILE M 28 -99.20 -27.52 -73.37
CA ILE M 28 -98.51 -26.45 -72.65
C ILE M 28 -99.40 -25.84 -71.58
N THR M 29 -100.68 -25.53 -71.87
CA THR M 29 -101.60 -24.91 -70.91
C THR M 29 -101.86 -25.78 -69.69
N ASN M 30 -101.94 -27.12 -69.86
CA ASN M 30 -102.08 -28.06 -68.76
C ASN M 30 -100.82 -28.15 -67.91
N GLN M 31 -99.63 -28.24 -68.54
CA GLN M 31 -98.35 -28.33 -67.87
C GLN M 31 -98.03 -27.14 -66.97
N LEU M 32 -98.37 -25.91 -67.41
CA LEU M 32 -98.22 -24.67 -66.67
C LEU M 32 -99.00 -24.65 -65.37
N LEU M 33 -100.21 -25.24 -65.36
CA LEU M 33 -100.99 -25.44 -64.16
C LEU M 33 -100.35 -26.44 -63.20
N GLY M 34 -99.85 -27.59 -63.71
CA GLY M 34 -99.20 -28.62 -62.89
C GLY M 34 -97.91 -28.19 -62.23
N ILE M 35 -97.08 -27.41 -62.95
CA ILE M 35 -95.88 -26.76 -62.43
C ILE M 35 -96.19 -25.80 -61.28
N SER M 36 -97.25 -24.97 -61.41
CA SER M 36 -97.65 -23.99 -60.42
C SER M 36 -98.01 -24.61 -59.09
N LYS M 37 -98.82 -25.68 -59.09
CA LYS M 37 -99.11 -26.50 -57.91
C LYS M 37 -97.86 -27.10 -57.24
N GLU M 38 -96.81 -27.43 -58.01
CA GLU M 38 -95.55 -27.90 -57.46
C GLU M 38 -94.64 -26.78 -56.94
N MET M 39 -94.67 -25.59 -57.55
CA MET M 39 -94.00 -24.38 -57.08
C MET M 39 -94.59 -23.87 -55.78
N ASP M 40 -95.91 -24.02 -55.60
CA ASP M 40 -96.63 -23.71 -54.40
C ASP M 40 -96.27 -24.69 -53.28
N ASN M 41 -96.01 -25.98 -53.60
CA ASN M 41 -95.46 -26.91 -52.63
C ASN M 41 -94.06 -26.49 -52.15
N ILE M 42 -93.16 -26.06 -53.07
CA ILE M 42 -91.84 -25.50 -52.74
C ILE M 42 -91.97 -24.24 -51.87
N SER M 43 -92.81 -23.28 -52.30
CA SER M 43 -93.16 -22.03 -51.61
C SER M 43 -93.61 -22.28 -50.18
N THR M 44 -94.62 -23.16 -50.00
CA THR M 44 -95.09 -23.61 -48.69
C THR M 44 -94.00 -24.27 -47.84
N ARG M 45 -93.25 -25.23 -48.40
CA ARG M 45 -92.19 -25.93 -47.69
C ARG M 45 -91.00 -25.05 -47.30
N ILE M 46 -90.60 -24.07 -48.14
CA ILE M 46 -89.49 -23.17 -47.81
C ILE M 46 -89.91 -22.12 -46.78
N GLU M 47 -91.22 -22.03 -46.47
CA GLU M 47 -91.73 -21.17 -45.42
C GLU M 47 -91.63 -21.91 -44.09
N SER M 48 -92.04 -23.19 -44.06
CA SER M 48 -91.87 -24.04 -42.88
C SER M 48 -90.40 -24.30 -42.53
N ILE M 49 -89.49 -24.43 -43.52
CA ILE M 49 -88.04 -24.50 -43.31
C ILE M 49 -87.49 -23.20 -42.74
N SER M 50 -88.05 -22.05 -43.14
CA SER M 50 -87.68 -20.75 -42.59
C SER M 50 -88.08 -20.63 -41.14
N ALA M 51 -89.24 -21.22 -40.76
CA ALA M 51 -89.65 -21.32 -39.39
C ALA M 51 -88.80 -22.30 -38.58
N SER M 52 -88.30 -23.40 -39.20
CA SER M 52 -87.35 -24.33 -38.58
C SER M 52 -85.97 -23.75 -38.32
N VAL M 53 -85.52 -22.78 -39.15
CA VAL M 53 -84.28 -22.05 -38.94
C VAL M 53 -84.39 -21.09 -37.78
N GLN M 54 -85.56 -20.42 -37.61
CA GLN M 54 -85.86 -19.50 -36.52
C GLN M 54 -85.83 -20.17 -35.14
N GLU M 55 -86.44 -21.37 -35.01
CA GLU M 55 -86.37 -22.19 -33.81
C GLU M 55 -84.94 -22.54 -33.44
N THR M 56 -84.15 -22.98 -34.43
CA THR M 56 -82.77 -23.40 -34.29
C THR M 56 -81.83 -22.29 -33.85
N THR M 57 -81.91 -21.08 -34.45
CA THR M 57 -81.15 -19.91 -34.02
C THR M 57 -81.48 -19.48 -32.60
N ALA M 58 -82.77 -19.59 -32.19
CA ALA M 58 -83.21 -19.28 -30.84
C ALA M 58 -82.64 -20.23 -29.80
N GLY M 59 -82.55 -21.54 -30.14
CA GLY M 59 -81.92 -22.57 -29.33
C GLY M 59 -80.43 -22.40 -29.24
N SER M 60 -79.79 -21.97 -30.33
CA SER M 60 -78.35 -21.68 -30.36
C SER M 60 -77.98 -20.47 -29.52
N GLU M 61 -78.88 -19.47 -29.45
CA GLU M 61 -78.81 -18.33 -28.57
C GLU M 61 -79.00 -18.69 -27.10
N GLU M 62 -79.87 -19.68 -26.82
CA GLU M 62 -80.08 -20.23 -25.49
C GLU M 62 -78.85 -20.99 -25.00
N ILE M 63 -78.25 -21.86 -25.85
CA ILE M 63 -76.97 -22.52 -25.64
C ILE M 63 -75.86 -21.51 -25.35
N SER M 64 -75.71 -20.49 -26.23
CA SER M 64 -74.74 -19.39 -26.07
C SER M 64 -74.81 -18.72 -24.69
N SER M 65 -76.00 -18.22 -24.29
CA SER M 65 -76.25 -17.67 -22.96
C SER M 65 -75.99 -18.62 -21.79
N ALA M 66 -76.36 -19.91 -21.91
CA ALA M 66 -76.12 -20.88 -20.85
C ALA M 66 -74.66 -21.22 -20.68
N THR M 67 -73.92 -21.37 -21.80
CA THR M 67 -72.48 -21.66 -21.79
C THR M 67 -71.64 -20.47 -21.33
N LYS M 68 -72.17 -19.24 -21.45
CA LYS M 68 -71.57 -18.01 -20.97
C LYS M 68 -71.65 -17.92 -19.45
N ASN M 69 -72.82 -18.26 -18.86
CA ASN M 69 -72.98 -18.45 -17.43
C ASN M 69 -72.04 -19.50 -16.86
N ILE M 70 -71.91 -20.68 -17.52
CA ILE M 70 -70.96 -21.71 -17.13
C ILE M 70 -69.51 -21.26 -17.27
N ALA M 71 -69.12 -20.52 -18.32
CA ALA M 71 -67.77 -20.03 -18.50
C ALA M 71 -67.32 -18.99 -17.46
N ASP M 72 -68.26 -18.19 -16.91
CA ASP M 72 -67.97 -17.23 -15.86
C ASP M 72 -68.02 -17.93 -14.49
N SER M 73 -69.02 -18.79 -14.24
CA SER M 73 -69.10 -19.60 -13.03
C SER M 73 -67.91 -20.53 -12.79
N ALA M 74 -67.38 -21.17 -13.85
CA ALA M 74 -66.27 -22.08 -13.79
C ALA M 74 -64.95 -21.36 -13.56
N GLN M 75 -64.78 -20.17 -14.16
CA GLN M 75 -63.62 -19.30 -13.98
C GLN M 75 -63.49 -18.79 -12.54
N GLN M 76 -64.61 -18.69 -11.80
CA GLN M 76 -64.57 -18.38 -10.38
C GLN M 76 -64.48 -19.62 -9.50
N ALA M 77 -65.10 -20.76 -9.89
CA ALA M 77 -64.93 -22.02 -9.17
C ALA M 77 -63.51 -22.56 -9.20
N ALA M 78 -62.85 -22.50 -10.38
CA ALA M 78 -61.46 -22.82 -10.58
C ALA M 78 -60.52 -21.92 -9.77
N SER M 79 -60.84 -20.61 -9.70
CA SER M 79 -60.06 -19.68 -8.92
C SER M 79 -60.16 -19.89 -7.42
N PHE M 80 -61.34 -20.30 -6.89
CA PHE M 80 -61.38 -20.67 -5.49
C PHE M 80 -60.87 -22.08 -5.21
N ALA M 81 -60.82 -22.98 -6.21
CA ALA M 81 -60.16 -24.26 -6.06
C ALA M 81 -58.64 -24.17 -6.09
N ASP M 82 -58.06 -23.22 -6.84
CA ASP M 82 -56.62 -22.95 -6.85
C ASP M 82 -56.22 -22.13 -5.62
N GLN M 83 -57.14 -21.31 -5.07
CA GLN M 83 -56.92 -20.68 -3.78
C GLN M 83 -56.97 -21.71 -2.65
N SER M 84 -57.90 -22.68 -2.71
CA SER M 84 -58.04 -23.71 -1.67
C SER M 84 -56.88 -24.70 -1.63
N THR M 85 -56.25 -25.02 -2.79
CA THR M 85 -55.03 -25.82 -2.80
C THR M 85 -53.85 -25.08 -2.21
N GLN M 86 -53.74 -23.75 -2.43
CA GLN M 86 -52.67 -22.97 -1.85
C GLN M 86 -52.84 -22.77 -0.34
N LEU M 87 -54.06 -22.54 0.17
CA LEU M 87 -54.27 -22.42 1.60
C LEU M 87 -54.13 -23.74 2.36
N ALA M 88 -54.28 -24.88 1.66
CA ALA M 88 -54.01 -26.19 2.21
C ALA M 88 -52.52 -26.45 2.30
N LYS M 89 -51.78 -26.27 1.18
CA LYS M 89 -50.34 -26.36 1.16
C LYS M 89 -49.63 -25.41 2.13
N GLU M 90 -50.13 -24.18 2.32
CA GLU M 90 -49.70 -23.23 3.34
C GLU M 90 -49.99 -23.71 4.75
N ALA M 91 -51.25 -24.06 5.09
CA ALA M 91 -51.59 -24.66 6.37
C ALA M 91 -50.89 -25.98 6.69
N GLY M 92 -50.49 -26.74 5.65
CA GLY M 92 -49.67 -27.95 5.73
C GLY M 92 -48.24 -27.65 6.08
N ASP M 93 -47.64 -26.66 5.40
CA ASP M 93 -46.29 -26.17 5.58
C ASP M 93 -46.10 -25.59 6.99
N ALA M 94 -47.15 -24.97 7.56
CA ALA M 94 -47.18 -24.56 8.94
C ALA M 94 -47.24 -25.76 9.90
N LEU M 95 -48.28 -26.61 9.76
CA LEU M 95 -48.53 -27.77 10.61
C LEU M 95 -47.40 -28.77 10.76
N LYS M 96 -46.58 -29.00 9.71
CA LYS M 96 -45.44 -29.90 9.81
C LYS M 96 -44.27 -29.30 10.59
N LYS M 97 -44.24 -27.97 10.77
CA LYS M 97 -43.29 -27.34 11.65
C LYS M 97 -43.87 -27.16 13.05
N VAL M 98 -45.10 -27.66 13.30
CA VAL M 98 -45.65 -27.80 14.65
C VAL M 98 -45.44 -29.25 15.07
N ILE M 99 -45.24 -30.17 14.12
CA ILE M 99 -44.75 -31.51 14.40
C ILE M 99 -43.25 -31.44 14.70
N GLU M 100 -42.47 -30.63 13.93
CA GLU M 100 -41.07 -30.36 14.23
C GLU M 100 -40.84 -29.68 15.59
N VAL M 101 -41.73 -28.74 15.99
CA VAL M 101 -41.64 -28.12 17.31
C VAL M 101 -42.14 -29.03 18.42
N THR M 102 -43.23 -29.82 18.23
CA THR M 102 -43.68 -30.72 19.30
C THR M 102 -42.74 -31.90 19.52
N ARG M 103 -41.97 -32.30 18.49
CA ARG M 103 -40.88 -33.26 18.66
C ARG M 103 -39.64 -32.63 19.27
N MET M 104 -39.41 -31.31 19.10
CA MET M 104 -38.31 -30.66 19.81
C MET M 104 -38.62 -30.48 21.29
N ILE M 105 -39.91 -30.33 21.66
CA ILE M 105 -40.37 -30.38 23.04
C ILE M 105 -40.28 -31.79 23.63
N SER M 106 -40.14 -32.84 22.78
CA SER M 106 -39.89 -34.22 23.20
C SER M 106 -38.47 -34.34 23.72
N ASN M 107 -37.47 -34.00 22.89
CA ASN M 107 -36.06 -34.03 23.26
C ASN M 107 -35.75 -33.11 24.44
N SER M 108 -36.26 -31.85 24.40
CA SER M 108 -36.11 -30.87 25.46
C SER M 108 -36.75 -31.30 26.79
N ALA M 109 -37.97 -31.90 26.76
CA ALA M 109 -38.61 -32.44 27.94
C ALA M 109 -37.98 -33.75 28.44
N LYS M 110 -37.29 -34.54 27.60
CA LYS M 110 -36.62 -35.76 28.04
C LYS M 110 -35.49 -35.45 29.03
N ASP M 111 -34.70 -34.39 28.79
CA ASP M 111 -33.72 -33.90 29.76
C ASP M 111 -34.30 -33.37 31.08
N VAL M 112 -35.62 -33.14 31.20
CA VAL M 112 -36.23 -32.80 32.48
C VAL M 112 -36.28 -34.00 33.41
N GLU M 113 -36.62 -35.20 32.91
CA GLU M 113 -36.63 -36.42 33.71
C GLU M 113 -35.25 -36.85 34.20
N ARG M 114 -34.19 -36.40 33.50
CA ARG M 114 -32.83 -36.58 33.94
C ARG M 114 -32.47 -35.70 35.14
N VAL M 115 -32.98 -34.46 35.16
CA VAL M 115 -32.84 -33.55 36.29
C VAL M 115 -33.70 -33.93 37.48
N VAL M 116 -34.96 -34.33 37.26
CA VAL M 116 -35.90 -34.70 38.31
C VAL M 116 -35.44 -35.91 39.10
N GLU M 117 -34.91 -36.96 38.45
CA GLU M 117 -34.38 -38.06 39.22
C GLU M 117 -32.98 -37.79 39.77
N SER M 118 -32.19 -36.88 39.17
CA SER M 118 -30.91 -36.48 39.77
C SER M 118 -31.12 -35.68 41.03
N PHE M 119 -32.21 -34.90 41.11
CA PHE M 119 -32.56 -34.18 42.33
C PHE M 119 -33.25 -35.08 43.34
N GLN M 120 -34.10 -36.06 42.93
CA GLN M 120 -34.65 -37.00 43.89
C GLN M 120 -33.63 -37.98 44.47
N LYS M 121 -32.54 -38.31 43.76
CA LYS M 121 -31.41 -39.05 44.32
C LYS M 121 -30.57 -38.22 45.28
N GLY M 122 -30.34 -36.93 44.95
CA GLY M 122 -29.48 -36.05 45.74
C GLY M 122 -30.16 -35.55 46.99
N ALA M 123 -31.48 -35.33 46.94
CA ALA M 123 -32.27 -34.96 48.10
C ALA M 123 -32.20 -35.97 49.25
N GLU M 124 -32.45 -37.27 49.01
CA GLU M 124 -32.34 -38.30 50.05
C GLU M 124 -30.95 -38.50 50.62
N GLU M 125 -29.92 -38.33 49.78
CA GLU M 125 -28.51 -38.29 50.16
C GLU M 125 -28.20 -37.21 51.18
N ILE M 126 -28.45 -35.93 50.81
CA ILE M 126 -28.21 -34.77 51.65
C ILE M 126 -29.10 -34.83 52.89
N THR M 127 -30.36 -35.27 52.78
CA THR M 127 -31.27 -35.47 53.93
C THR M 127 -30.67 -36.46 54.93
N SER M 128 -30.15 -37.60 54.44
CA SER M 128 -29.49 -38.59 55.29
C SER M 128 -28.18 -38.11 55.88
N PHE M 129 -27.39 -37.31 55.13
CA PHE M 129 -26.22 -36.60 55.65
C PHE M 129 -26.55 -35.53 56.69
N VAL M 130 -27.72 -34.87 56.61
CA VAL M 130 -28.17 -33.86 57.57
C VAL M 130 -28.68 -34.55 58.82
N GLU M 131 -29.35 -35.69 58.68
CA GLU M 131 -29.69 -36.56 59.81
C GLU M 131 -28.44 -37.07 60.54
N THR M 132 -27.34 -37.30 59.80
CA THR M 132 -26.02 -37.62 60.35
C THR M 132 -25.35 -36.41 60.99
N ILE M 133 -25.44 -35.20 60.39
CA ILE M 133 -24.90 -33.97 60.99
C ILE M 133 -25.69 -33.55 62.23
N ASN M 134 -26.97 -33.97 62.35
CA ASN M 134 -27.75 -33.79 63.55
C ASN M 134 -27.25 -34.74 64.64
N ALA M 135 -27.05 -36.03 64.29
CA ALA M 135 -26.45 -37.03 65.15
C ALA M 135 -25.10 -36.62 65.73
N ILE M 136 -24.15 -36.18 64.87
CA ILE M 136 -22.85 -35.62 65.28
C ILE M 136 -22.97 -34.42 66.20
N ALA M 137 -23.87 -33.46 65.92
CA ALA M 137 -24.12 -32.29 66.74
C ALA M 137 -24.67 -32.62 68.12
N GLU M 138 -25.67 -33.52 68.17
CA GLU M 138 -26.30 -34.00 69.39
C GLU M 138 -25.39 -34.90 70.23
N GLN M 139 -24.45 -35.59 69.58
CA GLN M 139 -23.39 -36.35 70.24
C GLN M 139 -22.33 -35.41 70.79
N THR M 140 -22.01 -34.33 70.04
CA THR M 140 -21.13 -33.25 70.49
C THR M 140 -21.73 -32.52 71.68
N ASN M 141 -23.05 -32.28 71.68
CA ASN M 141 -23.76 -31.66 72.80
C ASN M 141 -23.65 -32.50 74.08
N LEU M 142 -23.92 -33.82 74.00
CA LEU M 142 -23.77 -34.71 75.15
C LEU M 142 -22.31 -34.89 75.58
N LEU M 143 -21.35 -34.95 74.64
CA LEU M 143 -19.92 -35.01 74.93
C LEU M 143 -19.41 -33.76 75.65
N ALA M 144 -19.75 -32.57 75.13
CA ALA M 144 -19.47 -31.27 75.70
C ALA M 144 -20.09 -31.09 77.07
N LEU M 145 -21.40 -31.37 77.22
CA LEU M 145 -22.10 -31.30 78.49
C LEU M 145 -21.54 -32.24 79.56
N ASN M 146 -21.06 -33.44 79.19
CA ASN M 146 -20.41 -34.38 80.07
C ASN M 146 -19.09 -33.84 80.63
N ALA M 147 -18.31 -33.12 79.80
CA ALA M 147 -17.16 -32.37 80.27
C ALA M 147 -17.54 -31.23 81.20
N ALA M 148 -18.50 -30.38 80.78
CA ALA M 148 -19.08 -29.29 81.53
C ALA M 148 -19.54 -29.64 82.94
N ILE M 149 -20.32 -30.73 83.10
CA ILE M 149 -20.75 -31.30 84.38
C ILE M 149 -19.64 -31.93 85.19
N GLU M 150 -18.76 -32.76 84.57
CA GLU M 150 -17.63 -33.39 85.26
C GLU M 150 -16.63 -32.35 85.75
N ALA M 151 -16.39 -31.28 84.99
CA ALA M 151 -15.58 -30.17 85.45
C ALA M 151 -16.21 -29.40 86.61
N ALA M 152 -17.49 -29.00 86.52
CA ALA M 152 -18.27 -28.38 87.59
C ALA M 152 -18.35 -29.17 88.91
N ARG M 153 -18.12 -30.49 88.85
CA ARG M 153 -18.01 -31.36 90.00
C ARG M 153 -16.67 -31.16 90.70
N ALA M 154 -15.58 -30.96 89.92
CA ALA M 154 -14.25 -30.67 90.40
C ALA M 154 -14.09 -29.19 90.79
N GLY M 155 -15.22 -28.44 90.81
CA GLY M 155 -15.33 -27.07 91.31
C GLY M 155 -14.48 -26.06 90.61
N GLU M 156 -13.71 -25.29 91.39
CA GLU M 156 -13.00 -24.12 90.90
C GLU M 156 -11.77 -24.47 90.08
N ALA M 157 -11.11 -25.62 90.35
CA ALA M 157 -10.06 -26.14 89.48
C ALA M 157 -10.59 -26.61 88.11
N GLY M 158 -11.86 -27.04 88.08
CA GLY M 158 -12.62 -27.39 86.88
C GLY M 158 -12.95 -26.23 85.98
N ARG M 159 -12.93 -25.01 86.54
CA ARG M 159 -13.48 -23.80 85.95
C ARG M 159 -12.95 -23.44 84.57
N GLY M 160 -11.61 -23.41 84.35
CA GLY M 160 -11.07 -23.10 83.02
C GLY M 160 -11.51 -24.04 81.91
N PHE M 161 -11.62 -25.34 82.24
CA PHE M 161 -12.14 -26.37 81.36
C PHE M 161 -13.64 -26.24 81.16
N ALA M 162 -14.41 -25.99 82.24
CA ALA M 162 -15.85 -25.75 82.20
C ALA M 162 -16.26 -24.58 81.32
N VAL M 163 -15.46 -23.48 81.30
CA VAL M 163 -15.62 -22.34 80.40
C VAL M 163 -15.61 -22.78 78.94
N VAL M 164 -14.52 -23.44 78.48
CA VAL M 164 -14.41 -23.95 77.12
C VAL M 164 -15.47 -25.00 76.79
N ALA M 165 -15.70 -25.99 77.69
CA ALA M 165 -16.73 -26.99 77.55
C ALA M 165 -18.14 -26.46 77.37
N ASP M 166 -18.54 -25.39 78.09
CA ASP M 166 -19.81 -24.73 77.90
C ASP M 166 -19.89 -23.92 76.59
N GLU M 167 -18.78 -23.30 76.12
CA GLU M 167 -18.74 -22.66 74.81
C GLU M 167 -18.82 -23.66 73.65
N ILE M 168 -18.23 -24.87 73.80
CA ILE M 168 -18.41 -25.96 72.84
C ILE M 168 -19.85 -26.46 72.87
N ARG M 169 -20.45 -26.65 74.06
CA ARG M 169 -21.86 -27.00 74.25
C ARG M 169 -22.81 -25.98 73.58
N LYS M 170 -22.56 -24.67 73.73
CA LYS M 170 -23.26 -23.59 73.03
C LYS M 170 -23.21 -23.72 71.51
N LEU M 171 -22.02 -23.99 70.93
CA LEU M 171 -21.86 -24.23 69.51
C LEU M 171 -22.53 -25.51 69.04
N ALA M 172 -22.53 -26.57 69.86
CA ALA M 172 -23.27 -27.79 69.58
C ALA M 172 -24.78 -27.59 69.47
N GLU M 173 -25.42 -26.82 70.39
CA GLU M 173 -26.85 -26.58 70.28
C GLU M 173 -27.20 -25.47 69.30
N GLU M 174 -26.17 -24.78 68.76
CA GLU M 174 -26.32 -23.89 67.62
C GLU M 174 -26.27 -24.67 66.32
N SER M 175 -25.43 -25.73 66.27
CA SER M 175 -25.38 -26.67 65.16
C SER M 175 -26.64 -27.52 65.06
N GLN M 176 -27.34 -27.78 66.17
CA GLN M 176 -28.67 -28.39 66.15
C GLN M 176 -29.76 -27.43 65.61
N GLN M 177 -29.60 -26.11 65.81
CA GLN M 177 -30.50 -25.11 65.24
C GLN M 177 -30.26 -24.94 63.75
N ALA M 178 -28.98 -24.94 63.32
CA ALA M 178 -28.59 -24.99 61.93
C ALA M 178 -29.08 -26.28 61.25
N SER M 179 -29.04 -27.42 61.96
CA SER M 179 -29.49 -28.71 61.44
C SER M 179 -30.99 -28.78 61.18
N GLU M 180 -31.86 -28.17 62.02
CA GLU M 180 -33.28 -28.12 61.71
C GLU M 180 -33.64 -27.08 60.65
N ASN M 181 -32.69 -26.21 60.25
CA ASN M 181 -32.91 -25.21 59.21
C ASN M 181 -32.42 -25.71 57.87
N VAL M 182 -31.27 -26.42 57.78
CA VAL M 182 -30.77 -27.06 56.56
C VAL M 182 -31.63 -28.26 56.16
N ARG M 183 -32.48 -28.74 57.10
CA ARG M 183 -33.45 -29.77 56.90
C ARG M 183 -34.69 -29.17 56.25
N ARG M 184 -35.17 -27.99 56.71
CA ARG M 184 -36.26 -27.29 56.04
C ARG M 184 -35.96 -26.96 54.56
N VAL M 185 -34.70 -26.61 54.22
CA VAL M 185 -34.27 -26.38 52.85
C VAL M 185 -34.14 -27.66 52.04
N VAL M 186 -33.60 -28.77 52.60
CA VAL M 186 -33.50 -30.02 51.85
C VAL M 186 -34.86 -30.69 51.63
N ASN M 187 -35.85 -30.40 52.50
CA ASN M 187 -37.20 -30.89 52.31
C ASN M 187 -37.96 -30.04 51.30
N GLU M 188 -37.63 -28.73 51.17
CA GLU M 188 -38.15 -27.95 50.05
C GLU M 188 -37.57 -28.45 48.73
N ILE M 189 -36.23 -28.62 48.61
CA ILE M 189 -35.57 -29.28 47.48
C ILE M 189 -36.10 -30.66 47.12
N ARG M 190 -36.39 -31.51 48.13
CA ARG M 190 -37.08 -32.78 47.97
C ARG M 190 -38.46 -32.60 47.34
N SER M 191 -39.30 -31.75 47.94
CA SER M 191 -40.66 -31.48 47.48
C SER M 191 -40.75 -30.95 46.07
N ILE M 192 -39.96 -29.93 45.71
CA ILE M 192 -39.84 -29.34 44.39
C ILE M 192 -39.35 -30.35 43.34
N ALA M 193 -38.72 -31.46 43.77
CA ALA M 193 -38.26 -32.56 42.96
C ALA M 193 -39.34 -33.63 42.81
N GLU M 194 -40.01 -34.05 43.91
CA GLU M 194 -41.07 -35.04 43.86
C GLU M 194 -42.31 -34.52 43.14
N ASP M 195 -42.79 -33.30 43.50
CA ASP M 195 -43.90 -32.63 42.83
C ASP M 195 -43.63 -32.23 41.39
N ALA M 196 -42.36 -32.28 40.90
CA ALA M 196 -42.06 -32.09 39.50
C ALA M 196 -42.26 -33.34 38.67
N GLY M 197 -42.16 -34.55 39.26
CA GLY M 197 -42.23 -35.79 38.48
C GLY M 197 -43.58 -36.11 37.91
N LYS M 198 -44.65 -35.57 38.52
CA LYS M 198 -45.98 -35.62 37.96
C LYS M 198 -46.17 -34.69 36.76
N VAL M 199 -45.38 -33.60 36.68
CA VAL M 199 -45.46 -32.68 35.55
C VAL M 199 -44.63 -33.18 34.38
N SER M 200 -43.47 -33.84 34.59
CA SER M 200 -42.71 -34.45 33.50
C SER M 200 -43.41 -35.65 32.88
N SER M 201 -44.23 -36.35 33.67
CA SER M 201 -45.00 -37.48 33.21
C SER M 201 -46.30 -37.09 32.51
N GLU M 202 -46.86 -35.88 32.78
CA GLU M 202 -48.00 -35.41 32.01
C GLU M 202 -47.54 -34.72 30.73
N ILE M 203 -46.45 -33.92 30.74
CA ILE M 203 -46.02 -33.24 29.52
C ILE M 203 -45.42 -34.18 28.51
N THR M 204 -44.76 -35.29 28.93
CA THR M 204 -44.21 -36.24 27.98
C THR M 204 -45.31 -37.08 27.36
N ALA M 205 -46.36 -37.44 28.13
CA ALA M 205 -47.53 -38.12 27.61
C ALA M 205 -48.35 -37.26 26.65
N ARG M 206 -48.55 -35.96 26.96
CA ARG M 206 -49.29 -35.07 26.10
C ARG M 206 -48.48 -34.54 24.92
N VAL M 207 -47.15 -34.73 24.91
CA VAL M 207 -46.32 -34.44 23.74
C VAL M 207 -46.49 -35.55 22.73
N GLU M 208 -46.59 -36.81 23.16
CA GLU M 208 -46.85 -37.94 22.28
C GLU M 208 -48.30 -37.90 21.78
N GLU M 209 -49.26 -37.61 22.67
CA GLU M 209 -50.67 -37.46 22.31
C GLU M 209 -50.92 -36.28 21.36
N GLY M 210 -50.12 -35.20 21.45
CA GLY M 210 -50.21 -34.07 20.54
C GLY M 210 -49.42 -34.23 19.26
N THR M 211 -48.32 -35.01 19.27
CA THR M 211 -47.51 -35.24 18.07
C THR M 211 -48.29 -36.03 17.04
N LYS M 212 -48.86 -37.20 17.40
CA LYS M 212 -49.60 -37.99 16.45
C LYS M 212 -50.95 -37.39 16.06
N LEU M 213 -51.59 -36.60 16.96
CA LEU M 213 -52.80 -35.86 16.60
C LEU M 213 -52.53 -34.71 15.64
N ALA M 214 -51.29 -34.17 15.59
CA ALA M 214 -50.93 -33.19 14.59
C ALA M 214 -50.74 -33.83 13.24
N ASP M 215 -50.07 -35.01 13.16
CA ASP M 215 -50.04 -35.81 11.96
C ASP M 215 -51.37 -36.50 11.59
N GLU M 216 -52.45 -36.29 12.35
CA GLU M 216 -53.79 -36.75 11.99
C GLU M 216 -54.50 -35.69 11.16
N ALA M 217 -54.30 -34.41 11.51
CA ALA M 217 -54.79 -33.29 10.74
C ALA M 217 -54.06 -33.16 9.40
N ASP M 218 -52.75 -33.46 9.36
CA ASP M 218 -51.95 -33.53 8.16
C ASP M 218 -52.45 -34.57 7.17
N GLU M 219 -52.93 -35.74 7.64
CA GLU M 219 -53.53 -36.74 6.77
C GLU M 219 -54.90 -36.30 6.24
N LYS M 220 -55.76 -35.70 7.09
CA LYS M 220 -57.03 -35.11 6.65
C LYS M 220 -56.86 -33.94 5.66
N LEU M 221 -55.83 -33.07 5.87
CA LEU M 221 -55.44 -32.02 4.95
C LEU M 221 -54.94 -32.54 3.62
N ASN M 222 -54.17 -33.66 3.61
CA ASN M 222 -53.74 -34.31 2.39
C ASN M 222 -54.93 -34.90 1.63
N SER M 223 -55.95 -35.40 2.34
CA SER M 223 -57.18 -35.87 1.71
C SER M 223 -58.00 -34.74 1.11
N ILE M 224 -57.98 -33.53 1.70
CA ILE M 224 -58.67 -32.38 1.11
C ILE M 224 -57.91 -31.85 -0.11
N VAL M 225 -56.55 -31.88 -0.10
CA VAL M 225 -55.72 -31.55 -1.27
C VAL M 225 -56.04 -32.44 -2.45
N GLY M 226 -56.10 -33.78 -2.21
CA GLY M 226 -56.45 -34.77 -3.22
C GLY M 226 -57.85 -34.61 -3.75
N ALA M 227 -58.85 -34.43 -2.87
CA ALA M 227 -60.21 -34.13 -3.25
C ALA M 227 -60.35 -32.84 -4.06
N VAL M 228 -59.72 -31.73 -3.61
CA VAL M 228 -59.71 -30.46 -4.32
C VAL M 228 -58.94 -30.57 -5.64
N GLU M 229 -57.90 -31.42 -5.74
CA GLU M 229 -57.20 -31.65 -6.99
C GLU M 229 -58.01 -32.50 -7.99
N ARG M 230 -59.07 -33.19 -7.52
CA ARG M 230 -60.07 -33.80 -8.37
C ARG M 230 -61.12 -32.79 -8.79
N ILE M 231 -61.51 -31.85 -7.90
CA ILE M 231 -62.39 -30.72 -8.26
C ILE M 231 -61.78 -29.89 -9.40
N ASN M 232 -60.49 -29.47 -9.31
CA ASN M 232 -59.79 -28.82 -10.41
C ASN M 232 -59.75 -29.65 -11.68
N GLU M 233 -59.45 -30.96 -11.59
CA GLU M 233 -59.45 -31.88 -12.72
C GLU M 233 -60.80 -32.04 -13.43
N MET M 234 -61.92 -31.98 -12.67
CA MET M 234 -63.27 -31.93 -13.21
C MET M 234 -63.57 -30.61 -13.90
N LEU M 235 -63.17 -29.46 -13.30
CA LEU M 235 -63.29 -28.14 -13.89
C LEU M 235 -62.49 -27.99 -15.19
N GLN M 236 -61.32 -28.64 -15.28
CA GLN M 236 -60.53 -28.74 -16.49
C GLN M 236 -61.23 -29.53 -17.59
N ASN M 237 -61.97 -30.61 -17.23
CA ASN M 237 -62.84 -31.33 -18.16
C ASN M 237 -64.03 -30.48 -18.65
N ILE M 238 -64.65 -29.68 -17.74
CA ILE M 238 -65.73 -28.78 -18.10
C ILE M 238 -65.29 -27.64 -19.00
N ALA M 239 -64.07 -27.11 -18.80
CA ALA M 239 -63.46 -26.08 -19.64
C ALA M 239 -63.28 -26.52 -21.08
N ALA M 240 -62.75 -27.73 -21.29
CA ALA M 240 -62.57 -28.37 -22.57
C ALA M 240 -63.89 -28.61 -23.28
N ALA M 241 -64.92 -29.08 -22.55
CA ALA M 241 -66.26 -29.27 -23.08
C ALA M 241 -66.93 -27.96 -23.49
N ILE M 242 -66.76 -26.88 -22.70
CA ILE M 242 -67.17 -25.52 -23.03
C ILE M 242 -66.47 -25.01 -24.29
N GLU M 243 -65.15 -25.25 -24.45
CA GLU M 243 -64.45 -24.89 -25.68
C GLU M 243 -64.99 -25.59 -26.92
N GLU M 244 -65.27 -26.92 -26.88
CA GLU M 244 -65.89 -27.64 -27.98
C GLU M 244 -67.32 -27.18 -28.25
N GLN M 245 -68.11 -26.84 -27.21
CA GLN M 245 -69.44 -26.26 -27.36
C GLN M 245 -69.40 -24.86 -27.98
N THR M 246 -68.35 -24.07 -27.68
CA THR M 246 -68.12 -22.71 -28.20
C THR M 246 -67.76 -22.74 -29.68
N ALA M 247 -66.96 -23.73 -30.10
CA ALA M 247 -66.66 -23.99 -31.49
C ALA M 247 -67.87 -24.53 -32.25
N ALA M 248 -68.60 -25.49 -31.66
CA ALA M 248 -69.81 -26.05 -32.24
C ALA M 248 -70.92 -25.03 -32.45
N VAL M 249 -71.17 -24.14 -31.47
CA VAL M 249 -72.14 -23.06 -31.58
C VAL M 249 -71.78 -22.06 -32.67
N ASP M 250 -70.47 -21.76 -32.87
CA ASP M 250 -70.01 -20.94 -33.98
C ASP M 250 -70.31 -21.59 -35.34
N GLU M 251 -69.86 -22.84 -35.60
CA GLU M 251 -70.15 -23.57 -36.83
C GLU M 251 -71.63 -23.78 -37.15
N ILE M 252 -72.50 -23.85 -36.11
CA ILE M 252 -73.97 -23.89 -36.24
C ILE M 252 -74.51 -22.53 -36.60
N THR M 253 -74.08 -21.46 -35.90
CA THR M 253 -74.48 -20.07 -36.15
C THR M 253 -74.09 -19.61 -37.55
N THR M 254 -73.00 -20.17 -38.10
CA THR M 254 -72.58 -19.93 -39.47
C THR M 254 -73.42 -20.75 -40.44
N ALA M 255 -73.69 -22.04 -40.15
CA ALA M 255 -74.58 -22.87 -40.95
C ALA M 255 -76.04 -22.40 -41.01
N MET M 256 -76.54 -21.73 -39.96
CA MET M 256 -77.86 -21.14 -39.99
C MET M 256 -77.87 -19.76 -40.63
N THR M 257 -76.72 -19.06 -40.68
CA THR M 257 -76.64 -17.82 -41.44
C THR M 257 -76.52 -18.08 -42.92
N GLU M 258 -75.81 -19.16 -43.33
CA GLU M 258 -75.85 -19.64 -44.70
C GLU M 258 -77.23 -20.16 -45.10
N ASN M 259 -77.97 -20.81 -44.18
CA ASN M 259 -79.34 -21.22 -44.47
C ASN M 259 -80.32 -20.06 -44.57
N ALA M 260 -80.19 -19.00 -43.74
CA ALA M 260 -81.02 -17.81 -43.87
C ALA M 260 -80.82 -17.06 -45.18
N LYS M 261 -79.58 -16.94 -45.69
CA LYS M 261 -79.29 -16.35 -46.98
C LYS M 261 -79.69 -17.20 -48.18
N ASN M 262 -79.84 -18.52 -48.00
CA ASN M 262 -80.22 -19.43 -49.06
C ASN M 262 -81.73 -19.67 -49.07
N ALA M 263 -82.42 -19.68 -47.90
CA ALA M 263 -83.87 -19.76 -47.84
C ALA M 263 -84.54 -18.49 -48.40
N GLU M 264 -83.89 -17.33 -48.21
CA GLU M 264 -84.27 -16.06 -48.79
C GLU M 264 -84.06 -16.09 -50.30
N GLU M 265 -82.90 -16.58 -50.78
CA GLU M 265 -82.67 -16.73 -52.21
C GLU M 265 -83.52 -17.82 -52.87
N ILE M 266 -83.98 -18.86 -52.14
CA ILE M 266 -84.95 -19.79 -52.69
C ILE M 266 -86.31 -19.11 -52.75
N THR M 267 -86.75 -18.39 -51.69
CA THR M 267 -88.00 -17.61 -51.70
C THR M 267 -88.04 -16.56 -52.81
N ASN M 268 -86.93 -15.83 -53.06
CA ASN M 268 -86.80 -14.90 -54.18
C ASN M 268 -86.73 -15.59 -55.54
N SER M 269 -86.10 -16.77 -55.64
CA SER M 269 -86.03 -17.52 -56.90
C SER M 269 -87.36 -18.14 -57.23
N VAL M 270 -88.11 -18.66 -56.23
CA VAL M 270 -89.49 -19.13 -56.38
C VAL M 270 -90.40 -17.99 -56.83
N LYS M 271 -90.27 -16.79 -56.22
CA LYS M 271 -91.00 -15.60 -56.65
C LYS M 271 -90.71 -15.19 -58.10
N GLU M 272 -89.43 -15.21 -58.55
CA GLU M 272 -89.08 -14.94 -59.94
C GLU M 272 -89.56 -16.02 -60.91
N VAL M 273 -89.52 -17.31 -60.53
CA VAL M 273 -90.06 -18.41 -61.33
C VAL M 273 -91.55 -18.27 -61.51
N ASN M 274 -92.32 -17.92 -60.46
CA ASN M 274 -93.75 -17.66 -60.57
C ASN M 274 -94.06 -16.51 -61.53
N ALA M 275 -93.27 -15.43 -61.51
CA ALA M 275 -93.43 -14.34 -62.46
C ALA M 275 -93.16 -14.76 -63.91
N ARG M 276 -92.03 -15.46 -64.18
CA ARG M 276 -91.74 -16.04 -65.48
C ARG M 276 -92.79 -17.03 -65.98
N LEU M 277 -93.44 -17.81 -65.08
CA LEU M 277 -94.56 -18.68 -65.41
C LEU M 277 -95.80 -17.89 -65.81
N GLN M 278 -96.11 -16.79 -65.09
CA GLN M 278 -97.19 -15.89 -65.50
C GLN M 278 -96.92 -15.14 -66.82
N GLU M 279 -95.65 -14.94 -67.21
CA GLU M 279 -95.33 -14.37 -68.52
C GLU M 279 -95.36 -15.41 -69.63
N ILE M 280 -95.07 -16.69 -69.35
CA ILE M 280 -95.30 -17.78 -70.31
C ILE M 280 -96.79 -17.99 -70.50
N SER M 281 -97.58 -17.98 -69.41
CA SER M 281 -99.04 -18.06 -69.39
C SER M 281 -99.73 -16.97 -70.18
N ALA M 282 -99.15 -15.75 -70.19
CA ALA M 282 -99.65 -14.67 -71.01
C ALA M 282 -99.42 -14.88 -72.50
N SER M 283 -98.18 -15.17 -72.92
CA SER M 283 -97.86 -15.48 -74.31
C SER M 283 -98.56 -16.73 -74.84
N THR M 284 -98.81 -17.73 -73.98
CA THR M 284 -99.55 -18.95 -74.32
C THR M 284 -101.03 -18.68 -74.54
N GLU M 285 -101.59 -17.65 -73.86
CA GLU M 285 -102.93 -17.16 -74.13
C GLU M 285 -103.00 -16.41 -75.46
N GLU M 286 -101.94 -15.68 -75.84
CA GLU M 286 -101.85 -15.09 -77.17
C GLU M 286 -101.71 -16.11 -78.31
N VAL M 287 -101.14 -17.31 -78.06
CA VAL M 287 -101.15 -18.37 -79.06
C VAL M 287 -102.52 -19.01 -79.17
N THR M 288 -103.24 -19.17 -78.03
CA THR M 288 -104.64 -19.65 -78.00
C THR M 288 -105.57 -18.73 -78.78
N SER M 289 -105.49 -17.40 -78.61
CA SER M 289 -106.32 -16.48 -79.37
C SER M 289 -106.09 -16.45 -80.87
N ARG M 290 -104.86 -16.77 -81.36
CA ARG M 290 -104.59 -16.77 -82.79
C ARG M 290 -104.66 -18.16 -83.41
N VAL M 291 -104.66 -19.27 -82.63
CA VAL M 291 -104.82 -20.58 -83.25
C VAL M 291 -106.28 -20.83 -83.62
N GLN M 292 -107.19 -20.00 -83.08
CA GLN M 292 -108.59 -19.94 -83.43
C GLN M 292 -108.84 -19.14 -84.72
N THR M 293 -108.29 -17.91 -84.83
CA THR M 293 -108.41 -17.06 -86.01
C THR M 293 -107.77 -17.58 -87.28
N ILE M 294 -106.90 -18.59 -87.17
CA ILE M 294 -106.31 -19.22 -88.34
C ILE M 294 -107.13 -20.45 -88.69
N ARG M 295 -107.62 -21.22 -87.70
CA ARG M 295 -108.47 -22.38 -87.97
C ARG M 295 -109.81 -22.00 -88.59
N GLU M 296 -110.46 -20.95 -88.10
CA GLU M 296 -111.70 -20.43 -88.66
C GLU M 296 -111.59 -19.96 -90.11
N ASN M 297 -110.51 -19.23 -90.45
CA ASN M 297 -110.26 -18.84 -91.83
C ASN M 297 -109.76 -19.98 -92.73
N VAL M 298 -109.23 -21.09 -92.15
CA VAL M 298 -108.90 -22.31 -92.88
C VAL M 298 -110.15 -23.12 -93.21
N GLN M 299 -111.22 -23.00 -92.39
CA GLN M 299 -112.55 -23.50 -92.69
C GLN M 299 -113.19 -22.74 -93.85
N MET M 300 -113.06 -21.41 -93.86
CA MET M 300 -113.47 -20.55 -94.96
C MET M 300 -112.79 -20.87 -96.29
N LEU M 301 -111.46 -21.10 -96.30
CA LEU M 301 -110.75 -21.54 -97.49
C LEU M 301 -111.22 -22.88 -98.03
N LYS M 302 -111.56 -23.84 -97.15
CA LYS M 302 -112.19 -25.09 -97.57
C LYS M 302 -113.59 -24.94 -98.17
N GLU M 303 -114.52 -24.24 -97.49
CA GLU M 303 -115.90 -24.08 -97.95
C GLU M 303 -116.09 -23.30 -99.26
N ILE M 304 -115.04 -22.59 -99.76
CA ILE M 304 -115.05 -21.95 -101.07
C ILE M 304 -114.48 -22.85 -102.15
N VAL M 305 -113.78 -23.94 -101.77
CA VAL M 305 -113.24 -24.91 -102.72
C VAL M 305 -114.28 -25.99 -102.92
N ALA M 306 -115.13 -26.22 -101.90
CA ALA M 306 -116.30 -27.08 -101.96
C ALA M 306 -117.31 -26.55 -102.99
N ARG M 307 -117.38 -25.21 -103.12
CA ARG M 307 -118.17 -24.52 -104.12
C ARG M 307 -117.44 -24.52 -105.48
N TYR M 308 -116.46 -23.63 -105.68
CA TYR M 308 -115.85 -23.28 -106.96
C TYR M 308 -115.20 -24.39 -107.79
N LYS M 309 -114.59 -25.43 -107.16
CA LYS M 309 -113.86 -26.51 -107.82
C LYS M 309 -114.55 -27.18 -109.04
N SER N 1 -113.71 -12.17 -109.97
CA SER N 1 -112.69 -13.04 -109.30
C SER N 1 -113.19 -13.70 -108.02
N HIS N 2 -112.75 -14.93 -107.72
CA HIS N 2 -113.16 -15.66 -106.52
C HIS N 2 -112.07 -15.60 -105.45
N MET N 3 -110.98 -14.87 -105.72
CA MET N 3 -109.88 -14.72 -104.79
C MET N 3 -109.79 -13.34 -104.18
N LYS N 4 -110.96 -12.70 -103.93
CA LYS N 4 -111.00 -11.39 -103.28
C LYS N 4 -110.94 -11.60 -101.77
N ASP N 5 -111.81 -12.47 -101.22
CA ASP N 5 -111.80 -12.78 -99.80
C ASP N 5 -110.57 -13.62 -99.43
N VAL N 6 -110.00 -14.33 -100.42
CA VAL N 6 -108.74 -15.03 -100.28
C VAL N 6 -107.55 -14.10 -100.13
N GLN N 7 -107.48 -12.99 -100.89
CA GLN N 7 -106.33 -12.11 -100.76
C GLN N 7 -106.39 -11.25 -99.52
N THR N 8 -107.59 -10.74 -99.16
CA THR N 8 -107.74 -9.89 -97.98
C THR N 8 -107.60 -10.64 -96.68
N GLU N 9 -107.79 -11.98 -96.66
CA GLU N 9 -107.52 -12.80 -95.50
C GLU N 9 -106.14 -13.50 -95.47
N THR N 10 -105.52 -13.87 -96.62
CA THR N 10 -104.20 -14.53 -96.64
C THR N 10 -103.01 -13.61 -96.42
N PHE N 11 -103.25 -12.31 -96.18
CA PHE N 11 -102.25 -11.40 -95.66
C PHE N 11 -102.38 -11.33 -94.15
N SER N 12 -103.62 -11.35 -93.63
CA SER N 12 -103.89 -11.17 -92.22
C SER N 12 -103.49 -12.37 -91.38
N VAL N 13 -103.74 -13.61 -91.85
CA VAL N 13 -103.36 -14.80 -91.10
C VAL N 13 -101.87 -15.08 -91.12
N ALA N 14 -101.09 -14.37 -91.96
CA ALA N 14 -99.65 -14.47 -91.98
C ALA N 14 -99.03 -13.41 -91.08
N GLU N 15 -99.77 -12.32 -90.80
CA GLU N 15 -99.39 -11.31 -89.84
C GLU N 15 -99.80 -11.74 -88.42
N SER N 16 -100.53 -12.86 -88.31
CA SER N 16 -100.94 -13.52 -87.08
C SER N 16 -99.96 -14.63 -86.76
N ILE N 17 -99.51 -15.39 -87.78
CA ILE N 17 -98.40 -16.34 -87.71
C ILE N 17 -97.13 -15.67 -87.16
N GLU N 18 -96.94 -14.39 -87.51
CA GLU N 18 -95.93 -13.50 -86.96
C GLU N 18 -96.06 -13.30 -85.44
N GLU N 19 -97.28 -13.09 -84.91
CA GLU N 19 -97.54 -12.88 -83.50
C GLU N 19 -97.36 -14.17 -82.71
N ILE N 20 -97.77 -15.31 -83.30
CA ILE N 20 -97.53 -16.66 -82.77
C ILE N 20 -96.02 -16.91 -82.63
N SER N 21 -95.25 -16.64 -83.70
CA SER N 21 -93.80 -16.74 -83.76
C SER N 21 -93.10 -15.96 -82.64
N LYS N 22 -93.51 -14.69 -82.43
CA LYS N 22 -93.06 -13.85 -81.32
C LYS N 22 -93.48 -14.41 -79.98
N ALA N 23 -94.74 -14.83 -79.79
CA ALA N 23 -95.16 -15.48 -78.55
C ALA N 23 -94.36 -16.75 -78.22
N ASN N 24 -94.07 -17.60 -79.22
CA ASN N 24 -93.18 -18.75 -79.11
C ASN N 24 -91.74 -18.38 -78.76
N GLU N 25 -91.26 -17.20 -79.20
CA GLU N 25 -89.95 -16.69 -78.88
C GLU N 25 -89.88 -16.17 -77.45
N GLU N 26 -90.94 -15.48 -76.97
CA GLU N 26 -91.06 -15.09 -75.57
C GLU N 26 -91.13 -16.29 -74.65
N ILE N 27 -91.93 -17.32 -75.01
CA ILE N 27 -91.97 -18.58 -74.25
C ILE N 27 -90.62 -19.28 -74.21
N THR N 28 -89.90 -19.37 -75.35
CA THR N 28 -88.56 -19.99 -75.39
C THR N 28 -87.53 -19.26 -74.54
N ASN N 29 -87.48 -17.91 -74.63
CA ASN N 29 -86.61 -17.07 -73.83
C ASN N 29 -86.84 -17.17 -72.32
N GLN N 30 -88.12 -17.14 -71.88
CA GLN N 30 -88.50 -17.33 -70.49
C GLN N 30 -88.18 -18.73 -69.97
N LEU N 31 -88.45 -19.78 -70.78
CA LEU N 31 -88.22 -21.19 -70.45
C LEU N 31 -86.78 -21.50 -70.07
N LEU N 32 -85.80 -20.93 -70.81
CA LEU N 32 -84.39 -21.10 -70.48
C LEU N 32 -83.98 -20.31 -69.23
N GLY N 33 -84.73 -19.26 -68.84
CA GLY N 33 -84.49 -18.54 -67.60
C GLY N 33 -85.05 -19.24 -66.40
N ILE N 34 -86.25 -19.85 -66.53
CA ILE N 34 -86.83 -20.73 -65.52
C ILE N 34 -85.90 -21.89 -65.20
N SER N 35 -85.36 -22.54 -66.26
CA SER N 35 -84.41 -23.65 -66.16
C SER N 35 -83.17 -23.29 -65.34
N LYS N 36 -82.58 -22.11 -65.62
CA LYS N 36 -81.49 -21.53 -64.85
C LYS N 36 -81.85 -21.25 -63.41
N GLU N 37 -82.95 -20.50 -63.12
CA GLU N 37 -83.36 -20.25 -61.74
C GLU N 37 -83.69 -21.53 -60.97
N MET N 38 -84.27 -22.54 -61.65
CA MET N 38 -84.55 -23.86 -61.12
C MET N 38 -83.32 -24.63 -60.68
N ASP N 39 -82.30 -24.72 -61.56
CA ASP N 39 -81.02 -25.35 -61.28
C ASP N 39 -80.18 -24.65 -60.20
N ASN N 40 -80.53 -23.41 -59.82
CA ASN N 40 -79.92 -22.71 -58.71
C ASN N 40 -80.59 -23.13 -57.40
N ILE N 41 -81.90 -23.46 -57.41
CA ILE N 41 -82.58 -24.01 -56.23
C ILE N 41 -82.01 -25.38 -55.86
N SER N 42 -81.65 -26.22 -56.86
CA SER N 42 -80.94 -27.48 -56.63
C SER N 42 -79.65 -27.37 -55.85
N THR N 43 -78.75 -26.45 -56.27
CA THR N 43 -77.50 -26.14 -55.57
C THR N 43 -77.74 -25.70 -54.13
N ARG N 44 -78.61 -24.69 -53.96
CA ARG N 44 -78.99 -24.14 -52.66
C ARG N 44 -79.65 -25.13 -51.72
N ILE N 45 -80.58 -26.01 -52.19
CA ILE N 45 -81.18 -27.05 -51.38
C ILE N 45 -80.18 -28.09 -50.91
N GLU N 46 -79.27 -28.54 -51.80
CA GLU N 46 -78.16 -29.41 -51.47
C GLU N 46 -77.22 -28.80 -50.42
N SER N 47 -76.89 -27.50 -50.51
CA SER N 47 -76.13 -26.79 -49.48
C SER N 47 -76.82 -26.68 -48.13
N ILE N 48 -78.16 -26.48 -48.12
CA ILE N 48 -78.98 -26.45 -46.91
C ILE N 48 -79.03 -27.83 -46.29
N SER N 49 -79.20 -28.89 -47.10
CA SER N 49 -79.22 -30.27 -46.63
C SER N 49 -77.92 -30.68 -45.94
N ALA N 50 -76.75 -30.30 -46.53
CA ALA N 50 -75.44 -30.45 -45.93
C ALA N 50 -75.32 -29.74 -44.59
N SER N 51 -75.69 -28.44 -44.53
CA SER N 51 -75.73 -27.63 -43.32
C SER N 51 -76.58 -28.22 -42.21
N VAL N 52 -77.76 -28.79 -42.54
CA VAL N 52 -78.64 -29.52 -41.62
C VAL N 52 -77.99 -30.77 -41.05
N GLN N 53 -77.32 -31.60 -41.89
CA GLN N 53 -76.63 -32.80 -41.44
C GLN N 53 -75.44 -32.48 -40.54
N GLU N 54 -74.65 -31.45 -40.89
CA GLU N 54 -73.58 -30.89 -40.09
C GLU N 54 -74.03 -30.25 -38.78
N THR N 55 -75.16 -29.50 -38.80
CA THR N 55 -75.78 -28.93 -37.60
C THR N 55 -76.26 -30.01 -36.67
N THR N 56 -76.92 -31.06 -37.19
CA THR N 56 -77.34 -32.24 -36.42
C THR N 56 -76.16 -32.92 -35.74
N ALA N 57 -75.05 -33.11 -36.49
CA ALA N 57 -73.80 -33.66 -36.00
C ALA N 57 -73.16 -32.81 -34.91
N GLY N 58 -73.11 -31.48 -35.11
CA GLY N 58 -72.67 -30.49 -34.13
C GLY N 58 -73.50 -30.49 -32.86
N SER N 59 -74.84 -30.52 -33.02
CA SER N 59 -75.84 -30.58 -31.95
C SER N 59 -75.80 -31.89 -31.17
N GLU N 60 -75.27 -32.96 -31.78
CA GLU N 60 -75.00 -34.21 -31.11
C GLU N 60 -73.79 -34.06 -30.22
N GLU N 61 -72.63 -33.58 -30.74
CA GLU N 61 -71.46 -33.34 -29.91
C GLU N 61 -71.67 -32.33 -28.76
N ILE N 62 -72.61 -31.37 -28.92
CA ILE N 62 -73.08 -30.46 -27.87
C ILE N 62 -73.77 -31.20 -26.74
N SER N 63 -74.58 -32.24 -27.05
CA SER N 63 -75.26 -33.07 -26.07
C SER N 63 -74.28 -33.96 -25.32
N SER N 64 -73.31 -34.56 -26.04
CA SER N 64 -72.22 -35.34 -25.47
C SER N 64 -71.42 -34.55 -24.46
N ALA N 65 -71.05 -33.29 -24.82
CA ALA N 65 -70.42 -32.33 -23.93
C ALA N 65 -71.27 -31.93 -22.72
N THR N 66 -72.57 -31.63 -22.89
CA THR N 66 -73.53 -31.31 -21.82
C THR N 66 -73.63 -32.43 -20.80
N LYS N 67 -73.67 -33.70 -21.27
CA LYS N 67 -73.63 -34.87 -20.42
C LYS N 67 -72.31 -35.04 -19.69
N ASN N 68 -71.17 -34.81 -20.37
CA ASN N 68 -69.84 -34.78 -19.76
C ASN N 68 -69.73 -33.74 -18.64
N ILE N 69 -70.30 -32.52 -18.85
CA ILE N 69 -70.35 -31.47 -17.82
C ILE N 69 -71.28 -31.83 -16.68
N ALA N 70 -72.47 -32.40 -16.95
CA ALA N 70 -73.42 -32.83 -15.93
C ALA N 70 -72.89 -33.92 -14.98
N ASP N 71 -72.14 -34.88 -15.54
CA ASP N 71 -71.46 -35.95 -14.84
C ASP N 71 -70.32 -35.38 -14.00
N SER N 72 -69.44 -34.57 -14.62
CA SER N 72 -68.33 -33.89 -13.95
C SER N 72 -68.78 -33.02 -12.78
N ALA N 73 -69.87 -32.24 -12.96
CA ALA N 73 -70.45 -31.38 -11.94
C ALA N 73 -70.97 -32.14 -10.73
N GLN N 74 -71.83 -33.16 -10.92
CA GLN N 74 -72.31 -34.07 -9.87
C GLN N 74 -71.21 -34.62 -8.96
N GLN N 75 -70.18 -35.23 -9.57
CA GLN N 75 -69.00 -35.73 -8.91
C GLN N 75 -68.20 -34.65 -8.18
N ALA N 76 -67.89 -33.51 -8.84
CA ALA N 76 -67.18 -32.39 -8.22
C ALA N 76 -67.92 -31.76 -7.05
N ALA N 77 -69.26 -31.76 -7.10
CA ALA N 77 -70.17 -31.33 -6.05
C ALA N 77 -70.09 -32.25 -4.84
N SER N 78 -69.93 -33.58 -5.05
CA SER N 78 -69.76 -34.54 -3.97
C SER N 78 -68.44 -34.31 -3.26
N PHE N 79 -67.31 -34.21 -4.01
CA PHE N 79 -66.03 -33.82 -3.44
C PHE N 79 -66.03 -32.48 -2.70
N ALA N 80 -66.75 -31.44 -3.18
CA ALA N 80 -66.86 -30.18 -2.46
C ALA N 80 -67.65 -30.21 -1.14
N ASP N 81 -68.73 -31.00 -1.06
CA ASP N 81 -69.47 -31.24 0.16
C ASP N 81 -68.70 -32.12 1.16
N GLN N 82 -68.14 -33.25 0.67
CA GLN N 82 -67.32 -34.16 1.44
C GLN N 82 -66.04 -33.55 1.97
N SER N 83 -65.40 -32.62 1.22
CA SER N 83 -64.22 -31.90 1.69
C SER N 83 -64.54 -30.90 2.77
N THR N 84 -65.63 -30.10 2.60
CA THR N 84 -66.07 -29.13 3.59
C THR N 84 -66.50 -29.81 4.90
N GLN N 85 -67.13 -31.00 4.82
CA GLN N 85 -67.47 -31.80 5.99
C GLN N 85 -66.24 -32.38 6.72
N LEU N 86 -65.19 -32.76 5.96
CA LEU N 86 -63.92 -33.25 6.46
C LEU N 86 -63.05 -32.15 7.06
N ALA N 87 -63.39 -30.88 6.78
CA ALA N 87 -62.74 -29.73 7.33
C ALA N 87 -63.33 -29.36 8.69
N LYS N 88 -64.50 -29.92 9.04
CA LYS N 88 -65.10 -29.73 10.35
C LYS N 88 -64.37 -30.58 11.39
N GLU N 89 -64.10 -31.87 11.08
CA GLU N 89 -63.31 -32.74 11.93
C GLU N 89 -61.82 -32.39 11.87
N ALA N 90 -61.26 -32.04 10.68
CA ALA N 90 -59.92 -31.50 10.57
C ALA N 90 -59.67 -30.24 11.40
N GLY N 91 -60.69 -29.36 11.55
CA GLY N 91 -60.55 -28.16 12.36
C GLY N 91 -60.84 -28.40 13.81
N ASP N 92 -61.67 -29.42 14.17
CA ASP N 92 -61.86 -29.87 15.55
C ASP N 92 -60.54 -30.40 16.10
N ALA N 93 -59.90 -31.32 15.37
CA ALA N 93 -58.58 -31.83 15.65
C ALA N 93 -57.46 -30.79 15.65
N LEU N 94 -57.65 -29.59 15.06
CA LEU N 94 -56.62 -28.55 15.08
C LEU N 94 -56.84 -27.59 16.23
N LYS N 95 -58.10 -27.35 16.64
CA LYS N 95 -58.44 -26.66 17.87
C LYS N 95 -58.22 -27.52 19.11
N LYS N 96 -57.78 -28.78 18.93
CA LYS N 96 -57.26 -29.63 19.98
C LYS N 96 -55.74 -29.70 19.98
N VAL N 97 -55.06 -29.56 18.83
CA VAL N 97 -53.59 -29.56 18.77
C VAL N 97 -53.04 -28.25 19.34
N ILE N 98 -53.76 -27.13 19.13
CA ILE N 98 -53.48 -25.85 19.75
C ILE N 98 -53.75 -25.87 21.25
N GLU N 99 -54.73 -26.67 21.72
CA GLU N 99 -55.04 -26.83 23.12
C GLU N 99 -54.03 -27.75 23.82
N VAL N 100 -53.47 -28.77 23.13
CA VAL N 100 -52.32 -29.51 23.65
C VAL N 100 -51.09 -28.60 23.70
N THR N 101 -50.87 -27.78 22.66
CA THR N 101 -49.79 -26.79 22.59
C THR N 101 -49.79 -25.78 23.74
N ARG N 102 -50.89 -25.07 24.00
CA ARG N 102 -50.99 -24.18 25.16
C ARG N 102 -50.89 -24.86 26.52
N MET N 103 -51.26 -26.16 26.64
CA MET N 103 -51.12 -26.91 27.88
C MET N 103 -49.69 -27.25 28.22
N ILE N 104 -48.89 -27.70 27.24
CA ILE N 104 -47.46 -27.94 27.41
C ILE N 104 -46.70 -26.63 27.57
N SER N 105 -47.17 -25.53 26.95
CA SER N 105 -46.61 -24.20 27.13
C SER N 105 -46.83 -23.64 28.53
N ASN N 106 -48.04 -23.82 29.11
CA ASN N 106 -48.30 -23.34 30.45
C ASN N 106 -47.74 -24.27 31.52
N SER N 107 -47.68 -25.60 31.25
CA SER N 107 -46.99 -26.55 32.11
C SER N 107 -45.48 -26.43 32.11
N ALA N 108 -44.87 -25.91 31.03
CA ALA N 108 -43.44 -25.66 30.98
C ALA N 108 -43.06 -24.40 31.73
N LYS N 109 -43.99 -23.43 31.86
CA LYS N 109 -43.80 -22.25 32.69
C LYS N 109 -43.78 -22.62 34.17
N ASP N 110 -44.56 -23.64 34.57
CA ASP N 110 -44.50 -24.28 35.88
C ASP N 110 -43.17 -24.99 36.14
N VAL N 111 -42.50 -25.52 35.09
CA VAL N 111 -41.14 -26.06 35.17
C VAL N 111 -40.09 -24.95 35.29
N GLU N 112 -40.24 -23.79 34.62
CA GLU N 112 -39.35 -22.64 34.78
C GLU N 112 -39.34 -22.08 36.22
N ARG N 113 -40.50 -22.11 36.88
CA ARG N 113 -40.69 -21.81 38.30
C ARG N 113 -39.92 -22.78 39.18
N VAL N 114 -40.02 -24.09 38.90
CA VAL N 114 -39.26 -25.13 39.58
C VAL N 114 -37.76 -24.98 39.37
N VAL N 115 -37.27 -24.86 38.11
CA VAL N 115 -35.84 -24.69 37.84
C VAL N 115 -35.19 -23.48 38.52
N GLU N 116 -35.96 -22.36 38.69
CA GLU N 116 -35.48 -21.21 39.44
C GLU N 116 -35.49 -21.47 40.94
N SER N 117 -36.52 -22.16 41.45
CA SER N 117 -36.63 -22.57 42.86
C SER N 117 -35.57 -23.58 43.28
N PHE N 118 -35.03 -24.38 42.33
CA PHE N 118 -33.87 -25.22 42.55
C PHE N 118 -32.62 -24.39 42.67
N GLN N 119 -32.40 -23.43 41.74
CA GLN N 119 -31.26 -22.53 41.79
C GLN N 119 -31.23 -21.67 43.06
N LYS N 120 -32.37 -21.07 43.47
CA LYS N 120 -32.47 -20.33 44.72
C LYS N 120 -32.35 -21.19 45.98
N GLY N 121 -32.93 -22.41 45.99
CA GLY N 121 -32.87 -23.35 47.10
C GLY N 121 -31.50 -23.97 47.28
N ALA N 122 -30.67 -23.92 46.23
CA ALA N 122 -29.32 -24.43 46.25
C ALA N 122 -28.33 -23.33 46.64
N GLU N 123 -28.72 -22.05 46.50
CA GLU N 123 -27.94 -20.97 47.07
C GLU N 123 -28.26 -20.82 48.56
N GLU N 124 -29.50 -21.15 48.99
CA GLU N 124 -29.82 -21.13 50.41
C GLU N 124 -29.18 -22.30 51.15
N ILE N 125 -29.13 -23.51 50.54
CA ILE N 125 -28.48 -24.65 51.15
C ILE N 125 -26.96 -24.51 51.18
N THR N 126 -26.36 -23.74 50.24
CA THR N 126 -24.93 -23.45 50.25
C THR N 126 -24.55 -22.53 51.41
N SER N 127 -25.43 -21.59 51.82
CA SER N 127 -25.20 -20.80 53.02
C SER N 127 -25.23 -21.60 54.30
N PHE N 128 -25.99 -22.70 54.35
CA PHE N 128 -25.94 -23.65 55.45
C PHE N 128 -24.73 -24.55 55.42
N VAL N 129 -24.11 -24.81 54.25
CA VAL N 129 -22.84 -25.51 54.17
C VAL N 129 -21.75 -24.62 54.75
N GLU N 130 -21.73 -23.34 54.34
CA GLU N 130 -20.85 -22.32 54.91
C GLU N 130 -20.96 -22.18 56.43
N THR N 131 -22.20 -22.06 56.98
CA THR N 131 -22.47 -22.05 58.43
C THR N 131 -21.99 -23.29 59.17
N ILE N 132 -22.34 -24.51 58.71
CA ILE N 132 -21.97 -25.78 59.36
C ILE N 132 -20.46 -25.97 59.39
N ASN N 133 -19.75 -25.70 58.27
CA ASN N 133 -18.30 -25.69 58.20
C ASN N 133 -17.71 -24.73 59.24
N ALA N 134 -18.17 -23.45 59.27
CA ALA N 134 -17.78 -22.44 60.23
C ALA N 134 -17.86 -22.86 61.69
N ILE N 135 -19.06 -23.31 62.15
CA ILE N 135 -19.27 -23.82 63.50
C ILE N 135 -18.39 -25.03 63.83
N ALA N 136 -18.28 -26.00 62.91
CA ALA N 136 -17.42 -27.15 63.06
C ALA N 136 -15.92 -26.84 63.12
N GLU N 137 -15.44 -25.88 62.30
CA GLU N 137 -14.04 -25.46 62.31
C GLU N 137 -13.66 -24.64 63.53
N GLN N 138 -14.63 -23.94 64.14
CA GLN N 138 -14.44 -23.30 65.42
C GLN N 138 -14.49 -24.31 66.55
N THR N 139 -15.43 -25.27 66.51
CA THR N 139 -15.51 -26.38 67.48
C THR N 139 -14.20 -27.16 67.55
N ASN N 140 -13.57 -27.43 66.38
CA ASN N 140 -12.26 -28.02 66.22
C ASN N 140 -11.18 -27.19 66.92
N LEU N 141 -11.08 -25.88 66.59
CA LEU N 141 -10.12 -24.96 67.18
C LEU N 141 -10.26 -24.77 68.69
N LEU N 142 -11.49 -24.70 69.24
CA LEU N 142 -11.75 -24.67 70.67
C LEU N 142 -11.31 -25.96 71.36
N ALA N 143 -11.60 -27.13 70.77
CA ALA N 143 -11.15 -28.40 71.31
C ALA N 143 -9.63 -28.59 71.28
N LEU N 144 -8.95 -28.02 70.28
CA LEU N 144 -7.49 -27.97 70.21
C LEU N 144 -6.90 -27.07 71.29
N ASN N 145 -7.50 -25.88 71.54
CA ASN N 145 -7.10 -25.00 72.64
C ASN N 145 -7.23 -25.63 74.02
N ALA N 146 -8.24 -26.50 74.25
CA ALA N 146 -8.30 -27.26 75.47
C ALA N 146 -7.30 -28.40 75.53
N ALA N 147 -7.08 -29.13 74.40
CA ALA N 147 -6.16 -30.24 74.35
C ALA N 147 -4.70 -29.85 74.52
N ILE N 148 -4.27 -28.76 73.85
CA ILE N 148 -2.93 -28.18 73.90
C ILE N 148 -2.49 -27.67 75.27
N GLU N 149 -3.35 -27.76 76.31
CA GLU N 149 -2.97 -27.41 77.66
C GLU N 149 -3.51 -28.38 78.69
N ALA N 150 -4.62 -29.10 78.46
CA ALA N 150 -5.08 -30.13 79.38
C ALA N 150 -4.11 -31.31 79.48
N ALA N 151 -3.41 -31.65 78.37
CA ALA N 151 -2.34 -32.62 78.35
C ALA N 151 -1.08 -32.19 79.11
N ARG N 152 -0.96 -30.87 79.37
CA ARG N 152 0.15 -30.25 80.05
C ARG N 152 -0.24 -29.88 81.48
N ALA N 153 -1.42 -30.33 81.93
CA ALA N 153 -1.97 -30.06 83.24
C ALA N 153 -1.96 -31.30 84.13
N GLY N 154 -1.02 -32.24 83.86
CA GLY N 154 -0.81 -33.46 84.63
C GLY N 154 -2.01 -34.36 84.85
N GLU N 155 -2.00 -35.08 85.99
CA GLU N 155 -3.04 -36.01 86.38
C GLU N 155 -4.41 -35.36 86.54
N ALA N 156 -4.46 -34.13 87.09
CA ALA N 156 -5.65 -33.34 87.25
C ALA N 156 -6.40 -33.03 85.95
N GLY N 157 -5.66 -32.74 84.85
CA GLY N 157 -6.27 -32.46 83.56
C GLY N 157 -6.67 -33.67 82.75
N ARG N 158 -6.27 -34.88 83.17
CA ARG N 158 -6.44 -36.16 82.48
C ARG N 158 -7.66 -36.38 81.62
N GLY N 159 -8.85 -36.49 82.25
CA GLY N 159 -10.11 -36.80 81.60
C GLY N 159 -10.69 -35.66 80.80
N PHE N 160 -10.15 -34.45 80.99
CA PHE N 160 -10.49 -33.29 80.17
C PHE N 160 -9.60 -33.29 78.94
N ALA N 161 -8.38 -33.85 79.03
CA ALA N 161 -7.51 -34.05 77.88
C ALA N 161 -7.95 -35.21 77.00
N VAL N 162 -8.69 -36.19 77.56
CA VAL N 162 -9.31 -37.29 76.81
C VAL N 162 -10.47 -36.76 75.99
N VAL N 163 -11.37 -35.99 76.62
CA VAL N 163 -12.56 -35.46 75.96
C VAL N 163 -12.21 -34.43 74.89
N ALA N 164 -11.29 -33.48 75.16
CA ALA N 164 -10.80 -32.52 74.18
C ALA N 164 -10.29 -33.14 72.87
N ASP N 165 -9.47 -34.21 72.97
CA ASP N 165 -9.04 -35.04 71.86
C ASP N 165 -10.21 -35.61 71.06
N GLU N 166 -11.12 -36.37 71.72
CA GLU N 166 -12.25 -36.95 71.03
C GLU N 166 -13.29 -35.95 70.50
N ILE N 167 -13.38 -34.71 71.04
CA ILE N 167 -14.11 -33.59 70.45
C ILE N 167 -13.41 -33.08 69.21
N ARG N 168 -12.07 -32.87 69.25
CA ARG N 168 -11.25 -32.49 68.09
C ARG N 168 -11.46 -33.47 66.93
N LYS N 169 -11.36 -34.78 67.22
CA LYS N 169 -11.67 -35.85 66.29
C LYS N 169 -13.13 -35.86 65.81
N LEU N 170 -14.12 -35.70 66.73
CA LEU N 170 -15.54 -35.58 66.39
C LEU N 170 -15.87 -34.40 65.49
N ALA N 171 -15.26 -33.22 65.75
CA ALA N 171 -15.44 -32.04 64.95
C ALA N 171 -14.91 -32.19 63.53
N GLU N 172 -13.89 -33.05 63.33
CA GLU N 172 -13.39 -33.39 62.01
C GLU N 172 -14.30 -34.38 61.27
N GLU N 173 -15.22 -35.06 61.99
CA GLU N 173 -16.29 -35.81 61.35
C GLU N 173 -17.41 -34.92 60.90
N SER N 174 -17.73 -33.83 61.65
CA SER N 174 -18.68 -32.81 61.23
C SER N 174 -18.22 -32.06 59.98
N GLN N 175 -16.91 -31.75 59.89
CA GLN N 175 -16.29 -31.13 58.73
C GLN N 175 -16.37 -32.04 57.49
N GLN N 176 -16.12 -33.35 57.68
CA GLN N 176 -16.26 -34.39 56.67
C GLN N 176 -17.65 -34.47 56.06
N ALA N 177 -18.69 -34.57 56.90
CA ALA N 177 -20.08 -34.59 56.52
C ALA N 177 -20.53 -33.36 55.74
N SER N 178 -20.07 -32.16 56.15
CA SER N 178 -20.29 -30.90 55.45
C SER N 178 -19.64 -30.86 54.06
N GLU N 179 -18.43 -31.45 53.92
CA GLU N 179 -17.74 -31.63 52.65
C GLU N 179 -18.44 -32.66 51.76
N ASN N 180 -19.17 -33.65 52.33
CA ASN N 180 -19.96 -34.58 51.56
C ASN N 180 -21.28 -33.95 51.11
N VAL N 181 -21.85 -33.02 51.91
CA VAL N 181 -22.99 -32.22 51.50
C VAL N 181 -22.59 -31.22 50.44
N ARG N 182 -21.44 -30.54 50.58
CA ARG N 182 -20.86 -29.64 49.59
C ARG N 182 -20.63 -30.31 48.24
N ARG N 183 -20.13 -31.55 48.23
CA ARG N 183 -19.95 -32.34 47.03
C ARG N 183 -21.26 -32.64 46.29
N VAL N 184 -22.33 -33.07 47.00
CA VAL N 184 -23.64 -33.28 46.38
C VAL N 184 -24.36 -31.97 46.05
N VAL N 185 -24.24 -30.91 46.87
CA VAL N 185 -24.83 -29.59 46.63
C VAL N 185 -24.27 -28.94 45.37
N ASN N 186 -22.94 -28.99 45.16
CA ASN N 186 -22.27 -28.52 43.96
C ASN N 186 -22.74 -29.25 42.71
N GLU N 187 -22.87 -30.59 42.78
CA GLU N 187 -23.45 -31.39 41.69
C GLU N 187 -24.88 -30.98 41.35
N ILE N 188 -25.72 -30.74 42.38
CA ILE N 188 -27.10 -30.28 42.20
C ILE N 188 -27.19 -28.86 41.67
N ARG N 189 -26.31 -27.96 42.16
CA ARG N 189 -26.18 -26.61 41.69
C ARG N 189 -25.79 -26.49 40.24
N SER N 190 -24.77 -27.24 39.78
CA SER N 190 -24.40 -27.28 38.38
C SER N 190 -25.37 -28.00 37.46
N ILE N 191 -26.20 -28.96 37.96
CA ILE N 191 -27.33 -29.53 37.24
C ILE N 191 -28.48 -28.54 37.10
N ALA N 192 -28.71 -27.70 38.13
CA ALA N 192 -29.70 -26.63 38.12
C ALA N 192 -29.51 -25.63 36.98
N GLU N 193 -28.28 -25.11 36.81
CA GLU N 193 -27.90 -24.24 35.71
C GLU N 193 -28.01 -24.89 34.32
N ASP N 194 -27.66 -26.20 34.22
CA ASP N 194 -27.75 -27.00 33.00
C ASP N 194 -29.19 -27.26 32.59
N ALA N 195 -30.09 -27.42 33.59
CA ALA N 195 -31.51 -27.58 33.39
C ALA N 195 -32.19 -26.31 32.88
N GLY N 196 -31.57 -25.13 33.13
CA GLY N 196 -31.97 -23.83 32.61
C GLY N 196 -32.33 -23.73 31.15
N LYS N 197 -31.44 -24.18 30.24
CA LYS N 197 -31.69 -24.18 28.80
C LYS N 197 -32.90 -25.00 28.39
N VAL N 198 -32.87 -26.33 28.64
CA VAL N 198 -33.94 -27.28 28.31
C VAL N 198 -35.34 -26.87 28.76
N SER N 199 -35.43 -26.21 29.93
CA SER N 199 -36.64 -25.65 30.50
C SER N 199 -37.22 -24.50 29.70
N SER N 200 -36.39 -23.48 29.44
CA SER N 200 -36.84 -22.23 28.84
C SER N 200 -36.79 -22.25 27.32
N GLU N 201 -36.02 -23.17 26.72
CA GLU N 201 -36.10 -23.43 25.29
C GLU N 201 -37.43 -24.08 24.87
N ILE N 202 -38.24 -24.59 25.83
CA ILE N 202 -39.59 -25.07 25.53
C ILE N 202 -40.51 -23.87 25.39
N THR N 203 -40.65 -23.02 26.42
CA THR N 203 -41.52 -21.85 26.39
C THR N 203 -41.19 -20.81 25.32
N ALA N 204 -39.94 -20.81 24.80
CA ALA N 204 -39.58 -20.05 23.62
C ALA N 204 -40.01 -20.70 22.31
N ARG N 205 -39.75 -22.01 22.10
CA ARG N 205 -40.07 -22.66 20.83
C ARG N 205 -41.55 -23.02 20.69
N VAL N 206 -42.30 -23.09 21.79
CA VAL N 206 -43.73 -23.33 21.79
C VAL N 206 -44.52 -22.08 21.43
N GLU N 207 -43.94 -20.88 21.70
CA GLU N 207 -44.49 -19.59 21.35
C GLU N 207 -44.66 -19.46 19.84
N GLU N 208 -43.62 -19.80 19.06
CA GLU N 208 -43.68 -19.77 17.60
C GLU N 208 -44.35 -21.01 16.99
N GLY N 209 -44.61 -22.06 17.78
CA GLY N 209 -45.45 -23.19 17.38
C GLY N 209 -46.91 -22.88 17.55
N THR N 210 -47.25 -22.09 18.59
CA THR N 210 -48.60 -21.57 18.86
C THR N 210 -49.01 -20.60 17.77
N LYS N 211 -48.05 -19.84 17.20
CA LYS N 211 -48.27 -18.95 16.07
C LYS N 211 -48.58 -19.73 14.82
N LEU N 212 -47.78 -20.76 14.46
CA LEU N 212 -48.02 -21.61 13.30
C LEU N 212 -49.35 -22.36 13.37
N ALA N 213 -49.76 -22.85 14.56
CA ALA N 213 -51.06 -23.47 14.74
C ALA N 213 -52.25 -22.51 14.66
N ASP N 214 -52.08 -21.24 15.08
CA ASP N 214 -53.12 -20.23 14.95
C ASP N 214 -53.21 -19.70 13.52
N GLU N 215 -52.09 -19.69 12.80
CA GLU N 215 -52.03 -19.36 11.39
C GLU N 215 -52.59 -20.46 10.51
N ALA N 216 -52.35 -21.74 10.86
CA ALA N 216 -52.99 -22.84 10.15
C ALA N 216 -54.47 -22.97 10.44
N ASP N 217 -54.96 -22.47 11.60
CA ASP N 217 -56.37 -22.36 11.91
C ASP N 217 -57.12 -21.46 10.92
N GLU N 218 -56.71 -20.17 10.82
CA GLU N 218 -57.29 -19.22 9.88
C GLU N 218 -57.15 -19.61 8.42
N LYS N 219 -56.01 -20.21 8.03
CA LYS N 219 -55.83 -20.77 6.70
C LYS N 219 -56.68 -22.01 6.40
N LEU N 220 -57.30 -22.67 7.41
CA LEU N 220 -58.21 -23.78 7.18
C LEU N 220 -59.65 -23.29 7.22
N ASN N 221 -59.94 -22.23 8.00
CA ASN N 221 -61.26 -21.61 8.04
C ASN N 221 -61.47 -20.72 6.80
N SER N 222 -60.36 -20.37 6.12
CA SER N 222 -60.41 -19.76 4.79
C SER N 222 -60.80 -20.74 3.70
N ILE N 223 -60.71 -22.07 3.95
CA ILE N 223 -61.07 -23.08 2.96
C ILE N 223 -62.56 -23.38 3.05
N VAL N 224 -63.17 -23.40 4.26
CA VAL N 224 -64.60 -23.64 4.41
C VAL N 224 -65.50 -22.55 3.84
N GLY N 225 -64.95 -21.34 3.59
CA GLY N 225 -65.64 -20.31 2.83
C GLY N 225 -65.42 -20.47 1.35
N ALA N 226 -64.19 -20.78 0.94
CA ALA N 226 -63.81 -20.97 -0.46
C ALA N 226 -64.50 -22.15 -1.13
N VAL N 227 -64.64 -23.28 -0.45
CA VAL N 227 -65.31 -24.46 -0.99
C VAL N 227 -66.83 -24.32 -0.87
N GLU N 228 -67.33 -23.34 -0.09
CA GLU N 228 -68.73 -22.98 -0.10
C GLU N 228 -69.03 -22.08 -1.30
N ARG N 229 -68.08 -21.23 -1.71
CA ARG N 229 -68.21 -20.46 -2.94
C ARG N 229 -68.16 -21.34 -4.19
N ILE N 230 -67.40 -22.47 -4.17
CA ILE N 230 -67.42 -23.49 -5.22
C ILE N 230 -68.77 -24.19 -5.33
N ASN N 231 -69.43 -24.55 -4.21
CA ASN N 231 -70.76 -25.15 -4.24
C ASN N 231 -71.81 -24.20 -4.84
N GLU N 232 -71.80 -22.90 -4.49
CA GLU N 232 -72.67 -21.91 -5.10
C GLU N 232 -72.47 -21.79 -6.62
N MET N 233 -71.22 -21.83 -7.10
CA MET N 233 -70.91 -21.84 -8.52
C MET N 233 -71.30 -23.13 -9.22
N LEU N 234 -71.13 -24.31 -8.57
CA LEU N 234 -71.61 -25.57 -9.11
C LEU N 234 -73.14 -25.63 -9.20
N GLN N 235 -73.88 -25.01 -8.26
CA GLN N 235 -75.33 -24.87 -8.40
C GLN N 235 -75.75 -23.88 -9.51
N ASN N 236 -74.90 -22.88 -9.82
CA ASN N 236 -75.15 -21.94 -10.90
C ASN N 236 -74.93 -22.53 -12.30
N ILE N 237 -74.19 -23.65 -12.41
CA ILE N 237 -74.06 -24.38 -13.68
C ILE N 237 -75.12 -25.46 -13.80
N ALA N 238 -75.62 -26.01 -12.68
CA ALA N 238 -76.63 -27.05 -12.68
C ALA N 238 -77.93 -26.62 -13.36
N ALA N 239 -78.42 -25.40 -13.03
CA ALA N 239 -79.58 -24.81 -13.69
C ALA N 239 -79.43 -24.55 -15.19
N ALA N 240 -78.20 -24.26 -15.66
CA ALA N 240 -77.91 -23.99 -17.06
C ALA N 240 -77.95 -25.24 -17.93
N ILE N 241 -77.62 -26.41 -17.36
CA ILE N 241 -77.64 -27.69 -18.05
C ILE N 241 -79.04 -28.16 -18.44
N GLU N 242 -80.09 -27.75 -17.69
CA GLU N 242 -81.46 -28.04 -18.08
C GLU N 242 -81.93 -27.20 -19.26
N GLU N 243 -81.44 -25.94 -19.39
CA GLU N 243 -81.70 -25.11 -20.54
C GLU N 243 -81.03 -25.65 -21.81
N GLN N 244 -79.74 -26.06 -21.74
CA GLN N 244 -79.02 -26.70 -22.83
C GLN N 244 -79.66 -28.00 -23.35
N ASN N 245 -80.15 -28.87 -22.44
CA ASN N 245 -80.88 -30.08 -22.79
C ASN N 245 -82.23 -29.77 -23.45
N ALA N 246 -82.97 -28.76 -22.96
CA ALA N 246 -84.19 -28.32 -23.59
C ALA N 246 -83.94 -27.64 -24.93
N ALA N 247 -82.88 -26.83 -25.06
CA ALA N 247 -82.55 -26.18 -26.32
C ALA N 247 -82.04 -27.12 -27.39
N VAL N 248 -81.33 -28.21 -27.03
CA VAL N 248 -80.91 -29.17 -28.04
C VAL N 248 -82.06 -30.10 -28.47
N ASP N 249 -83.07 -30.29 -27.61
CA ASP N 249 -84.30 -30.98 -27.95
C ASP N 249 -85.18 -30.16 -28.90
N GLU N 250 -85.19 -28.82 -28.77
CA GLU N 250 -85.84 -27.90 -29.69
C GLU N 250 -85.19 -27.88 -31.06
N ILE N 251 -83.83 -27.96 -31.11
CA ILE N 251 -83.07 -27.99 -32.35
C ILE N 251 -83.13 -29.34 -33.03
N THR N 252 -83.10 -30.46 -32.28
CA THR N 252 -83.11 -31.80 -32.91
C THR N 252 -84.42 -32.12 -33.62
N THR N 253 -85.58 -31.82 -32.99
CA THR N 253 -86.87 -32.06 -33.61
C THR N 253 -87.14 -31.18 -34.82
N ALA N 254 -86.57 -29.95 -34.83
CA ALA N 254 -86.57 -29.05 -35.96
C ALA N 254 -85.68 -29.52 -37.10
N MET N 255 -84.41 -29.88 -36.83
CA MET N 255 -83.50 -30.42 -37.81
C MET N 255 -83.97 -31.75 -38.40
N THR N 256 -84.71 -32.57 -37.63
CA THR N 256 -85.30 -33.81 -38.13
C THR N 256 -86.34 -33.59 -39.24
N GLU N 257 -87.29 -32.65 -39.03
CA GLU N 257 -88.22 -32.24 -40.08
C GLU N 257 -87.59 -31.42 -41.20
N ASN N 258 -86.61 -30.55 -40.89
CA ASN N 258 -85.86 -29.77 -41.86
C ASN N 258 -85.13 -30.66 -42.88
N ALA N 259 -84.66 -31.85 -42.47
CA ALA N 259 -84.08 -32.82 -43.38
C ALA N 259 -85.12 -33.47 -44.29
N LYS N 260 -86.29 -33.89 -43.75
CA LYS N 260 -87.44 -34.35 -44.51
C LYS N 260 -87.92 -33.35 -45.56
N ASN N 261 -88.26 -32.12 -45.12
CA ASN N 261 -88.70 -31.03 -45.97
C ASN N 261 -87.69 -30.65 -47.06
N ALA N 262 -86.38 -30.65 -46.76
CA ALA N 262 -85.31 -30.43 -47.73
C ALA N 262 -85.26 -31.50 -48.83
N GLU N 263 -85.52 -32.78 -48.48
CA GLU N 263 -85.63 -33.85 -49.45
C GLU N 263 -86.88 -33.70 -50.31
N GLU N 264 -88.04 -33.33 -49.70
CA GLU N 264 -89.25 -33.07 -50.45
C GLU N 264 -89.14 -31.91 -51.46
N ILE N 265 -88.34 -30.88 -51.18
CA ILE N 265 -88.07 -29.79 -52.12
C ILE N 265 -87.15 -30.29 -53.21
N THR N 266 -86.11 -31.06 -52.85
CA THR N 266 -85.20 -31.70 -53.82
C THR N 266 -85.94 -32.58 -54.81
N ASN N 267 -86.89 -33.42 -54.34
CA ASN N 267 -87.77 -34.23 -55.17
C ASN N 267 -88.79 -33.42 -55.98
N SER N 268 -89.31 -32.30 -55.46
CA SER N 268 -90.21 -31.41 -56.20
C SER N 268 -89.48 -30.64 -57.28
N VAL N 269 -88.25 -30.15 -57.03
CA VAL N 269 -87.40 -29.50 -58.03
C VAL N 269 -87.06 -30.43 -59.20
N LYS N 270 -86.82 -31.72 -58.93
CA LYS N 270 -86.64 -32.75 -59.95
C LYS N 270 -87.87 -32.97 -60.82
N GLU N 271 -89.07 -32.94 -60.21
CA GLU N 271 -90.33 -33.07 -60.93
C GLU N 271 -90.52 -31.90 -61.89
N VAL N 272 -90.33 -30.65 -61.40
CA VAL N 272 -90.36 -29.43 -62.19
C VAL N 272 -89.37 -29.50 -63.36
N ASN N 273 -88.08 -29.87 -63.11
CA ASN N 273 -87.09 -30.08 -64.15
C ASN N 273 -87.50 -31.08 -65.24
N ALA N 274 -88.23 -32.15 -64.90
CA ALA N 274 -88.79 -33.10 -65.85
C ALA N 274 -89.95 -32.53 -66.66
N ARG N 275 -90.82 -31.72 -66.01
CA ARG N 275 -91.93 -31.02 -66.62
C ARG N 275 -91.50 -29.91 -67.59
N LEU N 276 -90.38 -29.23 -67.34
CA LEU N 276 -89.80 -28.25 -68.25
C LEU N 276 -89.37 -28.87 -69.58
N GLN N 277 -88.86 -30.12 -69.56
CA GLN N 277 -88.53 -30.88 -70.76
C GLN N 277 -89.75 -31.26 -71.59
N GLU N 278 -90.95 -31.38 -70.98
CA GLU N 278 -92.19 -31.60 -71.71
C GLU N 278 -92.69 -30.32 -72.38
N ILE N 279 -92.46 -29.14 -71.76
CA ILE N 279 -92.78 -27.85 -72.36
C ILE N 279 -91.83 -27.55 -73.51
N SER N 280 -90.54 -27.91 -73.39
CA SER N 280 -89.55 -27.76 -74.45
C SER N 280 -89.91 -28.57 -75.70
N ALA N 281 -90.40 -29.82 -75.53
CA ALA N 281 -90.88 -30.62 -76.63
C ALA N 281 -92.11 -30.04 -77.34
N SER N 282 -93.16 -29.63 -76.58
CA SER N 282 -94.33 -28.99 -77.16
C SER N 282 -94.06 -27.62 -77.78
N THR N 283 -93.07 -26.88 -77.26
CA THR N 283 -92.63 -25.61 -77.83
C THR N 283 -91.95 -25.82 -79.16
N GLU N 284 -91.12 -26.87 -79.29
CA GLU N 284 -90.48 -27.22 -80.54
C GLU N 284 -91.43 -27.80 -81.57
N GLU N 285 -92.49 -28.51 -81.14
CA GLU N 285 -93.57 -28.93 -82.02
C GLU N 285 -94.32 -27.73 -82.66
N VAL N 286 -94.60 -26.68 -81.86
CA VAL N 286 -95.18 -25.42 -82.33
C VAL N 286 -94.20 -24.59 -83.16
N THR N 287 -92.91 -24.51 -82.75
CA THR N 287 -91.91 -23.72 -83.47
C THR N 287 -91.53 -24.36 -84.81
N SER N 288 -91.81 -25.67 -84.98
CA SER N 288 -91.70 -26.32 -86.27
C SER N 288 -92.92 -26.11 -87.15
N ARG N 289 -94.14 -26.14 -86.58
CA ARG N 289 -95.35 -25.98 -87.38
C ARG N 289 -95.73 -24.53 -87.69
N VAL N 290 -95.13 -23.53 -87.03
CA VAL N 290 -95.38 -22.14 -87.39
C VAL N 290 -94.72 -21.80 -88.74
N GLN N 291 -93.51 -22.34 -88.98
CA GLN N 291 -92.79 -22.25 -90.24
C GLN N 291 -93.49 -22.93 -91.41
N THR N 292 -93.99 -24.17 -91.21
CA THR N 292 -94.76 -24.89 -92.24
C THR N 292 -96.04 -24.20 -92.65
N ILE N 293 -96.75 -23.54 -91.71
CA ILE N 293 -97.98 -22.82 -92.01
C ILE N 293 -97.66 -21.52 -92.75
N ARG N 294 -96.51 -20.86 -92.47
CA ARG N 294 -96.12 -19.73 -93.30
C ARG N 294 -95.85 -20.13 -94.75
N GLU N 295 -95.11 -21.23 -95.02
CA GLU N 295 -94.92 -21.71 -96.39
C GLU N 295 -96.22 -22.04 -97.13
N ASN N 296 -97.20 -22.69 -96.47
CA ASN N 296 -98.50 -22.97 -97.05
C ASN N 296 -99.47 -21.79 -97.09
N VAL N 297 -99.03 -20.56 -96.75
CA VAL N 297 -99.86 -19.38 -96.91
C VAL N 297 -99.14 -18.40 -97.83
N GLN N 298 -97.83 -18.64 -98.08
CA GLN N 298 -97.04 -17.95 -99.07
C GLN N 298 -97.18 -18.63 -100.43
N MET N 299 -97.10 -19.97 -100.50
CA MET N 299 -97.45 -20.74 -101.70
C MET N 299 -98.91 -20.68 -102.11
N LEU N 300 -99.83 -20.33 -101.20
CA LEU N 300 -101.23 -20.10 -101.55
C LEU N 300 -101.42 -18.69 -102.10
N LYS N 301 -100.65 -17.71 -101.56
CA LYS N 301 -100.56 -16.36 -102.07
C LYS N 301 -99.90 -16.23 -103.44
N GLU N 302 -99.14 -17.24 -103.88
CA GLU N 302 -98.67 -17.37 -105.26
C GLU N 302 -99.81 -17.67 -106.22
N ILE N 303 -100.84 -18.44 -105.82
CA ILE N 303 -102.00 -18.78 -106.64
C ILE N 303 -102.84 -17.53 -106.96
N VAL N 304 -103.06 -16.69 -105.93
CA VAL N 304 -103.74 -15.40 -105.98
C VAL N 304 -103.15 -14.45 -107.03
N ALA N 305 -101.82 -14.46 -107.22
CA ALA N 305 -101.14 -13.67 -108.22
C ALA N 305 -100.98 -14.38 -109.55
N ARG N 306 -100.41 -15.61 -109.57
CA ARG N 306 -100.10 -16.40 -110.76
C ARG N 306 -101.11 -16.41 -111.91
N TYR N 307 -102.37 -16.77 -111.61
CA TYR N 307 -103.40 -16.97 -112.60
C TYR N 307 -104.32 -15.73 -112.71
N GLY O 1 -88.33 32.18 -115.23
CA GLY O 1 -87.47 31.01 -114.89
C GLY O 1 -87.92 30.21 -113.71
N SER O 2 -88.91 29.34 -113.90
CA SER O 2 -89.52 28.52 -112.85
C SER O 2 -88.58 27.50 -112.21
N HIS O 3 -87.67 26.86 -112.97
CA HIS O 3 -86.72 25.94 -112.38
C HIS O 3 -85.68 26.63 -111.48
N MET O 4 -85.34 27.91 -111.77
CA MET O 4 -84.54 28.72 -110.88
C MET O 4 -85.29 29.25 -109.67
N LYS O 5 -86.64 29.34 -109.76
CA LYS O 5 -87.48 29.62 -108.60
C LYS O 5 -87.51 28.42 -107.64
N ASP O 6 -87.56 27.19 -108.19
CA ASP O 6 -87.34 25.98 -107.42
C ASP O 6 -85.98 25.92 -106.71
N VAL O 7 -84.88 26.33 -107.39
CA VAL O 7 -83.55 26.49 -106.77
C VAL O 7 -83.50 27.47 -105.60
N GLN O 8 -84.25 28.59 -105.66
CA GLN O 8 -84.30 29.60 -104.59
C GLN O 8 -84.87 29.07 -103.29
N THR O 9 -85.95 28.25 -103.36
CA THR O 9 -86.58 27.57 -102.23
C THR O 9 -85.62 26.72 -101.42
N GLU O 10 -84.74 25.96 -102.10
CA GLU O 10 -83.67 25.18 -101.48
C GLU O 10 -82.62 26.13 -100.88
N THR O 11 -82.07 27.04 -101.70
CA THR O 11 -80.98 27.97 -101.39
C THR O 11 -81.30 28.96 -100.27
N PHE O 12 -82.59 29.17 -99.94
CA PHE O 12 -83.04 29.96 -98.80
C PHE O 12 -82.83 29.23 -97.48
N SER O 13 -83.19 27.93 -97.46
CA SER O 13 -83.03 27.03 -96.32
C SER O 13 -81.56 26.79 -95.99
N VAL O 14 -80.71 26.66 -97.03
CA VAL O 14 -79.27 26.49 -96.84
C VAL O 14 -78.63 27.75 -96.27
N ALA O 15 -78.96 28.95 -96.81
CA ALA O 15 -78.44 30.21 -96.33
C ALA O 15 -78.84 30.60 -94.91
N GLU O 16 -80.07 30.26 -94.48
CA GLU O 16 -80.53 30.41 -93.10
C GLU O 16 -79.77 29.49 -92.14
N SER O 17 -79.60 28.22 -92.54
CA SER O 17 -78.91 27.20 -91.76
C SER O 17 -77.41 27.42 -91.60
N ILE O 18 -76.67 27.70 -92.69
CA ILE O 18 -75.23 27.98 -92.64
C ILE O 18 -74.85 29.17 -91.76
N GLU O 19 -75.75 30.16 -91.61
CA GLU O 19 -75.56 31.32 -90.74
C GLU O 19 -75.69 30.95 -89.26
N GLU O 20 -76.49 29.92 -88.94
CA GLU O 20 -76.57 29.38 -87.61
C GLU O 20 -75.37 28.51 -87.28
N ILE O 21 -74.93 27.62 -88.20
CA ILE O 21 -73.71 26.83 -88.02
C ILE O 21 -72.46 27.70 -87.86
N SER O 22 -72.44 28.88 -88.53
CA SER O 22 -71.37 29.86 -88.43
C SER O 22 -71.30 30.48 -87.04
N LYS O 23 -72.44 30.73 -86.37
CA LYS O 23 -72.38 31.22 -84.99
C LYS O 23 -72.22 30.08 -83.98
N ALA O 24 -72.82 28.90 -84.21
CA ALA O 24 -72.70 27.74 -83.33
C ALA O 24 -71.30 27.15 -83.24
N ASN O 25 -70.50 27.17 -84.34
CA ASN O 25 -69.11 26.73 -84.28
C ASN O 25 -68.20 27.81 -83.72
N GLU O 26 -68.63 29.08 -83.67
CA GLU O 26 -67.85 30.10 -82.98
C GLU O 26 -68.12 30.03 -81.47
N GLU O 27 -69.38 29.72 -81.06
CA GLU O 27 -69.70 29.45 -79.67
C GLU O 27 -68.97 28.22 -79.13
N ILE O 28 -68.82 27.14 -79.93
CA ILE O 28 -68.03 25.98 -79.54
C ILE O 28 -66.54 26.31 -79.33
N THR O 29 -65.89 27.02 -80.28
CA THR O 29 -64.46 27.38 -80.22
C THR O 29 -64.09 28.27 -79.06
N ASN O 30 -64.99 29.20 -78.67
CA ASN O 30 -64.78 30.05 -77.51
C ASN O 30 -64.90 29.28 -76.22
N GLN O 31 -65.95 28.44 -76.05
CA GLN O 31 -66.06 27.57 -74.89
C GLN O 31 -64.89 26.59 -74.73
N LEU O 32 -64.37 25.99 -75.83
CA LEU O 32 -63.19 25.15 -75.85
C LEU O 32 -61.91 25.86 -75.43
N LEU O 33 -61.76 27.16 -75.75
CA LEU O 33 -60.65 27.99 -75.27
C LEU O 33 -60.71 28.13 -73.74
N GLY O 34 -61.91 28.39 -73.20
CA GLY O 34 -62.17 28.49 -71.76
C GLY O 34 -61.94 27.21 -70.97
N ILE O 35 -62.34 26.04 -71.51
CA ILE O 35 -62.04 24.73 -70.91
C ILE O 35 -60.53 24.47 -70.80
N SER O 36 -59.75 24.77 -71.86
CA SER O 36 -58.32 24.53 -71.92
C SER O 36 -57.55 25.28 -70.86
N LYS O 37 -57.79 26.59 -70.71
CA LYS O 37 -57.20 27.44 -69.69
C LYS O 37 -57.50 26.97 -68.26
N GLU O 38 -58.69 26.39 -68.01
CA GLU O 38 -59.03 25.77 -66.74
C GLU O 38 -58.38 24.40 -66.57
N MET O 39 -58.22 23.61 -67.65
CA MET O 39 -57.51 22.34 -67.63
C MET O 39 -56.01 22.46 -67.32
N ASP O 40 -55.36 23.54 -67.81
CA ASP O 40 -53.97 23.85 -67.49
C ASP O 40 -53.84 24.31 -66.03
N ASN O 41 -54.85 25.04 -65.50
CA ASN O 41 -54.93 25.33 -64.06
C ASN O 41 -55.05 24.06 -63.21
N ILE O 42 -55.90 23.07 -63.58
CA ILE O 42 -56.00 21.79 -62.87
C ILE O 42 -54.67 21.05 -62.92
N SER O 43 -54.03 20.99 -64.11
CA SER O 43 -52.69 20.46 -64.30
C SER O 43 -51.66 21.13 -63.38
N THR O 44 -51.58 22.47 -63.41
CA THR O 44 -50.71 23.25 -62.51
C THR O 44 -50.97 23.01 -61.03
N ARG O 45 -52.23 23.16 -60.57
CA ARG O 45 -52.61 22.98 -59.18
C ARG O 45 -52.43 21.56 -58.67
N ILE O 46 -52.59 20.52 -59.53
CA ILE O 46 -52.35 19.14 -59.11
C ILE O 46 -50.86 18.80 -58.96
N GLU O 47 -49.92 19.65 -59.45
CA GLU O 47 -48.51 19.49 -59.15
C GLU O 47 -48.14 20.21 -57.86
N SER O 48 -48.65 21.45 -57.66
CA SER O 48 -48.43 22.18 -56.41
C SER O 48 -49.07 21.55 -55.19
N ILE O 49 -50.29 20.98 -55.29
CA ILE O 49 -50.89 20.26 -54.17
C ILE O 49 -50.11 18.99 -53.85
N SER O 50 -49.54 18.30 -54.87
CA SER O 50 -48.73 17.11 -54.64
C SER O 50 -47.39 17.43 -53.97
N ALA O 51 -46.77 18.58 -54.29
CA ALA O 51 -45.60 19.06 -53.58
C ALA O 51 -45.90 19.47 -52.13
N SER O 52 -47.11 20.02 -51.89
CA SER O 52 -47.66 20.30 -50.57
C SER O 52 -47.99 19.04 -49.77
N VAL O 53 -48.44 17.96 -50.45
CA VAL O 53 -48.63 16.63 -49.88
C VAL O 53 -47.31 15.97 -49.55
N GLN O 54 -46.25 16.14 -50.37
CA GLN O 54 -44.91 15.67 -50.01
C GLN O 54 -44.36 16.39 -48.79
N GLU O 55 -44.55 17.73 -48.70
CA GLU O 55 -44.23 18.57 -47.56
C GLU O 55 -44.91 18.15 -46.26
N THR O 56 -46.22 17.88 -46.31
CA THR O 56 -47.04 17.42 -45.19
C THR O 56 -46.53 16.08 -44.65
N THR O 57 -46.18 15.16 -45.56
CA THR O 57 -45.57 13.86 -45.27
C THR O 57 -44.21 13.98 -44.59
N ALA O 58 -43.37 14.95 -45.00
CA ALA O 58 -42.09 15.24 -44.39
C ALA O 58 -42.19 15.75 -42.95
N GLY O 59 -43.23 16.57 -42.67
CA GLY O 59 -43.58 17.01 -41.32
C GLY O 59 -44.15 15.90 -40.49
N SER O 60 -44.93 15.01 -41.12
CA SER O 60 -45.50 13.80 -40.51
C SER O 60 -44.42 12.80 -40.14
N GLU O 61 -43.34 12.74 -40.95
CA GLU O 61 -42.16 11.95 -40.67
C GLU O 61 -41.38 12.52 -39.48
N GLU O 62 -41.31 13.86 -39.31
CA GLU O 62 -40.75 14.48 -38.10
C GLU O 62 -41.59 14.17 -36.85
N ILE O 63 -42.94 14.32 -36.90
CA ILE O 63 -43.88 13.88 -35.86
C ILE O 63 -43.65 12.42 -35.47
N SER O 64 -43.63 11.51 -36.47
CA SER O 64 -43.31 10.09 -36.33
C SER O 64 -42.03 9.84 -35.56
N SER O 65 -40.89 10.37 -36.03
CA SER O 65 -39.59 10.30 -35.36
C SER O 65 -39.56 10.84 -33.94
N ALA O 66 -40.25 11.97 -33.68
CA ALA O 66 -40.31 12.53 -32.35
C ALA O 66 -41.18 11.72 -31.40
N THR O 67 -42.35 11.22 -31.88
CA THR O 67 -43.26 10.39 -31.08
C THR O 67 -42.72 8.99 -30.78
N LYS O 68 -41.79 8.45 -31.62
CA LYS O 68 -41.13 7.19 -31.31
C LYS O 68 -40.09 7.43 -30.22
N ASN O 69 -39.31 8.53 -30.32
CA ASN O 69 -38.37 8.95 -29.30
C ASN O 69 -38.99 9.16 -27.92
N ILE O 70 -40.13 9.89 -27.83
CA ILE O 70 -40.89 10.05 -26.60
C ILE O 70 -41.50 8.74 -26.08
N ALA O 71 -41.98 7.82 -26.94
CA ALA O 71 -42.55 6.56 -26.49
C ALA O 71 -41.52 5.60 -25.90
N ASP O 72 -40.27 5.68 -26.39
CA ASP O 72 -39.16 4.88 -25.93
C ASP O 72 -38.47 5.52 -24.71
N SER O 73 -38.23 6.84 -24.74
CA SER O 73 -37.68 7.59 -23.60
C SER O 73 -38.54 7.51 -22.36
N ALA O 74 -39.88 7.55 -22.52
CA ALA O 74 -40.83 7.41 -21.45
C ALA O 74 -40.92 5.99 -20.94
N GLN O 75 -40.83 4.97 -21.81
CA GLN O 75 -40.74 3.58 -21.37
C GLN O 75 -39.43 3.26 -20.62
N GLN O 76 -38.35 4.01 -20.89
CA GLN O 76 -37.08 3.81 -20.21
C GLN O 76 -36.99 4.64 -18.94
N ALA O 77 -37.65 5.81 -18.90
CA ALA O 77 -37.79 6.65 -17.72
C ALA O 77 -38.59 5.92 -16.63
N ALA O 78 -39.71 5.31 -17.03
CA ALA O 78 -40.57 4.47 -16.21
C ALA O 78 -39.85 3.22 -15.69
N SER O 79 -38.95 2.64 -16.51
CA SER O 79 -38.15 1.48 -16.09
C SER O 79 -37.12 1.86 -15.02
N PHE O 80 -36.55 3.09 -15.06
CA PHE O 80 -35.74 3.59 -13.96
C PHE O 80 -36.53 4.13 -12.78
N ALA O 81 -37.81 4.50 -12.95
CA ALA O 81 -38.70 4.86 -11.86
C ALA O 81 -39.09 3.69 -10.96
N ASP O 82 -39.26 2.48 -11.55
CA ASP O 82 -39.53 1.28 -10.79
C ASP O 82 -38.27 0.74 -10.12
N GLN O 83 -37.11 0.96 -10.75
CA GLN O 83 -35.83 0.65 -10.14
C GLN O 83 -35.54 1.61 -8.98
N SER O 84 -35.91 2.89 -9.11
CA SER O 84 -35.75 3.86 -8.04
C SER O 84 -36.73 3.67 -6.89
N THR O 85 -37.98 3.18 -7.14
CA THR O 85 -38.86 2.78 -6.04
C THR O 85 -38.41 1.51 -5.37
N GLN O 86 -37.83 0.53 -6.12
CA GLN O 86 -37.34 -0.69 -5.52
C GLN O 86 -36.09 -0.47 -4.68
N LEU O 87 -35.12 0.35 -5.15
CA LEU O 87 -33.94 0.71 -4.39
C LEU O 87 -34.23 1.56 -3.15
N ALA O 88 -35.35 2.30 -3.17
CA ALA O 88 -35.87 3.10 -2.08
C ALA O 88 -36.47 2.20 -1.01
N LYS O 89 -37.35 1.26 -1.40
CA LYS O 89 -37.90 0.24 -0.53
C LYS O 89 -36.82 -0.64 0.08
N GLU O 90 -35.77 -1.01 -0.68
CA GLU O 90 -34.63 -1.75 -0.16
C GLU O 90 -33.81 -0.95 0.85
N ALA O 91 -33.33 0.26 0.49
CA ALA O 91 -32.61 1.13 1.40
C ALA O 91 -33.37 1.53 2.67
N GLY O 92 -34.72 1.60 2.60
CA GLY O 92 -35.58 1.85 3.75
C GLY O 92 -35.72 0.67 4.67
N ASP O 93 -36.01 -0.52 4.12
CA ASP O 93 -36.11 -1.76 4.86
C ASP O 93 -34.77 -2.17 5.50
N ALA O 94 -33.63 -1.80 4.86
CA ALA O 94 -32.31 -1.92 5.45
C ALA O 94 -32.11 -0.96 6.61
N LEU O 95 -32.32 0.36 6.39
CA LEU O 95 -32.18 1.40 7.39
C LEU O 95 -33.01 1.22 8.66
N LYS O 96 -34.23 0.66 8.55
CA LYS O 96 -35.09 0.36 9.69
C LYS O 96 -34.57 -0.83 10.51
N LYS O 97 -33.68 -1.65 9.93
CA LYS O 97 -33.03 -2.74 10.63
C LYS O 97 -31.63 -2.30 11.11
N VAL O 98 -31.31 -0.99 10.93
CA VAL O 98 -30.24 -0.30 11.65
C VAL O 98 -30.87 0.45 12.82
N ILE O 99 -32.15 0.90 12.70
CA ILE O 99 -32.94 1.49 13.77
C ILE O 99 -33.29 0.43 14.79
N GLU O 100 -33.54 -0.81 14.32
CA GLU O 100 -33.72 -1.97 15.19
C GLU O 100 -32.48 -2.24 16.05
N VAL O 101 -31.26 -1.99 15.52
CA VAL O 101 -30.03 -2.04 16.28
C VAL O 101 -29.86 -0.84 17.22
N THR O 102 -30.22 0.40 16.80
CA THR O 102 -30.10 1.54 17.70
C THR O 102 -31.12 1.53 18.82
N ARG O 103 -32.30 0.91 18.66
CA ARG O 103 -33.18 0.82 19.81
C ARG O 103 -32.78 -0.29 20.78
N MET O 104 -32.12 -1.39 20.34
CA MET O 104 -31.57 -2.32 21.32
C MET O 104 -30.24 -1.85 21.92
N ILE O 105 -29.42 -1.05 21.19
CA ILE O 105 -28.26 -0.37 21.78
C ILE O 105 -28.66 0.77 22.71
N SER O 106 -29.89 1.30 22.59
CA SER O 106 -30.49 2.25 23.54
C SER O 106 -30.69 1.54 24.87
N ASN O 107 -31.49 0.47 24.85
CA ASN O 107 -31.79 -0.31 26.03
C ASN O 107 -30.54 -0.92 26.68
N SER O 108 -29.63 -1.54 25.90
CA SER O 108 -28.33 -1.97 26.41
C SER O 108 -27.42 -0.88 26.95
N ALA O 109 -27.30 0.30 26.31
CA ALA O 109 -26.44 1.35 26.84
C ALA O 109 -27.02 2.01 28.07
N LYS O 110 -28.36 2.08 28.17
CA LYS O 110 -29.01 2.51 29.39
C LYS O 110 -28.78 1.53 30.53
N ASP O 111 -28.77 0.21 30.24
CA ASP O 111 -28.35 -0.80 31.19
C ASP O 111 -26.86 -0.74 31.60
N VAL O 112 -26.01 0.11 30.98
CA VAL O 112 -24.70 0.42 31.53
C VAL O 112 -24.83 1.40 32.69
N GLU O 113 -25.74 2.39 32.59
CA GLU O 113 -26.06 3.33 33.66
C GLU O 113 -26.67 2.66 34.89
N ARG O 114 -27.26 1.46 34.71
CA ARG O 114 -27.71 0.62 35.81
C ARG O 114 -26.54 0.02 36.57
N VAL O 115 -25.49 -0.43 35.86
CA VAL O 115 -24.26 -0.95 36.47
C VAL O 115 -23.43 0.16 37.10
N VAL O 116 -23.29 1.32 36.45
CA VAL O 116 -22.55 2.48 36.97
C VAL O 116 -23.19 3.04 38.23
N GLU O 117 -24.53 3.17 38.28
CA GLU O 117 -25.20 3.65 39.49
C GLU O 117 -25.33 2.56 40.56
N SER O 118 -25.17 1.26 40.20
CA SER O 118 -24.99 0.20 41.19
C SER O 118 -23.61 0.18 41.82
N PHE O 119 -22.56 0.59 41.07
CA PHE O 119 -21.22 0.66 41.57
C PHE O 119 -20.98 1.92 42.39
N GLN O 120 -21.60 3.06 42.05
CA GLN O 120 -21.51 4.24 42.91
C GLN O 120 -22.21 4.08 44.27
N LYS O 121 -23.27 3.24 44.35
CA LYS O 121 -23.89 2.86 45.61
C LYS O 121 -22.99 1.95 46.44
N GLY O 122 -22.34 0.98 45.77
CA GLY O 122 -21.43 0.02 46.41
C GLY O 122 -20.13 0.63 46.85
N ALA O 123 -19.67 1.69 46.17
CA ALA O 123 -18.48 2.41 46.57
C ALA O 123 -18.63 3.13 47.90
N GLU O 124 -19.73 3.90 48.12
CA GLU O 124 -19.96 4.52 49.41
C GLU O 124 -20.22 3.54 50.58
N GLU O 125 -20.78 2.36 50.23
CA GLU O 125 -21.07 1.20 51.05
C GLU O 125 -19.79 0.60 51.64
N ILE O 126 -18.88 0.14 50.75
CA ILE O 126 -17.58 -0.42 51.09
C ILE O 126 -16.72 0.63 51.77
N THR O 127 -16.72 1.91 51.31
CA THR O 127 -15.94 2.97 51.97
C THR O 127 -16.31 3.15 53.45
N SER O 128 -17.62 3.17 53.82
CA SER O 128 -18.00 3.21 55.24
C SER O 128 -17.69 1.93 56.00
N PHE O 129 -17.74 0.75 55.37
CA PHE O 129 -17.24 -0.48 55.97
C PHE O 129 -15.73 -0.50 56.19
N VAL O 130 -14.94 0.19 55.36
CA VAL O 130 -13.49 0.26 55.48
C VAL O 130 -13.10 1.35 56.47
N GLU O 131 -13.83 2.47 56.51
CA GLU O 131 -13.67 3.46 57.56
C GLU O 131 -14.01 2.95 58.96
N THR O 132 -14.91 1.95 59.04
CA THR O 132 -15.18 1.18 60.25
C THR O 132 -14.06 0.21 60.60
N ILE O 133 -13.43 -0.48 59.62
CA ILE O 133 -12.28 -1.35 59.89
C ILE O 133 -11.04 -0.55 60.29
N ASN O 134 -10.95 0.73 59.86
CA ASN O 134 -9.93 1.66 60.35
C ASN O 134 -10.21 2.00 61.81
N ALA O 135 -11.46 2.43 62.14
CA ALA O 135 -11.88 2.71 63.51
C ALA O 135 -11.65 1.56 64.48
N ILE O 136 -12.20 0.36 64.20
CA ILE O 136 -11.97 -0.86 64.99
C ILE O 136 -10.50 -1.20 65.19
N ALA O 137 -9.66 -1.12 64.13
CA ALA O 137 -8.23 -1.35 64.27
C ALA O 137 -7.49 -0.31 65.13
N GLU O 138 -7.77 0.98 64.94
CA GLU O 138 -7.17 2.06 65.70
C GLU O 138 -7.59 2.12 67.18
N GLN O 139 -8.82 1.66 67.47
CA GLN O 139 -9.31 1.46 68.83
C GLN O 139 -8.69 0.23 69.46
N THR O 140 -8.52 -0.88 68.69
CA THR O 140 -7.82 -2.09 69.12
C THR O 140 -6.37 -1.79 69.46
N ASN O 141 -5.71 -0.94 68.65
CA ASN O 141 -4.36 -0.43 68.89
C ASN O 141 -4.28 0.35 70.19
N LEU O 142 -5.17 1.35 70.42
CA LEU O 142 -5.20 2.08 71.68
C LEU O 142 -5.56 1.22 72.90
N LEU O 143 -6.49 0.25 72.76
CA LEU O 143 -6.88 -0.69 73.79
C LEU O 143 -5.73 -1.61 74.16
N ALA O 144 -5.07 -2.23 73.17
CA ALA O 144 -3.91 -3.07 73.39
C ALA O 144 -2.78 -2.34 74.09
N LEU O 145 -2.42 -1.10 73.67
CA LEU O 145 -1.47 -0.24 74.36
C LEU O 145 -1.86 0.20 75.80
N ASN O 146 -3.07 -0.11 76.28
CA ASN O 146 -3.53 0.16 77.64
C ASN O 146 -3.31 -1.09 78.44
N ALA O 147 -3.73 -2.26 77.94
CA ALA O 147 -3.40 -3.55 78.51
C ALA O 147 -1.89 -3.68 78.71
N ALA O 148 -1.09 -3.48 77.64
CA ALA O 148 0.36 -3.39 77.67
C ALA O 148 0.96 -2.43 78.70
N ILE O 149 0.52 -1.14 78.73
CA ILE O 149 1.00 -0.16 79.71
C ILE O 149 0.59 -0.45 81.16
N GLU O 150 -0.52 -1.18 81.39
CA GLU O 150 -1.01 -1.51 82.71
C GLU O 150 -0.44 -2.84 83.17
N ALA O 151 -0.14 -3.74 82.22
CA ALA O 151 0.49 -5.01 82.44
C ALA O 151 1.95 -4.79 82.81
N ALA O 152 2.71 -3.98 82.04
CA ALA O 152 4.10 -3.59 82.32
C ALA O 152 4.45 -2.95 83.69
N ARG O 153 3.59 -3.02 84.72
CA ARG O 153 3.90 -2.59 86.06
C ARG O 153 3.25 -3.50 87.10
N ALA O 154 2.73 -4.67 86.68
CA ALA O 154 1.94 -5.57 87.50
C ALA O 154 2.67 -6.82 87.94
N GLY O 155 4.02 -6.90 87.77
CA GLY O 155 4.85 -7.92 88.40
C GLY O 155 4.68 -9.33 87.92
N GLU O 156 3.90 -10.15 88.65
CA GLU O 156 3.70 -11.58 88.48
C GLU O 156 2.85 -11.85 87.25
N ALA O 157 1.54 -12.11 87.41
CA ALA O 157 0.56 -12.37 86.36
C ALA O 157 0.59 -11.43 85.16
N GLY O 158 0.99 -10.16 85.37
CA GLY O 158 1.09 -9.16 84.32
C GLY O 158 2.11 -9.39 83.25
N ARG O 159 3.19 -10.15 83.51
CA ARG O 159 4.18 -10.46 82.49
C ARG O 159 3.60 -11.16 81.26
N GLY O 160 2.85 -12.26 81.49
CA GLY O 160 2.11 -13.00 80.47
C GLY O 160 1.12 -12.17 79.72
N PHE O 161 0.44 -11.23 80.41
CA PHE O 161 -0.49 -10.32 79.78
C PHE O 161 0.22 -9.31 78.89
N ALA O 162 1.35 -8.72 79.34
CA ALA O 162 2.15 -7.76 78.58
C ALA O 162 2.69 -8.31 77.26
N VAL O 163 3.12 -9.60 77.28
CA VAL O 163 3.55 -10.38 76.13
C VAL O 163 2.46 -10.46 75.08
N VAL O 164 1.28 -10.98 75.46
CA VAL O 164 0.11 -11.09 74.60
C VAL O 164 -0.38 -9.73 74.11
N ALA O 165 -0.53 -8.73 75.01
CA ALA O 165 -0.95 -7.38 74.70
C ALA O 165 -0.13 -6.65 73.64
N ASP O 166 1.21 -6.73 73.69
CA ASP O 166 2.06 -6.14 72.67
C ASP O 166 1.97 -6.86 71.33
N GLU O 167 1.78 -8.21 71.34
CA GLU O 167 1.57 -9.00 70.13
C GLU O 167 0.24 -8.69 69.46
N ILE O 168 -0.82 -8.46 70.27
CA ILE O 168 -2.11 -7.96 69.82
C ILE O 168 -1.97 -6.57 69.22
N ARG O 169 -1.23 -5.65 69.89
CA ARG O 169 -1.00 -4.30 69.39
C ARG O 169 -0.31 -4.27 68.03
N LYS O 170 0.75 -5.08 67.83
CA LYS O 170 1.39 -5.28 66.54
C LYS O 170 0.46 -5.77 65.43
N LEU O 171 -0.37 -6.82 65.70
CA LEU O 171 -1.35 -7.30 64.75
C LEU O 171 -2.47 -6.30 64.46
N ALA O 172 -2.93 -5.55 65.48
CA ALA O 172 -3.90 -4.48 65.33
C ALA O 172 -3.45 -3.40 64.38
N GLU O 173 -2.18 -2.98 64.48
CA GLU O 173 -1.61 -1.98 63.62
C GLU O 173 -1.17 -2.49 62.24
N GLU O 174 -1.16 -3.83 62.02
CA GLU O 174 -1.08 -4.42 60.69
C GLU O 174 -2.43 -4.39 59.98
N SER O 175 -3.54 -4.54 60.74
CA SER O 175 -4.90 -4.39 60.22
C SER O 175 -5.21 -2.94 59.91
N GLN O 176 -4.59 -1.99 60.63
CA GLN O 176 -4.67 -0.58 60.37
C GLN O 176 -3.85 -0.17 59.16
N GLN O 177 -2.72 -0.86 58.88
CA GLN O 177 -1.94 -0.66 57.66
C GLN O 177 -2.65 -1.20 56.44
N ALA O 178 -3.28 -2.39 56.57
CA ALA O 178 -4.13 -2.96 55.56
C ALA O 178 -5.34 -2.08 55.23
N SER O 179 -5.95 -1.45 56.26
CA SER O 179 -7.09 -0.56 56.08
C SER O 179 -6.75 0.76 55.38
N GLU O 180 -5.55 1.34 55.58
CA GLU O 180 -5.16 2.52 54.82
C GLU O 180 -4.65 2.23 53.41
N ASN O 181 -4.59 0.95 52.99
CA ASN O 181 -4.32 0.61 51.60
C ASN O 181 -5.61 0.28 50.87
N VAL O 182 -6.53 -0.51 51.46
CA VAL O 182 -7.84 -0.80 50.88
C VAL O 182 -8.80 0.40 50.81
N ARG O 183 -8.44 1.54 51.44
CA ARG O 183 -9.14 2.80 51.30
C ARG O 183 -8.69 3.53 50.05
N ARG O 184 -7.36 3.58 49.78
CA ARG O 184 -6.85 4.08 48.51
C ARG O 184 -7.39 3.28 47.32
N VAL O 185 -7.60 1.95 47.48
CA VAL O 185 -8.20 1.14 46.43
C VAL O 185 -9.70 1.39 46.27
N VAL O 186 -10.48 1.68 47.34
CA VAL O 186 -11.89 2.02 47.20
C VAL O 186 -12.10 3.42 46.63
N ASN O 187 -11.13 4.33 46.81
CA ASN O 187 -11.13 5.65 46.19
C ASN O 187 -10.80 5.53 44.71
N GLU O 188 -10.01 4.51 44.31
CA GLU O 188 -9.79 4.20 42.91
C GLU O 188 -11.04 3.63 42.26
N ILE O 189 -11.71 2.63 42.89
CA ILE O 189 -12.98 2.05 42.45
C ILE O 189 -14.08 3.08 42.23
N ARG O 190 -14.18 4.09 43.11
CA ARG O 190 -15.07 5.22 42.95
C ARG O 190 -14.81 6.01 41.67
N SER O 191 -13.57 6.50 41.49
CA SER O 191 -13.14 7.28 40.35
C SER O 191 -13.31 6.60 39.01
N ILE O 192 -12.86 5.34 38.86
CA ILE O 192 -13.03 4.56 37.63
C ILE O 192 -14.48 4.23 37.29
N ALA O 193 -15.40 4.35 38.27
CA ALA O 193 -16.81 4.16 38.09
C ALA O 193 -17.48 5.48 37.77
N GLU O 194 -17.15 6.58 38.47
CA GLU O 194 -17.73 7.88 38.16
C GLU O 194 -17.24 8.43 36.82
N ASP O 195 -15.92 8.45 36.53
CA ASP O 195 -15.39 8.83 35.23
C ASP O 195 -15.87 7.96 34.04
N ALA O 196 -16.39 6.74 34.33
CA ALA O 196 -16.99 5.85 33.36
C ALA O 196 -18.43 6.24 33.04
N GLY O 197 -19.11 6.96 33.96
CA GLY O 197 -20.49 7.41 33.77
C GLY O 197 -20.62 8.48 32.73
N LYS O 198 -19.48 9.13 32.41
CA LYS O 198 -19.36 10.04 31.30
C LYS O 198 -19.31 9.31 29.97
N VAL O 199 -18.87 8.03 29.93
CA VAL O 199 -18.99 7.25 28.72
C VAL O 199 -20.38 6.63 28.57
N SER O 200 -21.07 6.22 29.66
CA SER O 200 -22.44 5.73 29.56
C SER O 200 -23.47 6.79 29.26
N SER O 201 -23.16 8.06 29.57
CA SER O 201 -23.96 9.22 29.21
C SER O 201 -23.67 9.68 27.79
N GLU O 202 -22.52 9.30 27.22
CA GLU O 202 -22.21 9.62 25.84
C GLU O 202 -22.82 8.59 24.92
N ILE O 203 -22.82 7.29 25.28
CA ILE O 203 -23.45 6.29 24.44
C ILE O 203 -24.98 6.39 24.46
N THR O 204 -25.61 6.80 25.59
CA THR O 204 -27.07 7.02 25.60
C THR O 204 -27.51 8.24 24.81
N ALA O 205 -26.75 9.36 24.88
CA ALA O 205 -27.05 10.52 24.08
C ALA O 205 -26.81 10.34 22.57
N ARG O 206 -25.66 9.77 22.16
CA ARG O 206 -25.38 9.55 20.76
C ARG O 206 -26.16 8.39 20.12
N VAL O 207 -26.77 7.49 20.91
CA VAL O 207 -27.72 6.50 20.40
C VAL O 207 -29.10 7.10 20.16
N GLU O 208 -29.56 8.01 21.02
CA GLU O 208 -30.85 8.67 20.83
C GLU O 208 -30.77 9.70 19.71
N GLU O 209 -29.71 10.54 19.67
CA GLU O 209 -29.44 11.47 18.60
C GLU O 209 -29.19 10.79 17.25
N GLY O 210 -28.60 9.57 17.27
CA GLY O 210 -28.35 8.78 16.06
C GLY O 210 -29.58 8.03 15.60
N THR O 211 -30.50 7.69 16.51
CA THR O 211 -31.78 7.07 16.15
C THR O 211 -32.67 8.04 15.39
N LYS O 212 -32.83 9.30 15.84
CA LYS O 212 -33.59 10.26 15.04
C LYS O 212 -32.89 10.67 13.74
N LEU O 213 -31.54 10.62 13.68
CA LEU O 213 -30.81 10.84 12.45
C LEU O 213 -30.92 9.70 11.45
N ALA O 214 -31.17 8.46 11.91
CA ALA O 214 -31.51 7.38 11.02
C ALA O 214 -32.93 7.55 10.50
N ASP O 215 -33.89 7.94 11.36
CA ASP O 215 -35.24 8.28 10.96
C ASP O 215 -35.38 9.63 10.22
N GLU O 216 -34.26 10.34 9.96
CA GLU O 216 -34.19 11.52 9.10
C GLU O 216 -33.93 11.12 7.67
N ALA O 217 -33.09 10.08 7.44
CA ALA O 217 -32.88 9.57 6.11
C ALA O 217 -34.09 8.76 5.63
N ASP O 218 -34.71 7.96 6.52
CA ASP O 218 -35.91 7.18 6.25
C ASP O 218 -37.11 8.01 5.82
N GLU O 219 -37.36 9.20 6.44
CA GLU O 219 -38.41 10.10 6.01
C GLU O 219 -38.12 10.78 4.68
N LYS O 220 -36.86 11.20 4.43
CA LYS O 220 -36.41 11.72 3.15
C LYS O 220 -36.52 10.70 2.00
N LEU O 221 -36.23 9.41 2.27
CA LEU O 221 -36.41 8.31 1.33
C LEU O 221 -37.88 8.02 1.04
N ASN O 222 -38.77 8.11 2.05
CA ASN O 222 -40.22 8.03 1.90
C ASN O 222 -40.75 9.15 1.00
N SER O 223 -40.18 10.37 1.12
CA SER O 223 -40.51 11.49 0.24
C SER O 223 -40.01 11.33 -1.19
N ILE O 224 -38.91 10.57 -1.43
CA ILE O 224 -38.46 10.25 -2.78
C ILE O 224 -39.39 9.26 -3.45
N VAL O 225 -39.96 8.27 -2.71
CA VAL O 225 -41.00 7.37 -3.23
C VAL O 225 -42.19 8.16 -3.73
N GLY O 226 -42.66 9.13 -2.92
CA GLY O 226 -43.72 10.06 -3.29
C GLY O 226 -43.39 10.88 -4.50
N ALA O 227 -42.22 11.56 -4.50
CA ALA O 227 -41.70 12.33 -5.62
C ALA O 227 -41.58 11.55 -6.94
N VAL O 228 -41.00 10.34 -6.91
CA VAL O 228 -40.90 9.42 -8.04
C VAL O 228 -42.26 8.94 -8.53
N GLU O 229 -43.23 8.73 -7.61
CA GLU O 229 -44.58 8.43 -8.02
C GLU O 229 -45.34 9.63 -8.59
N ARG O 230 -44.84 10.88 -8.44
CA ARG O 230 -45.38 12.01 -9.18
C ARG O 230 -44.82 12.01 -10.61
N ILE O 231 -43.52 11.65 -10.77
CA ILE O 231 -42.88 11.42 -12.07
C ILE O 231 -43.61 10.31 -12.84
N ASN O 232 -43.87 9.16 -12.18
CA ASN O 232 -44.60 8.02 -12.73
C ASN O 232 -46.02 8.40 -13.20
N GLU O 233 -46.80 9.15 -12.39
CA GLU O 233 -48.11 9.67 -12.77
C GLU O 233 -48.10 10.60 -13.98
N MET O 234 -47.05 11.44 -14.11
CA MET O 234 -46.83 12.32 -15.25
C MET O 234 -46.44 11.55 -16.50
N LEU O 235 -45.51 10.57 -16.42
CA LEU O 235 -45.15 9.70 -17.53
C LEU O 235 -46.34 8.88 -18.05
N GLN O 236 -47.22 8.40 -17.15
CA GLN O 236 -48.46 7.73 -17.52
C GLN O 236 -49.46 8.64 -18.25
N ASN O 237 -49.50 9.95 -17.94
CA ASN O 237 -50.31 10.90 -18.70
C ASN O 237 -49.72 11.16 -20.09
N ILE O 238 -48.38 11.23 -20.23
CA ILE O 238 -47.70 11.32 -21.52
C ILE O 238 -47.94 10.10 -22.37
N ALA O 239 -48.00 8.89 -21.76
CA ALA O 239 -48.28 7.65 -22.42
C ALA O 239 -49.64 7.60 -23.11
N ALA O 240 -50.72 7.96 -22.39
CA ALA O 240 -52.05 8.10 -22.97
C ALA O 240 -52.16 9.16 -24.08
N ALA O 241 -51.48 10.31 -23.91
CA ALA O 241 -51.39 11.35 -24.92
C ALA O 241 -50.66 10.90 -26.18
N ILE O 242 -49.52 10.18 -26.02
CA ILE O 242 -48.78 9.56 -27.11
C ILE O 242 -49.61 8.54 -27.84
N GLU O 243 -50.42 7.70 -27.15
CA GLU O 243 -51.31 6.74 -27.80
C GLU O 243 -52.36 7.41 -28.70
N GLU O 244 -52.99 8.51 -28.21
CA GLU O 244 -53.92 9.30 -29.01
C GLU O 244 -53.25 10.01 -30.20
N GLN O 245 -52.04 10.54 -29.98
CA GLN O 245 -51.20 11.16 -31.00
C GLN O 245 -50.67 10.18 -32.04
N THR O 246 -50.37 8.92 -31.64
CA THR O 246 -49.90 7.84 -32.51
C THR O 246 -50.97 7.40 -33.47
N ALA O 247 -52.24 7.37 -33.01
CA ALA O 247 -53.39 7.14 -33.86
C ALA O 247 -53.65 8.30 -34.83
N ALA O 248 -53.55 9.57 -34.36
CA ALA O 248 -53.68 10.71 -35.25
C ALA O 248 -52.62 10.84 -36.35
N VAL O 249 -51.31 10.59 -36.06
CA VAL O 249 -50.23 10.58 -37.03
C VAL O 249 -50.38 9.48 -38.08
N ASP O 250 -50.94 8.31 -37.68
CA ASP O 250 -51.29 7.20 -38.55
C ASP O 250 -52.30 7.65 -39.61
N GLU O 251 -53.46 8.18 -39.19
CA GLU O 251 -54.46 8.68 -40.11
C GLU O 251 -54.02 9.79 -41.05
N ILE O 252 -53.06 10.66 -40.67
CA ILE O 252 -52.43 11.60 -41.58
C ILE O 252 -51.50 10.92 -42.57
N THR O 253 -50.65 9.99 -42.10
CA THR O 253 -49.69 9.32 -42.98
C THR O 253 -50.38 8.38 -43.97
N THR O 254 -51.56 7.85 -43.60
CA THR O 254 -52.42 7.12 -44.52
C THR O 254 -53.09 8.07 -45.49
N ALA O 255 -53.66 9.19 -45.01
CA ALA O 255 -54.31 10.20 -45.83
C ALA O 255 -53.41 10.93 -46.82
N MET O 256 -52.11 11.09 -46.52
CA MET O 256 -51.17 11.69 -47.47
C MET O 256 -50.68 10.68 -48.49
N THR O 257 -50.59 9.39 -48.15
CA THR O 257 -50.28 8.38 -49.17
C THR O 257 -51.47 8.12 -50.09
N GLU O 258 -52.71 8.22 -49.56
CA GLU O 258 -53.94 8.20 -50.35
C GLU O 258 -54.11 9.43 -51.26
N ASN O 259 -53.67 10.62 -50.81
CA ASN O 259 -53.66 11.83 -51.61
C ASN O 259 -52.63 11.75 -52.73
N ALA O 260 -51.46 11.13 -52.48
CA ALA O 260 -50.43 10.92 -53.48
C ALA O 260 -50.88 10.00 -54.61
N LYS O 261 -51.62 8.92 -54.30
CA LYS O 261 -52.15 8.01 -55.31
C LYS O 261 -53.35 8.54 -56.08
N ASN O 262 -54.06 9.55 -55.53
CA ASN O 262 -55.15 10.20 -56.22
C ASN O 262 -54.68 11.42 -56.99
N ALA O 263 -53.63 12.14 -56.54
CA ALA O 263 -53.06 13.24 -57.31
C ALA O 263 -52.34 12.76 -58.57
N GLU O 264 -51.72 11.57 -58.52
CA GLU O 264 -51.15 10.89 -59.65
C GLU O 264 -52.21 10.40 -60.65
N GLU O 265 -53.30 9.75 -60.16
CA GLU O 265 -54.38 9.30 -61.03
C GLU O 265 -55.16 10.45 -61.69
N ILE O 266 -55.20 11.64 -61.06
CA ILE O 266 -55.79 12.82 -61.66
C ILE O 266 -54.82 13.39 -62.67
N THR O 267 -53.50 13.50 -62.37
CA THR O 267 -52.50 13.95 -63.35
C THR O 267 -52.49 13.13 -64.64
N ASN O 268 -52.64 11.79 -64.54
CA ASN O 268 -52.75 10.95 -65.73
C ASN O 268 -54.09 11.04 -66.46
N SER O 269 -55.23 11.20 -65.75
CA SER O 269 -56.53 11.37 -66.42
C SER O 269 -56.69 12.75 -67.01
N VAL O 270 -56.20 13.82 -66.35
CA VAL O 270 -56.14 15.17 -66.88
C VAL O 270 -55.30 15.24 -68.14
N LYS O 271 -54.13 14.58 -68.17
CA LYS O 271 -53.32 14.46 -69.37
C LYS O 271 -54.03 13.79 -70.55
N GLU O 272 -54.74 12.66 -70.36
CA GLU O 272 -55.56 12.08 -71.43
C GLU O 272 -56.76 12.96 -71.85
N VAL O 273 -57.43 13.65 -70.89
CA VAL O 273 -58.52 14.58 -71.17
C VAL O 273 -58.07 15.75 -72.02
N ASN O 274 -56.92 16.37 -71.68
CA ASN O 274 -56.32 17.46 -72.43
C ASN O 274 -55.93 17.03 -73.84
N ALA O 275 -55.44 15.80 -74.04
CA ALA O 275 -55.19 15.27 -75.37
C ALA O 275 -56.47 15.12 -76.19
N ARG O 276 -57.51 14.48 -75.63
CA ARG O 276 -58.83 14.35 -76.23
C ARG O 276 -59.52 15.68 -76.54
N LEU O 277 -59.27 16.72 -75.70
CA LEU O 277 -59.78 18.06 -75.86
C LEU O 277 -59.10 18.79 -77.00
N GLN O 278 -57.77 18.63 -77.15
CA GLN O 278 -57.00 19.13 -78.27
C GLN O 278 -57.41 18.49 -79.59
N GLU O 279 -57.99 17.28 -79.57
CA GLU O 279 -58.59 16.67 -80.75
C GLU O 279 -60.00 17.19 -81.04
N ILE O 280 -60.77 17.64 -80.03
CA ILE O 280 -62.02 18.37 -80.29
C ILE O 280 -61.72 19.74 -80.88
N SER O 281 -60.68 20.45 -80.41
CA SER O 281 -60.24 21.72 -81.00
C SER O 281 -59.82 21.59 -82.46
N ALA O 282 -59.23 20.44 -82.85
CA ALA O 282 -58.88 20.07 -84.20
C ALA O 282 -60.07 19.87 -85.13
N SER O 283 -61.01 19.00 -84.75
CA SER O 283 -62.26 18.79 -85.48
C SER O 283 -63.13 20.04 -85.55
N THR O 284 -63.16 20.88 -84.49
CA THR O 284 -63.90 22.14 -84.50
C THR O 284 -63.30 23.17 -85.45
N GLU O 285 -61.97 23.16 -85.63
CA GLU O 285 -61.27 23.93 -86.64
C GLU O 285 -61.56 23.43 -88.04
N GLU O 286 -61.72 22.11 -88.20
CA GLU O 286 -62.04 21.50 -89.48
C GLU O 286 -63.49 21.74 -89.93
N VAL O 287 -64.45 21.89 -89.00
CA VAL O 287 -65.79 22.36 -89.35
C VAL O 287 -65.78 23.84 -89.68
N THR O 288 -65.02 24.64 -88.92
CA THR O 288 -64.89 26.08 -89.13
C THR O 288 -64.34 26.41 -90.51
N SER O 289 -63.27 25.70 -90.91
CA SER O 289 -62.64 25.86 -92.20
C SER O 289 -63.45 25.39 -93.41
N ARG O 290 -64.37 24.40 -93.25
CA ARG O 290 -65.18 23.94 -94.36
C ARG O 290 -66.49 24.71 -94.47
N VAL O 291 -66.88 25.47 -93.42
CA VAL O 291 -68.02 26.37 -93.46
C VAL O 291 -67.68 27.63 -94.26
N GLN O 292 -66.39 27.91 -94.52
CA GLN O 292 -65.97 28.97 -95.42
C GLN O 292 -66.27 28.64 -96.88
N THR O 293 -66.06 27.36 -97.27
CA THR O 293 -66.39 26.81 -98.59
C THR O 293 -67.87 26.94 -98.89
N ILE O 294 -68.74 26.48 -97.95
CA ILE O 294 -70.19 26.41 -98.11
C ILE O 294 -70.81 27.79 -98.18
N ARG O 295 -70.43 28.71 -97.28
CA ARG O 295 -70.90 30.08 -97.23
C ARG O 295 -70.65 30.82 -98.55
N GLU O 296 -69.40 30.71 -99.07
CA GLU O 296 -69.02 31.20 -100.39
C GLU O 296 -69.86 30.64 -101.55
N ASN O 297 -70.21 29.33 -101.53
CA ASN O 297 -70.97 28.73 -102.61
C ASN O 297 -72.46 29.07 -102.55
N VAL O 298 -73.02 29.47 -101.39
CA VAL O 298 -74.44 29.84 -101.35
C VAL O 298 -74.65 31.30 -101.71
N GLN O 299 -73.58 32.11 -101.71
CA GLN O 299 -73.55 33.42 -102.35
C GLN O 299 -73.59 33.31 -103.87
N MET O 300 -72.87 32.33 -104.44
CA MET O 300 -72.87 32.06 -105.87
C MET O 300 -74.22 31.56 -106.37
N LEU O 301 -74.81 30.54 -105.71
CA LEU O 301 -76.17 30.06 -106.00
C LEU O 301 -77.24 31.15 -106.05
N LYS O 302 -77.10 32.21 -105.21
CA LYS O 302 -77.94 33.39 -105.26
C LYS O 302 -77.77 34.27 -106.50
N GLU O 303 -76.54 34.49 -107.01
CA GLU O 303 -76.36 35.29 -108.22
C GLU O 303 -76.93 34.66 -109.46
N ILE O 304 -76.71 33.35 -109.66
CA ILE O 304 -77.26 32.62 -110.80
C ILE O 304 -78.77 32.60 -110.81
N VAL O 305 -79.45 32.46 -109.65
CA VAL O 305 -80.89 32.63 -109.59
C VAL O 305 -81.28 34.07 -109.98
N ALA O 306 -80.64 35.11 -109.42
CA ALA O 306 -80.91 36.49 -109.78
C ALA O 306 -80.79 36.81 -111.28
N ARG O 307 -79.72 36.27 -111.93
CA ARG O 307 -79.44 36.33 -113.35
C ARG O 307 -80.51 35.69 -114.24
N TYR O 308 -81.10 34.55 -113.82
CA TYR O 308 -81.82 33.68 -114.74
C TYR O 308 -83.22 33.31 -114.26
N LYS O 309 -83.73 33.92 -113.18
CA LYS O 309 -85.10 33.70 -112.73
C LYS O 309 -86.03 34.67 -113.48
N SER P 1 -78.05 25.19 -121.33
CA SER P 1 -78.58 24.74 -120.01
C SER P 1 -77.87 25.35 -118.82
N HIS P 2 -78.54 26.30 -118.14
CA HIS P 2 -78.02 26.97 -116.96
C HIS P 2 -77.89 26.12 -115.70
N MET P 3 -78.21 24.80 -115.72
CA MET P 3 -77.88 23.93 -114.60
C MET P 3 -76.40 23.51 -114.58
N LYS P 4 -75.48 24.34 -115.12
CA LYS P 4 -74.05 24.15 -115.04
C LYS P 4 -73.52 24.74 -113.74
N ASP P 5 -73.79 26.03 -113.48
CA ASP P 5 -73.35 26.69 -112.26
C ASP P 5 -74.11 26.23 -111.02
N VAL P 6 -75.30 25.62 -111.18
CA VAL P 6 -75.93 24.93 -110.06
C VAL P 6 -75.14 23.68 -109.68
N GLN P 7 -74.67 22.91 -110.69
CA GLN P 7 -73.97 21.67 -110.47
C GLN P 7 -72.58 21.84 -109.85
N THR P 8 -71.78 22.81 -110.33
CA THR P 8 -70.42 23.06 -109.82
C THR P 8 -70.34 23.54 -108.38
N GLU P 9 -71.41 24.17 -107.86
CA GLU P 9 -71.44 24.62 -106.48
C GLU P 9 -72.13 23.61 -105.58
N THR P 10 -73.10 22.83 -106.12
CA THR P 10 -73.80 21.78 -105.34
C THR P 10 -72.96 20.51 -105.28
N PHE P 11 -71.76 20.55 -105.87
CA PHE P 11 -70.75 19.53 -105.76
C PHE P 11 -69.78 19.87 -104.62
N SER P 12 -69.40 21.17 -104.49
CA SER P 12 -68.46 21.60 -103.46
C SER P 12 -69.06 21.57 -102.07
N VAL P 13 -70.35 21.95 -101.91
CA VAL P 13 -70.99 21.82 -100.60
C VAL P 13 -71.28 20.38 -100.18
N ALA P 14 -71.19 19.40 -101.11
CA ALA P 14 -71.43 18.01 -100.86
C ALA P 14 -70.19 17.24 -100.46
N GLU P 15 -69.00 17.71 -100.88
CA GLU P 15 -67.73 17.19 -100.40
C GLU P 15 -67.34 17.87 -99.09
N SER P 16 -68.03 18.97 -98.74
CA SER P 16 -67.71 19.73 -97.53
C SER P 16 -68.68 19.42 -96.41
N ILE P 17 -70.02 19.34 -96.65
CA ILE P 17 -70.99 18.91 -95.64
C ILE P 17 -70.70 17.53 -95.06
N GLU P 18 -70.13 16.64 -95.90
CA GLU P 18 -69.65 15.32 -95.55
C GLU P 18 -68.55 15.26 -94.51
N GLU P 19 -67.55 16.17 -94.57
CA GLU P 19 -66.50 16.25 -93.56
C GLU P 19 -66.99 16.88 -92.28
N ILE P 20 -67.91 17.85 -92.39
CA ILE P 20 -68.65 18.41 -91.26
C ILE P 20 -69.41 17.31 -90.51
N SER P 21 -70.19 16.51 -91.25
CA SER P 21 -70.93 15.35 -90.72
C SER P 21 -70.06 14.34 -89.98
N LYS P 22 -68.89 13.96 -90.54
CA LYS P 22 -67.91 13.09 -89.89
C LYS P 22 -67.29 13.70 -88.63
N ALA P 23 -66.83 14.97 -88.73
CA ALA P 23 -66.27 15.71 -87.61
C ALA P 23 -67.24 15.90 -86.46
N ASN P 24 -68.54 16.13 -86.72
CA ASN P 24 -69.55 16.17 -85.66
C ASN P 24 -69.72 14.82 -84.95
N GLU P 25 -69.57 13.68 -85.65
CA GLU P 25 -69.56 12.39 -84.99
C GLU P 25 -68.30 12.14 -84.16
N GLU P 26 -67.10 12.51 -84.68
CA GLU P 26 -65.86 12.41 -83.89
C GLU P 26 -65.86 13.29 -82.62
N ILE P 27 -66.38 14.54 -82.70
CA ILE P 27 -66.57 15.42 -81.55
C ILE P 27 -67.52 14.81 -80.54
N THR P 28 -68.64 14.23 -81.01
CA THR P 28 -69.63 13.54 -80.18
C THR P 28 -69.03 12.36 -79.43
N ASN P 29 -68.22 11.51 -80.11
CA ASN P 29 -67.54 10.41 -79.46
C ASN P 29 -66.56 10.86 -78.39
N GLN P 30 -65.71 11.88 -78.67
CA GLN P 30 -64.83 12.42 -77.64
C GLN P 30 -65.53 13.03 -76.43
N LEU P 31 -66.57 13.87 -76.66
CA LEU P 31 -67.33 14.55 -75.63
C LEU P 31 -67.97 13.67 -74.56
N LEU P 32 -68.60 12.56 -74.99
CA LEU P 32 -69.28 11.65 -74.08
C LEU P 32 -68.34 10.78 -73.27
N GLY P 33 -67.09 10.60 -73.74
CA GLY P 33 -66.04 9.90 -73.00
C GLY P 33 -65.41 10.79 -71.97
N ILE P 34 -65.16 12.07 -72.36
CA ILE P 34 -64.68 13.11 -71.49
C ILE P 34 -65.64 13.39 -70.35
N SER P 35 -66.97 13.48 -70.56
CA SER P 35 -67.93 13.65 -69.45
C SER P 35 -67.85 12.55 -68.40
N LYS P 36 -67.73 11.28 -68.83
CA LYS P 36 -67.45 10.14 -67.95
C LYS P 36 -66.11 10.23 -67.22
N GLU P 37 -64.97 10.48 -67.93
CA GLU P 37 -63.67 10.65 -67.27
C GLU P 37 -63.63 11.84 -66.29
N MET P 38 -64.29 12.97 -66.63
CA MET P 38 -64.50 14.13 -65.81
C MET P 38 -65.29 13.81 -64.54
N ASP P 39 -66.38 13.03 -64.65
CA ASP P 39 -67.16 12.62 -63.51
C ASP P 39 -66.43 11.63 -62.57
N ASN P 40 -65.32 10.99 -63.00
CA ASN P 40 -64.46 10.23 -62.10
C ASN P 40 -63.44 11.10 -61.40
N ILE P 41 -62.95 12.19 -62.03
CA ILE P 41 -62.08 13.18 -61.40
C ILE P 41 -62.82 13.91 -60.28
N SER P 42 -64.14 14.17 -60.45
CA SER P 42 -65.05 14.76 -59.47
C SER P 42 -65.09 13.97 -58.15
N THR P 43 -65.26 12.64 -58.24
CA THR P 43 -65.14 11.74 -57.09
C THR P 43 -63.78 11.82 -56.41
N ARG P 44 -62.66 11.75 -57.18
CA ARG P 44 -61.32 11.87 -56.63
C ARG P 44 -61.01 13.18 -55.92
N ILE P 45 -61.50 14.34 -56.42
CA ILE P 45 -61.36 15.63 -55.75
C ILE P 45 -62.18 15.69 -54.47
N GLU P 46 -63.43 15.16 -54.48
CA GLU P 46 -64.25 15.02 -53.28
C GLU P 46 -63.57 14.16 -52.19
N SER P 47 -62.89 13.07 -52.58
CA SER P 47 -62.07 12.25 -51.68
C SER P 47 -60.88 13.02 -51.12
N ILE P 48 -60.20 13.86 -51.93
CA ILE P 48 -59.15 14.75 -51.46
C ILE P 48 -59.68 15.80 -50.49
N SER P 49 -60.85 16.43 -50.74
CA SER P 49 -61.45 17.38 -49.78
C SER P 49 -61.76 16.73 -48.42
N ALA P 50 -62.33 15.50 -48.44
CA ALA P 50 -62.53 14.68 -47.27
C ALA P 50 -61.25 14.39 -46.48
N SER P 51 -60.20 13.96 -47.20
CA SER P 51 -58.84 13.73 -46.71
C SER P 51 -58.20 14.95 -46.03
N VAL P 52 -58.44 16.17 -46.56
CA VAL P 52 -58.07 17.45 -45.94
C VAL P 52 -58.78 17.65 -44.59
N GLN P 53 -60.09 17.37 -44.52
CA GLN P 53 -60.86 17.45 -43.29
C GLN P 53 -60.42 16.44 -42.23
N GLU P 54 -60.11 15.19 -42.65
CA GLU P 54 -59.54 14.15 -41.80
C GLU P 54 -58.15 14.53 -41.27
N THR P 55 -57.29 15.06 -42.15
CA THR P 55 -55.95 15.57 -41.81
C THR P 55 -56.01 16.73 -40.82
N THR P 56 -56.94 17.69 -41.05
CA THR P 56 -57.19 18.82 -40.18
C THR P 56 -57.58 18.39 -38.77
N ALA P 57 -58.49 17.40 -38.66
CA ALA P 57 -58.86 16.79 -37.38
C ALA P 57 -57.70 16.10 -36.68
N GLY P 58 -56.89 15.32 -37.42
CA GLY P 58 -55.69 14.68 -36.89
C GLY P 58 -54.66 15.65 -36.38
N SER P 59 -54.42 16.73 -37.13
CA SER P 59 -53.50 17.81 -36.75
C SER P 59 -53.96 18.59 -35.52
N GLU P 60 -55.28 18.63 -35.26
CA GLU P 60 -55.81 19.23 -34.05
C GLU P 60 -55.47 18.38 -32.83
N GLU P 61 -55.79 17.07 -32.86
CA GLU P 61 -55.39 16.19 -31.76
C GLU P 61 -53.88 16.05 -31.55
N ILE P 62 -53.05 16.17 -32.62
CA ILE P 62 -51.60 16.30 -32.54
C ILE P 62 -51.14 17.56 -31.79
N SER P 63 -51.84 18.70 -31.99
CA SER P 63 -51.53 19.96 -31.33
C SER P 63 -51.89 19.90 -29.85
N SER P 64 -53.12 19.43 -29.54
CA SER P 64 -53.62 19.24 -28.18
C SER P 64 -52.77 18.27 -27.37
N ALA P 65 -52.44 17.10 -27.94
CA ALA P 65 -51.57 16.09 -27.33
C ALA P 65 -50.20 16.66 -26.98
N THR P 66 -49.57 17.38 -27.93
CA THR P 66 -48.28 18.05 -27.77
C THR P 66 -48.29 19.03 -26.61
N LYS P 67 -49.34 19.87 -26.47
CA LYS P 67 -49.46 20.79 -25.33
C LYS P 67 -49.63 20.05 -23.99
N ASN P 68 -50.45 18.98 -23.96
CA ASN P 68 -50.62 18.12 -22.78
C ASN P 68 -49.31 17.46 -22.33
N ILE P 69 -48.52 16.97 -23.30
CA ILE P 69 -47.21 16.39 -23.05
C ILE P 69 -46.20 17.45 -22.62
N ALA P 70 -46.20 18.66 -23.25
CA ALA P 70 -45.36 19.77 -22.85
C ALA P 70 -45.52 20.22 -21.39
N ASP P 71 -46.79 20.23 -20.91
CA ASP P 71 -47.17 20.53 -19.54
C ASP P 71 -46.76 19.41 -18.58
N SER P 72 -47.13 18.15 -18.90
CA SER P 72 -46.73 16.96 -18.15
C SER P 72 -45.21 16.80 -17.99
N ALA P 73 -44.44 17.01 -19.07
CA ALA P 73 -42.98 17.00 -19.09
C ALA P 73 -42.36 18.05 -18.19
N GLN P 74 -42.81 19.32 -18.29
CA GLN P 74 -42.47 20.43 -17.42
C GLN P 74 -42.58 20.08 -15.94
N GLN P 75 -43.74 19.55 -15.52
CA GLN P 75 -43.96 19.04 -14.18
C GLN P 75 -43.03 17.91 -13.77
N ALA P 76 -42.87 16.86 -14.61
CA ALA P 76 -42.00 15.73 -14.31
C ALA P 76 -40.51 16.09 -14.13
N ALA P 77 -40.02 17.09 -14.88
CA ALA P 77 -38.70 17.69 -14.74
C ALA P 77 -38.51 18.36 -13.39
N SER P 78 -39.57 19.00 -12.88
CA SER P 78 -39.62 19.65 -11.58
C SER P 78 -39.52 18.63 -10.46
N PHE P 79 -40.37 17.58 -10.48
CA PHE P 79 -40.31 16.45 -9.56
C PHE P 79 -38.97 15.71 -9.52
N ALA P 80 -38.26 15.58 -10.65
CA ALA P 80 -36.92 15.01 -10.72
C ALA P 80 -35.87 15.82 -9.95
N ASP P 81 -35.96 17.16 -10.00
CA ASP P 81 -35.12 18.08 -9.23
C ASP P 81 -35.41 17.95 -7.74
N GLN P 82 -36.71 17.92 -7.35
CA GLN P 82 -37.13 17.71 -5.97
C GLN P 82 -36.67 16.38 -5.40
N SER P 83 -36.62 15.33 -6.25
CA SER P 83 -36.14 14.01 -5.86
C SER P 83 -34.66 13.94 -5.57
N THR P 84 -33.81 14.56 -6.42
CA THR P 84 -32.36 14.61 -6.16
C THR P 84 -31.99 15.40 -4.91
N GLN P 85 -32.70 16.51 -4.60
CA GLN P 85 -32.49 17.25 -3.37
C GLN P 85 -32.79 16.47 -2.09
N LEU P 86 -33.83 15.61 -2.09
CA LEU P 86 -34.10 14.79 -0.91
C LEU P 86 -33.14 13.62 -0.78
N ALA P 87 -32.39 13.31 -1.86
CA ALA P 87 -31.28 12.37 -1.86
C ALA P 87 -30.01 13.05 -1.36
N LYS P 88 -29.97 14.40 -1.35
CA LYS P 88 -28.87 15.14 -0.78
C LYS P 88 -28.97 15.15 0.72
N GLU P 89 -30.19 15.40 1.27
CA GLU P 89 -30.45 15.32 2.69
C GLU P 89 -30.39 13.90 3.25
N ALA P 90 -31.05 12.92 2.59
CA ALA P 90 -30.97 11.51 2.96
C ALA P 90 -29.56 10.90 2.99
N GLY P 91 -28.65 11.37 2.11
CA GLY P 91 -27.27 10.88 2.09
C GLY P 91 -26.41 11.57 3.10
N ASP P 92 -26.68 12.87 3.38
CA ASP P 92 -26.03 13.63 4.43
C ASP P 92 -26.34 13.02 5.79
N ALA P 93 -27.65 12.79 6.10
CA ALA P 93 -28.01 12.11 7.32
C ALA P 93 -27.53 10.67 7.45
N LEU P 94 -27.11 10.00 6.35
CA LEU P 94 -26.64 8.64 6.44
C LEU P 94 -25.13 8.57 6.50
N LYS P 95 -24.40 9.51 5.86
CA LYS P 95 -22.95 9.62 6.06
C LYS P 95 -22.55 10.27 7.38
N LYS P 96 -23.53 10.79 8.14
CA LYS P 96 -23.33 11.22 9.52
C LYS P 96 -23.81 10.19 10.52
N VAL P 97 -24.86 9.38 10.25
CA VAL P 97 -25.22 8.32 11.17
C VAL P 97 -24.23 7.16 11.16
N ILE P 98 -23.56 6.89 10.02
CA ILE P 98 -22.45 5.94 9.97
C ILE P 98 -21.25 6.46 10.75
N GLU P 99 -21.05 7.80 10.82
CA GLU P 99 -19.97 8.40 11.59
C GLU P 99 -20.21 8.38 13.08
N VAL P 100 -21.47 8.56 13.52
CA VAL P 100 -21.86 8.43 14.92
C VAL P 100 -21.78 6.97 15.34
N THR P 101 -22.25 6.05 14.49
CA THR P 101 -22.22 4.60 14.74
C THR P 101 -20.80 4.08 14.88
N ARG P 102 -19.89 4.35 13.92
CA ARG P 102 -18.48 3.98 14.05
C ARG P 102 -17.73 4.63 15.22
N MET P 103 -18.15 5.81 15.71
CA MET P 103 -17.58 6.44 16.90
C MET P 103 -17.96 5.74 18.21
N ILE P 104 -19.25 5.39 18.39
CA ILE P 104 -19.74 4.74 19.59
C ILE P 104 -19.30 3.29 19.69
N SER P 105 -18.90 2.69 18.55
CA SER P 105 -18.31 1.37 18.47
C SER P 105 -16.97 1.33 19.20
N ASN P 106 -16.18 2.42 19.15
CA ASN P 106 -14.97 2.54 19.93
C ASN P 106 -15.22 2.96 21.38
N SER P 107 -16.24 3.80 21.64
CA SER P 107 -16.63 4.16 23.00
C SER P 107 -17.23 3.02 23.80
N ALA P 108 -17.82 2.02 23.13
CA ALA P 108 -18.34 0.83 23.79
C ALA P 108 -17.24 -0.18 24.08
N LYS P 109 -16.12 -0.15 23.35
CA LYS P 109 -14.98 -0.99 23.67
C LYS P 109 -14.27 -0.53 24.95
N ASP P 110 -14.25 0.79 25.21
CA ASP P 110 -13.85 1.36 26.50
C ASP P 110 -14.62 0.79 27.70
N VAL P 111 -15.92 0.43 27.52
CA VAL P 111 -16.74 -0.14 28.58
C VAL P 111 -16.38 -1.59 28.88
N GLU P 112 -16.02 -2.40 27.87
CA GLU P 112 -15.47 -3.74 28.10
C GLU P 112 -14.20 -3.72 28.94
N ARG P 113 -13.31 -2.74 28.70
CA ARG P 113 -12.10 -2.48 29.46
C ARG P 113 -12.36 -2.03 30.90
N VAL P 114 -13.36 -1.13 31.11
CA VAL P 114 -13.82 -0.71 32.43
C VAL P 114 -14.38 -1.90 33.22
N VAL P 115 -15.34 -2.67 32.66
CA VAL P 115 -15.89 -3.87 33.29
C VAL P 115 -14.84 -4.94 33.63
N GLU P 116 -13.73 -5.03 32.87
CA GLU P 116 -12.61 -5.92 33.18
C GLU P 116 -11.77 -5.36 34.33
N SER P 117 -11.60 -4.02 34.39
CA SER P 117 -10.93 -3.33 35.49
C SER P 117 -11.73 -3.40 36.80
N PHE P 118 -13.06 -3.57 36.70
CA PHE P 118 -13.95 -3.85 37.83
C PHE P 118 -13.74 -5.27 38.33
N GLN P 119 -13.69 -6.28 37.43
CA GLN P 119 -13.43 -7.67 37.78
C GLN P 119 -12.08 -7.86 38.49
N LYS P 120 -11.00 -7.22 38.03
CA LYS P 120 -9.76 -7.17 38.79
C LYS P 120 -9.84 -6.36 40.09
N GLY P 121 -10.56 -5.22 40.09
CA GLY P 121 -10.74 -4.35 41.24
C GLY P 121 -11.51 -4.90 42.41
N ALA P 122 -12.32 -5.95 42.17
CA ALA P 122 -13.07 -6.63 43.21
C ALA P 122 -12.31 -7.84 43.73
N GLU P 123 -11.35 -8.33 42.94
CA GLU P 123 -10.46 -9.41 43.33
C GLU P 123 -9.33 -8.89 44.20
N GLU P 124 -8.89 -7.63 43.98
CA GLU P 124 -7.90 -6.97 44.83
C GLU P 124 -8.48 -6.59 46.19
N ILE P 125 -9.76 -6.15 46.25
CA ILE P 125 -10.45 -5.97 47.53
C ILE P 125 -10.76 -7.28 48.24
N THR P 126 -10.91 -8.42 47.51
CA THR P 126 -11.17 -9.70 48.17
C THR P 126 -9.91 -10.25 48.83
N SER P 127 -8.71 -9.97 48.27
CA SER P 127 -7.46 -10.30 48.94
C SER P 127 -7.23 -9.50 50.23
N PHE P 128 -7.76 -8.26 50.30
CA PHE P 128 -7.78 -7.47 51.53
C PHE P 128 -8.85 -7.92 52.52
N VAL P 129 -9.98 -8.50 52.06
CA VAL P 129 -10.97 -9.13 52.93
C VAL P 129 -10.38 -10.31 53.64
N GLU P 130 -9.73 -11.24 52.89
CA GLU P 130 -8.95 -12.35 53.43
C GLU P 130 -7.90 -11.90 54.44
N THR P 131 -7.05 -10.91 54.06
CA THR P 131 -6.01 -10.33 54.94
C THR P 131 -6.55 -9.79 56.25
N ILE P 132 -7.59 -8.90 56.23
CA ILE P 132 -8.24 -8.35 57.41
C ILE P 132 -8.86 -9.44 58.29
N ASN P 133 -9.58 -10.40 57.67
CA ASN P 133 -10.20 -11.53 58.32
C ASN P 133 -9.17 -12.39 59.06
N ALA P 134 -8.09 -12.83 58.36
CA ALA P 134 -6.96 -13.55 58.93
C ALA P 134 -6.34 -12.88 60.16
N ILE P 135 -5.95 -11.60 60.05
CA ILE P 135 -5.41 -10.81 61.17
C ILE P 135 -6.35 -10.79 62.37
N ALA P 136 -7.67 -10.61 62.13
CA ALA P 136 -8.68 -10.63 63.17
C ALA P 136 -8.86 -11.98 63.85
N GLU P 137 -8.76 -13.11 63.12
CA GLU P 137 -8.81 -14.43 63.73
C GLU P 137 -7.58 -14.81 64.54
N GLN P 138 -6.41 -14.24 64.21
CA GLN P 138 -5.20 -14.36 65.01
C GLN P 138 -5.35 -13.56 66.31
N THR P 139 -5.82 -12.30 66.17
CA THR P 139 -6.13 -11.40 67.29
C THR P 139 -7.14 -11.98 68.27
N ASN P 140 -8.18 -12.68 67.74
CA ASN P 140 -9.14 -13.44 68.52
C ASN P 140 -8.48 -14.56 69.32
N LEU P 141 -7.69 -15.44 68.66
CA LEU P 141 -6.95 -16.50 69.33
C LEU P 141 -5.97 -16.01 70.41
N LEU P 142 -5.23 -14.91 70.14
CA LEU P 142 -4.39 -14.27 71.16
C LEU P 142 -5.18 -13.78 72.38
N ALA P 143 -6.34 -13.14 72.16
CA ALA P 143 -7.22 -12.71 73.22
C ALA P 143 -7.82 -13.88 74.01
N LEU P 144 -8.08 -15.02 73.34
CA LEU P 144 -8.53 -16.25 74.00
C LEU P 144 -7.43 -16.88 74.86
N ASN P 145 -6.17 -16.95 74.37
CA ASN P 145 -5.03 -17.41 75.17
C ASN P 145 -4.78 -16.56 76.43
N ALA P 146 -5.07 -15.24 76.39
CA ALA P 146 -5.14 -14.40 77.57
C ALA P 146 -6.36 -14.62 78.45
N ALA P 147 -7.55 -14.87 77.85
CA ALA P 147 -8.80 -15.01 78.59
C ALA P 147 -8.86 -16.29 79.39
N ILE P 148 -8.36 -17.41 78.82
CA ILE P 148 -8.27 -18.71 79.46
C ILE P 148 -7.29 -18.79 80.65
N GLU P 149 -6.63 -17.67 81.00
CA GLU P 149 -5.72 -17.60 82.13
C GLU P 149 -5.91 -16.36 82.98
N ALA P 150 -6.44 -15.24 82.44
CA ALA P 150 -6.82 -14.10 83.24
C ALA P 150 -8.03 -14.39 84.12
N ALA P 151 -8.98 -15.19 83.60
CA ALA P 151 -10.12 -15.69 84.35
C ALA P 151 -9.76 -16.73 85.43
N ARG P 152 -8.55 -17.32 85.36
CA ARG P 152 -7.99 -18.20 86.37
C ARG P 152 -7.16 -17.43 87.39
N ALA P 153 -6.95 -16.12 87.18
CA ALA P 153 -6.00 -15.32 87.95
C ALA P 153 -6.66 -14.41 88.98
N GLY P 154 -7.89 -14.75 89.45
CA GLY P 154 -8.60 -14.10 90.55
C GLY P 154 -8.63 -12.60 90.58
N GLU P 155 -8.20 -12.00 91.71
CA GLU P 155 -8.11 -10.56 91.95
C GLU P 155 -7.04 -9.91 91.08
N ALA P 156 -5.80 -10.44 91.08
CA ALA P 156 -4.72 -9.95 90.24
C ALA P 156 -5.02 -9.82 88.74
N GLY P 157 -5.73 -10.82 88.14
CA GLY P 157 -6.11 -10.81 86.72
C GLY P 157 -7.37 -10.06 86.35
N ARG P 158 -8.15 -9.59 87.32
CA ARG P 158 -9.47 -8.99 87.20
C ARG P 158 -9.74 -8.11 85.97
N GLY P 159 -9.07 -6.95 85.87
CA GLY P 159 -9.25 -5.99 84.78
C GLY P 159 -8.58 -6.38 83.49
N PHE P 160 -7.76 -7.44 83.53
CA PHE P 160 -7.06 -8.00 82.38
C PHE P 160 -7.96 -9.02 81.71
N ALA P 161 -8.87 -9.64 82.49
CA ALA P 161 -9.91 -10.50 81.93
C ALA P 161 -11.04 -9.70 81.27
N VAL P 162 -11.25 -8.43 81.69
CA VAL P 162 -12.19 -7.52 81.03
C VAL P 162 -11.70 -7.06 79.66
N VAL P 163 -10.43 -6.60 79.56
CA VAL P 163 -9.87 -6.23 78.26
C VAL P 163 -9.75 -7.39 77.30
N ALA P 164 -9.32 -8.60 77.75
CA ALA P 164 -9.29 -9.81 76.94
C ALA P 164 -10.60 -10.12 76.23
N ASP P 165 -11.72 -10.05 76.99
CA ASP P 165 -13.08 -10.13 76.53
C ASP P 165 -13.39 -9.11 75.41
N GLU P 166 -13.24 -7.80 75.69
CA GLU P 166 -13.52 -6.78 74.68
C GLU P 166 -12.55 -6.75 73.50
N ILE P 167 -11.33 -7.32 73.62
CA ILE P 167 -10.43 -7.57 72.48
C ILE P 167 -10.98 -8.68 71.61
N ARG P 168 -11.35 -9.84 72.21
CA ARG P 168 -12.00 -10.93 71.49
C ARG P 168 -13.25 -10.47 70.75
N LYS P 169 -14.16 -9.74 71.44
CA LYS P 169 -15.34 -9.14 70.84
C LYS P 169 -15.06 -8.08 69.77
N LEU P 170 -14.06 -7.17 69.95
CA LEU P 170 -13.58 -6.28 68.89
C LEU P 170 -12.99 -7.02 67.69
N ALA P 171 -12.19 -8.08 67.91
CA ALA P 171 -11.66 -8.86 66.83
C ALA P 171 -12.72 -9.70 66.11
N GLU P 172 -13.84 -10.02 66.79
CA GLU P 172 -15.02 -10.61 66.18
C GLU P 172 -15.91 -9.57 65.51
N GLU P 173 -15.71 -8.28 65.80
CA GLU P 173 -16.38 -7.17 65.17
C GLU P 173 -15.67 -6.84 63.87
N SER P 174 -14.33 -6.99 63.85
CA SER P 174 -13.52 -7.00 62.64
C SER P 174 -13.84 -8.17 61.70
N GLN P 175 -14.13 -9.38 62.23
CA GLN P 175 -14.63 -10.51 61.44
C GLN P 175 -15.97 -10.21 60.78
N GLN P 176 -16.92 -9.62 61.53
CA GLN P 176 -18.20 -9.14 61.02
C GLN P 176 -18.09 -8.12 59.89
N ALA P 177 -17.32 -7.04 60.09
CA ALA P 177 -17.09 -6.01 59.10
C ALA P 177 -16.45 -6.52 57.81
N SER P 178 -15.44 -7.40 57.91
CA SER P 178 -14.83 -8.07 56.76
C SER P 178 -15.79 -8.99 56.02
N GLU P 179 -16.72 -9.65 56.74
CA GLU P 179 -17.82 -10.41 56.16
C GLU P 179 -18.87 -9.54 55.49
N ASN P 180 -19.09 -8.29 55.94
CA ASN P 180 -19.95 -7.35 55.25
C ASN P 180 -19.26 -6.70 54.06
N VAL P 181 -17.92 -6.56 54.05
CA VAL P 181 -17.19 -6.13 52.86
C VAL P 181 -17.23 -7.25 51.83
N ARG P 182 -17.03 -8.52 52.26
CA ARG P 182 -17.14 -9.70 51.42
C ARG P 182 -18.49 -9.83 50.74
N ARG P 183 -19.59 -9.59 51.48
CA ARG P 183 -20.95 -9.62 50.99
C ARG P 183 -21.19 -8.58 49.89
N VAL P 184 -20.72 -7.33 50.07
CA VAL P 184 -20.89 -6.28 49.09
C VAL P 184 -19.92 -6.42 47.93
N VAL P 185 -18.70 -6.98 48.14
CA VAL P 185 -17.74 -7.28 47.08
C VAL P 185 -18.27 -8.34 46.13
N ASN P 186 -18.90 -9.40 46.67
CA ASN P 186 -19.55 -10.45 45.92
C ASN P 186 -20.72 -9.94 45.07
N GLU P 187 -21.58 -9.05 45.61
CA GLU P 187 -22.63 -8.39 44.87
C GLU P 187 -22.17 -7.51 43.71
N ILE P 188 -21.10 -6.70 43.87
CA ILE P 188 -20.52 -5.90 42.81
C ILE P 188 -19.82 -6.75 41.77
N ARG P 189 -19.13 -7.83 42.18
CA ARG P 189 -18.51 -8.79 41.29
C ARG P 189 -19.55 -9.51 40.42
N SER P 190 -20.68 -9.94 41.00
CA SER P 190 -21.78 -10.54 40.24
C SER P 190 -22.51 -9.54 39.31
N ILE P 191 -22.50 -8.23 39.64
CA ILE P 191 -22.92 -7.16 38.74
C ILE P 191 -21.94 -6.99 37.58
N ALA P 192 -20.62 -7.12 37.84
CA ALA P 192 -19.56 -7.11 36.85
C ALA P 192 -19.70 -8.26 35.86
N GLU P 193 -20.00 -9.49 36.33
CA GLU P 193 -20.30 -10.63 35.46
C GLU P 193 -21.54 -10.40 34.58
N ASP P 194 -22.59 -9.70 35.09
CA ASP P 194 -23.74 -9.34 34.28
C ASP P 194 -23.39 -8.27 33.25
N ALA P 195 -22.55 -7.29 33.64
CA ALA P 195 -22.07 -6.22 32.79
C ALA P 195 -21.17 -6.67 31.64
N GLY P 196 -20.49 -7.84 31.75
CA GLY P 196 -19.82 -8.52 30.65
C GLY P 196 -20.63 -8.65 29.38
N LYS P 197 -21.88 -9.15 29.55
CA LYS P 197 -22.91 -9.22 28.53
C LYS P 197 -23.28 -7.86 27.97
N VAL P 198 -23.80 -6.94 28.82
CA VAL P 198 -24.28 -5.60 28.44
C VAL P 198 -23.31 -4.82 27.56
N SER P 199 -22.03 -4.92 27.90
CA SER P 199 -20.86 -4.38 27.23
C SER P 199 -20.62 -5.00 25.88
N SER P 200 -20.53 -6.35 25.82
CA SER P 200 -20.09 -7.03 24.61
C SER P 200 -21.23 -7.32 23.65
N GLU P 201 -22.49 -7.29 24.12
CA GLU P 201 -23.65 -7.29 23.24
C GLU P 201 -23.83 -5.99 22.46
N ILE P 202 -23.18 -4.89 22.89
CA ILE P 202 -23.06 -3.66 22.13
C ILE P 202 -21.95 -3.82 21.11
N THR P 203 -20.70 -4.12 21.53
CA THR P 203 -19.55 -4.21 20.64
C THR P 203 -19.65 -5.28 19.56
N ALA P 204 -20.54 -6.28 19.73
CA ALA P 204 -20.91 -7.20 18.68
C ALA P 204 -21.96 -6.65 17.73
N ARG P 205 -23.04 -6.03 18.24
CA ARG P 205 -24.13 -5.60 17.38
C ARG P 205 -23.87 -4.27 16.68
N VAL P 206 -22.96 -3.42 17.19
CA VAL P 206 -22.65 -2.14 16.58
C VAL P 206 -21.74 -2.27 15.35
N GLU P 207 -20.85 -3.28 15.31
CA GLU P 207 -20.03 -3.58 14.14
C GLU P 207 -20.87 -3.93 12.91
N GLU P 208 -21.86 -4.83 13.06
CA GLU P 208 -22.75 -5.22 11.98
C GLU P 208 -23.90 -4.25 11.76
N GLY P 209 -24.07 -3.23 12.63
CA GLY P 209 -25.01 -2.14 12.41
C GLY P 209 -24.40 -1.08 11.54
N THR P 210 -23.08 -0.88 11.68
CA THR P 210 -22.26 0.01 10.84
C THR P 210 -22.14 -0.53 9.43
N LYS P 211 -22.04 -1.86 9.29
CA LYS P 211 -22.02 -2.56 8.03
C LYS P 211 -23.32 -2.48 7.25
N LEU P 212 -24.48 -2.72 7.89
CA LEU P 212 -25.79 -2.61 7.28
C LEU P 212 -26.12 -1.19 6.81
N ALA P 213 -25.64 -0.18 7.55
CA ALA P 213 -25.77 1.22 7.17
C ALA P 213 -24.87 1.58 5.99
N ASP P 214 -23.68 0.98 5.87
CA ASP P 214 -22.80 1.14 4.72
C ASP P 214 -23.31 0.37 3.49
N GLU P 215 -24.12 -0.70 3.68
CA GLU P 215 -24.84 -1.35 2.61
C GLU P 215 -26.02 -0.50 2.14
N ALA P 216 -26.68 0.21 3.06
CA ALA P 216 -27.75 1.14 2.72
C ALA P 216 -27.24 2.42 2.05
N ASP P 217 -25.98 2.83 2.30
CA ASP P 217 -25.29 3.87 1.57
C ASP P 217 -25.14 3.50 0.09
N GLU P 218 -24.56 2.32 -0.21
CA GLU P 218 -24.42 1.82 -1.55
C GLU P 218 -25.73 1.61 -2.32
N LYS P 219 -26.80 1.12 -1.65
CA LYS P 219 -28.14 1.10 -2.20
C LYS P 219 -28.79 2.49 -2.37
N LEU P 220 -28.22 3.57 -1.79
CA LEU P 220 -28.71 4.92 -1.94
C LEU P 220 -27.88 5.61 -3.02
N ASN P 221 -26.64 5.12 -3.25
CA ASN P 221 -25.82 5.59 -4.35
C ASN P 221 -26.27 4.94 -5.67
N SER P 222 -27.01 3.81 -5.60
CA SER P 222 -27.70 3.25 -6.76
C SER P 222 -28.95 4.02 -7.16
N ILE P 223 -29.53 4.84 -6.27
CA ILE P 223 -30.63 5.73 -6.61
C ILE P 223 -30.07 7.01 -7.22
N VAL P 224 -28.91 7.50 -6.70
CA VAL P 224 -28.20 8.66 -7.25
C VAL P 224 -27.66 8.41 -8.67
N GLY P 225 -27.54 7.14 -9.09
CA GLY P 225 -27.29 6.79 -10.49
C GLY P 225 -28.55 6.65 -11.31
N ALA P 226 -29.61 6.03 -10.76
CA ALA P 226 -30.88 5.85 -11.43
C ALA P 226 -31.63 7.16 -11.69
N VAL P 227 -31.57 8.13 -10.76
CA VAL P 227 -32.25 9.43 -10.91
C VAL P 227 -31.50 10.37 -11.86
N GLU P 228 -30.22 10.06 -12.17
CA GLU P 228 -29.45 10.77 -13.17
C GLU P 228 -29.85 10.30 -14.56
N ARG P 229 -30.17 9.00 -14.72
CA ARG P 229 -30.73 8.45 -15.95
C ARG P 229 -32.15 8.94 -16.24
N ILE P 230 -33.00 9.15 -15.20
CA ILE P 230 -34.35 9.69 -15.37
C ILE P 230 -34.32 11.11 -15.93
N ASN P 231 -33.44 11.99 -15.40
CA ASN P 231 -33.26 13.35 -15.89
C ASN P 231 -32.81 13.40 -17.36
N GLU P 232 -31.86 12.55 -17.79
CA GLU P 232 -31.45 12.45 -19.19
C GLU P 232 -32.59 12.02 -20.13
N MET P 233 -33.44 11.07 -19.68
CA MET P 233 -34.62 10.63 -20.41
C MET P 233 -35.68 11.72 -20.51
N LEU P 234 -35.87 12.54 -19.45
CA LEU P 234 -36.75 13.70 -19.52
C LEU P 234 -36.19 14.83 -20.40
N GLN P 235 -34.86 15.00 -20.50
CA GLN P 235 -34.26 15.90 -21.48
C GLN P 235 -34.41 15.41 -22.92
N ASN P 236 -34.53 14.08 -23.12
CA ASN P 236 -34.82 13.50 -24.44
C ASN P 236 -36.26 13.69 -24.87
N ILE P 237 -37.21 13.99 -23.96
CA ILE P 237 -38.56 14.29 -24.42
C ILE P 237 -38.70 15.79 -24.63
N ALA P 238 -37.90 16.61 -23.89
CA ALA P 238 -37.82 18.05 -24.05
C ALA P 238 -37.35 18.45 -25.45
N ALA P 239 -36.26 17.83 -25.94
CA ALA P 239 -35.77 18.02 -27.28
C ALA P 239 -36.73 17.54 -28.37
N ALA P 240 -37.55 16.50 -28.10
CA ALA P 240 -38.54 16.04 -29.04
C ALA P 240 -39.83 16.86 -29.04
N ILE P 241 -40.24 17.50 -27.91
CA ILE P 241 -41.41 18.38 -27.85
C ILE P 241 -41.28 19.66 -28.69
N GLU P 242 -40.05 20.18 -28.88
CA GLU P 242 -39.82 21.33 -29.74
C GLU P 242 -39.81 20.94 -31.21
N GLU P 243 -39.46 19.68 -31.53
CA GLU P 243 -39.58 19.12 -32.86
C GLU P 243 -41.04 18.94 -33.27
N GLN P 244 -41.90 18.44 -32.36
CA GLN P 244 -43.34 18.31 -32.57
C GLN P 244 -44.05 19.63 -32.87
N ASN P 245 -43.71 20.73 -32.15
CA ASN P 245 -44.30 22.02 -32.43
C ASN P 245 -43.83 22.62 -33.77
N ALA P 246 -42.54 22.46 -34.12
CA ALA P 246 -42.02 22.84 -35.42
C ALA P 246 -42.61 22.05 -36.58
N ALA P 247 -42.80 20.74 -36.40
CA ALA P 247 -43.39 19.85 -37.38
C ALA P 247 -44.87 20.13 -37.61
N VAL P 248 -45.63 20.48 -36.55
CA VAL P 248 -47.04 20.82 -36.70
C VAL P 248 -47.23 22.23 -37.27
N ASP P 249 -46.24 23.15 -37.15
CA ASP P 249 -46.26 24.41 -37.89
C ASP P 249 -46.02 24.17 -39.39
N GLU P 250 -45.20 23.16 -39.76
CA GLU P 250 -44.95 22.77 -41.15
C GLU P 250 -46.14 22.01 -41.76
N ILE P 251 -46.85 21.20 -40.95
CA ILE P 251 -48.09 20.56 -41.38
C ILE P 251 -49.25 21.55 -41.43
N THR P 252 -49.33 22.56 -40.54
CA THR P 252 -50.46 23.50 -40.56
C THR P 252 -50.47 24.41 -41.77
N THR P 253 -49.31 24.97 -42.18
CA THR P 253 -49.22 25.73 -43.44
C THR P 253 -49.48 24.89 -44.68
N ALA P 254 -49.15 23.59 -44.65
CA ALA P 254 -49.42 22.69 -45.74
C ALA P 254 -50.89 22.32 -45.89
N MET P 255 -51.57 21.86 -44.83
CA MET P 255 -52.99 21.54 -44.83
C MET P 255 -53.90 22.71 -45.16
N THR P 256 -53.44 23.94 -44.85
CA THR P 256 -54.09 25.21 -45.19
C THR P 256 -54.05 25.44 -46.69
N GLU P 257 -52.90 25.19 -47.35
CA GLU P 257 -52.77 25.23 -48.80
C GLU P 257 -53.53 24.10 -49.51
N ASN P 258 -53.54 22.89 -48.91
CA ASN P 258 -54.26 21.72 -49.42
C ASN P 258 -55.77 21.90 -49.48
N ALA P 259 -56.35 22.73 -48.58
CA ALA P 259 -57.76 23.08 -48.58
C ALA P 259 -58.08 24.06 -49.70
N LYS P 260 -57.22 25.09 -49.86
CA LYS P 260 -57.29 26.07 -50.91
C LYS P 260 -57.20 25.43 -52.28
N ASN P 261 -56.12 24.68 -52.57
CA ASN P 261 -55.97 23.96 -53.82
C ASN P 261 -57.08 22.97 -54.16
N ALA P 262 -57.61 22.22 -53.16
CA ALA P 262 -58.76 21.35 -53.37
C ALA P 262 -60.03 22.05 -53.83
N GLU P 263 -60.34 23.22 -53.23
CA GLU P 263 -61.44 24.05 -53.67
C GLU P 263 -61.21 24.70 -55.03
N GLU P 264 -59.97 25.19 -55.30
CA GLU P 264 -59.58 25.75 -56.58
C GLU P 264 -59.69 24.79 -57.77
N ILE P 265 -59.41 23.49 -57.54
CA ILE P 265 -59.59 22.43 -58.52
C ILE P 265 -61.06 22.11 -58.66
N THR P 266 -61.80 22.00 -57.54
CA THR P 266 -63.25 21.76 -57.56
C THR P 266 -63.98 22.87 -58.32
N ASN P 267 -63.63 24.15 -58.10
CA ASN P 267 -64.16 25.29 -58.86
C ASN P 267 -63.81 25.26 -60.35
N SER P 268 -62.62 24.76 -60.75
CA SER P 268 -62.32 24.60 -62.17
C SER P 268 -63.09 23.47 -62.81
N VAL P 269 -63.29 22.32 -62.12
CA VAL P 269 -64.10 21.20 -62.59
C VAL P 269 -65.56 21.59 -62.83
N LYS P 270 -66.14 22.42 -61.95
CA LYS P 270 -67.49 22.96 -62.11
C LYS P 270 -67.67 23.86 -63.32
N GLU P 271 -66.63 24.62 -63.68
CA GLU P 271 -66.60 25.45 -64.87
C GLU P 271 -66.57 24.61 -66.14
N VAL P 272 -65.64 23.63 -66.18
CA VAL P 272 -65.50 22.66 -67.27
C VAL P 272 -66.80 21.90 -67.52
N ASN P 273 -67.44 21.33 -66.48
CA ASN P 273 -68.72 20.65 -66.61
C ASN P 273 -69.85 21.52 -67.16
N ALA P 274 -69.90 22.81 -66.78
CA ALA P 274 -70.89 23.73 -67.30
C ALA P 274 -70.65 24.18 -68.74
N ARG P 275 -69.38 24.44 -69.14
CA ARG P 275 -69.06 24.73 -70.53
C ARG P 275 -69.20 23.52 -71.44
N LEU P 276 -68.90 22.30 -70.95
CA LEU P 276 -69.08 21.06 -71.69
C LEU P 276 -70.53 20.73 -72.03
N GLN P 277 -71.48 20.98 -71.11
CA GLN P 277 -72.90 20.82 -71.41
C GLN P 277 -73.42 21.85 -72.41
N GLU P 278 -72.83 23.07 -72.48
CA GLU P 278 -73.14 24.03 -73.53
C GLU P 278 -72.58 23.61 -74.88
N ILE P 279 -71.41 22.94 -74.93
CA ILE P 279 -70.83 22.45 -76.18
C ILE P 279 -71.61 21.26 -76.71
N SER P 280 -72.10 20.35 -75.84
CA SER P 280 -72.97 19.24 -76.25
C SER P 280 -74.27 19.70 -76.91
N ALA P 281 -74.94 20.71 -76.32
CA ALA P 281 -76.09 21.35 -76.89
C ALA P 281 -75.84 22.03 -78.23
N SER P 282 -74.76 22.83 -78.37
CA SER P 282 -74.31 23.40 -79.63
C SER P 282 -73.90 22.36 -80.66
N THR P 283 -73.38 21.19 -80.23
CA THR P 283 -73.09 20.03 -81.09
C THR P 283 -74.36 19.40 -81.59
N GLU P 284 -75.40 19.31 -80.73
CA GLU P 284 -76.72 18.86 -81.14
C GLU P 284 -77.42 19.86 -82.07
N GLU P 285 -77.22 21.19 -81.85
CA GLU P 285 -77.68 22.24 -82.75
C GLU P 285 -77.06 22.16 -84.15
N VAL P 286 -75.73 21.90 -84.25
CA VAL P 286 -75.04 21.66 -85.52
C VAL P 286 -75.45 20.31 -86.12
N THR P 287 -75.71 19.28 -85.29
CA THR P 287 -76.11 17.96 -85.78
C THR P 287 -77.56 17.98 -86.27
N SER P 288 -78.37 18.98 -85.87
CA SER P 288 -79.67 19.19 -86.48
C SER P 288 -79.58 20.03 -87.75
N ARG P 289 -78.75 21.08 -87.78
CA ARG P 289 -78.66 21.96 -88.94
C ARG P 289 -77.78 21.41 -90.06
N VAL P 290 -76.99 20.35 -89.83
CA VAL P 290 -76.27 19.63 -90.87
C VAL P 290 -77.24 18.82 -91.73
N GLN P 291 -78.23 18.16 -91.09
CA GLN P 291 -79.25 17.39 -91.76
C GLN P 291 -80.15 18.24 -92.67
N THR P 292 -80.59 19.43 -92.21
CA THR P 292 -81.27 20.42 -93.07
C THR P 292 -80.49 20.86 -94.29
N ILE P 293 -79.15 21.02 -94.20
CA ILE P 293 -78.36 21.38 -95.37
C ILE P 293 -78.15 20.19 -96.28
N ARG P 294 -78.05 18.96 -95.73
CA ARG P 294 -77.95 17.76 -96.54
C ARG P 294 -79.20 17.53 -97.37
N GLU P 295 -80.41 17.68 -96.80
CA GLU P 295 -81.66 17.53 -97.56
C GLU P 295 -81.81 18.53 -98.69
N ASN P 296 -81.47 19.82 -98.45
CA ASN P 296 -81.54 20.86 -99.47
C ASN P 296 -80.35 20.86 -100.44
N VAL P 297 -79.49 19.83 -100.39
CA VAL P 297 -78.37 19.65 -101.32
C VAL P 297 -78.56 18.31 -102.03
N GLN P 298 -79.43 17.42 -101.52
CA GLN P 298 -79.89 16.26 -102.26
C GLN P 298 -81.11 16.63 -103.11
N MET P 299 -82.08 17.35 -102.53
CA MET P 299 -83.24 17.89 -103.25
C MET P 299 -82.89 18.95 -104.28
N LEU P 300 -81.69 19.57 -104.19
CA LEU P 300 -81.20 20.47 -105.23
C LEU P 300 -80.47 19.73 -106.35
N LYS P 301 -79.80 18.60 -106.07
CA LYS P 301 -79.22 17.75 -107.11
C LYS P 301 -80.31 17.04 -107.94
N GLU P 302 -81.54 16.93 -107.40
CA GLU P 302 -82.70 16.44 -108.12
C GLU P 302 -83.19 17.41 -109.21
N ILE P 303 -83.03 18.74 -109.02
CA ILE P 303 -83.34 19.75 -110.03
C ILE P 303 -82.37 19.70 -111.21
N VAL P 304 -81.07 19.52 -110.90
CA VAL P 304 -79.94 19.32 -111.80
C VAL P 304 -80.12 18.14 -112.77
N ALA P 305 -80.93 17.14 -112.36
CA ALA P 305 -81.30 16.01 -113.18
C ALA P 305 -82.57 16.28 -113.95
N ARG P 306 -83.67 16.72 -113.29
CA ARG P 306 -84.97 17.05 -113.87
C ARG P 306 -84.97 17.76 -115.23
N TYR P 307 -84.22 18.87 -115.33
CA TYR P 307 -84.10 19.71 -116.50
C TYR P 307 -83.16 19.08 -117.57
N GLY Q 1 -52.04 -22.16 -135.06
CA GLY Q 1 -52.24 -20.72 -135.43
C GLY Q 1 -51.83 -19.68 -134.41
N SER Q 2 -52.18 -18.41 -134.67
CA SER Q 2 -51.80 -17.22 -133.92
C SER Q 2 -52.17 -17.14 -132.43
N HIS Q 3 -53.39 -17.50 -132.00
CA HIS Q 3 -53.80 -17.32 -130.61
C HIS Q 3 -53.05 -18.21 -129.62
N MET Q 4 -52.47 -19.33 -130.09
CA MET Q 4 -51.69 -20.23 -129.26
C MET Q 4 -50.33 -19.65 -128.89
N LYS Q 5 -49.88 -18.55 -129.55
CA LYS Q 5 -48.67 -17.84 -129.17
C LYS Q 5 -48.82 -17.07 -127.86
N ASP Q 6 -50.06 -16.90 -127.37
CA ASP Q 6 -50.36 -16.22 -126.13
C ASP Q 6 -50.59 -17.24 -125.01
N VAL Q 7 -51.11 -18.42 -125.38
CA VAL Q 7 -51.31 -19.57 -124.49
C VAL Q 7 -49.98 -20.18 -124.06
N GLN Q 8 -48.90 -19.91 -124.82
CA GLN Q 8 -47.56 -20.28 -124.40
C GLN Q 8 -46.97 -19.26 -123.45
N THR Q 9 -47.10 -17.94 -123.72
CA THR Q 9 -46.72 -16.87 -122.78
C THR Q 9 -47.39 -16.98 -121.41
N GLU Q 10 -48.65 -17.45 -121.38
CA GLU Q 10 -49.41 -17.72 -120.17
C GLU Q 10 -48.87 -18.95 -119.43
N THR Q 11 -48.78 -20.10 -120.12
CA THR Q 11 -48.30 -21.35 -119.52
C THR Q 11 -46.81 -21.34 -119.17
N PHE Q 12 -46.03 -20.34 -119.66
CA PHE Q 12 -44.67 -20.07 -119.25
C PHE Q 12 -44.61 -19.45 -117.87
N SER Q 13 -45.49 -18.46 -117.58
CA SER Q 13 -45.56 -17.83 -116.27
C SER Q 13 -45.98 -18.80 -115.18
N VAL Q 14 -46.92 -19.71 -115.48
CA VAL Q 14 -47.30 -20.77 -114.54
C VAL Q 14 -46.17 -21.80 -114.36
N ALA Q 15 -45.48 -22.19 -115.44
CA ALA Q 15 -44.35 -23.11 -115.44
C ALA Q 15 -43.12 -22.62 -114.66
N GLU Q 16 -42.89 -21.30 -114.65
CA GLU Q 16 -41.81 -20.67 -113.91
C GLU Q 16 -42.16 -20.56 -112.44
N SER Q 17 -43.47 -20.41 -112.13
CA SER Q 17 -43.97 -20.35 -110.77
C SER Q 17 -44.03 -21.71 -110.08
N ILE Q 18 -44.64 -22.73 -110.71
CA ILE Q 18 -44.77 -24.08 -110.14
C ILE Q 18 -43.45 -24.77 -109.78
N GLU Q 19 -42.37 -24.52 -110.54
CA GLU Q 19 -41.05 -25.07 -110.29
C GLU Q 19 -40.36 -24.42 -109.08
N GLU Q 20 -40.73 -23.17 -108.75
CA GLU Q 20 -40.30 -22.50 -107.54
C GLU Q 20 -41.01 -23.07 -106.32
N ILE Q 21 -42.32 -23.35 -106.43
CA ILE Q 21 -43.10 -23.98 -105.36
C ILE Q 21 -42.59 -25.39 -105.01
N SER Q 22 -42.13 -26.18 -106.00
CA SER Q 22 -41.57 -27.51 -105.74
C SER Q 22 -40.24 -27.47 -105.00
N LYS Q 23 -39.37 -26.46 -105.24
CA LYS Q 23 -38.15 -26.34 -104.45
C LYS Q 23 -38.41 -25.67 -103.11
N ALA Q 24 -39.38 -24.74 -103.02
CA ALA Q 24 -39.77 -24.14 -101.75
C ALA Q 24 -40.37 -25.15 -100.77
N ASN Q 25 -41.09 -26.18 -101.28
CA ASN Q 25 -41.59 -27.25 -100.44
C ASN Q 25 -40.50 -28.27 -100.10
N GLU Q 26 -39.40 -28.31 -100.88
CA GLU Q 26 -38.24 -29.11 -100.53
C GLU Q 26 -37.41 -28.41 -99.46
N GLU Q 27 -37.29 -27.06 -99.51
CA GLU Q 27 -36.65 -26.28 -98.46
C GLU Q 27 -37.35 -26.37 -97.11
N ILE Q 28 -38.70 -26.37 -97.11
CA ILE Q 28 -39.48 -26.54 -95.90
C ILE Q 28 -39.35 -27.95 -95.35
N THR Q 29 -39.40 -28.99 -96.23
CA THR Q 29 -39.25 -30.38 -95.81
C THR Q 29 -37.89 -30.67 -95.18
N ASN Q 30 -36.81 -29.99 -95.63
CA ASN Q 30 -35.51 -30.10 -95.02
C ASN Q 30 -35.46 -29.50 -93.63
N GLN Q 31 -35.94 -28.25 -93.47
CA GLN Q 31 -36.02 -27.60 -92.18
C GLN Q 31 -36.86 -28.29 -91.11
N LEU Q 32 -38.01 -28.89 -91.49
CA LEU Q 32 -38.87 -29.63 -90.58
C LEU Q 32 -38.19 -30.88 -90.04
N LEU Q 33 -37.38 -31.57 -90.87
CA LEU Q 33 -36.60 -32.69 -90.41
C LEU Q 33 -35.53 -32.26 -89.42
N GLY Q 34 -34.75 -31.19 -89.71
CA GLY Q 34 -33.76 -30.67 -88.78
C GLY Q 34 -34.30 -30.11 -87.47
N ILE Q 35 -35.45 -29.40 -87.51
CA ILE Q 35 -36.17 -28.99 -86.30
C ILE Q 35 -36.60 -30.18 -85.46
N SER Q 36 -37.14 -31.27 -86.06
CA SER Q 36 -37.58 -32.44 -85.32
C SER Q 36 -36.48 -33.14 -84.53
N LYS Q 37 -35.31 -33.39 -85.16
CA LYS Q 37 -34.09 -33.86 -84.53
C LYS Q 37 -33.57 -32.93 -83.43
N GLU Q 38 -33.71 -31.60 -83.59
CA GLU Q 38 -33.19 -30.66 -82.62
C GLU Q 38 -34.17 -30.47 -81.46
N MET Q 39 -35.49 -30.65 -81.70
CA MET Q 39 -36.50 -30.71 -80.66
C MET Q 39 -36.37 -31.95 -79.79
N ASP Q 40 -35.90 -33.08 -80.38
CA ASP Q 40 -35.54 -34.27 -79.64
C ASP Q 40 -34.29 -34.03 -78.80
N ASN Q 41 -33.32 -33.24 -79.29
CA ASN Q 41 -32.16 -32.82 -78.51
C ASN Q 41 -32.56 -31.99 -77.29
N ILE Q 42 -33.51 -31.03 -77.46
CA ILE Q 42 -34.13 -30.25 -76.39
C ILE Q 42 -34.83 -31.16 -75.39
N SER Q 43 -35.68 -32.09 -75.89
CA SER Q 43 -36.36 -33.12 -75.12
C SER Q 43 -35.39 -33.96 -74.29
N THR Q 44 -34.36 -34.55 -74.92
CA THR Q 44 -33.28 -35.28 -74.26
C THR Q 44 -32.56 -34.47 -73.19
N ARG Q 45 -32.11 -33.23 -73.48
CA ARG Q 45 -31.49 -32.37 -72.48
C ARG Q 45 -32.39 -31.99 -71.31
N ILE Q 46 -33.71 -31.73 -71.53
CA ILE Q 46 -34.66 -31.43 -70.45
C ILE Q 46 -35.03 -32.67 -69.62
N GLU Q 47 -34.65 -33.88 -70.07
CA GLU Q 47 -34.78 -35.11 -69.29
C GLU Q 47 -33.59 -35.24 -68.37
N SER Q 48 -32.38 -34.92 -68.87
CA SER Q 48 -31.16 -34.87 -68.06
C SER Q 48 -31.25 -33.75 -67.03
N ILE Q 49 -31.89 -32.61 -67.35
CA ILE Q 49 -32.20 -31.57 -66.36
C ILE Q 49 -33.25 -32.02 -65.34
N SER Q 50 -34.31 -32.78 -65.72
CA SER Q 50 -35.26 -33.27 -64.72
C SER Q 50 -34.63 -34.26 -63.75
N ALA Q 51 -33.77 -35.17 -64.24
CA ALA Q 51 -33.04 -36.10 -63.40
C ALA Q 51 -31.94 -35.44 -62.54
N SER Q 52 -31.29 -34.38 -63.06
CA SER Q 52 -30.30 -33.58 -62.32
C SER Q 52 -30.87 -32.85 -61.13
N VAL Q 53 -32.17 -32.47 -61.19
CA VAL Q 53 -32.92 -31.87 -60.10
C VAL Q 53 -33.29 -32.94 -59.08
N GLN Q 54 -33.69 -34.16 -59.49
CA GLN Q 54 -33.98 -35.23 -58.55
C GLN Q 54 -32.76 -35.69 -57.75
N GLU Q 55 -31.59 -35.84 -58.41
CA GLU Q 55 -30.30 -36.13 -57.79
C GLU Q 55 -29.89 -35.11 -56.73
N THR Q 56 -30.04 -33.82 -57.10
CA THR Q 56 -29.78 -32.65 -56.26
C THR Q 56 -30.69 -32.62 -55.06
N THR Q 57 -32.00 -32.86 -55.27
CA THR Q 57 -33.00 -32.97 -54.20
C THR Q 57 -32.68 -34.08 -53.19
N ALA Q 58 -32.17 -35.22 -53.68
CA ALA Q 58 -31.70 -36.34 -52.86
C ALA Q 58 -30.47 -35.99 -52.02
N GLY Q 59 -29.49 -35.27 -52.59
CA GLY Q 59 -28.33 -34.77 -51.86
C GLY Q 59 -28.68 -33.70 -50.86
N SER Q 60 -29.66 -32.86 -51.22
CA SER Q 60 -30.25 -31.83 -50.37
C SER Q 60 -30.98 -32.41 -49.18
N GLU Q 61 -31.65 -33.57 -49.37
CA GLU Q 61 -32.28 -34.33 -48.30
C GLU Q 61 -31.26 -34.94 -47.35
N GLU Q 62 -30.09 -35.39 -47.87
CA GLU Q 62 -29.00 -35.90 -47.04
C GLU Q 62 -28.38 -34.79 -46.19
N ILE Q 63 -28.11 -33.61 -46.80
CA ILE Q 63 -27.71 -32.36 -46.12
C ILE Q 63 -28.71 -31.99 -45.04
N SER Q 64 -30.01 -31.91 -45.37
CA SER Q 64 -31.13 -31.63 -44.46
C SER Q 64 -31.12 -32.57 -43.25
N SER Q 65 -31.11 -33.91 -43.46
CA SER Q 65 -30.95 -34.96 -42.46
C SER Q 65 -29.75 -34.75 -41.55
N ALA Q 66 -28.58 -34.40 -42.14
CA ALA Q 66 -27.37 -34.11 -41.38
C ALA Q 66 -27.51 -32.85 -40.54
N THR Q 67 -28.17 -31.81 -41.05
CA THR Q 67 -28.34 -30.54 -40.34
C THR Q 67 -29.30 -30.66 -39.15
N LYS Q 68 -30.26 -31.60 -39.21
CA LYS Q 68 -31.11 -31.98 -38.10
C LYS Q 68 -30.35 -32.78 -37.05
N ASN Q 69 -29.55 -33.76 -37.50
CA ASN Q 69 -28.71 -34.62 -36.69
C ASN Q 69 -27.66 -33.86 -35.90
N ILE Q 70 -26.94 -32.91 -36.55
CA ILE Q 70 -26.05 -31.98 -35.88
C ILE Q 70 -26.78 -31.08 -34.89
N ALA Q 71 -27.99 -30.59 -35.22
CA ALA Q 71 -28.77 -29.75 -34.33
C ALA Q 71 -29.36 -30.48 -33.11
N ASP Q 72 -29.67 -31.78 -33.24
CA ASP Q 72 -30.18 -32.60 -32.15
C ASP Q 72 -29.05 -33.12 -31.27
N SER Q 73 -27.94 -33.57 -31.86
CA SER Q 73 -26.74 -33.97 -31.12
C SER Q 73 -26.11 -32.82 -30.35
N ALA Q 74 -26.13 -31.59 -30.91
CA ALA Q 74 -25.62 -30.39 -30.28
C ALA Q 74 -26.52 -29.88 -29.18
N GLN Q 75 -27.87 -29.97 -29.33
CA GLN Q 75 -28.80 -29.60 -28.26
C GLN Q 75 -28.72 -30.50 -27.03
N GLN Q 76 -28.27 -31.75 -27.21
CA GLN Q 76 -28.06 -32.68 -26.12
C GLN Q 76 -26.68 -32.50 -25.52
N ALA Q 77 -25.66 -32.15 -26.34
CA ALA Q 77 -24.35 -31.78 -25.83
C ALA Q 77 -24.38 -30.50 -24.98
N ALA Q 78 -25.12 -29.47 -25.44
CA ALA Q 78 -25.39 -28.24 -24.73
C ALA Q 78 -26.16 -28.44 -23.44
N SER Q 79 -27.14 -29.37 -23.43
CA SER Q 79 -27.89 -29.70 -22.23
C SER Q 79 -27.05 -30.39 -21.16
N PHE Q 80 -26.06 -31.23 -21.56
CA PHE Q 80 -25.11 -31.83 -20.65
C PHE Q 80 -24.01 -30.86 -20.24
N ALA Q 81 -23.70 -29.84 -21.05
CA ALA Q 81 -22.79 -28.78 -20.66
C ALA Q 81 -23.36 -27.83 -19.61
N ASP Q 82 -24.68 -27.56 -19.63
CA ASP Q 82 -25.31 -26.79 -18.57
C ASP Q 82 -25.57 -27.65 -17.35
N GLN Q 83 -25.79 -28.98 -17.53
CA GLN Q 83 -25.90 -29.91 -16.42
C GLN Q 83 -24.57 -30.09 -15.71
N SER Q 84 -23.45 -30.15 -16.45
CA SER Q 84 -22.11 -30.18 -15.88
C SER Q 84 -21.72 -28.86 -15.23
N THR Q 85 -22.15 -27.72 -15.79
CA THR Q 85 -21.94 -26.39 -15.19
C THR Q 85 -22.72 -26.22 -13.90
N GLN Q 86 -23.94 -26.80 -13.81
CA GLN Q 86 -24.72 -26.80 -12.58
C GLN Q 86 -24.14 -27.71 -11.52
N LEU Q 87 -23.67 -28.92 -11.88
CA LEU Q 87 -23.02 -29.83 -10.94
C LEU Q 87 -21.66 -29.33 -10.46
N ALA Q 88 -20.99 -28.45 -11.22
CA ALA Q 88 -19.75 -27.81 -10.84
C ALA Q 88 -19.99 -26.71 -9.82
N LYS Q 89 -20.92 -25.77 -10.12
CA LYS Q 89 -21.39 -24.75 -9.21
C LYS Q 89 -21.95 -25.33 -7.91
N GLU Q 90 -22.72 -26.44 -7.97
CA GLU Q 90 -23.25 -27.15 -6.82
C GLU Q 90 -22.15 -27.77 -5.95
N ALA Q 91 -21.28 -28.61 -6.55
CA ALA Q 91 -20.10 -29.18 -5.90
C ALA Q 91 -19.10 -28.15 -5.40
N GLY Q 92 -19.06 -26.94 -6.01
CA GLY Q 92 -18.30 -25.79 -5.56
C GLY Q 92 -18.87 -25.15 -4.34
N ASP Q 93 -20.20 -24.92 -4.31
CA ASP Q 93 -20.92 -24.41 -3.16
C ASP Q 93 -20.78 -25.36 -1.96
N ALA Q 94 -20.67 -26.68 -2.21
CA ALA Q 94 -20.35 -27.65 -1.17
C ALA Q 94 -18.90 -27.52 -0.69
N LEU Q 95 -17.92 -27.69 -1.61
CA LEU Q 95 -16.48 -27.66 -1.36
C LEU Q 95 -15.91 -26.37 -0.75
N LYS Q 96 -16.46 -25.20 -1.06
CA LYS Q 96 -16.04 -23.93 -0.48
C LYS Q 96 -16.49 -23.77 0.96
N LYS Q 97 -17.51 -24.54 1.39
CA LYS Q 97 -17.90 -24.61 2.79
C LYS Q 97 -17.23 -25.77 3.50
N VAL Q 98 -16.31 -26.49 2.83
CA VAL Q 98 -15.40 -27.39 3.52
C VAL Q 98 -14.02 -26.71 3.61
N ILE Q 99 -13.69 -25.78 2.70
CA ILE Q 99 -12.48 -24.97 2.82
C ILE Q 99 -12.64 -23.91 3.90
N GLU Q 100 -13.79 -23.23 3.97
CA GLU Q 100 -14.09 -22.28 5.04
C GLU Q 100 -14.14 -22.92 6.42
N VAL Q 101 -14.70 -24.13 6.49
CA VAL Q 101 -14.71 -24.97 7.68
C VAL Q 101 -13.33 -25.44 8.06
N THR Q 102 -12.47 -25.83 7.10
CA THR Q 102 -11.09 -26.19 7.43
C THR Q 102 -10.24 -24.99 7.85
N ARG Q 103 -10.60 -23.74 7.43
CA ARG Q 103 -9.98 -22.56 8.01
C ARG Q 103 -10.50 -22.22 9.41
N MET Q 104 -11.70 -22.69 9.80
CA MET Q 104 -12.11 -22.62 11.19
C MET Q 104 -11.50 -23.71 12.04
N ILE Q 105 -11.18 -24.89 11.46
CA ILE Q 105 -10.39 -25.92 12.16
C ILE Q 105 -8.92 -25.49 12.32
N SER Q 106 -8.46 -24.50 11.53
CA SER Q 106 -7.16 -23.82 11.63
C SER Q 106 -7.13 -22.96 12.87
N ASN Q 107 -8.04 -21.96 12.94
CA ASN Q 107 -8.16 -21.06 14.07
C ASN Q 107 -8.45 -21.82 15.36
N SER Q 108 -9.35 -22.81 15.34
CA SER Q 108 -9.60 -23.70 16.48
C SER Q 108 -8.38 -24.51 16.88
N ALA Q 109 -7.56 -25.02 15.94
CA ALA Q 109 -6.37 -25.75 16.34
C ALA Q 109 -5.27 -24.83 16.84
N LYS Q 110 -5.18 -23.58 16.36
CA LYS Q 110 -4.30 -22.59 16.96
C LYS Q 110 -4.68 -22.26 18.41
N ASP Q 111 -6.00 -22.15 18.72
CA ASP Q 111 -6.49 -22.10 20.08
C ASP Q 111 -6.32 -23.37 20.92
N VAL Q 112 -5.93 -24.53 20.31
CA VAL Q 112 -5.50 -25.73 21.03
C VAL Q 112 -4.10 -25.47 21.55
N GLU Q 113 -3.23 -24.86 20.72
CA GLU Q 113 -1.88 -24.48 21.13
C GLU Q 113 -1.86 -23.43 22.23
N ARG Q 114 -2.93 -22.61 22.37
CA ARG Q 114 -3.07 -21.70 23.49
C ARG Q 114 -3.32 -22.46 24.79
N VAL Q 115 -4.18 -23.49 24.78
CA VAL Q 115 -4.42 -24.32 25.96
C VAL Q 115 -3.24 -25.22 26.31
N VAL Q 116 -2.59 -25.84 25.31
CA VAL Q 116 -1.47 -26.74 25.49
C VAL Q 116 -0.22 -26.09 26.04
N GLU Q 117 0.19 -24.90 25.54
CA GLU Q 117 1.36 -24.23 26.09
C GLU Q 117 1.06 -23.50 27.41
N SER Q 118 -0.22 -23.18 27.69
CA SER Q 118 -0.62 -22.65 28.99
C SER Q 118 -0.63 -23.71 30.07
N PHE Q 119 -0.98 -24.96 29.73
CA PHE Q 119 -0.89 -26.07 30.67
C PHE Q 119 0.52 -26.59 30.83
N GLN Q 120 1.37 -26.65 29.77
CA GLN Q 120 2.77 -26.96 29.98
C GLN Q 120 3.54 -25.90 30.77
N LYS Q 121 3.12 -24.61 30.70
CA LYS Q 121 3.64 -23.61 31.62
C LYS Q 121 3.11 -23.79 33.04
N GLY Q 122 1.78 -24.07 33.18
CA GLY Q 122 1.17 -24.26 34.49
C GLY Q 122 1.61 -25.47 35.25
N ALA Q 123 2.14 -26.48 34.53
CA ALA Q 123 2.80 -27.61 35.11
C ALA Q 123 4.05 -27.22 35.91
N GLU Q 124 5.00 -26.54 35.23
CA GLU Q 124 6.24 -26.08 35.82
C GLU Q 124 6.10 -24.95 36.85
N GLU Q 125 5.04 -24.13 36.74
CA GLU Q 125 4.60 -23.12 37.67
C GLU Q 125 4.36 -23.69 39.07
N ILE Q 126 3.34 -24.57 39.15
CA ILE Q 126 2.90 -25.28 40.33
C ILE Q 126 4.01 -26.21 40.80
N THR Q 127 4.78 -26.85 39.89
CA THR Q 127 5.94 -27.69 40.26
C THR Q 127 6.94 -26.89 41.07
N SER Q 128 7.33 -25.67 40.64
CA SER Q 128 8.26 -24.83 41.42
C SER Q 128 7.66 -24.32 42.72
N PHE Q 129 6.34 -24.03 42.78
CA PHE Q 129 5.69 -23.77 44.05
C PHE Q 129 5.54 -24.98 45.00
N VAL Q 130 5.46 -26.22 44.47
CA VAL Q 130 5.34 -27.45 45.26
C VAL Q 130 6.70 -27.91 45.76
N GLU Q 131 7.77 -27.75 44.95
CA GLU Q 131 9.14 -27.94 45.38
C GLU Q 131 9.51 -27.01 46.54
N THR Q 132 8.88 -25.82 46.56
CA THR Q 132 9.01 -24.86 47.65
C THR Q 132 8.22 -25.27 48.89
N ILE Q 133 6.94 -25.72 48.78
CA ILE Q 133 6.20 -26.23 49.94
C ILE Q 133 6.74 -27.57 50.47
N ASN Q 134 7.48 -28.34 49.63
CA ASN Q 134 8.20 -29.53 50.07
C ASN Q 134 9.40 -29.13 50.92
N ALA Q 135 10.27 -28.23 50.39
CA ALA Q 135 11.43 -27.70 51.08
C ALA Q 135 11.09 -27.15 52.47
N ILE Q 136 10.11 -26.21 52.54
CA ILE Q 136 9.57 -25.65 53.76
C ILE Q 136 9.08 -26.70 54.76
N ALA Q 137 8.26 -27.69 54.31
CA ALA Q 137 7.76 -28.75 55.15
C ALA Q 137 8.83 -29.65 55.76
N GLU Q 138 9.79 -30.16 54.96
CA GLU Q 138 10.86 -31.00 55.47
C GLU Q 138 11.87 -30.24 56.33
N GLN Q 139 12.01 -28.92 56.13
CA GLN Q 139 12.83 -28.08 56.99
C GLN Q 139 12.11 -27.78 58.30
N THR Q 140 10.78 -27.56 58.25
CA THR Q 140 9.94 -27.38 59.46
C THR Q 140 9.86 -28.65 60.27
N ASN Q 141 9.82 -29.82 59.60
CA ASN Q 141 9.93 -31.14 60.20
C ASN Q 141 11.24 -31.30 60.96
N LEU Q 142 12.38 -30.96 60.32
CA LEU Q 142 13.69 -31.00 60.95
C LEU Q 142 13.85 -29.99 62.09
N LEU Q 143 13.32 -28.76 61.96
CA LEU Q 143 13.31 -27.77 63.04
C LEU Q 143 12.47 -28.24 64.22
N ALA Q 144 11.24 -28.75 63.98
CA ALA Q 144 10.37 -29.32 64.99
C ALA Q 144 11.00 -30.51 65.71
N LEU Q 145 11.60 -31.45 64.96
CA LEU Q 145 12.33 -32.59 65.49
C LEU Q 145 13.51 -32.24 66.38
N ASN Q 146 14.28 -31.18 66.06
CA ASN Q 146 15.36 -30.67 66.90
C ASN Q 146 14.85 -30.12 68.23
N ALA Q 147 13.73 -29.39 68.20
CA ALA Q 147 13.04 -28.89 69.37
C ALA Q 147 12.60 -30.04 70.27
N ALA Q 148 11.84 -31.00 69.71
CA ALA Q 148 11.40 -32.22 70.34
C ALA Q 148 12.51 -33.04 71.02
N ILE Q 149 13.66 -33.28 70.34
CA ILE Q 149 14.80 -33.99 70.90
C ILE Q 149 15.49 -33.21 72.02
N GLU Q 150 15.81 -31.91 71.81
CA GLU Q 150 16.44 -31.08 72.84
C GLU Q 150 15.55 -30.86 74.05
N ALA Q 151 14.24 -30.68 73.86
CA ALA Q 151 13.26 -30.64 74.94
C ALA Q 151 13.13 -31.94 75.72
N ALA Q 152 13.09 -33.12 75.07
CA ALA Q 152 13.04 -34.43 75.73
C ALA Q 152 14.26 -34.67 76.62
N ARG Q 153 15.44 -34.30 76.11
CA ARG Q 153 16.72 -34.28 76.80
C ARG Q 153 16.67 -33.38 78.05
N ALA Q 154 15.95 -32.23 77.99
CA ALA Q 154 15.84 -31.27 79.08
C ALA Q 154 15.04 -31.78 80.28
N GLY Q 155 14.41 -32.96 80.19
CA GLY Q 155 13.71 -33.59 81.31
C GLY Q 155 12.41 -32.90 81.67
N GLU Q 156 12.07 -32.84 82.97
CA GLU Q 156 10.79 -32.38 83.50
C GLU Q 156 10.21 -31.10 82.89
N ALA Q 157 10.95 -29.97 82.92
CA ALA Q 157 10.47 -28.74 82.32
C ALA Q 157 10.37 -28.77 80.79
N GLY Q 158 11.17 -29.63 80.13
CA GLY Q 158 11.16 -29.87 78.70
C GLY Q 158 9.91 -30.52 78.15
N ARG Q 159 9.19 -31.27 79.01
CA ARG Q 159 8.07 -32.12 78.65
C ARG Q 159 6.92 -31.39 77.97
N GLY Q 160 6.39 -30.29 78.56
CA GLY Q 160 5.31 -29.51 77.96
C GLY Q 160 5.62 -28.94 76.59
N PHE Q 161 6.88 -28.55 76.36
CA PHE Q 161 7.39 -28.11 75.06
C PHE Q 161 7.51 -29.26 74.08
N ALA Q 162 8.03 -30.43 74.50
CA ALA Q 162 8.16 -31.63 73.69
C ALA Q 162 6.83 -32.15 73.15
N VAL Q 163 5.76 -32.12 73.96
CA VAL Q 163 4.37 -32.40 73.57
C VAL Q 163 3.93 -31.50 72.41
N VAL Q 164 4.02 -30.16 72.58
CA VAL Q 164 3.69 -29.20 71.54
C VAL Q 164 4.57 -29.35 70.29
N ALA Q 165 5.91 -29.44 70.46
CA ALA Q 165 6.89 -29.66 69.39
C ALA Q 165 6.59 -30.88 68.52
N ASP Q 166 6.21 -32.02 69.14
CA ASP Q 166 5.80 -33.22 68.43
C ASP Q 166 4.47 -33.05 67.70
N GLU Q 167 3.53 -32.25 68.22
CA GLU Q 167 2.28 -31.92 67.54
C GLU Q 167 2.49 -31.03 66.32
N ILE Q 168 3.46 -30.09 66.39
CA ILE Q 168 3.92 -29.26 65.26
C ILE Q 168 4.58 -30.14 64.20
N ARG Q 169 5.41 -31.10 64.65
CA ARG Q 169 6.04 -32.10 63.81
C ARG Q 169 5.01 -32.97 63.07
N LYS Q 170 3.93 -33.41 63.75
CA LYS Q 170 2.81 -34.13 63.16
C LYS Q 170 2.15 -33.37 61.99
N LEU Q 171 1.86 -32.06 62.16
CA LEU Q 171 1.37 -31.21 61.07
C LEU Q 171 2.40 -30.98 59.97
N ALA Q 172 3.69 -30.85 60.32
CA ALA Q 172 4.77 -30.78 59.35
C ALA Q 172 4.90 -32.04 58.47
N GLU Q 173 4.80 -33.25 59.05
CA GLU Q 173 4.84 -34.48 58.29
C GLU Q 173 3.50 -34.82 57.62
N GLU Q 174 2.41 -34.13 57.99
CA GLU Q 174 1.18 -34.16 57.21
C GLU Q 174 1.29 -33.20 56.04
N SER Q 175 2.02 -32.08 56.19
CA SER Q 175 2.36 -31.19 55.07
C SER Q 175 3.39 -31.78 54.13
N GLN Q 176 4.28 -32.67 54.62
CA GLN Q 176 5.25 -33.38 53.79
C GLN Q 176 4.61 -34.48 52.95
N GLN Q 177 3.57 -35.13 53.50
CA GLN Q 177 2.72 -36.10 52.83
C GLN Q 177 1.83 -35.43 51.79
N ALA Q 178 1.22 -34.29 52.14
CA ALA Q 178 0.39 -33.48 51.26
C ALA Q 178 1.18 -32.94 50.08
N SER Q 179 2.44 -32.54 50.29
CA SER Q 179 3.36 -32.12 49.23
C SER Q 179 3.74 -33.26 48.33
N GLU Q 180 3.90 -34.51 48.84
CA GLU Q 180 4.20 -35.62 47.96
C GLU Q 180 2.98 -36.18 47.23
N ASN Q 181 1.75 -35.71 47.54
CA ASN Q 181 0.57 -36.08 46.76
C ASN Q 181 0.28 -35.02 45.70
N VAL Q 182 0.39 -33.71 46.03
CA VAL Q 182 0.18 -32.63 45.07
C VAL Q 182 1.28 -32.57 44.00
N ARG Q 183 2.38 -33.29 44.21
CA ARG Q 183 3.43 -33.47 43.24
C ARG Q 183 3.11 -34.55 42.22
N ARG Q 184 2.58 -35.72 42.66
CA ARG Q 184 2.18 -36.75 41.72
C ARG Q 184 1.11 -36.30 40.71
N VAL Q 185 0.13 -35.48 41.14
CA VAL Q 185 -0.85 -34.92 40.22
C VAL Q 185 -0.30 -33.80 39.34
N VAL Q 186 0.64 -32.95 39.79
CA VAL Q 186 1.25 -31.96 38.90
C VAL Q 186 2.21 -32.59 37.90
N ASN Q 187 2.77 -33.77 38.23
CA ASN Q 187 3.57 -34.53 37.30
C ASN Q 187 2.69 -35.33 36.35
N GLU Q 188 1.45 -35.71 36.75
CA GLU Q 188 0.48 -36.26 35.83
C GLU Q 188 -0.03 -35.21 34.85
N ILE Q 189 -0.42 -34.02 35.35
CA ILE Q 189 -0.79 -32.85 34.55
C ILE Q 189 0.29 -32.43 33.55
N ARG Q 190 1.58 -32.51 33.95
CA ARG Q 190 2.71 -32.32 33.05
C ARG Q 190 2.71 -33.28 31.87
N SER Q 191 2.65 -34.60 32.13
CA SER Q 191 2.69 -35.65 31.10
C SER Q 191 1.56 -35.50 30.10
N ILE Q 192 0.31 -35.32 30.59
CA ILE Q 192 -0.88 -35.06 29.80
C ILE Q 192 -0.84 -33.74 29.00
N ALA Q 193 0.03 -32.80 29.39
CA ALA Q 193 0.28 -31.57 28.68
C ALA Q 193 1.39 -31.72 27.65
N GLU Q 194 2.54 -32.30 28.02
CA GLU Q 194 3.61 -32.54 27.06
C GLU Q 194 3.29 -33.62 26.02
N ASP Q 195 2.75 -34.80 26.43
CA ASP Q 195 2.27 -35.83 25.51
C ASP Q 195 1.14 -35.40 24.58
N ALA Q 196 0.43 -34.30 24.89
CA ALA Q 196 -0.53 -33.71 23.98
C ALA Q 196 0.11 -32.93 22.84
N GLY Q 197 1.36 -32.42 22.99
CA GLY Q 197 1.96 -31.56 21.96
C GLY Q 197 2.38 -32.24 20.68
N LYS Q 198 2.54 -33.57 20.71
CA LYS Q 198 2.75 -34.35 19.51
C LYS Q 198 1.47 -34.48 18.69
N VAL Q 199 0.29 -34.35 19.33
CA VAL Q 199 -0.98 -34.40 18.61
C VAL Q 199 -1.36 -33.02 18.11
N SER Q 200 -1.04 -31.95 18.87
CA SER Q 200 -1.28 -30.57 18.46
C SER Q 200 -0.43 -30.14 17.28
N SER Q 201 0.75 -30.76 17.11
CA SER Q 201 1.61 -30.50 15.96
C SER Q 201 1.20 -31.33 14.74
N GLU Q 202 0.44 -32.42 14.95
CA GLU Q 202 -0.07 -33.24 13.86
C GLU Q 202 -1.34 -32.63 13.28
N ILE Q 203 -2.26 -32.13 14.13
CA ILE Q 203 -3.47 -31.45 13.65
C ILE Q 203 -3.16 -30.12 13.00
N THR Q 204 -2.09 -29.43 13.45
CA THR Q 204 -1.62 -28.18 12.86
C THR Q 204 -0.98 -28.41 11.50
N ALA Q 205 -0.25 -29.53 11.33
CA ALA Q 205 0.30 -29.88 10.05
C ALA Q 205 -0.77 -30.31 9.04
N ARG Q 206 -1.72 -31.18 9.46
CA ARG Q 206 -2.78 -31.67 8.60
C ARG Q 206 -3.88 -30.65 8.31
N VAL Q 207 -4.02 -29.56 9.08
CA VAL Q 207 -5.00 -28.53 8.77
C VAL Q 207 -4.49 -27.60 7.69
N GLU Q 208 -3.18 -27.29 7.68
CA GLU Q 208 -2.57 -26.50 6.63
C GLU Q 208 -2.43 -27.31 5.34
N GLU Q 209 -1.97 -28.57 5.45
CA GLU Q 209 -1.87 -29.52 4.36
C GLU Q 209 -3.23 -29.83 3.73
N GLY Q 210 -4.31 -29.86 4.54
CA GLY Q 210 -5.66 -30.15 4.09
C GLY Q 210 -6.38 -28.93 3.58
N THR Q 211 -6.07 -27.72 4.10
CA THR Q 211 -6.72 -26.48 3.62
C THR Q 211 -6.27 -26.19 2.21
N LYS Q 212 -4.94 -26.20 1.94
CA LYS Q 212 -4.46 -25.92 0.61
C LYS Q 212 -4.75 -27.01 -0.41
N LEU Q 213 -4.86 -28.30 0.00
CA LEU Q 213 -5.29 -29.38 -0.88
C LEU Q 213 -6.77 -29.35 -1.25
N ALA Q 214 -7.63 -28.78 -0.38
CA ALA Q 214 -9.02 -28.56 -0.68
C ALA Q 214 -9.22 -27.41 -1.67
N ASP Q 215 -8.49 -26.29 -1.46
CA ASP Q 215 -8.44 -25.16 -2.38
C ASP Q 215 -7.62 -25.45 -3.65
N GLU Q 216 -7.07 -26.68 -3.77
CA GLU Q 216 -6.42 -27.17 -4.95
C GLU Q 216 -7.41 -27.88 -5.86
N ALA Q 217 -8.39 -28.59 -5.28
CA ALA Q 217 -9.48 -29.16 -6.04
C ALA Q 217 -10.45 -28.09 -6.56
N ASP Q 218 -10.66 -27.01 -5.79
CA ASP Q 218 -11.47 -25.86 -6.16
C ASP Q 218 -10.95 -25.08 -7.37
N GLU Q 219 -9.61 -24.89 -7.49
CA GLU Q 219 -9.01 -24.22 -8.65
C GLU Q 219 -9.06 -25.08 -9.90
N LYS Q 220 -8.85 -26.41 -9.77
CA LYS Q 220 -9.06 -27.35 -10.85
C LYS Q 220 -10.53 -27.41 -11.28
N LEU Q 221 -11.48 -27.37 -10.32
CA LEU Q 221 -12.91 -27.31 -10.60
C LEU Q 221 -13.37 -26.03 -11.27
N ASN Q 222 -12.83 -24.86 -10.89
CA ASN Q 222 -13.08 -23.60 -11.59
C ASN Q 222 -12.51 -23.59 -13.00
N SER Q 223 -11.37 -24.27 -13.25
CA SER Q 223 -10.80 -24.44 -14.58
C SER Q 223 -11.68 -25.32 -15.48
N ILE Q 224 -12.42 -26.30 -14.91
CA ILE Q 224 -13.43 -27.05 -15.65
C ILE Q 224 -14.63 -26.19 -16.01
N VAL Q 225 -15.08 -25.25 -15.14
CA VAL Q 225 -16.16 -24.30 -15.44
C VAL Q 225 -15.82 -23.46 -16.66
N GLY Q 226 -14.62 -22.85 -16.67
CA GLY Q 226 -14.07 -22.09 -17.80
C GLY Q 226 -14.01 -22.87 -19.08
N ALA Q 227 -13.42 -24.09 -19.04
CA ALA Q 227 -13.39 -25.02 -20.16
C ALA Q 227 -14.75 -25.49 -20.65
N VAL Q 228 -15.69 -25.88 -19.76
CA VAL Q 228 -17.05 -26.27 -20.12
C VAL Q 228 -17.85 -25.11 -20.70
N GLU Q 229 -17.65 -23.87 -20.22
CA GLU Q 229 -18.24 -22.71 -20.84
C GLU Q 229 -17.58 -22.32 -22.18
N ARG Q 230 -16.37 -22.85 -22.49
CA ARG Q 230 -15.78 -22.77 -23.82
C ARG Q 230 -16.39 -23.82 -24.74
N ILE Q 231 -16.65 -25.05 -24.24
CA ILE Q 231 -17.40 -26.10 -24.94
C ILE Q 231 -18.78 -25.58 -25.33
N ASN Q 232 -19.52 -24.99 -24.36
CA ASN Q 232 -20.78 -24.32 -24.57
C ASN Q 232 -20.69 -23.20 -25.63
N GLU Q 233 -19.68 -22.31 -25.55
CA GLU Q 233 -19.40 -21.26 -26.53
C GLU Q 233 -19.13 -21.77 -27.94
N MET Q 234 -18.46 -22.93 -28.06
CA MET Q 234 -18.26 -23.65 -29.31
C MET Q 234 -19.56 -24.27 -29.81
N LEU Q 235 -20.39 -24.87 -28.93
CA LEU Q 235 -21.71 -25.36 -29.29
C LEU Q 235 -22.68 -24.27 -29.75
N GLN Q 236 -22.64 -23.06 -29.14
CA GLN Q 236 -23.34 -21.87 -29.60
C GLN Q 236 -22.86 -21.36 -30.96
N ASN Q 237 -21.57 -21.55 -31.29
CA ASN Q 237 -21.01 -21.29 -32.59
C ASN Q 237 -21.52 -22.30 -33.63
N ILE Q 238 -21.64 -23.59 -33.25
CA ILE Q 238 -22.25 -24.64 -34.05
C ILE Q 238 -23.73 -24.35 -34.27
N ALA Q 239 -24.42 -23.75 -33.29
CA ALA Q 239 -25.79 -23.28 -33.44
C ALA Q 239 -25.94 -22.20 -34.49
N ALA Q 240 -25.06 -21.18 -34.47
CA ALA Q 240 -24.98 -20.14 -35.48
C ALA Q 240 -24.63 -20.63 -36.88
N ALA Q 241 -23.68 -21.58 -36.99
CA ALA Q 241 -23.32 -22.25 -38.23
C ALA Q 241 -24.45 -23.11 -38.80
N ILE Q 242 -25.12 -23.90 -37.94
CA ILE Q 242 -26.32 -24.67 -38.25
C ILE Q 242 -27.47 -23.80 -38.70
N GLU Q 243 -27.69 -22.63 -38.08
CA GLU Q 243 -28.71 -21.69 -38.51
C GLU Q 243 -28.47 -21.18 -39.93
N GLU Q 244 -27.22 -20.80 -40.28
CA GLU Q 244 -26.85 -20.47 -41.65
C GLU Q 244 -26.93 -21.63 -42.63
N GLN Q 245 -26.55 -22.85 -42.20
CA GLN Q 245 -26.64 -24.08 -42.98
C GLN Q 245 -28.08 -24.47 -43.29
N THR Q 246 -28.97 -24.30 -42.30
CA THR Q 246 -30.42 -24.53 -42.40
C THR Q 246 -31.05 -23.54 -43.36
N ALA Q 247 -30.61 -22.27 -43.32
CA ALA Q 247 -31.03 -21.26 -44.25
C ALA Q 247 -30.56 -21.51 -45.67
N ALA Q 248 -29.28 -21.93 -45.84
CA ALA Q 248 -28.70 -22.30 -47.11
C ALA Q 248 -29.32 -23.54 -47.76
N VAL Q 249 -29.61 -24.62 -46.98
CA VAL Q 249 -30.25 -25.83 -47.51
C VAL Q 249 -31.71 -25.59 -47.93
N ASP Q 250 -32.41 -24.73 -47.17
CA ASP Q 250 -33.74 -24.21 -47.45
C ASP Q 250 -33.77 -23.53 -48.82
N GLU Q 251 -32.91 -22.53 -49.06
CA GLU Q 251 -32.87 -21.84 -50.33
C GLU Q 251 -32.58 -22.73 -51.53
N ILE Q 252 -31.80 -23.82 -51.35
CA ILE Q 252 -31.57 -24.84 -52.38
C ILE Q 252 -32.83 -25.67 -52.66
N THR Q 253 -33.54 -26.18 -51.63
CA THR Q 253 -34.76 -26.96 -51.84
C THR Q 253 -35.90 -26.14 -52.42
N THR Q 254 -35.91 -24.83 -52.17
CA THR Q 254 -36.86 -23.88 -52.75
C THR Q 254 -36.49 -23.60 -54.19
N ALA Q 255 -35.20 -23.34 -54.50
CA ALA Q 255 -34.69 -23.15 -55.85
C ALA Q 255 -34.79 -24.40 -56.73
N MET Q 256 -34.74 -25.61 -56.12
CA MET Q 256 -34.95 -26.87 -56.81
C MET Q 256 -36.41 -27.19 -56.99
N THR Q 257 -37.30 -26.68 -56.11
CA THR Q 257 -38.74 -26.81 -56.34
C THR Q 257 -39.17 -25.86 -57.46
N GLU Q 258 -38.54 -24.66 -57.59
CA GLU Q 258 -38.69 -23.80 -58.75
C GLU Q 258 -38.17 -24.43 -60.04
N ASN Q 259 -37.07 -25.20 -59.97
CA ASN Q 259 -36.58 -25.94 -61.12
C ASN Q 259 -37.54 -27.04 -61.53
N ALA Q 260 -38.17 -27.76 -60.58
CA ALA Q 260 -39.18 -28.75 -60.91
C ALA Q 260 -40.43 -28.13 -61.56
N LYS Q 261 -40.85 -26.92 -61.11
CA LYS Q 261 -41.98 -26.22 -61.69
C LYS Q 261 -41.71 -25.57 -63.04
N ASN Q 262 -40.44 -25.24 -63.38
CA ASN Q 262 -40.13 -24.65 -64.68
C ASN Q 262 -39.67 -25.69 -65.68
N ALA Q 263 -39.10 -26.83 -65.23
CA ALA Q 263 -38.78 -27.99 -66.05
C ALA Q 263 -40.02 -28.67 -66.60
N GLU Q 264 -41.11 -28.70 -65.82
CA GLU Q 264 -42.39 -29.19 -66.30
C GLU Q 264 -42.96 -28.29 -67.37
N GLU Q 265 -42.92 -26.95 -67.17
CA GLU Q 265 -43.37 -26.02 -68.18
C GLU Q 265 -42.52 -26.00 -69.45
N ILE Q 266 -41.21 -26.32 -69.37
CA ILE Q 266 -40.40 -26.49 -70.57
C ILE Q 266 -40.76 -27.79 -71.27
N THR Q 267 -40.84 -28.91 -70.53
CA THR Q 267 -41.19 -30.21 -71.08
C THR Q 267 -42.53 -30.23 -71.82
N ASN Q 268 -43.57 -29.60 -71.24
CA ASN Q 268 -44.88 -29.48 -71.87
C ASN Q 268 -44.91 -28.51 -73.06
N SER Q 269 -44.14 -27.40 -73.01
CA SER Q 269 -44.00 -26.47 -74.15
C SER Q 269 -43.23 -27.10 -75.28
N VAL Q 270 -42.19 -27.92 -75.01
CA VAL Q 270 -41.47 -28.68 -76.01
C VAL Q 270 -42.39 -29.70 -76.69
N LYS Q 271 -43.18 -30.47 -75.91
CA LYS Q 271 -44.23 -31.33 -76.45
C LYS Q 271 -45.25 -30.61 -77.33
N GLU Q 272 -45.77 -29.45 -76.87
CA GLU Q 272 -46.71 -28.65 -77.64
C GLU Q 272 -46.15 -28.14 -78.96
N VAL Q 273 -44.87 -27.67 -78.97
CA VAL Q 273 -44.12 -27.34 -80.17
C VAL Q 273 -43.91 -28.53 -81.10
N ASN Q 274 -43.47 -29.69 -80.56
CA ASN Q 274 -43.24 -30.93 -81.29
C ASN Q 274 -44.51 -31.48 -81.96
N ALA Q 275 -45.65 -31.38 -81.25
CA ALA Q 275 -46.95 -31.72 -81.77
C ALA Q 275 -47.39 -30.81 -82.90
N ARG Q 276 -47.36 -29.47 -82.71
CA ARG Q 276 -47.58 -28.49 -83.77
C ARG Q 276 -46.64 -28.63 -84.98
N LEU Q 277 -45.37 -29.04 -84.77
CA LEU Q 277 -44.41 -29.26 -85.83
C LEU Q 277 -44.81 -30.44 -86.69
N GLN Q 278 -45.20 -31.58 -86.09
CA GLN Q 278 -45.77 -32.69 -86.86
C GLN Q 278 -47.09 -32.37 -87.58
N GLU Q 279 -47.89 -31.40 -87.10
CA GLU Q 279 -49.06 -30.91 -87.82
C GLU Q 279 -48.73 -29.99 -88.98
N ILE Q 280 -47.61 -29.24 -88.92
CA ILE Q 280 -47.13 -28.48 -90.07
C ILE Q 280 -46.60 -29.42 -91.13
N SER Q 281 -45.85 -30.47 -90.72
CA SER Q 281 -45.33 -31.51 -91.58
C SER Q 281 -46.38 -32.33 -92.30
N ALA Q 282 -47.55 -32.53 -91.66
CA ALA Q 282 -48.72 -33.14 -92.28
C ALA Q 282 -49.32 -32.28 -93.39
N SER Q 283 -49.63 -31.00 -93.11
CA SER Q 283 -50.15 -30.05 -94.10
C SER Q 283 -49.17 -29.70 -95.21
N THR Q 284 -47.84 -29.78 -94.94
CA THR Q 284 -46.76 -29.65 -95.92
C THR Q 284 -46.77 -30.77 -96.94
N GLU Q 285 -47.21 -31.98 -96.55
CA GLU Q 285 -47.39 -33.10 -97.44
C GLU Q 285 -48.62 -32.98 -98.34
N GLU Q 286 -49.75 -32.45 -97.80
CA GLU Q 286 -50.96 -32.21 -98.57
C GLU Q 286 -50.83 -31.11 -99.61
N VAL Q 287 -49.92 -30.15 -99.40
CA VAL Q 287 -49.60 -29.14 -100.41
C VAL Q 287 -48.70 -29.76 -101.47
N THR Q 288 -47.73 -30.60 -101.08
CA THR Q 288 -46.81 -31.29 -101.99
C THR Q 288 -47.53 -32.21 -102.97
N SER Q 289 -48.50 -33.02 -102.51
CA SER Q 289 -49.32 -33.83 -103.39
C SER Q 289 -50.28 -33.04 -104.27
N ARG Q 290 -50.68 -31.81 -103.87
CA ARG Q 290 -51.55 -30.96 -104.68
C ARG Q 290 -50.75 -30.03 -105.58
N VAL Q 291 -49.44 -29.88 -105.34
CA VAL Q 291 -48.53 -29.27 -106.29
C VAL Q 291 -48.22 -30.26 -107.42
N GLN Q 292 -48.50 -31.57 -107.24
CA GLN Q 292 -48.40 -32.52 -108.34
C GLN Q 292 -49.67 -32.50 -109.19
N THR Q 293 -50.86 -32.52 -108.57
CA THR Q 293 -52.14 -32.41 -109.28
C THR Q 293 -52.35 -31.10 -110.05
N ILE Q 294 -51.52 -30.07 -109.80
CA ILE Q 294 -51.56 -28.82 -110.56
C ILE Q 294 -50.42 -28.85 -111.59
N ARG Q 295 -49.19 -29.28 -111.23
CA ARG Q 295 -48.05 -29.31 -112.14
C ARG Q 295 -48.24 -30.25 -113.32
N GLU Q 296 -48.76 -31.46 -113.08
CA GLU Q 296 -49.08 -32.42 -114.11
C GLU Q 296 -50.01 -31.87 -115.19
N ASN Q 297 -51.01 -31.06 -114.79
CA ASN Q 297 -51.91 -30.43 -115.72
C ASN Q 297 -51.34 -29.19 -116.42
N VAL Q 298 -50.23 -28.58 -115.94
CA VAL Q 298 -49.44 -27.58 -116.68
C VAL Q 298 -48.88 -28.16 -117.98
N GLN Q 299 -48.45 -29.43 -117.94
CA GLN Q 299 -47.99 -30.20 -119.07
C GLN Q 299 -49.05 -30.30 -120.16
N MET Q 300 -50.34 -30.50 -119.78
CA MET Q 300 -51.45 -30.57 -120.71
C MET Q 300 -51.72 -29.25 -121.42
N LEU Q 301 -51.49 -28.08 -120.78
CA LEU Q 301 -51.60 -26.80 -121.46
C LEU Q 301 -50.39 -26.48 -122.31
N LYS Q 302 -49.24 -27.13 -122.04
CA LYS Q 302 -48.08 -27.12 -122.92
C LYS Q 302 -48.36 -27.96 -124.16
N GLU Q 303 -48.82 -29.22 -124.00
CA GLU Q 303 -49.17 -30.08 -125.12
C GLU Q 303 -50.35 -29.61 -126.00
N ILE Q 304 -51.07 -28.54 -125.61
CA ILE Q 304 -52.09 -27.91 -126.44
C ILE Q 304 -51.46 -26.83 -127.32
N VAL Q 305 -50.24 -26.36 -126.98
CA VAL Q 305 -49.47 -25.46 -127.83
C VAL Q 305 -48.56 -26.27 -128.76
N ALA Q 306 -48.08 -27.44 -128.31
CA ALA Q 306 -47.23 -28.32 -129.08
C ALA Q 306 -47.87 -28.89 -130.34
N ARG Q 307 -49.18 -29.18 -130.29
CA ARG Q 307 -49.93 -29.62 -131.45
C ARG Q 307 -50.45 -28.43 -132.26
N TYR Q 308 -51.56 -27.82 -131.84
CA TYR Q 308 -52.30 -26.78 -132.53
C TYR Q 308 -51.58 -25.54 -133.06
N LYS Q 309 -50.53 -25.04 -132.36
CA LYS Q 309 -49.82 -23.84 -132.79
C LYS Q 309 -49.13 -23.98 -134.17
N SER R 1 -65.04 -25.35 -129.41
CA SER R 1 -63.69 -25.94 -129.69
C SER R 1 -63.29 -26.99 -128.67
N HIS R 2 -62.00 -27.38 -128.63
CA HIS R 2 -61.44 -28.40 -127.76
C HIS R 2 -61.43 -28.07 -126.26
N MET R 3 -62.01 -26.92 -125.85
CA MET R 3 -62.11 -26.47 -124.47
C MET R 3 -63.14 -27.20 -123.61
N LYS R 4 -63.43 -28.48 -123.89
CA LYS R 4 -64.31 -29.28 -123.06
C LYS R 4 -63.51 -29.86 -121.90
N ASP R 5 -62.39 -30.55 -122.23
CA ASP R 5 -61.48 -31.11 -121.25
C ASP R 5 -60.68 -30.04 -120.52
N VAL R 6 -60.51 -28.85 -121.15
CA VAL R 6 -59.95 -27.68 -120.50
C VAL R 6 -60.89 -27.11 -119.45
N GLN R 7 -62.21 -27.07 -119.72
CA GLN R 7 -63.17 -26.59 -118.74
C GLN R 7 -63.33 -27.51 -117.55
N THR R 8 -63.44 -28.84 -117.77
CA THR R 8 -63.50 -29.75 -116.63
C THR R 8 -62.22 -29.88 -115.82
N GLU R 9 -61.05 -29.51 -116.38
CA GLU R 9 -59.79 -29.58 -115.66
C GLU R 9 -59.47 -28.27 -114.95
N THR R 10 -59.91 -27.12 -115.50
CA THR R 10 -59.63 -25.80 -114.89
C THR R 10 -60.55 -25.49 -113.72
N PHE R 11 -61.45 -26.43 -113.38
CA PHE R 11 -62.22 -26.41 -112.16
C PHE R 11 -61.51 -27.24 -111.11
N SER R 12 -60.96 -28.43 -111.47
CA SER R 12 -60.24 -29.30 -110.54
C SER R 12 -58.98 -28.69 -109.96
N VAL R 13 -58.16 -27.99 -110.78
CA VAL R 13 -56.98 -27.25 -110.30
C VAL R 13 -57.31 -26.02 -109.47
N ALA R 14 -58.58 -25.58 -109.46
CA ALA R 14 -59.05 -24.45 -108.70
C ALA R 14 -59.59 -24.90 -107.36
N GLU R 15 -60.04 -26.17 -107.25
CA GLU R 15 -60.39 -26.78 -105.97
C GLU R 15 -59.11 -27.26 -105.28
N SER R 16 -57.95 -27.21 -105.98
CA SER R 16 -56.67 -27.54 -105.39
C SER R 16 -55.91 -26.29 -104.98
N ILE R 17 -55.84 -25.21 -105.79
CA ILE R 17 -55.23 -23.94 -105.35
C ILE R 17 -55.86 -23.31 -104.11
N GLU R 18 -57.20 -23.49 -103.95
CA GLU R 18 -57.98 -23.11 -102.79
C GLU R 18 -57.55 -23.80 -101.50
N GLU R 19 -57.29 -25.12 -101.61
CA GLU R 19 -56.89 -25.99 -100.52
C GLU R 19 -55.43 -25.77 -100.14
N ILE R 20 -54.55 -25.49 -101.14
CA ILE R 20 -53.20 -24.98 -100.95
C ILE R 20 -53.17 -23.69 -100.15
N SER R 21 -53.97 -22.67 -100.58
CA SER R 21 -54.15 -21.39 -99.87
C SER R 21 -54.49 -21.53 -98.39
N LYS R 22 -55.50 -22.37 -98.07
CA LYS R 22 -55.89 -22.65 -96.70
C LYS R 22 -54.78 -23.31 -95.89
N ALA R 23 -54.10 -24.34 -96.46
CA ALA R 23 -52.94 -24.96 -95.84
C ALA R 23 -51.73 -24.04 -95.64
N ASN R 24 -51.37 -23.18 -96.61
CA ASN R 24 -50.28 -22.21 -96.43
C ASN R 24 -50.59 -21.14 -95.38
N GLU R 25 -51.86 -20.72 -95.28
CA GLU R 25 -52.33 -19.84 -94.22
C GLU R 25 -52.32 -20.53 -92.86
N GLU R 26 -52.77 -21.80 -92.81
CA GLU R 26 -52.76 -22.63 -91.62
C GLU R 26 -51.35 -22.84 -91.06
N ILE R 27 -50.38 -23.17 -91.93
CA ILE R 27 -48.97 -23.31 -91.59
C ILE R 27 -48.38 -22.05 -91.01
N THR R 28 -48.70 -20.87 -91.60
CA THR R 28 -48.27 -19.57 -91.08
C THR R 28 -48.81 -19.28 -89.68
N ASN R 29 -50.10 -19.59 -89.43
CA ASN R 29 -50.70 -19.46 -88.10
C ASN R 29 -50.04 -20.38 -87.08
N GLN R 30 -49.84 -21.67 -87.41
CA GLN R 30 -49.12 -22.63 -86.58
C GLN R 30 -47.69 -22.19 -86.25
N LEU R 31 -46.95 -21.64 -87.25
CA LEU R 31 -45.61 -21.09 -87.11
C LEU R 31 -45.50 -19.92 -86.11
N LEU R 32 -46.49 -19.02 -86.11
CA LEU R 32 -46.62 -17.90 -85.18
C LEU R 32 -47.01 -18.35 -83.77
N GLY R 33 -47.67 -19.51 -83.64
CA GLY R 33 -48.01 -20.11 -82.35
C GLY R 33 -46.83 -20.83 -81.75
N ILE R 34 -46.04 -21.54 -82.59
CA ILE R 34 -44.77 -22.13 -82.20
C ILE R 34 -43.80 -21.05 -81.75
N SER R 35 -43.62 -19.95 -82.50
CA SER R 35 -42.73 -18.84 -82.11
C SER R 35 -43.02 -18.25 -80.73
N LYS R 36 -44.31 -18.02 -80.44
CA LYS R 36 -44.85 -17.60 -79.14
C LYS R 36 -44.52 -18.58 -78.03
N GLU R 37 -44.84 -19.88 -78.22
CA GLU R 37 -44.51 -20.94 -77.27
C GLU R 37 -42.99 -21.12 -77.08
N MET R 38 -42.20 -20.94 -78.15
CA MET R 38 -40.75 -21.00 -78.19
C MET R 38 -40.10 -19.95 -77.30
N ASP R 39 -40.53 -18.67 -77.41
CA ASP R 39 -40.07 -17.58 -76.55
C ASP R 39 -40.40 -17.73 -75.06
N ASN R 40 -41.25 -18.69 -74.68
CA ASN R 40 -41.54 -19.00 -73.28
C ASN R 40 -40.46 -19.94 -72.73
N ILE R 41 -39.88 -20.82 -73.56
CA ILE R 41 -38.83 -21.75 -73.15
C ILE R 41 -37.55 -21.01 -72.77
N SER R 42 -37.27 -19.86 -73.44
CA SER R 42 -36.15 -18.98 -73.10
C SER R 42 -36.20 -18.46 -71.69
N THR R 43 -37.36 -17.89 -71.29
CA THR R 43 -37.63 -17.37 -69.96
C THR R 43 -37.42 -18.39 -68.86
N ARG R 44 -38.04 -19.57 -69.01
CA ARG R 44 -37.94 -20.70 -68.10
C ARG R 44 -36.52 -21.26 -67.93
N ILE R 45 -35.74 -21.39 -69.02
CA ILE R 45 -34.31 -21.77 -68.96
C ILE R 45 -33.49 -20.74 -68.22
N GLU R 46 -33.74 -19.43 -68.48
CA GLU R 46 -33.12 -18.32 -67.80
C GLU R 46 -33.37 -18.32 -66.28
N SER R 47 -34.60 -18.68 -65.86
CA SER R 47 -34.97 -18.96 -64.46
C SER R 47 -34.26 -20.16 -63.86
N ILE R 48 -34.02 -21.23 -64.64
CA ILE R 48 -33.22 -22.37 -64.19
C ILE R 48 -31.76 -21.98 -63.96
N SER R 49 -31.17 -21.14 -64.86
CA SER R 49 -29.83 -20.57 -64.65
C SER R 49 -29.74 -19.73 -63.38
N ALA R 50 -30.76 -18.90 -63.09
CA ALA R 50 -30.90 -18.16 -61.85
C ALA R 50 -30.89 -19.07 -60.61
N SER R 51 -31.71 -20.12 -60.60
CA SER R 51 -31.71 -21.18 -59.58
C SER R 51 -30.37 -21.89 -59.40
N VAL R 52 -29.63 -22.19 -60.50
CA VAL R 52 -28.27 -22.73 -60.47
C VAL R 52 -27.31 -21.77 -59.77
N GLN R 53 -27.37 -20.46 -60.09
CA GLN R 53 -26.58 -19.44 -59.43
C GLN R 53 -26.94 -19.28 -57.95
N GLU R 54 -28.24 -19.33 -57.60
CA GLU R 54 -28.70 -19.33 -56.21
C GLU R 54 -28.22 -20.55 -55.42
N THR R 55 -28.24 -21.74 -56.06
CA THR R 55 -27.69 -22.99 -55.55
C THR R 55 -26.20 -22.91 -55.30
N THR R 56 -25.44 -22.30 -56.23
CA THR R 56 -24.00 -22.08 -56.16
C THR R 56 -23.60 -21.24 -54.96
N ALA R 57 -24.35 -20.15 -54.72
CA ALA R 57 -24.27 -19.27 -53.56
C ALA R 57 -24.56 -20.04 -52.26
N GLY R 58 -25.64 -20.84 -52.25
CA GLY R 58 -26.03 -21.69 -51.11
C GLY R 58 -24.96 -22.69 -50.75
N SER R 59 -24.38 -23.35 -51.76
CA SER R 59 -23.30 -24.33 -51.64
C SER R 59 -21.99 -23.74 -51.09
N GLU R 60 -21.78 -22.42 -51.25
CA GLU R 60 -20.67 -21.71 -50.64
C GLU R 60 -20.90 -21.58 -49.15
N GLU R 61 -22.08 -21.08 -48.71
CA GLU R 61 -22.43 -21.03 -47.29
C GLU R 61 -22.44 -22.40 -46.60
N ILE R 62 -22.82 -23.50 -47.32
CA ILE R 62 -22.67 -24.86 -46.82
C ILE R 62 -21.21 -25.24 -46.56
N SER R 63 -20.25 -24.81 -47.42
CA SER R 63 -18.83 -25.05 -47.18
C SER R 63 -18.29 -24.29 -45.98
N SER R 64 -18.62 -22.99 -45.85
CA SER R 64 -18.30 -22.18 -44.67
C SER R 64 -18.83 -22.78 -43.38
N ALA R 65 -20.12 -23.20 -43.38
CA ALA R 65 -20.75 -23.87 -42.26
C ALA R 65 -20.10 -25.20 -41.92
N THR R 66 -19.78 -26.04 -42.94
CA THR R 66 -19.10 -27.33 -42.78
C THR R 66 -17.76 -27.17 -42.08
N LYS R 67 -16.94 -26.19 -42.53
CA LYS R 67 -15.67 -25.87 -41.91
C LYS R 67 -15.82 -25.32 -40.51
N ASN R 68 -16.74 -24.36 -40.30
CA ASN R 68 -16.99 -23.79 -38.98
C ASN R 68 -17.44 -24.82 -37.94
N ILE R 69 -18.31 -25.78 -38.31
CA ILE R 69 -18.68 -26.89 -37.44
C ILE R 69 -17.55 -27.90 -37.26
N ALA R 70 -16.80 -28.28 -38.32
CA ALA R 70 -15.71 -29.23 -38.23
C ALA R 70 -14.57 -28.82 -37.27
N ASP R 71 -14.21 -27.52 -37.33
CA ASP R 71 -13.23 -26.87 -36.48
C ASP R 71 -13.75 -26.76 -35.07
N SER R 72 -14.98 -26.21 -34.87
CA SER R 72 -15.64 -26.17 -33.55
C SER R 72 -15.73 -27.50 -32.84
N ALA R 73 -16.13 -28.56 -33.57
CA ALA R 73 -16.24 -29.94 -33.09
C ALA R 73 -14.91 -30.49 -32.58
N GLN R 74 -13.85 -30.42 -33.40
CA GLN R 74 -12.47 -30.78 -33.06
C GLN R 74 -12.01 -30.21 -31.72
N GLN R 75 -12.04 -28.88 -31.61
CA GLN R 75 -11.70 -28.13 -30.41
C GLN R 75 -12.53 -28.51 -29.20
N ALA R 76 -13.87 -28.59 -29.33
CA ALA R 76 -14.74 -29.02 -28.25
C ALA R 76 -14.49 -30.46 -27.77
N ALA R 77 -14.13 -31.39 -28.68
CA ALA R 77 -13.73 -32.75 -28.35
C ALA R 77 -12.43 -32.81 -27.57
N SER R 78 -11.47 -31.90 -27.91
CA SER R 78 -10.22 -31.73 -27.18
C SER R 78 -10.46 -31.21 -25.77
N PHE R 79 -11.20 -30.08 -25.63
CA PHE R 79 -11.67 -29.55 -24.36
C PHE R 79 -12.41 -30.56 -23.48
N ALA R 80 -13.26 -31.43 -24.07
CA ALA R 80 -13.99 -32.43 -23.31
C ALA R 80 -13.09 -33.53 -22.74
N ASP R 81 -12.02 -33.92 -23.47
CA ASP R 81 -11.01 -34.85 -22.98
C ASP R 81 -10.19 -34.23 -21.84
N GLN R 82 -9.68 -32.99 -22.04
CA GLN R 82 -8.95 -32.28 -21.00
C GLN R 82 -9.76 -32.02 -19.73
N SER R 83 -11.07 -31.79 -19.89
CA SER R 83 -12.02 -31.61 -18.79
C SER R 83 -12.34 -32.87 -18.01
N THR R 84 -12.61 -34.03 -18.65
CA THR R 84 -12.88 -35.25 -17.89
C THR R 84 -11.69 -35.76 -17.11
N GLN R 85 -10.47 -35.64 -17.65
CA GLN R 85 -9.24 -35.97 -16.94
C GLN R 85 -9.00 -35.13 -15.68
N LEU R 86 -9.29 -33.82 -15.71
CA LEU R 86 -9.10 -32.97 -14.57
C LEU R 86 -10.18 -33.09 -13.50
N ALA R 87 -11.34 -33.69 -13.83
CA ALA R 87 -12.37 -34.00 -12.86
C ALA R 87 -12.10 -35.30 -12.11
N LYS R 88 -11.19 -36.14 -12.65
CA LYS R 88 -10.63 -37.29 -11.96
C LYS R 88 -9.63 -36.84 -10.91
N GLU R 89 -8.73 -35.90 -11.26
CA GLU R 89 -7.70 -35.41 -10.37
C GLU R 89 -8.22 -34.50 -9.27
N ALA R 90 -9.17 -33.60 -9.59
CA ALA R 90 -9.92 -32.83 -8.61
C ALA R 90 -10.71 -33.70 -7.63
N GLY R 91 -11.22 -34.86 -8.08
CA GLY R 91 -11.92 -35.83 -7.23
C GLY R 91 -10.99 -36.72 -6.46
N ASP R 92 -9.81 -37.05 -7.00
CA ASP R 92 -8.78 -37.81 -6.31
C ASP R 92 -8.23 -36.98 -5.14
N ALA R 93 -7.86 -35.70 -5.37
CA ALA R 93 -7.48 -34.83 -4.26
C ALA R 93 -8.60 -34.56 -3.24
N LEU R 94 -9.88 -34.79 -3.58
CA LEU R 94 -10.96 -34.68 -2.61
C LEU R 94 -11.20 -35.99 -1.88
N LYS R 95 -10.87 -37.13 -2.53
CA LYS R 95 -10.80 -38.44 -1.90
C LYS R 95 -9.55 -38.59 -1.03
N LYS R 96 -8.67 -37.57 -0.96
CA LYS R 96 -7.58 -37.51 0.00
C LYS R 96 -7.90 -36.55 1.14
N VAL R 97 -8.69 -35.48 0.89
CA VAL R 97 -9.18 -34.57 1.92
C VAL R 97 -10.19 -35.23 2.86
N ILE R 98 -10.99 -36.21 2.37
CA ILE R 98 -11.85 -37.02 3.24
C ILE R 98 -11.06 -37.89 4.23
N GLU R 99 -9.85 -38.33 3.83
CA GLU R 99 -8.97 -39.10 4.69
C GLU R 99 -8.18 -38.22 5.65
N VAL R 100 -7.79 -36.99 5.25
CA VAL R 100 -7.20 -36.03 6.16
C VAL R 100 -8.23 -35.52 7.18
N THR R 101 -9.45 -35.18 6.73
CA THR R 101 -10.56 -34.81 7.63
C THR R 101 -10.90 -35.85 8.68
N ARG R 102 -11.19 -37.12 8.31
CA ARG R 102 -11.43 -38.16 9.32
C ARG R 102 -10.23 -38.49 10.23
N MET R 103 -8.99 -38.22 9.76
CA MET R 103 -7.78 -38.32 10.56
C MET R 103 -7.75 -37.26 11.64
N ILE R 104 -8.08 -35.99 11.31
CA ILE R 104 -8.10 -34.91 12.29
C ILE R 104 -9.22 -35.12 13.32
N SER R 105 -10.34 -35.79 12.97
CA SER R 105 -11.32 -36.21 13.98
C SER R 105 -10.82 -37.29 14.92
N ASN R 106 -10.02 -38.28 14.46
CA ASN R 106 -9.47 -39.26 15.40
C ASN R 106 -8.29 -38.72 16.21
N SER R 107 -7.50 -37.80 15.63
CA SER R 107 -6.51 -37.00 16.38
C SER R 107 -7.14 -36.02 17.36
N ALA R 108 -8.43 -35.66 17.17
CA ALA R 108 -9.20 -34.85 18.08
C ALA R 108 -9.73 -35.64 19.25
N LYS R 109 -9.98 -36.95 19.09
CA LYS R 109 -10.38 -37.77 20.22
C LYS R 109 -9.27 -37.91 21.27
N ASP R 110 -7.97 -37.90 20.86
CA ASP R 110 -6.86 -37.75 21.80
C ASP R 110 -6.94 -36.45 22.62
N VAL R 111 -7.43 -35.35 22.01
CA VAL R 111 -7.65 -34.08 22.69
C VAL R 111 -8.79 -34.14 23.69
N GLU R 112 -9.92 -34.82 23.39
CA GLU R 112 -11.01 -35.01 24.36
C GLU R 112 -10.58 -35.74 25.63
N ARG R 113 -9.73 -36.77 25.46
CA ARG R 113 -9.11 -37.55 26.51
C ARG R 113 -8.22 -36.70 27.42
N VAL R 114 -7.38 -35.84 26.81
CA VAL R 114 -6.59 -34.82 27.49
C VAL R 114 -7.44 -33.79 28.21
N VAL R 115 -8.38 -33.11 27.51
CA VAL R 115 -9.27 -32.10 28.08
C VAL R 115 -10.16 -32.57 29.23
N GLU R 116 -10.58 -33.86 29.25
CA GLU R 116 -11.28 -34.38 30.41
C GLU R 116 -10.34 -34.71 31.55
N SER R 117 -9.10 -35.16 31.25
CA SER R 117 -8.09 -35.38 32.28
C SER R 117 -7.64 -34.09 32.92
N PHE R 118 -7.71 -32.96 32.18
CA PHE R 118 -7.49 -31.62 32.69
C PHE R 118 -8.68 -31.12 33.49
N GLN R 119 -9.93 -31.27 33.00
CA GLN R 119 -11.12 -30.88 33.74
C GLN R 119 -11.28 -31.59 35.08
N LYS R 120 -11.13 -32.94 35.12
CA LYS R 120 -11.13 -33.68 36.36
C LYS R 120 -9.88 -33.43 37.20
N GLY R 121 -8.70 -33.27 36.54
CA GLY R 121 -7.41 -32.98 37.19
C GLY R 121 -7.32 -31.64 37.86
N ALA R 122 -8.22 -30.70 37.52
CA ALA R 122 -8.26 -29.38 38.12
C ALA R 122 -9.25 -29.35 39.26
N GLU R 123 -10.24 -30.26 39.29
CA GLU R 123 -11.01 -30.47 40.51
C GLU R 123 -10.25 -31.32 41.52
N GLU R 124 -9.42 -32.26 41.04
CA GLU R 124 -8.63 -33.13 41.89
C GLU R 124 -7.47 -32.42 42.57
N ILE R 125 -6.80 -31.48 41.86
CA ILE R 125 -5.72 -30.70 42.45
C ILE R 125 -6.23 -29.62 43.43
N THR R 126 -7.52 -29.22 43.31
CA THR R 126 -8.13 -28.18 44.15
C THR R 126 -8.30 -28.64 45.58
N SER R 127 -8.55 -29.95 45.82
CA SER R 127 -8.59 -30.49 47.17
C SER R 127 -7.25 -30.39 47.90
N PHE R 128 -6.13 -30.45 47.16
CA PHE R 128 -4.81 -30.23 47.72
C PHE R 128 -4.50 -28.77 47.95
N VAL R 129 -5.16 -27.83 47.24
CA VAL R 129 -5.02 -26.41 47.52
C VAL R 129 -5.70 -26.10 48.84
N GLU R 130 -6.98 -26.52 48.98
CA GLU R 130 -7.76 -26.43 50.19
C GLU R 130 -7.07 -27.05 51.41
N THR R 131 -6.68 -28.35 51.29
CA THR R 131 -5.96 -29.08 52.35
C THR R 131 -4.64 -28.46 52.79
N ILE R 132 -3.73 -28.09 51.86
CA ILE R 132 -2.46 -27.45 52.22
C ILE R 132 -2.64 -26.10 52.87
N ASN R 133 -3.54 -25.23 52.33
CA ASN R 133 -3.92 -23.98 52.98
C ASN R 133 -4.37 -24.16 54.42
N ALA R 134 -5.37 -25.06 54.65
CA ALA R 134 -5.85 -25.41 55.97
C ALA R 134 -4.76 -25.82 56.96
N ILE R 135 -3.94 -26.83 56.63
CA ILE R 135 -2.78 -27.28 57.41
C ILE R 135 -1.78 -26.16 57.69
N ALA R 136 -1.43 -25.34 56.69
CA ALA R 136 -0.48 -24.24 56.84
C ALA R 136 -0.99 -23.12 57.76
N GLU R 137 -2.30 -22.81 57.69
CA GLU R 137 -2.93 -21.82 58.56
C GLU R 137 -3.12 -22.34 59.98
N GLN R 138 -3.19 -23.68 60.17
CA GLN R 138 -3.24 -24.32 61.46
C GLN R 138 -1.86 -24.35 62.11
N THR R 139 -0.83 -24.70 61.33
CA THR R 139 0.58 -24.71 61.71
C THR R 139 1.07 -23.34 62.16
N ASN R 140 0.62 -22.26 61.49
CA ASN R 140 0.88 -20.87 61.89
C ASN R 140 0.30 -20.58 63.27
N LEU R 141 -1.01 -20.84 63.49
CA LEU R 141 -1.65 -20.64 64.79
C LEU R 141 -1.03 -21.48 65.91
N LEU R 142 -0.68 -22.76 65.64
CA LEU R 142 0.01 -23.64 66.56
C LEU R 142 1.43 -23.15 66.91
N ALA R 143 2.20 -22.71 65.91
CA ALA R 143 3.51 -22.10 66.10
C ALA R 143 3.45 -20.79 66.88
N LEU R 144 2.37 -20.00 66.70
CA LEU R 144 2.10 -18.80 67.46
C LEU R 144 1.72 -19.12 68.90
N ASN R 145 0.91 -20.19 69.13
CA ASN R 145 0.56 -20.69 70.44
C ASN R 145 1.78 -21.15 71.26
N ALA R 146 2.80 -21.75 70.61
CA ALA R 146 4.08 -22.04 71.22
C ALA R 146 4.96 -20.79 71.45
N ALA R 147 4.95 -19.82 70.52
CA ALA R 147 5.75 -18.61 70.55
C ALA R 147 5.33 -17.70 71.70
N ILE R 148 4.00 -17.52 71.86
CA ILE R 148 3.33 -16.72 72.88
C ILE R 148 3.50 -17.26 74.32
N GLU R 149 4.24 -18.36 74.50
CA GLU R 149 4.51 -18.96 75.80
C GLU R 149 5.95 -19.37 75.97
N ALA R 150 6.73 -19.61 74.90
CA ALA R 150 8.17 -19.82 74.99
C ALA R 150 8.89 -18.52 75.40
N ALA R 151 8.34 -17.36 75.02
CA ALA R 151 8.76 -16.05 75.48
C ALA R 151 8.46 -15.79 76.95
N ARG R 152 7.53 -16.56 77.57
CA ARG R 152 7.17 -16.44 78.96
C ARG R 152 8.11 -17.26 79.85
N ALA R 153 9.05 -18.02 79.24
CA ALA R 153 9.96 -18.87 79.96
C ALA R 153 11.34 -18.22 80.06
N GLY R 154 11.52 -17.01 79.48
CA GLY R 154 12.75 -16.22 79.57
C GLY R 154 14.01 -16.92 79.09
N GLU R 155 15.10 -16.86 79.89
CA GLU R 155 16.37 -17.52 79.61
C GLU R 155 16.26 -19.03 79.43
N ALA R 156 15.33 -19.68 80.18
CA ALA R 156 15.03 -21.09 80.04
C ALA R 156 14.42 -21.43 78.69
N GLY R 157 13.59 -20.52 78.15
CA GLY R 157 12.95 -20.68 76.85
C GLY R 157 13.78 -20.29 75.67
N ARG R 158 14.97 -19.68 75.88
CA ARG R 158 15.85 -19.06 74.88
C ARG R 158 15.88 -19.74 73.50
N GLY R 159 16.48 -20.94 73.40
CA GLY R 159 16.62 -21.68 72.13
C GLY R 159 15.38 -22.34 71.63
N PHE R 160 14.31 -22.38 72.45
CA PHE R 160 13.02 -22.90 72.08
C PHE R 160 12.16 -21.82 71.46
N ALA R 161 12.38 -20.54 71.85
CA ALA R 161 11.74 -19.39 71.24
C ALA R 161 12.38 -18.99 69.90
N VAL R 162 13.68 -19.31 69.70
CA VAL R 162 14.39 -19.09 68.44
C VAL R 162 13.90 -20.08 67.38
N VAL R 163 13.78 -21.38 67.73
CA VAL R 163 13.29 -22.39 66.81
C VAL R 163 11.82 -22.16 66.46
N ALA R 164 10.95 -21.90 67.48
CA ALA R 164 9.54 -21.54 67.30
C ALA R 164 9.31 -20.38 66.34
N ASP R 165 10.13 -19.30 66.44
CA ASP R 165 10.17 -18.19 65.50
C ASP R 165 10.40 -18.63 64.06
N GLU R 166 11.49 -19.38 63.78
CA GLU R 166 11.76 -19.84 62.44
C GLU R 166 10.73 -20.86 61.89
N ILE R 167 10.03 -21.60 62.78
CA ILE R 167 8.88 -22.44 62.46
C ILE R 167 7.69 -21.59 62.06
N ARG R 168 7.35 -20.56 62.86
CA ARG R 168 6.33 -19.57 62.58
C ARG R 168 6.56 -18.85 61.25
N LYS R 169 7.79 -18.32 61.04
CA LYS R 169 8.21 -17.68 59.81
C LYS R 169 8.16 -18.61 58.59
N LEU R 170 8.68 -19.86 58.68
CA LEU R 170 8.52 -20.85 57.63
C LEU R 170 7.08 -21.25 57.35
N ALA R 171 6.23 -21.46 58.38
CA ALA R 171 4.84 -21.82 58.16
C ALA R 171 3.99 -20.72 57.52
N GLU R 172 4.36 -19.44 57.71
CA GLU R 172 3.70 -18.35 57.03
C GLU R 172 4.15 -18.14 55.58
N GLU R 173 5.30 -18.74 55.20
CA GLU R 173 5.76 -18.84 53.83
C GLU R 173 5.09 -19.97 53.09
N SER R 174 4.71 -21.05 53.80
CA SER R 174 3.91 -22.16 53.28
C SER R 174 2.53 -21.66 52.86
N GLN R 175 1.94 -20.69 53.61
CA GLN R 175 0.73 -19.99 53.19
C GLN R 175 0.88 -19.21 51.88
N GLN R 176 1.96 -18.44 51.70
CA GLN R 176 2.26 -17.72 50.46
C GLN R 176 2.42 -18.60 49.24
N ALA R 177 3.20 -19.68 49.32
CA ALA R 177 3.37 -20.66 48.26
C ALA R 177 2.04 -21.30 47.86
N SER R 178 1.18 -21.59 48.85
CA SER R 178 -0.17 -22.13 48.69
C SER R 178 -1.11 -21.16 48.01
N GLU R 179 -1.01 -19.85 48.32
CA GLU R 179 -1.71 -18.78 47.64
C GLU R 179 -1.25 -18.59 46.19
N ASN R 180 0.01 -18.96 45.86
CA ASN R 180 0.47 -18.98 44.47
C ASN R 180 0.05 -20.24 43.73
N VAL R 181 -0.10 -21.40 44.41
CA VAL R 181 -0.72 -22.58 43.81
C VAL R 181 -2.21 -22.34 43.55
N ARG R 182 -2.93 -21.68 44.48
CA ARG R 182 -4.33 -21.32 44.34
C ARG R 182 -4.59 -20.45 43.12
N ARG R 183 -3.71 -19.45 42.89
CA ARG R 183 -3.72 -18.57 41.76
C ARG R 183 -3.54 -19.29 40.43
N VAL R 184 -2.57 -20.23 40.33
CA VAL R 184 -2.39 -21.02 39.11
C VAL R 184 -3.48 -22.07 38.93
N VAL R 185 -3.95 -22.74 40.00
CA VAL R 185 -5.02 -23.74 39.92
C VAL R 185 -6.34 -23.14 39.46
N ASN R 186 -6.71 -21.93 39.93
CA ASN R 186 -7.88 -21.21 39.44
C ASN R 186 -7.76 -20.86 37.95
N GLU R 187 -6.61 -20.32 37.51
CA GLU R 187 -6.32 -20.09 36.10
C GLU R 187 -6.41 -21.36 35.24
N ILE R 188 -5.88 -22.50 35.73
CA ILE R 188 -5.88 -23.79 35.05
C ILE R 188 -7.29 -24.39 34.95
N ARG R 189 -8.08 -24.26 36.02
CA ARG R 189 -9.47 -24.68 36.11
C ARG R 189 -10.36 -23.94 35.11
N SER R 190 -10.20 -22.59 35.01
CA SER R 190 -10.93 -21.82 34.00
C SER R 190 -10.53 -22.09 32.54
N ILE R 191 -9.29 -22.52 32.25
CA ILE R 191 -8.82 -22.98 30.94
C ILE R 191 -9.39 -24.33 30.59
N ALA R 192 -9.52 -25.21 31.60
CA ALA R 192 -10.13 -26.53 31.46
C ALA R 192 -11.57 -26.42 30.97
N GLU R 193 -12.38 -25.58 31.61
CA GLU R 193 -13.74 -25.31 31.13
C GLU R 193 -13.80 -24.60 29.77
N ASP R 194 -12.84 -23.69 29.48
CA ASP R 194 -12.73 -22.98 28.21
C ASP R 194 -12.40 -23.92 27.06
N ALA R 195 -11.55 -24.93 27.33
CA ALA R 195 -11.15 -25.94 26.40
C ALA R 195 -12.29 -26.83 25.95
N GLY R 196 -13.39 -26.94 26.75
CA GLY R 196 -14.63 -27.60 26.36
C GLY R 196 -15.15 -27.30 24.96
N LYS R 197 -15.20 -26.00 24.62
CA LYS R 197 -15.56 -25.49 23.31
C LYS R 197 -14.65 -25.94 22.17
N VAL R 198 -13.35 -25.55 22.21
CA VAL R 198 -12.32 -25.89 21.21
C VAL R 198 -12.23 -27.38 20.86
N SER R 199 -12.47 -28.25 21.85
CA SER R 199 -12.48 -29.70 21.81
C SER R 199 -13.58 -30.22 20.90
N SER R 200 -14.84 -29.79 21.15
CA SER R 200 -15.98 -30.30 20.39
C SER R 200 -16.27 -29.50 19.14
N GLU R 201 -15.80 -28.25 19.03
CA GLU R 201 -16.00 -27.48 17.81
C GLU R 201 -15.20 -27.97 16.61
N ILE R 202 -14.18 -28.83 16.83
CA ILE R 202 -13.47 -29.52 15.77
C ILE R 202 -14.29 -30.68 15.21
N THR R 203 -14.66 -31.68 16.05
CA THR R 203 -15.42 -32.86 15.61
C THR R 203 -16.80 -32.57 15.04
N ALA R 204 -17.36 -31.39 15.35
CA ALA R 204 -18.61 -30.90 14.80
C ALA R 204 -18.39 -30.34 13.41
N ARG R 205 -17.31 -29.57 13.20
CA ARG R 205 -17.01 -29.06 11.89
C ARG R 205 -16.33 -30.10 10.99
N VAL R 206 -15.75 -31.20 11.55
CA VAL R 206 -15.35 -32.33 10.71
C VAL R 206 -16.55 -33.17 10.29
N GLU R 207 -17.59 -33.31 11.14
CA GLU R 207 -18.84 -34.00 10.79
C GLU R 207 -19.49 -33.44 9.53
N GLU R 208 -19.69 -32.11 9.46
CA GLU R 208 -20.32 -31.54 8.29
C GLU R 208 -19.33 -31.21 7.18
N GLY R 209 -18.01 -31.35 7.43
CA GLY R 209 -17.00 -31.26 6.39
C GLY R 209 -16.87 -32.55 5.64
N THR R 210 -16.99 -33.69 6.36
CA THR R 210 -17.03 -35.01 5.75
C THR R 210 -18.34 -35.27 5.01
N LYS R 211 -19.47 -34.67 5.47
CA LYS R 211 -20.74 -34.79 4.77
C LYS R 211 -20.76 -34.03 3.44
N LEU R 212 -20.38 -32.72 3.46
CA LEU R 212 -20.33 -31.86 2.29
C LEU R 212 -19.28 -32.31 1.26
N ALA R 213 -18.15 -32.89 1.72
CA ALA R 213 -17.13 -33.43 0.84
C ALA R 213 -17.57 -34.71 0.13
N ASP R 214 -18.49 -35.51 0.72
CA ASP R 214 -19.01 -36.69 0.04
C ASP R 214 -20.08 -36.28 -0.98
N GLU R 215 -20.78 -35.15 -0.77
CA GLU R 215 -21.66 -34.60 -1.79
C GLU R 215 -20.91 -33.94 -2.92
N ALA R 216 -19.80 -33.23 -2.63
CA ALA R 216 -19.00 -32.64 -3.68
C ALA R 216 -18.18 -33.66 -4.47
N ASP R 217 -17.84 -34.82 -3.86
CA ASP R 217 -17.23 -35.93 -4.58
C ASP R 217 -18.15 -36.51 -5.66
N GLU R 218 -19.33 -37.03 -5.26
CA GLU R 218 -20.28 -37.62 -6.20
C GLU R 218 -20.77 -36.69 -7.29
N LYS R 219 -21.09 -35.42 -6.97
CA LYS R 219 -21.48 -34.40 -7.94
C LYS R 219 -20.36 -33.99 -8.90
N LEU R 220 -19.10 -34.36 -8.62
CA LEU R 220 -17.97 -34.11 -9.50
C LEU R 220 -17.63 -35.39 -10.26
N ASN R 221 -18.02 -36.57 -9.73
CA ASN R 221 -17.89 -37.83 -10.45
C ASN R 221 -19.05 -37.96 -11.46
N SER R 222 -20.15 -37.22 -11.24
CA SER R 222 -21.27 -37.05 -12.16
C SER R 222 -20.94 -36.19 -13.37
N ILE R 223 -19.81 -35.45 -13.36
CA ILE R 223 -19.37 -34.66 -14.51
C ILE R 223 -18.54 -35.53 -15.44
N VAL R 224 -17.72 -36.45 -14.90
CA VAL R 224 -16.92 -37.40 -15.69
C VAL R 224 -17.77 -38.34 -16.57
N GLY R 225 -19.07 -38.51 -16.24
CA GLY R 225 -20.06 -39.18 -17.08
C GLY R 225 -20.77 -38.24 -18.01
N ALA R 226 -21.18 -37.05 -17.53
CA ALA R 226 -21.90 -36.05 -18.30
C ALA R 226 -21.09 -35.50 -19.48
N VAL R 227 -19.78 -35.28 -19.29
CA VAL R 227 -18.89 -34.77 -20.33
C VAL R 227 -18.43 -35.90 -21.25
N GLU R 228 -18.68 -37.16 -20.86
CA GLU R 228 -18.49 -38.31 -21.74
C GLU R 228 -19.69 -38.41 -22.69
N ARG R 229 -20.92 -38.06 -22.21
CA ARG R 229 -22.07 -37.96 -23.10
C ARG R 229 -21.93 -36.84 -24.14
N ILE R 230 -21.24 -35.73 -23.80
CA ILE R 230 -20.84 -34.69 -24.76
C ILE R 230 -19.92 -35.24 -25.85
N ASN R 231 -18.92 -36.06 -25.48
CA ASN R 231 -17.97 -36.67 -26.39
C ASN R 231 -18.62 -37.59 -27.43
N GLU R 232 -19.59 -38.45 -27.00
CA GLU R 232 -20.34 -39.29 -27.92
C GLU R 232 -21.17 -38.50 -28.93
N MET R 233 -21.78 -37.38 -28.49
CA MET R 233 -22.49 -36.46 -29.34
C MET R 233 -21.60 -35.69 -30.30
N LEU R 234 -20.40 -35.25 -29.87
CA LEU R 234 -19.46 -34.60 -30.77
C LEU R 234 -18.89 -35.54 -31.82
N GLN R 235 -18.65 -36.83 -31.51
CA GLN R 235 -18.33 -37.83 -32.51
C GLN R 235 -19.46 -38.14 -33.50
N ASN R 236 -20.72 -37.94 -33.08
CA ASN R 236 -21.92 -38.10 -33.89
C ASN R 236 -22.15 -36.93 -34.84
N ILE R 237 -21.51 -35.76 -34.62
CA ILE R 237 -21.59 -34.66 -35.59
C ILE R 237 -20.43 -34.73 -36.56
N ALA R 238 -19.29 -35.29 -36.13
CA ALA R 238 -18.16 -35.62 -36.99
C ALA R 238 -18.55 -36.62 -38.07
N ALA R 239 -19.25 -37.71 -37.68
CA ALA R 239 -19.84 -38.64 -38.62
C ALA R 239 -20.88 -38.05 -39.59
N ALA R 240 -21.65 -37.03 -39.16
CA ALA R 240 -22.60 -36.30 -39.99
C ALA R 240 -21.94 -35.35 -41.01
N ILE R 241 -20.73 -34.83 -40.68
CA ILE R 241 -19.92 -33.98 -41.53
C ILE R 241 -19.39 -34.74 -42.74
N GLU R 242 -19.24 -36.08 -42.63
CA GLU R 242 -18.87 -36.92 -43.74
C GLU R 242 -20.03 -37.16 -44.72
N GLU R 243 -21.29 -37.17 -44.24
CA GLU R 243 -22.43 -37.28 -45.14
C GLU R 243 -22.71 -36.02 -45.94
N GLN R 244 -22.66 -34.81 -45.32
CA GLN R 244 -22.76 -33.56 -46.06
C GLN R 244 -21.65 -33.34 -47.09
N ASN R 245 -20.39 -33.76 -46.79
CA ASN R 245 -19.29 -33.69 -47.74
C ASN R 245 -19.49 -34.64 -48.93
N ALA R 246 -20.00 -35.87 -48.69
CA ALA R 246 -20.33 -36.79 -49.77
C ALA R 246 -21.51 -36.32 -50.63
N ALA R 247 -22.52 -35.70 -50.00
CA ALA R 247 -23.67 -35.16 -50.68
C ALA R 247 -23.39 -33.91 -51.53
N VAL R 248 -22.54 -32.97 -51.07
CA VAL R 248 -22.24 -31.76 -51.83
C VAL R 248 -21.34 -32.01 -53.04
N ASP R 249 -20.52 -33.08 -53.02
CA ASP R 249 -19.75 -33.50 -54.18
C ASP R 249 -20.65 -34.14 -55.23
N GLU R 250 -21.74 -34.81 -54.81
CA GLU R 250 -22.75 -35.35 -55.71
C GLU R 250 -23.63 -34.27 -56.35
N ILE R 251 -23.92 -33.19 -55.60
CA ILE R 251 -24.63 -32.00 -56.07
C ILE R 251 -23.76 -31.22 -57.04
N THR R 252 -22.43 -31.18 -56.83
CA THR R 252 -21.53 -30.43 -57.70
C THR R 252 -21.43 -31.08 -59.08
N THR R 253 -21.37 -32.43 -59.18
CA THR R 253 -21.46 -33.11 -60.47
C THR R 253 -22.81 -32.95 -61.17
N ALA R 254 -23.91 -32.78 -60.40
CA ALA R 254 -25.23 -32.53 -60.93
C ALA R 254 -25.41 -31.13 -61.51
N MET R 255 -25.01 -30.08 -60.75
CA MET R 255 -25.08 -28.69 -61.19
C MET R 255 -24.16 -28.36 -62.37
N THR R 256 -23.03 -29.08 -62.48
CA THR R 256 -22.10 -29.00 -63.59
C THR R 256 -22.75 -29.50 -64.87
N GLU R 257 -23.49 -30.62 -64.79
CA GLU R 257 -24.25 -31.17 -65.90
C GLU R 257 -25.49 -30.35 -66.23
N ASN R 258 -26.20 -29.84 -65.20
CA ASN R 258 -27.36 -28.97 -65.35
C ASN R 258 -27.01 -27.63 -66.01
N ALA R 259 -25.79 -27.09 -65.75
CA ALA R 259 -25.32 -25.86 -66.36
C ALA R 259 -25.04 -26.06 -67.84
N LYS R 260 -24.34 -27.16 -68.20
CA LYS R 260 -24.09 -27.57 -69.57
C LYS R 260 -25.37 -27.76 -70.36
N ASN R 261 -26.28 -28.65 -69.90
CA ASN R 261 -27.55 -28.94 -70.56
C ASN R 261 -28.42 -27.71 -70.81
N ALA R 262 -28.48 -26.75 -69.86
CA ALA R 262 -29.17 -25.49 -70.02
C ALA R 262 -28.60 -24.63 -71.15
N GLU R 263 -27.27 -24.59 -71.29
CA GLU R 263 -26.58 -23.90 -72.37
C GLU R 263 -26.80 -24.60 -73.71
N GLU R 264 -26.76 -25.95 -73.72
CA GLU R 264 -27.08 -26.79 -74.86
C GLU R 264 -28.53 -26.69 -75.33
N ILE R 265 -29.51 -26.42 -74.45
CA ILE R 265 -30.88 -26.11 -74.87
C ILE R 265 -30.94 -24.71 -75.47
N THR R 266 -30.26 -23.73 -74.87
CA THR R 266 -30.18 -22.35 -75.36
C THR R 266 -29.61 -22.28 -76.77
N ASN R 267 -28.52 -23.03 -77.05
CA ASN R 267 -27.95 -23.15 -78.39
C ASN R 267 -28.90 -23.82 -79.39
N SER R 268 -29.70 -24.82 -78.95
CA SER R 268 -30.72 -25.46 -79.77
C SER R 268 -31.87 -24.53 -80.12
N VAL R 269 -32.33 -23.69 -79.16
CA VAL R 269 -33.36 -22.68 -79.38
C VAL R 269 -32.96 -21.67 -80.44
N LYS R 270 -31.71 -21.17 -80.38
CA LYS R 270 -31.11 -20.28 -81.36
C LYS R 270 -31.05 -20.87 -82.77
N GLU R 271 -30.73 -22.17 -82.92
CA GLU R 271 -30.82 -22.90 -84.18
C GLU R 271 -32.26 -23.02 -84.69
N VAL R 272 -33.17 -23.51 -83.83
CA VAL R 272 -34.60 -23.68 -84.12
C VAL R 272 -35.22 -22.39 -84.62
N ASN R 273 -35.00 -21.25 -83.93
CA ASN R 273 -35.48 -19.95 -84.41
C ASN R 273 -35.00 -19.55 -85.81
N ALA R 274 -33.73 -19.84 -86.17
CA ALA R 274 -33.24 -19.53 -87.49
C ALA R 274 -33.82 -20.44 -88.57
N ARG R 275 -34.03 -21.75 -88.27
CA ARG R 275 -34.74 -22.67 -89.13
C ARG R 275 -36.22 -22.35 -89.31
N LEU R 276 -36.93 -21.88 -88.25
CA LEU R 276 -38.30 -21.40 -88.32
C LEU R 276 -38.44 -20.18 -89.22
N GLN R 277 -37.43 -19.30 -89.20
CA GLN R 277 -37.37 -18.14 -90.07
C GLN R 277 -37.08 -18.49 -91.52
N GLU R 278 -36.39 -19.63 -91.80
CA GLU R 278 -36.21 -20.14 -93.15
C GLU R 278 -37.52 -20.70 -93.68
N ILE R 279 -38.39 -21.26 -92.82
CA ILE R 279 -39.72 -21.72 -93.18
C ILE R 279 -40.63 -20.55 -93.47
N SER R 280 -40.55 -19.43 -92.70
CA SER R 280 -41.33 -18.23 -93.01
C SER R 280 -41.03 -17.62 -94.37
N ALA R 281 -39.74 -17.56 -94.75
CA ALA R 281 -39.27 -17.04 -96.03
C ALA R 281 -39.76 -17.88 -97.20
N SER R 282 -39.65 -19.22 -97.12
CA SER R 282 -40.19 -20.12 -98.13
C SER R 282 -41.70 -20.14 -98.19
N THR R 283 -42.40 -19.92 -97.06
CA THR R 283 -43.86 -19.79 -97.01
C THR R 283 -44.36 -18.53 -97.70
N GLU R 284 -43.65 -17.39 -97.54
CA GLU R 284 -43.97 -16.16 -98.24
C GLU R 284 -43.65 -16.23 -99.74
N GLU R 285 -42.58 -16.98 -100.10
CA GLU R 285 -42.26 -17.34 -101.48
C GLU R 285 -43.36 -18.12 -102.18
N VAL R 286 -43.91 -19.16 -101.54
CA VAL R 286 -45.03 -19.92 -102.08
C VAL R 286 -46.32 -19.11 -102.07
N THR R 287 -46.56 -18.27 -101.04
CA THR R 287 -47.77 -17.46 -100.94
C THR R 287 -47.80 -16.34 -101.97
N SER R 288 -46.61 -15.92 -102.45
CA SER R 288 -46.52 -14.96 -103.54
C SER R 288 -46.70 -15.64 -104.89
N ARG R 289 -46.21 -16.88 -105.06
CA ARG R 289 -46.51 -17.62 -106.29
C ARG R 289 -47.92 -18.22 -106.32
N VAL R 290 -48.66 -18.28 -105.19
CA VAL R 290 -50.07 -18.63 -105.16
C VAL R 290 -50.90 -17.52 -105.78
N GLN R 291 -50.58 -16.24 -105.52
CA GLN R 291 -51.26 -15.11 -106.14
C GLN R 291 -51.11 -15.08 -107.66
N THR R 292 -49.87 -15.22 -108.18
CA THR R 292 -49.59 -15.31 -109.61
C THR R 292 -50.31 -16.45 -110.33
N ILE R 293 -50.48 -17.62 -109.67
CA ILE R 293 -51.19 -18.75 -110.25
C ILE R 293 -52.69 -18.52 -110.21
N ARG R 294 -53.22 -17.89 -109.14
CA ARG R 294 -54.62 -17.53 -109.05
C ARG R 294 -55.04 -16.56 -110.17
N GLU R 295 -54.25 -15.48 -110.42
CA GLU R 295 -54.49 -14.56 -111.53
C GLU R 295 -54.45 -15.25 -112.89
N ASN R 296 -53.48 -16.16 -113.12
CA ASN R 296 -53.36 -16.95 -114.34
C ASN R 296 -54.33 -18.13 -114.45
N VAL R 297 -55.31 -18.23 -113.53
CA VAL R 297 -56.39 -19.21 -113.60
C VAL R 297 -57.70 -18.43 -113.67
N GLN R 298 -57.67 -17.11 -113.39
CA GLN R 298 -58.74 -16.19 -113.68
C GLN R 298 -58.62 -15.71 -115.13
N MET R 299 -57.40 -15.36 -115.57
CA MET R 299 -57.07 -15.07 -116.97
C MET R 299 -57.19 -16.27 -117.90
N LEU R 300 -57.18 -17.50 -117.36
CA LEU R 300 -57.39 -18.72 -118.13
C LEU R 300 -58.88 -18.98 -118.30
N LYS R 301 -59.72 -18.61 -117.31
CA LYS R 301 -61.16 -18.68 -117.44
C LYS R 301 -61.72 -17.70 -118.47
N GLU R 302 -60.98 -16.60 -118.78
CA GLU R 302 -61.27 -15.78 -119.95
C GLU R 302 -60.99 -16.47 -121.27
N ILE R 303 -59.96 -17.35 -121.35
CA ILE R 303 -59.52 -18.04 -122.56
C ILE R 303 -60.60 -19.00 -123.05
N VAL R 304 -61.20 -19.78 -122.12
CA VAL R 304 -62.32 -20.68 -122.35
C VAL R 304 -63.53 -19.99 -123.03
N ALA R 305 -63.77 -18.70 -122.75
CA ALA R 305 -64.83 -17.92 -123.39
C ALA R 305 -64.37 -17.11 -124.61
N ARG R 306 -63.30 -16.31 -124.48
CA ARG R 306 -62.78 -15.33 -125.43
C ARG R 306 -62.70 -15.67 -126.91
N TYR R 307 -62.05 -16.81 -127.25
CA TYR R 307 -61.70 -17.18 -128.60
C TYR R 307 -62.79 -18.02 -129.31
#